data_2KLN
#
_entry.id   2KLN
#
_cell.length_a   1.000
_cell.length_b   1.000
_cell.length_c   1.000
_cell.angle_alpha   90.00
_cell.angle_beta   90.00
_cell.angle_gamma   90.00
#
_symmetry.space_group_name_H-M   'P 1'
#
_entity_poly.entity_id   1
_entity_poly.type   'polypeptide(L)'
_entity_poly.pdbx_seq_one_letter_code
;MHDIDDYPQAKRVPGLVVYRYDAPLCFANAEDFRRRALTVVDQDPGQVEWFVLNAESNVEVDLTALDALDQLRTELLRRG
IVFAMARVKQDLRESLRAASLLDKIGEDHIFMTLPTAVQAFRRRHHHHHH
;
_entity_poly.pdbx_strand_id   A
#
# COMPACT_ATOMS: atom_id res chain seq x y z
N MET A 1 4.69 -17.89 10.39
CA MET A 1 5.27 -16.97 11.37
C MET A 1 4.22 -15.99 11.87
N HIS A 2 4.63 -15.06 12.71
CA HIS A 2 3.74 -14.01 13.19
C HIS A 2 4.51 -12.72 13.41
N ASP A 3 3.91 -11.60 13.04
CA ASP A 3 4.53 -10.27 13.17
C ASP A 3 5.69 -10.11 12.19
N ILE A 4 6.19 -8.87 12.12
CA ILE A 4 7.39 -8.45 11.36
C ILE A 4 7.30 -8.65 9.85
N ASP A 5 6.67 -9.69 9.42
CA ASP A 5 6.60 -10.05 8.02
C ASP A 5 5.55 -11.15 7.82
N ASP A 6 6.01 -12.37 7.54
CA ASP A 6 5.15 -13.54 7.37
C ASP A 6 4.28 -13.40 6.11
N TYR A 7 3.66 -14.49 5.68
CA TYR A 7 2.78 -14.46 4.53
C TYR A 7 1.34 -14.26 4.98
N PRO A 8 0.83 -13.02 4.86
CA PRO A 8 -0.49 -12.64 5.37
C PRO A 8 -1.62 -13.35 4.64
N GLN A 9 -1.51 -13.44 3.32
CA GLN A 9 -2.56 -14.04 2.51
C GLN A 9 -2.12 -14.20 1.06
N ALA A 10 -2.16 -13.10 0.30
CA ALA A 10 -1.84 -13.11 -1.13
C ALA A 10 -2.86 -13.93 -1.92
N LYS A 11 -3.78 -13.25 -2.58
CA LYS A 11 -4.84 -13.92 -3.31
C LYS A 11 -4.38 -14.27 -4.72
N ARG A 12 -4.47 -13.30 -5.63
CA ARG A 12 -4.09 -13.47 -7.03
C ARG A 12 -4.49 -12.21 -7.79
N VAL A 13 -4.59 -12.30 -9.12
CA VAL A 13 -4.95 -11.14 -9.94
C VAL A 13 -6.22 -10.44 -9.44
N PRO A 14 -7.35 -11.17 -9.21
CA PRO A 14 -8.54 -10.58 -8.60
C PRO A 14 -8.61 -10.78 -7.07
N GLY A 15 -8.98 -9.72 -6.36
CA GLY A 15 -9.24 -9.82 -4.93
C GLY A 15 -7.99 -10.03 -4.08
N LEU A 16 -6.90 -9.40 -4.47
CA LEU A 16 -5.63 -9.55 -3.77
C LEU A 16 -5.46 -8.46 -2.73
N VAL A 17 -4.85 -8.81 -1.62
CA VAL A 17 -4.55 -7.86 -0.57
C VAL A 17 -3.41 -8.37 0.31
N VAL A 18 -2.47 -7.49 0.61
CA VAL A 18 -1.37 -7.81 1.51
C VAL A 18 -1.23 -6.76 2.60
N TYR A 19 -0.59 -7.12 3.69
CA TYR A 19 -0.44 -6.23 4.82
C TYR A 19 0.96 -5.64 4.86
N ARG A 20 1.07 -4.43 5.41
CA ARG A 20 2.36 -3.81 5.63
C ARG A 20 3.06 -4.50 6.79
N TYR A 21 4.09 -5.27 6.46
CA TYR A 21 4.90 -6.00 7.44
C TYR A 21 5.25 -5.13 8.64
N ASP A 22 5.09 -5.70 9.83
CA ASP A 22 5.22 -4.94 11.06
C ASP A 22 6.62 -5.11 11.67
N ALA A 23 7.61 -4.49 11.04
CA ALA A 23 8.99 -4.57 11.50
C ALA A 23 9.83 -3.46 10.89
N PRO A 24 10.62 -2.76 11.73
CA PRO A 24 11.45 -1.63 11.29
C PRO A 24 12.49 -2.02 10.23
N LEU A 25 12.20 -1.65 8.99
CA LEU A 25 13.18 -1.78 7.93
C LEU A 25 13.61 -0.40 7.46
N CYS A 26 12.90 0.62 7.97
CA CYS A 26 13.22 2.01 7.68
C CYS A 26 12.99 2.31 6.20
N PHE A 27 14.08 2.38 5.43
CA PHE A 27 14.03 2.78 4.03
C PHE A 27 15.39 2.62 3.34
N ALA A 28 16.35 2.06 4.06
CA ALA A 28 17.75 1.98 3.60
C ALA A 28 17.87 1.57 2.13
N ASN A 29 17.33 0.40 1.79
CA ASN A 29 17.32 -0.06 0.41
C ASN A 29 15.90 -0.14 -0.10
N ALA A 30 14.98 0.46 0.67
CA ALA A 30 13.54 0.27 0.45
C ALA A 30 13.05 0.87 -0.85
N GLU A 31 13.85 1.72 -1.48
CA GLU A 31 13.45 2.31 -2.74
C GLU A 31 13.37 1.24 -3.83
N ASP A 32 14.52 0.67 -4.17
CA ASP A 32 14.57 -0.38 -5.19
C ASP A 32 13.94 -1.66 -4.66
N PHE A 33 14.03 -1.86 -3.33
CA PHE A 33 13.39 -2.99 -2.69
C PHE A 33 11.88 -2.96 -2.89
N ARG A 34 11.26 -1.81 -2.62
CA ARG A 34 9.83 -1.66 -2.80
C ARG A 34 9.46 -1.91 -4.25
N ARG A 35 10.25 -1.33 -5.14
CA ARG A 35 10.06 -1.51 -6.56
C ARG A 35 10.11 -2.99 -6.90
N ARG A 36 11.26 -3.60 -6.69
CA ARG A 36 11.50 -4.98 -7.08
C ARG A 36 10.34 -5.89 -6.67
N ALA A 37 10.00 -5.86 -5.39
CA ALA A 37 9.03 -6.80 -4.82
C ALA A 37 7.63 -6.56 -5.36
N LEU A 38 7.08 -5.38 -5.08
CA LEU A 38 5.69 -5.08 -5.41
C LEU A 38 5.51 -4.96 -6.92
N THR A 39 6.48 -4.37 -7.58
CA THR A 39 6.41 -4.17 -9.01
C THR A 39 6.42 -5.49 -9.76
N VAL A 40 7.15 -6.48 -9.23
CA VAL A 40 7.28 -7.75 -9.93
C VAL A 40 6.14 -8.72 -9.58
N VAL A 41 5.49 -8.52 -8.44
CA VAL A 41 4.26 -9.23 -8.15
C VAL A 41 3.12 -8.56 -8.91
N ASP A 42 3.49 -7.43 -9.52
CA ASP A 42 2.68 -6.69 -10.49
C ASP A 42 1.91 -5.57 -9.85
N GLN A 43 2.42 -4.38 -10.04
CA GLN A 43 1.77 -3.18 -9.56
C GLN A 43 1.83 -2.11 -10.65
N ASP A 44 2.24 -2.53 -11.84
CA ASP A 44 2.45 -1.62 -12.96
C ASP A 44 2.38 -2.35 -14.31
N PRO A 45 3.14 -3.46 -14.52
CA PRO A 45 3.12 -4.19 -15.80
C PRO A 45 1.78 -4.90 -16.03
N GLY A 46 1.46 -5.85 -15.15
CA GLY A 46 0.21 -6.57 -15.27
C GLY A 46 -0.93 -5.87 -14.56
N GLN A 47 -2.05 -5.74 -15.25
CA GLN A 47 -3.24 -5.15 -14.66
C GLN A 47 -3.84 -6.09 -13.62
N VAL A 48 -3.73 -5.72 -12.36
CA VAL A 48 -4.15 -6.57 -11.26
C VAL A 48 -5.12 -5.83 -10.33
N GLU A 49 -6.06 -6.57 -9.76
CA GLU A 49 -7.03 -6.03 -8.82
C GLU A 49 -6.63 -6.40 -7.40
N TRP A 50 -6.06 -5.45 -6.68
CA TRP A 50 -5.52 -5.74 -5.36
C TRP A 50 -5.42 -4.48 -4.53
N PHE A 51 -4.94 -4.63 -3.31
CA PHE A 51 -4.71 -3.49 -2.44
C PHE A 51 -3.83 -3.86 -1.26
N VAL A 52 -3.30 -2.85 -0.61
CA VAL A 52 -2.47 -3.06 0.56
C VAL A 52 -3.00 -2.27 1.75
N LEU A 53 -2.89 -2.86 2.92
CA LEU A 53 -3.25 -2.19 4.14
C LEU A 53 -2.23 -2.54 5.21
N ASN A 54 -2.08 -1.69 6.20
CA ASN A 54 -1.08 -1.96 7.24
C ASN A 54 -1.48 -3.13 8.13
N ALA A 55 -0.51 -3.71 8.82
CA ALA A 55 -0.75 -4.87 9.68
C ALA A 55 -1.47 -4.46 10.97
N GLU A 56 -0.72 -4.05 11.98
CA GLU A 56 -1.33 -3.65 13.24
C GLU A 56 -0.68 -2.39 13.81
N SER A 57 0.62 -2.45 14.03
CA SER A 57 1.34 -1.33 14.61
C SER A 57 2.02 -0.52 13.52
N ASN A 58 3.07 -1.11 12.93
CA ASN A 58 3.80 -0.55 11.78
C ASN A 58 4.06 0.96 11.88
N VAL A 59 4.30 1.45 13.09
CA VAL A 59 4.57 2.86 13.29
C VAL A 59 6.06 3.13 13.16
N GLU A 60 6.87 2.25 13.73
CA GLU A 60 8.30 2.45 13.84
C GLU A 60 8.99 1.63 12.79
N VAL A 61 8.20 0.82 12.12
CA VAL A 61 8.70 -0.14 11.19
C VAL A 61 8.97 0.51 9.84
N ASP A 62 8.19 1.54 9.57
CA ASP A 62 8.07 2.08 8.24
C ASP A 62 8.50 3.54 8.22
N LEU A 63 9.57 3.83 7.49
CA LEU A 63 10.12 5.18 7.42
C LEU A 63 10.24 5.63 5.97
N THR A 64 9.93 6.90 5.72
CA THR A 64 10.07 7.49 4.38
C THR A 64 9.18 6.74 3.38
N ALA A 65 8.08 6.19 3.90
CA ALA A 65 7.12 5.45 3.09
C ALA A 65 6.56 6.33 2.00
N LEU A 66 6.15 7.53 2.36
CA LEU A 66 5.62 8.48 1.38
C LEU A 66 6.55 8.60 0.18
N ASP A 67 7.84 8.68 0.42
CA ASP A 67 8.79 8.81 -0.68
C ASP A 67 8.76 7.56 -1.54
N ALA A 68 9.37 6.49 -1.08
CA ALA A 68 9.48 5.29 -1.91
C ALA A 68 8.10 4.68 -2.16
N LEU A 69 7.47 4.30 -1.06
CA LEU A 69 6.22 3.57 -1.11
C LEU A 69 5.11 4.39 -1.75
N ASP A 70 4.94 5.66 -1.38
CA ASP A 70 3.75 6.40 -1.81
C ASP A 70 3.92 6.92 -3.22
N GLN A 71 5.15 7.26 -3.59
CA GLN A 71 5.43 7.63 -4.98
C GLN A 71 4.96 6.53 -5.90
N LEU A 72 5.50 5.33 -5.73
CA LEU A 72 5.10 4.22 -6.60
C LEU A 72 3.69 3.75 -6.27
N ARG A 73 3.23 4.01 -5.04
CA ARG A 73 1.87 3.64 -4.66
C ARG A 73 0.87 4.41 -5.50
N THR A 74 0.74 5.70 -5.24
CA THR A 74 -0.29 6.51 -5.88
C THR A 74 -0.06 6.59 -7.39
N GLU A 75 1.19 6.59 -7.80
CA GLU A 75 1.54 6.74 -9.22
C GLU A 75 1.11 5.52 -10.02
N LEU A 76 1.32 4.34 -9.45
CA LEU A 76 1.02 3.11 -10.17
C LEU A 76 -0.39 2.62 -9.85
N LEU A 77 -0.88 2.99 -8.67
CA LEU A 77 -2.24 2.66 -8.25
C LEU A 77 -3.26 3.28 -9.19
N ARG A 78 -3.06 4.55 -9.48
CA ARG A 78 -3.97 5.31 -10.34
C ARG A 78 -3.92 4.81 -11.80
N ARG A 79 -3.13 3.76 -12.04
CA ARG A 79 -2.97 3.22 -13.39
C ARG A 79 -3.85 2.00 -13.61
N GLY A 80 -4.34 1.40 -12.52
CA GLY A 80 -5.12 0.19 -12.63
C GLY A 80 -6.19 0.08 -11.57
N ILE A 81 -6.54 -1.14 -11.19
CA ILE A 81 -7.56 -1.38 -10.18
C ILE A 81 -6.92 -1.88 -8.89
N VAL A 82 -6.36 -0.94 -8.15
CA VAL A 82 -5.67 -1.22 -6.90
C VAL A 82 -5.95 -0.10 -5.92
N PHE A 83 -5.88 -0.40 -4.63
CA PHE A 83 -6.08 0.61 -3.59
C PHE A 83 -5.08 0.41 -2.46
N ALA A 84 -5.13 1.29 -1.47
CA ALA A 84 -4.25 1.17 -0.32
C ALA A 84 -4.81 1.94 0.87
N MET A 85 -4.61 1.41 2.07
CA MET A 85 -5.11 2.05 3.27
C MET A 85 -4.23 1.78 4.49
N ALA A 86 -4.10 2.81 5.30
CA ALA A 86 -3.40 2.70 6.57
C ALA A 86 -4.37 2.94 7.72
N ARG A 87 -3.87 2.90 8.93
CA ARG A 87 -4.69 3.16 10.10
C ARG A 87 -4.24 4.44 10.77
N VAL A 88 -3.34 5.14 10.09
CA VAL A 88 -2.82 6.42 10.55
C VAL A 88 -1.86 6.27 11.72
N LYS A 89 -0.59 6.01 11.40
CA LYS A 89 0.47 5.99 12.40
C LYS A 89 1.38 7.20 12.22
N GLN A 90 1.18 7.86 11.09
CA GLN A 90 1.97 9.02 10.67
C GLN A 90 1.62 9.33 9.22
N ASP A 91 1.06 8.32 8.58
CA ASP A 91 0.76 8.31 7.15
C ASP A 91 0.10 9.59 6.69
N LEU A 92 -0.87 10.08 7.45
CA LEU A 92 -1.60 11.28 7.06
C LEU A 92 -0.64 12.44 6.81
N ARG A 93 0.27 12.67 7.74
CA ARG A 93 1.19 13.79 7.64
C ARG A 93 2.20 13.53 6.54
N GLU A 94 2.82 12.35 6.57
CA GLU A 94 3.90 12.02 5.64
C GLU A 94 3.38 11.90 4.19
N SER A 95 2.37 11.04 3.99
CA SER A 95 1.86 10.74 2.66
C SER A 95 1.26 11.99 2.03
N LEU A 96 0.57 12.81 2.83
CA LEU A 96 -0.05 14.01 2.31
C LEU A 96 0.98 15.07 1.93
N ARG A 97 2.10 15.10 2.65
CA ARG A 97 3.17 16.05 2.31
C ARG A 97 3.81 15.67 0.98
N ALA A 98 3.86 14.37 0.70
CA ALA A 98 4.38 13.90 -0.57
C ALA A 98 3.35 14.07 -1.68
N ALA A 99 2.24 13.35 -1.56
CA ALA A 99 1.21 13.38 -2.57
C ALA A 99 0.02 14.22 -2.12
N SER A 100 0.11 15.52 -2.34
CA SER A 100 -0.94 16.44 -1.93
C SER A 100 -2.04 16.52 -2.99
N LEU A 101 -1.84 15.78 -4.09
CA LEU A 101 -2.86 15.72 -5.14
C LEU A 101 -4.01 14.80 -4.74
N LEU A 102 -4.01 14.39 -3.46
CA LEU A 102 -5.06 13.55 -2.92
C LEU A 102 -6.42 14.23 -3.07
N ASP A 103 -6.38 15.55 -3.13
CA ASP A 103 -7.58 16.37 -3.36
C ASP A 103 -8.38 15.91 -4.59
N LYS A 104 -7.67 15.49 -5.64
CA LYS A 104 -8.33 15.18 -6.90
C LYS A 104 -8.41 13.67 -7.11
N ILE A 105 -7.44 12.92 -6.63
CA ILE A 105 -7.45 11.46 -6.77
C ILE A 105 -8.41 10.83 -5.79
N GLY A 106 -8.70 11.55 -4.71
CA GLY A 106 -9.71 11.12 -3.76
C GLY A 106 -9.38 9.83 -3.05
N GLU A 107 -10.11 8.77 -3.37
CA GLU A 107 -9.99 7.50 -2.66
C GLU A 107 -8.89 6.62 -3.25
N ASP A 108 -7.85 7.26 -3.75
CA ASP A 108 -6.67 6.58 -4.27
C ASP A 108 -5.93 5.86 -3.16
N HIS A 109 -5.49 6.63 -2.18
CA HIS A 109 -4.73 6.10 -1.05
C HIS A 109 -5.16 6.78 0.23
N ILE A 110 -5.97 6.08 1.02
CA ILE A 110 -6.60 6.67 2.21
C ILE A 110 -6.37 5.79 3.44
N PHE A 111 -7.24 5.93 4.45
CA PHE A 111 -7.05 5.22 5.72
C PHE A 111 -8.30 4.45 6.13
N MET A 112 -8.10 3.18 6.46
CA MET A 112 -9.15 2.29 6.99
C MET A 112 -10.46 2.38 6.20
N THR A 113 -10.54 1.65 5.10
CA THR A 113 -11.71 1.69 4.24
C THR A 113 -11.83 0.46 3.33
N LEU A 114 -10.69 0.02 2.80
CA LEU A 114 -10.65 -1.02 1.75
C LEU A 114 -11.50 -2.26 2.05
N PRO A 115 -11.37 -2.91 3.24
CA PRO A 115 -12.14 -4.12 3.57
C PRO A 115 -13.63 -4.02 3.21
N THR A 116 -14.27 -2.91 3.57
CA THR A 116 -15.69 -2.73 3.27
C THR A 116 -15.87 -2.13 1.88
N ALA A 117 -14.88 -1.38 1.43
CA ALA A 117 -14.95 -0.74 0.12
C ALA A 117 -15.07 -1.77 -0.99
N VAL A 118 -14.15 -2.74 -1.02
CA VAL A 118 -14.17 -3.77 -2.05
C VAL A 118 -15.43 -4.62 -1.96
N GLN A 119 -15.93 -4.80 -0.74
CA GLN A 119 -17.16 -5.54 -0.52
C GLN A 119 -18.31 -4.93 -1.31
N ALA A 120 -18.43 -3.60 -1.21
CA ALA A 120 -19.49 -2.89 -1.89
C ALA A 120 -19.19 -2.69 -3.37
N PHE A 121 -17.98 -2.27 -3.69
CA PHE A 121 -17.64 -1.89 -5.06
C PHE A 121 -17.39 -3.08 -5.98
N ARG A 122 -17.38 -4.30 -5.44
CA ARG A 122 -17.23 -5.49 -6.28
C ARG A 122 -18.53 -6.27 -6.37
N ARG A 123 -19.61 -5.69 -5.86
CA ARG A 123 -20.92 -6.35 -5.89
C ARG A 123 -22.03 -5.35 -6.22
N ARG A 124 -21.95 -4.18 -5.60
CA ARG A 124 -22.92 -3.09 -5.81
C ARG A 124 -24.33 -3.55 -5.46
N MET A 1 14.65 -12.93 3.81
CA MET A 1 13.54 -13.91 3.79
C MET A 1 12.81 -13.93 5.12
N HIS A 2 13.43 -13.36 6.16
CA HIS A 2 12.78 -13.24 7.46
C HIS A 2 12.29 -11.80 7.62
N ASP A 3 13.21 -10.92 7.95
CA ASP A 3 12.98 -9.47 7.89
C ASP A 3 11.75 -9.05 8.72
N ILE A 4 11.08 -7.99 8.25
CA ILE A 4 9.84 -7.46 8.82
C ILE A 4 8.92 -8.50 9.45
N ASP A 5 7.97 -8.96 8.68
CA ASP A 5 6.99 -9.94 9.13
C ASP A 5 6.72 -10.96 8.04
N ASP A 6 6.37 -12.17 8.45
CA ASP A 6 6.18 -13.27 7.52
C ASP A 6 4.78 -13.21 6.91
N TYR A 7 4.65 -13.75 5.70
CA TYR A 7 3.40 -13.67 4.92
C TYR A 7 2.98 -12.23 4.67
N PRO A 8 3.86 -11.37 4.12
CA PRO A 8 3.54 -9.95 3.90
C PRO A 8 2.70 -9.74 2.64
N GLN A 9 2.65 -10.77 1.81
CA GLN A 9 1.98 -10.70 0.52
C GLN A 9 1.40 -12.08 0.21
N ALA A 10 0.09 -12.23 0.33
CA ALA A 10 -0.51 -13.56 0.24
C ALA A 10 -1.82 -13.57 -0.55
N LYS A 11 -1.85 -12.75 -1.58
CA LYS A 11 -2.95 -12.75 -2.54
C LYS A 11 -2.36 -12.31 -3.87
N ARG A 12 -2.97 -12.68 -4.98
CA ARG A 12 -2.46 -12.28 -6.29
C ARG A 12 -3.51 -12.39 -7.40
N VAL A 13 -4.20 -13.52 -7.47
CA VAL A 13 -5.11 -13.76 -8.61
C VAL A 13 -6.36 -12.86 -8.54
N PRO A 14 -7.14 -12.90 -7.44
CA PRO A 14 -8.33 -12.06 -7.31
C PRO A 14 -8.05 -10.80 -6.50
N GLY A 15 -6.85 -10.27 -6.68
CA GLY A 15 -6.40 -9.16 -5.88
C GLY A 15 -5.22 -9.60 -5.03
N LEU A 16 -4.30 -8.67 -4.75
CA LEU A 16 -3.13 -8.98 -3.94
C LEU A 16 -3.06 -8.00 -2.77
N VAL A 17 -2.83 -8.54 -1.59
CA VAL A 17 -2.79 -7.74 -0.39
C VAL A 17 -1.38 -7.67 0.17
N VAL A 18 -0.95 -6.47 0.53
CA VAL A 18 0.33 -6.28 1.20
C VAL A 18 0.11 -5.44 2.45
N TYR A 19 -0.17 -6.10 3.56
CA TYR A 19 -0.56 -5.41 4.79
C TYR A 19 0.66 -5.03 5.62
N ARG A 20 0.40 -4.41 6.79
CA ARG A 20 1.45 -3.99 7.71
C ARG A 20 2.59 -5.00 7.89
N TYR A 21 3.80 -4.48 7.95
CA TYR A 21 4.99 -5.28 8.23
C TYR A 21 5.63 -4.71 9.49
N ASP A 22 5.64 -5.49 10.56
CA ASP A 22 6.03 -4.94 11.86
C ASP A 22 7.53 -5.00 12.09
N ALA A 23 8.25 -4.12 11.42
CA ALA A 23 9.66 -3.87 11.70
C ALA A 23 10.13 -2.60 11.01
N PRO A 24 10.92 -1.77 11.70
CA PRO A 24 11.48 -0.54 11.12
C PRO A 24 12.44 -0.83 9.98
N LEU A 25 11.91 -0.83 8.76
CA LEU A 25 12.75 -1.01 7.59
C LEU A 25 13.17 0.35 7.05
N CYS A 26 12.60 1.40 7.63
CA CYS A 26 12.93 2.78 7.28
C CYS A 26 12.47 3.10 5.86
N PHE A 27 13.33 2.71 4.91
CA PHE A 27 13.04 2.78 3.47
C PHE A 27 14.31 2.48 2.68
N ALA A 28 15.26 1.84 3.37
CA ALA A 28 16.62 1.65 2.85
C ALA A 28 16.64 1.23 1.39
N ASN A 29 16.11 0.06 1.11
CA ASN A 29 15.98 -0.40 -0.26
C ASN A 29 14.52 -0.54 -0.62
N ALA A 30 13.67 0.19 0.10
CA ALA A 30 12.22 0.09 -0.06
C ALA A 30 11.79 0.40 -1.48
N GLU A 31 12.48 1.36 -2.10
CA GLU A 31 12.26 1.70 -3.49
C GLU A 31 12.40 0.44 -4.36
N ASP A 32 13.63 -0.04 -4.40
CA ASP A 32 14.02 -1.19 -5.19
C ASP A 32 13.18 -2.41 -4.83
N PHE A 33 13.20 -2.75 -3.55
CA PHE A 33 12.48 -3.90 -3.02
C PHE A 33 11.00 -3.89 -3.42
N ARG A 34 10.35 -2.75 -3.24
CA ARG A 34 8.92 -2.64 -3.49
C ARG A 34 8.58 -3.00 -4.92
N ARG A 35 9.14 -2.26 -5.87
CA ARG A 35 8.79 -2.49 -7.25
C ARG A 35 9.48 -3.73 -7.81
N ARG A 36 10.47 -4.23 -7.11
CA ARG A 36 11.13 -5.47 -7.51
C ARG A 36 10.15 -6.64 -7.43
N ALA A 37 9.71 -6.97 -6.22
CA ALA A 37 8.82 -8.11 -6.03
C ALA A 37 7.47 -7.87 -6.70
N LEU A 38 6.90 -6.71 -6.47
CA LEU A 38 5.57 -6.42 -6.97
C LEU A 38 5.51 -6.45 -8.49
N THR A 39 6.41 -5.75 -9.17
CA THR A 39 6.29 -5.67 -10.62
C THR A 39 6.81 -6.96 -11.29
N VAL A 40 7.58 -7.75 -10.55
CA VAL A 40 8.09 -9.00 -11.10
C VAL A 40 6.97 -10.04 -11.17
N VAL A 41 5.99 -9.92 -10.28
CA VAL A 41 4.81 -10.77 -10.40
C VAL A 41 3.85 -10.19 -11.45
N ASP A 42 3.47 -8.91 -11.29
CA ASP A 42 2.68 -8.18 -12.28
C ASP A 42 2.14 -6.88 -11.71
N GLN A 43 2.80 -5.77 -12.04
CA GLN A 43 2.32 -4.44 -11.69
C GLN A 43 2.33 -3.55 -12.92
N ASP A 44 3.46 -3.56 -13.59
CA ASP A 44 3.66 -2.73 -14.78
C ASP A 44 3.09 -3.37 -16.05
N PRO A 45 3.37 -4.67 -16.34
CA PRO A 45 2.87 -5.35 -17.55
C PRO A 45 1.36 -5.28 -17.70
N GLY A 46 0.63 -5.91 -16.78
CA GLY A 46 -0.82 -5.92 -16.85
C GLY A 46 -1.45 -4.94 -15.89
N GLN A 47 -2.78 -4.86 -15.88
CA GLN A 47 -3.48 -4.00 -14.95
C GLN A 47 -3.93 -4.80 -13.74
N VAL A 48 -3.13 -4.73 -12.69
CA VAL A 48 -3.32 -5.55 -11.51
C VAL A 48 -4.32 -4.92 -10.53
N GLU A 49 -5.07 -5.77 -9.83
CA GLU A 49 -5.94 -5.32 -8.76
C GLU A 49 -5.28 -5.63 -7.42
N TRP A 50 -5.00 -4.60 -6.65
CA TRP A 50 -4.27 -4.78 -5.41
C TRP A 50 -4.54 -3.67 -4.42
N PHE A 51 -3.96 -3.80 -3.24
CA PHE A 51 -4.05 -2.77 -2.24
C PHE A 51 -3.19 -3.09 -1.04
N VAL A 52 -2.87 -2.05 -0.28
CA VAL A 52 -2.11 -2.21 0.95
C VAL A 52 -2.90 -1.62 2.10
N LEU A 53 -2.85 -2.26 3.26
CA LEU A 53 -3.66 -1.82 4.37
C LEU A 53 -2.93 -1.90 5.70
N ASN A 54 -3.16 -0.87 6.50
CA ASN A 54 -2.71 -0.83 7.88
C ASN A 54 -3.63 -1.70 8.73
N ALA A 55 -3.12 -2.80 9.23
CA ALA A 55 -3.96 -3.72 9.99
C ALA A 55 -3.79 -3.53 11.49
N GLU A 56 -2.55 -3.49 11.95
CA GLU A 56 -2.29 -3.49 13.39
C GLU A 56 -1.32 -2.38 13.79
N SER A 57 -0.02 -2.63 13.66
CA SER A 57 0.97 -1.68 14.13
C SER A 57 1.45 -0.74 13.02
N ASN A 58 2.47 -1.19 12.27
CA ASN A 58 3.14 -0.40 11.22
C ASN A 58 3.36 1.05 11.65
N VAL A 59 3.81 1.24 12.89
CA VAL A 59 4.03 2.57 13.43
C VAL A 59 5.43 3.05 13.12
N GLU A 60 6.43 2.43 13.75
CA GLU A 60 7.80 2.91 13.64
C GLU A 60 8.55 2.08 12.61
N VAL A 61 7.79 1.30 11.88
CA VAL A 61 8.33 0.48 10.82
C VAL A 61 8.83 1.36 9.67
N ASP A 62 8.29 2.56 9.65
CA ASP A 62 8.50 3.49 8.56
C ASP A 62 9.26 4.72 9.04
N LEU A 63 10.25 5.15 8.26
CA LEU A 63 10.97 6.37 8.56
C LEU A 63 10.84 7.37 7.40
N THR A 64 10.81 6.86 6.18
CA THR A 64 10.70 7.71 4.98
C THR A 64 10.10 6.89 3.83
N ALA A 65 9.31 5.90 4.20
CA ALA A 65 8.67 5.03 3.23
C ALA A 65 7.52 5.76 2.59
N LEU A 66 7.00 6.81 3.21
CA LEU A 66 6.03 7.63 2.52
C LEU A 66 6.66 8.24 1.27
N ASP A 67 7.94 8.55 1.36
CA ASP A 67 8.64 9.07 0.20
C ASP A 67 8.72 8.00 -0.86
N ALA A 68 9.55 6.99 -0.61
CA ALA A 68 9.80 5.94 -1.60
C ALA A 68 8.55 5.10 -1.87
N LEU A 69 7.93 4.63 -0.82
CA LEU A 69 6.85 3.65 -0.93
C LEU A 69 5.51 4.31 -1.28
N ASP A 70 5.24 5.55 -0.87
CA ASP A 70 3.95 6.15 -1.20
C ASP A 70 3.96 6.69 -2.61
N GLN A 71 5.12 7.15 -3.08
CA GLN A 71 5.21 7.51 -4.49
C GLN A 71 4.96 6.25 -5.32
N LEU A 72 5.45 5.11 -4.84
CA LEU A 72 5.10 3.84 -5.45
C LEU A 72 3.59 3.59 -5.31
N ARG A 73 3.05 3.80 -4.11
CA ARG A 73 1.64 3.57 -3.86
C ARG A 73 0.76 4.41 -4.79
N THR A 74 0.79 5.73 -4.64
CA THR A 74 -0.14 6.61 -5.32
C THR A 74 0.11 6.65 -6.84
N GLU A 75 1.38 6.64 -7.24
CA GLU A 75 1.71 6.78 -8.66
C GLU A 75 1.26 5.55 -9.44
N LEU A 76 1.37 4.39 -8.82
CA LEU A 76 0.93 3.15 -9.46
C LEU A 76 -0.56 2.91 -9.19
N LEU A 77 -1.11 3.64 -8.22
CA LEU A 77 -2.51 3.49 -7.84
C LEU A 77 -3.40 4.36 -8.73
N ARG A 78 -2.95 5.59 -8.97
CA ARG A 78 -3.72 6.60 -9.68
C ARG A 78 -4.26 6.10 -11.02
N ARG A 79 -3.60 5.12 -11.61
CA ARG A 79 -3.93 4.66 -12.96
C ARG A 79 -4.23 3.16 -12.98
N GLY A 80 -4.63 2.63 -11.85
CA GLY A 80 -4.95 1.22 -11.76
C GLY A 80 -6.05 0.94 -10.77
N ILE A 81 -6.47 -0.32 -10.67
CA ILE A 81 -7.49 -0.70 -9.71
C ILE A 81 -6.81 -1.15 -8.41
N VAL A 82 -6.63 -0.20 -7.52
CA VAL A 82 -5.88 -0.41 -6.29
C VAL A 82 -6.24 0.65 -5.26
N PHE A 83 -6.10 0.32 -3.98
CA PHE A 83 -6.33 1.28 -2.91
C PHE A 83 -5.28 1.13 -1.81
N ALA A 84 -5.27 2.07 -0.86
CA ALA A 84 -4.35 1.98 0.27
C ALA A 84 -4.88 2.76 1.47
N MET A 85 -5.06 2.06 2.59
CA MET A 85 -5.65 2.66 3.78
C MET A 85 -4.73 2.57 4.98
N ALA A 86 -4.91 3.50 5.89
CA ALA A 86 -4.14 3.53 7.12
C ALA A 86 -5.06 3.45 8.34
N ARG A 87 -4.45 3.18 9.49
CA ARG A 87 -5.15 3.15 10.77
C ARG A 87 -4.34 3.94 11.77
N VAL A 88 -3.44 4.75 11.24
CA VAL A 88 -2.36 5.32 12.02
C VAL A 88 -2.36 6.83 11.98
N LYS A 89 -1.42 7.40 12.71
CA LYS A 89 -1.19 8.83 12.71
C LYS A 89 -0.01 9.17 11.80
N GLN A 90 0.61 8.15 11.22
CA GLN A 90 1.82 8.33 10.43
C GLN A 90 1.49 8.50 8.95
N ASP A 91 1.06 7.39 8.33
CA ASP A 91 0.79 7.33 6.89
C ASP A 91 0.11 8.58 6.36
N LEU A 92 -1.17 8.76 6.68
CA LEU A 92 -1.97 9.82 6.08
C LEU A 92 -1.26 11.18 6.15
N ARG A 93 -0.59 11.49 7.24
CA ARG A 93 0.04 12.79 7.38
C ARG A 93 1.20 12.94 6.41
N GLU A 94 2.25 12.19 6.64
CA GLU A 94 3.49 12.38 5.88
C GLU A 94 3.44 11.74 4.51
N SER A 95 2.66 10.68 4.33
CA SER A 95 2.48 10.09 3.01
C SER A 95 1.77 11.08 2.10
N LEU A 96 0.77 11.76 2.65
CA LEU A 96 0.07 12.78 1.89
C LEU A 96 0.92 14.04 1.74
N ARG A 97 1.92 14.20 2.61
CA ARG A 97 2.90 15.26 2.43
C ARG A 97 3.75 14.98 1.20
N ALA A 98 3.96 13.70 0.93
CA ALA A 98 4.69 13.29 -0.26
C ALA A 98 3.82 13.37 -1.50
N ALA A 99 2.62 12.79 -1.42
CA ALA A 99 1.68 12.80 -2.54
C ALA A 99 1.13 14.20 -2.79
N SER A 100 0.23 14.64 -1.91
CA SER A 100 -0.40 15.96 -2.02
C SER A 100 -1.16 16.10 -3.34
N LEU A 101 -1.55 14.97 -3.92
CA LEU A 101 -2.14 14.95 -5.25
C LEU A 101 -3.64 14.68 -5.19
N LEU A 102 -4.22 14.94 -4.02
CA LEU A 102 -5.61 14.56 -3.72
C LEU A 102 -6.63 15.27 -4.60
N ASP A 103 -6.20 16.31 -5.30
CA ASP A 103 -7.11 17.08 -6.14
C ASP A 103 -7.34 16.39 -7.49
N LYS A 104 -6.87 15.16 -7.61
CA LYS A 104 -7.15 14.34 -8.79
C LYS A 104 -7.31 12.87 -8.38
N ILE A 105 -6.43 12.38 -7.51
CA ILE A 105 -6.52 11.01 -7.02
C ILE A 105 -7.70 10.87 -6.06
N GLY A 106 -7.95 11.96 -5.33
CA GLY A 106 -9.13 12.05 -4.49
C GLY A 106 -9.10 11.16 -3.27
N GLU A 107 -9.40 9.88 -3.47
CA GLU A 107 -9.67 8.96 -2.36
C GLU A 107 -8.77 7.73 -2.41
N ASP A 108 -7.52 7.91 -2.82
CA ASP A 108 -6.59 6.80 -2.95
C ASP A 108 -5.96 6.48 -1.59
N HIS A 109 -5.85 7.49 -0.74
CA HIS A 109 -5.28 7.34 0.59
C HIS A 109 -6.33 7.62 1.66
N ILE A 110 -6.78 6.57 2.32
CA ILE A 110 -7.87 6.69 3.30
C ILE A 110 -7.54 5.91 4.58
N PHE A 111 -8.54 5.68 5.43
CA PHE A 111 -8.35 4.94 6.66
C PHE A 111 -8.99 3.56 6.60
N MET A 112 -8.96 2.87 7.75
CA MET A 112 -9.56 1.55 7.94
C MET A 112 -10.93 1.46 7.25
N THR A 113 -10.98 0.71 6.14
CA THR A 113 -12.23 0.55 5.40
C THR A 113 -12.05 -0.41 4.21
N LEU A 114 -10.83 -0.50 3.68
CA LEU A 114 -10.55 -1.25 2.45
C LEU A 114 -11.09 -2.70 2.46
N PRO A 115 -10.86 -3.50 3.53
CA PRO A 115 -11.40 -4.86 3.63
C PRO A 115 -12.91 -4.93 3.36
N THR A 116 -13.63 -3.92 3.86
CA THR A 116 -15.07 -3.84 3.63
C THR A 116 -15.35 -3.17 2.29
N ALA A 117 -14.49 -2.22 1.94
CA ALA A 117 -14.61 -1.49 0.68
C ALA A 117 -14.57 -2.45 -0.50
N VAL A 118 -13.59 -3.33 -0.55
CA VAL A 118 -13.51 -4.30 -1.62
C VAL A 118 -14.72 -5.23 -1.59
N GLN A 119 -15.18 -5.54 -0.38
CA GLN A 119 -16.32 -6.42 -0.19
C GLN A 119 -17.58 -5.86 -0.85
N ALA A 120 -17.68 -4.53 -0.89
CA ALA A 120 -18.85 -3.89 -1.47
C ALA A 120 -18.58 -3.37 -2.89
N PHE A 121 -17.48 -2.64 -3.07
CA PHE A 121 -17.20 -1.97 -4.33
C PHE A 121 -16.86 -2.93 -5.47
N ARG A 122 -16.40 -4.14 -5.14
CA ARG A 122 -15.96 -5.06 -6.19
C ARG A 122 -17.10 -5.88 -6.77
N ARG A 123 -18.30 -5.75 -6.20
CA ARG A 123 -19.47 -6.40 -6.79
C ARG A 123 -20.62 -5.40 -6.94
N ARG A 124 -20.53 -4.28 -6.23
CA ARG A 124 -21.51 -3.19 -6.31
C ARG A 124 -22.91 -3.67 -5.96
N MET A 1 13.19 -14.50 15.79
CA MET A 1 13.88 -14.41 14.48
C MET A 1 12.86 -14.21 13.36
N HIS A 2 11.58 -14.28 13.71
CA HIS A 2 10.49 -14.12 12.75
C HIS A 2 9.96 -12.68 12.81
N ASP A 3 10.87 -11.74 13.07
CA ASP A 3 10.50 -10.34 13.24
C ASP A 3 10.17 -9.69 11.90
N ILE A 4 8.88 -9.75 11.56
CA ILE A 4 8.31 -9.19 10.32
C ILE A 4 6.81 -9.52 10.30
N ASP A 5 6.17 -9.29 9.18
CA ASP A 5 4.79 -9.71 9.00
C ASP A 5 4.77 -11.02 8.21
N ASP A 6 3.81 -11.87 8.48
CA ASP A 6 3.77 -13.18 7.84
C ASP A 6 2.52 -13.31 6.98
N TYR A 7 2.71 -13.67 5.73
CA TYR A 7 1.61 -13.70 4.77
C TYR A 7 0.78 -14.97 4.90
N PRO A 8 -0.54 -14.82 5.11
CA PRO A 8 -1.48 -15.94 5.05
C PRO A 8 -2.04 -16.09 3.63
N GLN A 9 -1.66 -15.14 2.77
CA GLN A 9 -2.09 -15.09 1.38
C GLN A 9 -3.60 -14.85 1.29
N ALA A 10 -4.08 -14.65 0.07
CA ALA A 10 -5.47 -14.31 -0.15
C ALA A 10 -5.80 -14.49 -1.63
N LYS A 11 -6.98 -14.04 -2.02
CA LYS A 11 -7.36 -14.05 -3.42
C LYS A 11 -6.34 -13.27 -4.23
N ARG A 12 -6.11 -13.69 -5.47
CA ARG A 12 -5.07 -13.09 -6.29
C ARG A 12 -5.64 -12.49 -7.57
N VAL A 13 -6.93 -12.69 -7.79
CA VAL A 13 -7.58 -12.11 -8.96
C VAL A 13 -8.78 -11.24 -8.56
N PRO A 14 -9.77 -11.79 -7.80
CA PRO A 14 -10.95 -11.03 -7.40
C PRO A 14 -10.80 -10.46 -5.99
N GLY A 15 -9.71 -9.73 -5.76
CA GLY A 15 -9.46 -9.18 -4.45
C GLY A 15 -8.12 -9.60 -3.90
N LEU A 16 -7.07 -9.21 -4.59
CA LEU A 16 -5.71 -9.53 -4.18
C LEU A 16 -5.21 -8.51 -3.17
N VAL A 17 -4.29 -8.92 -2.32
CA VAL A 17 -3.71 -8.02 -1.35
C VAL A 17 -2.30 -8.43 -0.97
N VAL A 18 -1.41 -7.45 -0.96
CA VAL A 18 -0.04 -7.63 -0.47
C VAL A 18 0.17 -6.71 0.71
N TYR A 19 0.75 -7.23 1.77
CA TYR A 19 0.83 -6.52 3.03
C TYR A 19 2.23 -5.98 3.27
N ARG A 20 2.34 -5.04 4.19
CA ARG A 20 3.66 -4.57 4.64
C ARG A 20 4.37 -5.64 5.48
N TYR A 21 5.55 -5.31 5.98
CA TYR A 21 6.26 -6.17 6.90
C TYR A 21 6.44 -5.47 8.24
N ASP A 22 5.96 -6.08 9.31
CA ASP A 22 6.04 -5.46 10.63
C ASP A 22 7.43 -5.67 11.23
N ALA A 23 8.40 -5.00 10.65
CA ALA A 23 9.77 -4.96 11.17
C ALA A 23 10.48 -3.73 10.64
N PRO A 24 11.18 -3.01 11.53
CA PRO A 24 11.87 -1.75 11.17
C PRO A 24 12.85 -1.91 10.02
N LEU A 25 12.46 -1.38 8.86
CA LEU A 25 13.38 -1.30 7.73
C LEU A 25 13.69 0.16 7.43
N CYS A 26 12.95 1.05 8.09
CA CYS A 26 13.17 2.50 7.98
C CYS A 26 12.89 2.96 6.54
N PHE A 27 13.95 3.01 5.74
CA PHE A 27 13.82 3.26 4.30
C PHE A 27 15.12 2.88 3.61
N ALA A 28 15.98 2.19 4.35
CA ALA A 28 17.35 1.90 3.90
C ALA A 28 17.38 1.33 2.48
N ASN A 29 16.54 0.35 2.23
CA ASN A 29 16.42 -0.23 0.90
C ASN A 29 14.99 -0.08 0.40
N ALA A 30 14.17 0.59 1.20
CA ALA A 30 12.72 0.58 1.02
C ALA A 30 12.26 1.14 -0.33
N GLU A 31 13.10 1.92 -0.98
CA GLU A 31 12.73 2.52 -2.26
C GLU A 31 12.70 1.45 -3.35
N ASP A 32 13.88 0.97 -3.72
CA ASP A 32 14.00 -0.07 -4.74
C ASP A 32 13.30 -1.34 -4.27
N PHE A 33 13.49 -1.68 -3.00
CA PHE A 33 12.86 -2.87 -2.41
C PHE A 33 11.35 -2.83 -2.59
N ARG A 34 10.75 -1.66 -2.39
CA ARG A 34 9.31 -1.54 -2.50
C ARG A 34 8.86 -1.87 -3.91
N ARG A 35 9.49 -1.24 -4.90
CA ARG A 35 9.11 -1.50 -6.28
C ARG A 35 9.48 -2.93 -6.68
N ARG A 36 10.60 -3.43 -6.19
CA ARG A 36 10.98 -4.81 -6.47
C ARG A 36 9.83 -5.75 -6.15
N ALA A 37 9.38 -5.70 -4.92
CA ALA A 37 8.38 -6.64 -4.42
C ALA A 37 7.02 -6.39 -5.05
N LEU A 38 6.39 -5.30 -4.64
CA LEU A 38 5.01 -5.00 -5.03
C LEU A 38 4.87 -4.96 -6.55
N THR A 39 5.80 -4.28 -7.18
CA THR A 39 5.72 -4.05 -8.61
C THR A 39 5.95 -5.32 -9.42
N VAL A 40 6.87 -6.18 -8.98
CA VAL A 40 7.16 -7.38 -9.75
C VAL A 40 6.20 -8.52 -9.41
N VAL A 41 5.66 -8.54 -8.18
CA VAL A 41 4.68 -9.57 -7.86
C VAL A 41 3.46 -9.42 -8.76
N ASP A 42 3.04 -8.16 -8.98
CA ASP A 42 2.08 -7.81 -10.04
C ASP A 42 1.42 -6.46 -9.78
N GLN A 43 1.68 -5.50 -10.65
CA GLN A 43 0.93 -4.25 -10.65
C GLN A 43 1.21 -3.42 -11.91
N ASP A 44 2.44 -2.96 -12.07
CA ASP A 44 2.81 -2.11 -13.19
C ASP A 44 2.80 -2.87 -14.52
N PRO A 45 3.47 -4.04 -14.61
CA PRO A 45 3.45 -4.85 -15.83
C PRO A 45 2.37 -5.93 -15.79
N GLY A 46 1.29 -5.66 -15.07
CA GLY A 46 0.28 -6.68 -14.86
C GLY A 46 -1.14 -6.17 -15.00
N GLN A 47 -1.47 -5.10 -14.28
CA GLN A 47 -2.86 -4.62 -14.17
C GLN A 47 -3.72 -5.69 -13.48
N VAL A 48 -3.86 -5.54 -12.18
CA VAL A 48 -4.52 -6.54 -11.36
C VAL A 48 -5.40 -5.87 -10.32
N GLU A 49 -6.49 -6.53 -9.92
CA GLU A 49 -7.33 -6.03 -8.84
C GLU A 49 -6.74 -6.45 -7.50
N TRP A 50 -6.06 -5.51 -6.84
CA TRP A 50 -5.37 -5.82 -5.61
C TRP A 50 -5.27 -4.60 -4.71
N PHE A 51 -4.62 -4.75 -3.57
CA PHE A 51 -4.40 -3.62 -2.69
C PHE A 51 -3.29 -3.90 -1.69
N VAL A 52 -2.70 -2.85 -1.16
CA VAL A 52 -1.70 -2.98 -0.12
C VAL A 52 -2.18 -2.29 1.15
N LEU A 53 -1.80 -2.83 2.28
CA LEU A 53 -2.28 -2.31 3.55
C LEU A 53 -1.20 -2.27 4.61
N ASN A 54 -1.22 -1.19 5.37
CA ASN A 54 -0.31 -0.98 6.48
C ASN A 54 -1.13 -0.70 7.73
N ALA A 55 -2.44 -0.95 7.63
CA ALA A 55 -3.38 -0.49 8.65
C ALA A 55 -3.36 -1.35 9.92
N GLU A 56 -2.53 -2.36 9.94
CA GLU A 56 -2.36 -3.16 11.15
C GLU A 56 -1.04 -2.83 11.82
N SER A 57 -0.04 -2.56 10.99
CA SER A 57 1.30 -2.31 11.47
C SER A 57 2.08 -1.49 10.45
N ASN A 58 2.64 -0.37 10.88
CA ASN A 58 3.40 0.52 10.00
C ASN A 58 3.96 1.69 10.79
N VAL A 59 4.20 1.46 12.07
CA VAL A 59 4.50 2.56 12.97
C VAL A 59 5.94 2.52 13.51
N GLU A 60 6.48 1.34 13.75
CA GLU A 60 7.83 1.25 14.29
C GLU A 60 8.74 0.62 13.27
N VAL A 61 8.16 0.30 12.14
CA VAL A 61 8.80 -0.54 11.17
C VAL A 61 9.09 0.21 9.87
N ASP A 62 8.13 1.00 9.44
CA ASP A 62 8.23 1.71 8.18
C ASP A 62 8.27 3.21 8.46
N LEU A 63 9.19 3.92 7.84
CA LEU A 63 9.41 5.33 8.15
C LEU A 63 9.11 6.20 6.94
N THR A 64 9.91 6.08 5.88
CA THR A 64 9.74 6.90 4.69
C THR A 64 8.77 6.23 3.71
N ALA A 65 7.70 5.69 4.28
CA ALA A 65 6.61 5.10 3.50
C ALA A 65 6.06 6.13 2.51
N LEU A 66 6.02 7.37 2.96
CA LEU A 66 5.58 8.51 2.15
C LEU A 66 6.18 8.44 0.76
N ASP A 67 7.45 8.78 0.70
CA ASP A 67 8.17 8.85 -0.55
C ASP A 67 8.06 7.54 -1.30
N ALA A 68 8.68 6.50 -0.74
CA ALA A 68 8.82 5.24 -1.45
C ALA A 68 7.47 4.68 -1.87
N LEU A 69 6.70 4.20 -0.90
CA LEU A 69 5.55 3.39 -1.23
C LEU A 69 4.40 4.23 -1.72
N ASP A 70 4.22 5.45 -1.20
CA ASP A 70 3.03 6.20 -1.58
C ASP A 70 3.14 6.71 -2.98
N GLN A 71 4.34 7.13 -3.40
CA GLN A 71 4.46 7.61 -4.77
C GLN A 71 4.28 6.47 -5.73
N LEU A 72 4.83 5.29 -5.43
CA LEU A 72 4.68 4.17 -6.35
C LEU A 72 3.27 3.59 -6.28
N ARG A 73 2.63 3.63 -5.11
CA ARG A 73 1.24 3.19 -5.05
C ARG A 73 0.36 4.21 -5.74
N THR A 74 0.49 5.47 -5.36
CA THR A 74 -0.24 6.58 -5.98
C THR A 74 -0.10 6.54 -7.51
N GLU A 75 1.13 6.51 -7.97
CA GLU A 75 1.45 6.69 -9.36
C GLU A 75 1.09 5.45 -10.19
N LEU A 76 1.13 4.27 -9.59
CA LEU A 76 0.84 3.04 -10.32
C LEU A 76 -0.60 2.59 -10.11
N LEU A 77 -1.20 3.00 -9.00
CA LEU A 77 -2.60 2.67 -8.71
C LEU A 77 -3.50 3.41 -9.67
N ARG A 78 -3.13 4.64 -9.99
CA ARG A 78 -3.87 5.46 -10.94
C ARG A 78 -3.72 4.92 -12.38
N ARG A 79 -3.21 3.70 -12.51
CA ARG A 79 -3.06 3.06 -13.82
C ARG A 79 -3.88 1.77 -13.89
N GLY A 80 -4.48 1.38 -12.76
CA GLY A 80 -5.21 0.12 -12.72
C GLY A 80 -6.23 0.05 -11.60
N ILE A 81 -6.72 -1.14 -11.30
CA ILE A 81 -7.70 -1.33 -10.24
C ILE A 81 -7.05 -1.86 -8.97
N VAL A 82 -6.68 -0.95 -8.10
CA VAL A 82 -5.97 -1.28 -6.88
C VAL A 82 -6.28 -0.23 -5.81
N PHE A 83 -6.10 -0.58 -4.54
CA PHE A 83 -6.29 0.38 -3.46
C PHE A 83 -5.17 0.26 -2.44
N ALA A 84 -5.20 1.10 -1.42
CA ALA A 84 -4.20 1.06 -0.36
C ALA A 84 -4.64 1.90 0.83
N MET A 85 -4.25 1.47 2.03
CA MET A 85 -4.71 2.14 3.24
C MET A 85 -3.67 2.11 4.35
N ALA A 86 -3.76 3.07 5.27
CA ALA A 86 -2.85 3.18 6.40
C ALA A 86 -3.63 3.23 7.72
N ARG A 87 -3.01 3.76 8.79
CA ARG A 87 -3.65 3.77 10.10
C ARG A 87 -3.04 4.78 11.07
N VAL A 88 -1.72 4.77 11.21
CA VAL A 88 -1.06 5.43 12.35
C VAL A 88 -1.11 6.95 12.23
N LYS A 89 -1.21 7.61 13.38
CA LYS A 89 -1.37 9.06 13.45
C LYS A 89 -0.11 9.84 13.09
N GLN A 90 0.85 9.17 12.46
CA GLN A 90 2.03 9.85 11.95
C GLN A 90 2.04 9.79 10.43
N ASP A 91 1.87 8.60 9.89
CA ASP A 91 2.03 8.37 8.46
C ASP A 91 0.96 9.10 7.68
N LEU A 92 -0.28 9.09 8.17
CA LEU A 92 -1.37 9.70 7.43
C LEU A 92 -1.15 11.20 7.28
N ARG A 93 -0.47 11.81 8.24
CA ARG A 93 -0.25 13.25 8.20
C ARG A 93 0.78 13.58 7.14
N GLU A 94 1.94 12.95 7.27
CA GLU A 94 3.05 13.28 6.39
C GLU A 94 2.89 12.66 5.00
N SER A 95 2.20 11.52 4.90
CA SER A 95 1.95 10.91 3.59
C SER A 95 0.93 11.72 2.79
N LEU A 96 -0.14 12.16 3.47
CA LEU A 96 -1.13 13.03 2.83
C LEU A 96 -0.48 14.36 2.45
N ARG A 97 0.55 14.74 3.20
CA ARG A 97 1.31 15.94 2.93
C ARG A 97 2.23 15.72 1.73
N ALA A 98 2.89 14.56 1.71
CA ALA A 98 3.88 14.23 0.69
C ALA A 98 3.24 14.15 -0.70
N ALA A 99 2.26 13.28 -0.85
CA ALA A 99 1.61 13.09 -2.14
C ALA A 99 0.83 14.34 -2.54
N SER A 100 1.40 15.13 -3.44
CA SER A 100 0.80 16.39 -3.83
C SER A 100 0.00 16.22 -5.14
N LEU A 101 -0.54 15.03 -5.33
CA LEU A 101 -1.34 14.72 -6.50
C LEU A 101 -2.79 14.49 -6.09
N LEU A 102 -3.06 14.77 -4.83
CA LEU A 102 -4.35 14.46 -4.21
C LEU A 102 -5.45 15.39 -4.68
N ASP A 103 -5.09 16.34 -5.51
CA ASP A 103 -6.07 17.29 -6.02
C ASP A 103 -6.75 16.75 -7.26
N LYS A 104 -6.42 15.53 -7.63
CA LYS A 104 -7.10 14.86 -8.73
C LYS A 104 -7.34 13.38 -8.43
N ILE A 105 -6.47 12.76 -7.61
CA ILE A 105 -6.73 11.41 -7.15
C ILE A 105 -7.65 11.43 -5.94
N GLY A 106 -7.72 12.60 -5.29
CA GLY A 106 -8.64 12.81 -4.18
C GLY A 106 -8.53 11.76 -3.10
N GLU A 107 -9.60 10.99 -2.93
CA GLU A 107 -9.63 9.92 -1.94
C GLU A 107 -9.02 8.65 -2.52
N ASP A 108 -7.72 8.74 -2.78
CA ASP A 108 -6.98 7.66 -3.43
C ASP A 108 -6.39 6.69 -2.40
N HIS A 109 -5.91 7.24 -1.29
CA HIS A 109 -5.35 6.41 -0.22
C HIS A 109 -6.02 6.74 1.11
N ILE A 110 -6.44 5.71 1.84
CA ILE A 110 -7.27 5.90 3.03
C ILE A 110 -6.72 5.12 4.23
N PHE A 111 -7.61 4.61 5.09
CA PHE A 111 -7.24 4.00 6.35
C PHE A 111 -7.83 2.60 6.43
N MET A 112 -7.64 1.95 7.58
CA MET A 112 -8.31 0.69 7.90
C MET A 112 -9.81 0.76 7.57
N THR A 113 -10.19 0.10 6.47
CA THR A 113 -11.57 0.11 5.99
C THR A 113 -11.70 -0.64 4.66
N LEU A 114 -10.59 -0.76 3.93
CA LEU A 114 -10.57 -1.40 2.61
C LEU A 114 -11.19 -2.81 2.60
N PRO A 115 -10.97 -3.66 3.64
CA PRO A 115 -11.64 -4.97 3.76
C PRO A 115 -13.14 -4.88 3.51
N THR A 116 -13.76 -3.81 3.99
CA THR A 116 -15.18 -3.58 3.76
C THR A 116 -15.41 -2.86 2.44
N ALA A 117 -14.51 -1.92 2.15
CA ALA A 117 -14.59 -1.11 0.93
C ALA A 117 -14.65 -1.98 -0.33
N VAL A 118 -13.74 -2.93 -0.45
CA VAL A 118 -13.68 -3.79 -1.63
C VAL A 118 -15.01 -4.53 -1.82
N GLN A 119 -15.41 -5.26 -0.79
CA GLN A 119 -16.64 -6.05 -0.81
C GLN A 119 -17.84 -5.21 -1.21
N ALA A 120 -17.84 -3.94 -0.82
CA ALA A 120 -18.94 -3.05 -1.13
C ALA A 120 -18.81 -2.46 -2.53
N PHE A 121 -17.61 -2.01 -2.89
CA PHE A 121 -17.39 -1.31 -4.14
C PHE A 121 -17.17 -2.26 -5.31
N ARG A 122 -17.32 -3.56 -5.08
CA ARG A 122 -17.26 -4.52 -6.17
C ARG A 122 -18.65 -4.91 -6.66
N ARG A 123 -19.69 -4.34 -6.05
CA ARG A 123 -21.05 -4.58 -6.51
C ARG A 123 -21.94 -3.33 -6.33
N ARG A 124 -21.54 -2.45 -5.41
CA ARG A 124 -22.30 -1.24 -5.10
C ARG A 124 -23.66 -1.58 -4.49
N MET A 1 13.57 -15.76 7.86
CA MET A 1 12.79 -16.66 6.98
C MET A 1 11.30 -16.34 7.09
N HIS A 2 10.75 -16.43 8.29
CA HIS A 2 9.37 -16.03 8.51
C HIS A 2 9.33 -14.56 8.95
N ASP A 3 9.48 -13.68 7.97
CA ASP A 3 9.65 -12.27 8.25
C ASP A 3 8.36 -11.50 8.00
N ILE A 4 8.40 -10.19 8.24
CA ILE A 4 7.26 -9.27 8.11
C ILE A 4 6.01 -9.76 8.85
N ASP A 5 4.88 -9.09 8.64
CA ASP A 5 3.63 -9.41 9.32
C ASP A 5 3.24 -10.87 9.05
N ASP A 6 2.90 -11.14 7.80
CA ASP A 6 2.53 -12.48 7.38
C ASP A 6 2.35 -12.53 5.88
N TYR A 7 2.71 -13.65 5.27
CA TYR A 7 2.45 -13.89 3.87
C TYR A 7 1.22 -14.80 3.74
N PRO A 8 0.03 -14.21 3.64
CA PRO A 8 -1.23 -14.92 3.78
C PRO A 8 -1.78 -15.48 2.48
N GLN A 9 -2.60 -14.69 1.80
CA GLN A 9 -3.36 -15.17 0.65
C GLN A 9 -2.60 -14.94 -0.65
N ALA A 10 -3.10 -15.54 -1.73
CA ALA A 10 -2.55 -15.33 -3.05
C ALA A 10 -3.65 -15.10 -4.07
N LYS A 11 -4.63 -14.28 -3.72
CA LYS A 11 -5.68 -13.88 -4.65
C LYS A 11 -5.19 -12.73 -5.52
N ARG A 12 -4.27 -13.04 -6.42
CA ARG A 12 -3.57 -12.02 -7.20
C ARG A 12 -4.43 -11.39 -8.27
N VAL A 13 -5.47 -12.09 -8.72
CA VAL A 13 -6.32 -11.55 -9.76
C VAL A 13 -7.49 -10.74 -9.19
N PRO A 14 -8.34 -11.33 -8.33
CA PRO A 14 -9.55 -10.68 -7.84
C PRO A 14 -9.43 -10.13 -6.42
N GLY A 15 -8.35 -9.41 -6.14
CA GLY A 15 -8.21 -8.76 -4.85
C GLY A 15 -7.08 -9.33 -4.01
N LEU A 16 -5.87 -8.80 -4.20
CA LEU A 16 -4.72 -9.24 -3.44
C LEU A 16 -4.30 -8.16 -2.46
N VAL A 17 -3.67 -8.56 -1.36
CA VAL A 17 -3.29 -7.60 -0.35
C VAL A 17 -1.80 -7.72 -0.02
N VAL A 18 -1.09 -6.61 -0.14
CA VAL A 18 0.34 -6.56 0.17
C VAL A 18 0.72 -5.20 0.74
N TYR A 19 1.15 -5.18 2.01
CA TYR A 19 1.58 -3.93 2.63
C TYR A 19 2.16 -4.19 4.01
N ARG A 20 1.33 -4.81 4.85
CA ARG A 20 1.73 -5.27 6.20
C ARG A 20 3.22 -5.62 6.33
N TYR A 21 3.92 -4.84 7.15
CA TYR A 21 5.30 -5.15 7.56
C TYR A 21 5.35 -5.18 9.08
N ASP A 22 6.50 -5.54 9.66
CA ASP A 22 6.67 -5.51 11.11
C ASP A 22 8.09 -5.11 11.49
N ALA A 23 8.88 -4.74 10.49
CA ALA A 23 10.30 -4.52 10.71
C ALA A 23 10.74 -3.15 10.21
N PRO A 24 11.40 -2.37 11.09
CA PRO A 24 11.95 -1.06 10.73
C PRO A 24 13.08 -1.15 9.72
N LEU A 25 12.73 -1.01 8.44
CA LEU A 25 13.75 -0.91 7.40
C LEU A 25 13.98 0.55 7.05
N CYS A 26 13.12 1.40 7.60
CA CYS A 26 13.26 2.85 7.51
C CYS A 26 13.03 3.33 6.08
N PHE A 27 14.05 3.20 5.24
CA PHE A 27 13.96 3.57 3.83
C PHE A 27 15.30 3.35 3.13
N ALA A 28 16.22 2.67 3.80
CA ALA A 28 17.60 2.53 3.33
C ALA A 28 17.67 1.99 1.90
N ASN A 29 16.97 0.90 1.66
CA ASN A 29 16.88 0.35 0.33
C ASN A 29 15.43 0.29 -0.12
N ALA A 30 14.57 1.02 0.60
CA ALA A 30 13.13 0.90 0.43
C ALA A 30 12.66 1.33 -0.94
N GLU A 31 13.48 2.13 -1.63
CA GLU A 31 13.13 2.58 -2.97
C GLU A 31 13.04 1.39 -3.93
N ASP A 32 14.18 0.76 -4.18
CA ASP A 32 14.24 -0.38 -5.06
C ASP A 32 13.58 -1.59 -4.43
N PHE A 33 13.62 -1.67 -3.11
CA PHE A 33 12.99 -2.77 -2.38
C PHE A 33 11.48 -2.78 -2.61
N ARG A 34 10.82 -1.67 -2.33
CA ARG A 34 9.37 -1.59 -2.46
C ARG A 34 8.97 -1.83 -3.90
N ARG A 35 9.71 -1.19 -4.80
CA ARG A 35 9.53 -1.37 -6.23
C ARG A 35 9.67 -2.85 -6.59
N ARG A 36 10.83 -3.41 -6.33
CA ARG A 36 11.13 -4.79 -6.73
C ARG A 36 10.08 -5.76 -6.20
N ALA A 37 9.79 -5.66 -4.91
CA ALA A 37 8.95 -6.64 -4.23
C ALA A 37 7.50 -6.57 -4.71
N LEU A 38 6.82 -5.48 -4.39
CA LEU A 38 5.39 -5.38 -4.63
C LEU A 38 5.10 -5.35 -6.12
N THR A 39 5.94 -4.64 -6.84
CA THR A 39 5.74 -4.44 -8.26
C THR A 39 5.90 -5.75 -9.04
N VAL A 40 6.92 -6.53 -8.69
CA VAL A 40 7.21 -7.73 -9.46
C VAL A 40 6.25 -8.87 -9.11
N VAL A 41 5.68 -8.83 -7.90
CA VAL A 41 4.71 -9.85 -7.54
C VAL A 41 3.41 -9.67 -8.31
N ASP A 42 2.84 -8.44 -8.29
CA ASP A 42 1.60 -8.20 -9.05
C ASP A 42 1.06 -6.77 -8.91
N GLN A 43 1.86 -5.83 -8.41
CA GLN A 43 1.31 -4.50 -8.16
C GLN A 43 1.29 -3.63 -9.43
N ASP A 44 2.07 -4.01 -10.44
CA ASP A 44 2.06 -3.27 -11.70
C ASP A 44 2.34 -4.17 -12.90
N PRO A 45 1.44 -5.13 -13.18
CA PRO A 45 1.50 -5.96 -14.39
C PRO A 45 0.53 -5.52 -15.48
N GLY A 46 -0.50 -4.77 -15.11
CA GLY A 46 -1.55 -4.41 -16.04
C GLY A 46 -2.93 -4.69 -15.46
N GLN A 47 -3.58 -5.72 -15.97
CA GLN A 47 -4.89 -6.12 -15.45
C GLN A 47 -4.74 -6.86 -14.13
N VAL A 48 -5.07 -6.18 -13.04
CA VAL A 48 -4.92 -6.74 -11.71
C VAL A 48 -5.81 -6.00 -10.71
N GLU A 49 -6.51 -6.75 -9.88
CA GLU A 49 -7.25 -6.17 -8.77
C GLU A 49 -6.47 -6.38 -7.49
N TRP A 50 -5.96 -5.30 -6.92
CA TRP A 50 -5.08 -5.41 -5.78
C TRP A 50 -5.25 -4.22 -4.86
N PHE A 51 -4.70 -4.34 -3.66
CA PHE A 51 -4.67 -3.22 -2.77
C PHE A 51 -3.64 -3.40 -1.67
N VAL A 52 -3.15 -2.30 -1.17
CA VAL A 52 -2.15 -2.30 -0.12
C VAL A 52 -2.76 -1.77 1.17
N LEU A 53 -2.51 -2.47 2.27
CA LEU A 53 -3.13 -2.08 3.51
C LEU A 53 -2.31 -2.50 4.74
N ASN A 54 -2.37 -1.65 5.77
CA ASN A 54 -1.56 -1.80 6.97
C ASN A 54 -2.11 -2.86 7.92
N ALA A 55 -1.40 -3.03 9.02
CA ALA A 55 -1.81 -3.91 10.09
C ALA A 55 -1.37 -3.32 11.42
N GLU A 56 -1.44 -4.12 12.48
CA GLU A 56 -1.02 -3.67 13.81
C GLU A 56 0.51 -3.69 13.90
N SER A 57 1.14 -4.28 12.89
CA SER A 57 2.58 -4.52 12.93
C SER A 57 3.40 -3.38 12.31
N ASN A 58 2.94 -2.80 11.20
CA ASN A 58 3.74 -1.79 10.50
C ASN A 58 3.49 -0.39 11.06
N VAL A 59 4.38 0.01 11.96
CA VAL A 59 4.28 1.28 12.65
C VAL A 59 5.63 1.99 12.64
N GLU A 60 6.64 1.32 13.17
CA GLU A 60 7.97 1.88 13.31
C GLU A 60 8.85 1.30 12.24
N VAL A 61 8.22 0.55 11.35
CA VAL A 61 8.91 -0.25 10.37
C VAL A 61 9.32 0.61 9.18
N ASP A 62 8.65 1.72 9.03
CA ASP A 62 8.65 2.44 7.78
C ASP A 62 8.70 3.94 8.04
N LEU A 63 9.82 4.56 7.67
CA LEU A 63 10.04 5.98 7.99
C LEU A 63 9.71 6.87 6.79
N THR A 64 10.73 7.41 6.12
CA THR A 64 10.54 8.22 4.90
C THR A 64 10.09 7.30 3.75
N ALA A 65 9.90 6.05 4.10
CA ALA A 65 9.36 5.08 3.19
C ALA A 65 7.97 5.49 2.74
N LEU A 66 7.28 6.37 3.49
CA LEU A 66 5.97 6.85 3.04
C LEU A 66 6.12 7.58 1.73
N ASP A 67 7.22 8.33 1.59
CA ASP A 67 7.46 9.05 0.36
C ASP A 67 7.61 8.04 -0.75
N ALA A 68 8.47 7.04 -0.48
CA ALA A 68 8.69 5.97 -1.44
C ALA A 68 7.37 5.25 -1.79
N LEU A 69 6.71 4.71 -0.77
CA LEU A 69 5.54 3.88 -0.98
C LEU A 69 4.36 4.65 -1.58
N ASP A 70 4.17 5.90 -1.17
CA ASP A 70 3.00 6.64 -1.63
C ASP A 70 3.14 6.98 -3.09
N GLN A 71 4.31 7.49 -3.47
CA GLN A 71 4.54 7.88 -4.85
C GLN A 71 4.31 6.69 -5.76
N LEU A 72 4.77 5.51 -5.36
CA LEU A 72 4.58 4.33 -6.20
C LEU A 72 3.17 3.78 -6.07
N ARG A 73 2.59 3.81 -4.87
CA ARG A 73 1.28 3.20 -4.68
C ARG A 73 0.20 4.03 -5.36
N THR A 74 0.30 5.36 -5.31
CA THR A 74 -0.73 6.20 -5.91
C THR A 74 -0.48 6.38 -7.41
N GLU A 75 0.78 6.46 -7.81
CA GLU A 75 1.12 6.62 -9.23
C GLU A 75 0.69 5.39 -10.01
N LEU A 76 0.75 4.24 -9.36
CA LEU A 76 0.38 2.98 -9.98
C LEU A 76 -1.11 2.69 -9.77
N LEU A 77 -1.66 3.24 -8.68
CA LEU A 77 -3.08 3.04 -8.35
C LEU A 77 -3.97 3.82 -9.30
N ARG A 78 -3.56 5.05 -9.61
CA ARG A 78 -4.31 5.93 -10.49
C ARG A 78 -4.31 5.44 -11.95
N ARG A 79 -4.02 4.15 -12.14
CA ARG A 79 -3.92 3.55 -13.46
C ARG A 79 -4.89 2.37 -13.59
N GLY A 80 -4.69 1.34 -12.76
CA GLY A 80 -5.49 0.12 -12.87
C GLY A 80 -6.62 0.06 -11.85
N ILE A 81 -6.99 -1.15 -11.45
CA ILE A 81 -8.02 -1.31 -10.43
C ILE A 81 -7.40 -1.74 -9.10
N VAL A 82 -7.22 -0.76 -8.24
CA VAL A 82 -6.51 -0.94 -6.99
C VAL A 82 -6.93 0.11 -5.99
N PHE A 83 -6.81 -0.21 -4.71
CA PHE A 83 -7.05 0.76 -3.65
C PHE A 83 -5.92 0.67 -2.63
N ALA A 84 -5.90 1.59 -1.69
CA ALA A 84 -4.88 1.56 -0.64
C ALA A 84 -5.40 2.18 0.64
N MET A 85 -5.06 1.56 1.76
CA MET A 85 -5.48 2.05 3.07
C MET A 85 -4.45 1.72 4.15
N ALA A 86 -4.10 2.73 4.90
CA ALA A 86 -3.25 2.54 6.06
C ALA A 86 -4.09 2.74 7.32
N ARG A 87 -3.45 2.95 8.44
CA ARG A 87 -4.14 3.26 9.69
C ARG A 87 -3.52 4.48 10.33
N VAL A 88 -4.35 5.48 10.62
CA VAL A 88 -3.87 6.79 11.02
C VAL A 88 -3.17 6.80 12.38
N LYS A 89 -1.85 6.90 12.33
CA LYS A 89 -1.04 7.15 13.53
C LYS A 89 -0.20 8.39 13.29
N GLN A 90 0.85 8.24 12.48
CA GLN A 90 1.64 9.37 12.01
C GLN A 90 1.60 9.37 10.48
N ASP A 91 1.03 8.28 9.97
CA ASP A 91 0.98 7.99 8.54
C ASP A 91 0.38 9.13 7.75
N LEU A 92 -0.83 9.52 8.13
CA LEU A 92 -1.56 10.56 7.42
C LEU A 92 -0.75 11.86 7.34
N ARG A 93 0.00 12.14 8.39
CA ARG A 93 0.81 13.35 8.45
C ARG A 93 1.88 13.32 7.37
N GLU A 94 2.80 12.38 7.49
CA GLU A 94 3.94 12.31 6.60
C GLU A 94 3.53 11.91 5.19
N SER A 95 2.73 10.85 5.07
CA SER A 95 2.37 10.30 3.77
C SER A 95 1.64 11.31 2.91
N LEU A 96 0.71 12.04 3.51
CA LEU A 96 -0.10 12.97 2.77
C LEU A 96 0.67 14.23 2.39
N ARG A 97 1.51 14.71 3.30
CA ARG A 97 2.29 15.91 3.04
C ARG A 97 3.37 15.66 1.99
N ALA A 98 3.74 14.41 1.79
CA ALA A 98 4.72 14.06 0.76
C ALA A 98 4.06 13.94 -0.61
N ALA A 99 2.88 13.32 -0.65
CA ALA A 99 2.16 13.13 -1.91
C ALA A 99 1.64 14.48 -2.43
N SER A 100 0.72 15.08 -1.68
CA SER A 100 0.17 16.39 -2.02
C SER A 100 -0.49 16.43 -3.41
N LEU A 101 -0.86 15.27 -3.95
CA LEU A 101 -1.47 15.23 -5.28
C LEU A 101 -2.92 14.77 -5.20
N LEU A 102 -3.54 14.96 -4.04
CA LEU A 102 -4.91 14.50 -3.81
C LEU A 102 -5.89 15.19 -4.76
N ASP A 103 -5.52 16.37 -5.24
CA ASP A 103 -6.35 17.15 -6.13
C ASP A 103 -6.64 16.40 -7.43
N LYS A 104 -5.78 15.47 -7.79
CA LYS A 104 -5.92 14.74 -9.05
C LYS A 104 -6.27 13.26 -8.82
N ILE A 105 -5.64 12.64 -7.83
CA ILE A 105 -5.91 11.24 -7.55
C ILE A 105 -7.16 11.08 -6.70
N GLY A 106 -7.35 12.00 -5.76
CA GLY A 106 -8.56 12.02 -4.96
C GLY A 106 -8.64 10.90 -3.93
N GLU A 107 -9.19 9.76 -4.35
CA GLU A 107 -9.57 8.71 -3.42
C GLU A 107 -8.69 7.47 -3.56
N ASP A 108 -7.49 7.66 -4.09
CA ASP A 108 -6.52 6.57 -4.27
C ASP A 108 -6.23 5.87 -2.95
N HIS A 109 -5.67 6.61 -2.01
CA HIS A 109 -5.22 6.03 -0.76
C HIS A 109 -5.85 6.73 0.45
N ILE A 110 -6.58 5.95 1.24
CA ILE A 110 -7.21 6.45 2.46
C ILE A 110 -6.79 5.59 3.64
N PHE A 111 -7.56 5.61 4.72
CA PHE A 111 -7.19 4.88 5.93
C PHE A 111 -8.35 4.04 6.45
N MET A 112 -8.11 2.73 6.57
CA MET A 112 -9.09 1.77 7.09
C MET A 112 -10.43 1.86 6.34
N THR A 113 -10.59 1.06 5.29
CA THR A 113 -11.77 1.16 4.43
C THR A 113 -11.89 -0.03 3.47
N LEU A 114 -10.76 -0.48 2.94
CA LEU A 114 -10.75 -1.40 1.81
C LEU A 114 -11.49 -2.73 2.03
N PRO A 115 -11.44 -3.35 3.24
CA PRO A 115 -12.25 -4.54 3.54
C PRO A 115 -13.71 -4.38 3.11
N THR A 116 -14.24 -3.18 3.29
CA THR A 116 -15.60 -2.88 2.85
C THR A 116 -15.60 -2.40 1.40
N ALA A 117 -14.62 -1.56 1.07
CA ALA A 117 -14.55 -0.91 -0.24
C ALA A 117 -14.53 -1.90 -1.40
N VAL A 118 -13.47 -2.69 -1.49
CA VAL A 118 -13.31 -3.60 -2.63
C VAL A 118 -14.41 -4.65 -2.66
N GLN A 119 -14.74 -5.18 -1.48
CA GLN A 119 -15.75 -6.23 -1.37
C GLN A 119 -17.11 -5.74 -1.87
N ALA A 120 -17.37 -4.46 -1.77
CA ALA A 120 -18.66 -3.93 -2.15
C ALA A 120 -18.63 -3.15 -3.46
N PHE A 121 -17.80 -2.13 -3.53
CA PHE A 121 -17.80 -1.23 -4.68
C PHE A 121 -17.26 -1.92 -5.93
N ARG A 122 -16.47 -2.95 -5.74
CA ARG A 122 -15.90 -3.67 -6.87
C ARG A 122 -16.84 -4.82 -7.31
N ARG A 123 -17.68 -5.26 -6.39
CA ARG A 123 -18.62 -6.35 -6.68
C ARG A 123 -19.97 -5.81 -7.12
N ARG A 124 -20.46 -4.83 -6.38
CA ARG A 124 -21.77 -4.21 -6.63
C ARG A 124 -22.87 -5.27 -6.54
N MET A 1 13.56 -16.09 12.56
CA MET A 1 13.22 -14.78 13.16
C MET A 1 11.74 -14.73 13.51
N HIS A 2 11.42 -14.36 14.74
CA HIS A 2 10.04 -14.10 15.11
C HIS A 2 9.79 -12.60 15.18
N ASP A 3 9.81 -11.98 14.01
CA ASP A 3 9.58 -10.55 13.87
C ASP A 3 8.41 -10.33 12.95
N ILE A 4 8.15 -9.06 12.59
CA ILE A 4 7.06 -8.68 11.69
C ILE A 4 5.75 -9.40 12.03
N ASP A 5 4.92 -9.67 11.03
CA ASP A 5 3.66 -10.37 11.27
C ASP A 5 3.72 -11.78 10.67
N ASP A 6 3.51 -11.87 9.36
CA ASP A 6 3.55 -13.15 8.66
C ASP A 6 3.52 -12.91 7.15
N TYR A 7 3.34 -13.96 6.36
CA TYR A 7 3.33 -13.85 4.91
C TYR A 7 2.44 -14.92 4.26
N PRO A 8 1.17 -15.05 4.71
CA PRO A 8 0.28 -16.10 4.22
C PRO A 8 -0.56 -15.69 3.02
N GLN A 9 -1.31 -14.60 3.17
CA GLN A 9 -2.26 -14.16 2.15
C GLN A 9 -1.53 -13.72 0.88
N ALA A 10 -2.02 -14.17 -0.27
CA ALA A 10 -1.39 -13.90 -1.54
C ALA A 10 -2.32 -14.25 -2.68
N LYS A 11 -3.12 -13.28 -3.09
CA LYS A 11 -4.04 -13.47 -4.20
C LYS A 11 -3.40 -12.96 -5.48
N ARG A 12 -4.22 -12.63 -6.47
CA ARG A 12 -3.75 -12.26 -7.79
C ARG A 12 -4.76 -11.37 -8.50
N VAL A 13 -5.62 -11.98 -9.33
CA VAL A 13 -6.71 -11.26 -9.96
C VAL A 13 -7.76 -10.88 -8.92
N PRO A 14 -8.19 -11.82 -8.05
CA PRO A 14 -8.98 -11.47 -6.87
C PRO A 14 -8.18 -10.54 -5.96
N GLY A 15 -8.81 -9.47 -5.50
CA GLY A 15 -8.16 -8.48 -4.67
C GLY A 15 -7.35 -9.09 -3.54
N LEU A 16 -6.05 -8.84 -3.56
CA LEU A 16 -5.16 -9.39 -2.53
C LEU A 16 -4.84 -8.32 -1.52
N VAL A 17 -4.68 -8.73 -0.27
CA VAL A 17 -4.35 -7.79 0.78
C VAL A 17 -2.95 -8.05 1.31
N VAL A 18 -2.19 -6.99 1.51
CA VAL A 18 -0.89 -7.09 2.13
C VAL A 18 -0.67 -5.94 3.10
N TYR A 19 -0.62 -6.26 4.38
CA TYR A 19 -0.37 -5.27 5.41
C TYR A 19 1.11 -5.03 5.56
N ARG A 20 1.46 -3.85 6.07
CA ARG A 20 2.86 -3.55 6.35
C ARG A 20 3.39 -4.50 7.42
N TYR A 21 4.54 -5.09 7.16
CA TYR A 21 5.21 -5.90 8.16
C TYR A 21 5.73 -4.99 9.26
N ASP A 22 5.32 -5.24 10.50
CA ASP A 22 5.71 -4.35 11.60
C ASP A 22 7.17 -4.54 11.99
N ALA A 23 8.02 -3.87 11.25
CA ALA A 23 9.45 -3.80 11.51
C ALA A 23 10.02 -2.60 10.77
N PRO A 24 10.84 -1.78 11.45
CA PRO A 24 11.47 -0.61 10.83
C PRO A 24 12.26 -0.94 9.57
N LEU A 25 11.63 -0.77 8.42
CA LEU A 25 12.29 -0.99 7.15
C LEU A 25 12.88 0.31 6.63
N CYS A 26 12.56 1.40 7.32
CA CYS A 26 13.10 2.71 6.99
C CYS A 26 12.60 3.16 5.62
N PHE A 27 13.47 3.06 4.62
CA PHE A 27 13.09 3.27 3.21
C PHE A 27 14.30 3.08 2.31
N ALA A 28 15.36 2.49 2.86
CA ALA A 28 16.68 2.40 2.20
C ALA A 28 16.57 1.97 0.75
N ASN A 29 16.25 0.71 0.52
CA ASN A 29 16.09 0.20 -0.82
C ASN A 29 14.61 0.09 -1.15
N ALA A 30 13.79 0.72 -0.33
CA ALA A 30 12.34 0.58 -0.41
C ALA A 30 11.79 0.93 -1.79
N GLU A 31 12.41 1.92 -2.44
CA GLU A 31 11.95 2.33 -3.76
C GLU A 31 12.19 1.22 -4.78
N ASP A 32 13.44 0.79 -4.90
CA ASP A 32 13.81 -0.24 -5.86
C ASP A 32 13.15 -1.56 -5.51
N PHE A 33 13.15 -1.87 -4.22
CA PHE A 33 12.49 -3.07 -3.71
C PHE A 33 11.01 -3.07 -4.07
N ARG A 34 10.34 -1.93 -3.84
CA ARG A 34 8.92 -1.82 -4.10
C ARG A 34 8.60 -2.15 -5.55
N ARG A 35 9.30 -1.49 -6.47
CA ARG A 35 9.02 -1.69 -7.88
C ARG A 35 9.39 -3.09 -8.31
N ARG A 36 10.54 -3.60 -7.87
CA ARG A 36 10.99 -4.92 -8.29
C ARG A 36 9.96 -5.99 -7.95
N ALA A 37 9.46 -5.97 -6.72
CA ALA A 37 8.56 -7.00 -6.24
C ALA A 37 7.19 -6.88 -6.89
N LEU A 38 6.57 -5.74 -6.68
CA LEU A 38 5.22 -5.48 -7.18
C LEU A 38 5.19 -5.57 -8.70
N THR A 39 6.08 -4.83 -9.32
CA THR A 39 6.10 -4.70 -10.76
C THR A 39 6.46 -6.02 -11.46
N VAL A 40 7.20 -6.90 -10.75
CA VAL A 40 7.59 -8.17 -11.34
C VAL A 40 6.46 -9.19 -11.29
N VAL A 41 5.61 -9.12 -10.26
CA VAL A 41 4.49 -10.04 -10.18
C VAL A 41 3.39 -9.62 -11.15
N ASP A 42 2.97 -8.36 -11.06
CA ASP A 42 1.99 -7.78 -11.98
C ASP A 42 1.59 -6.39 -11.51
N GLN A 43 2.00 -5.38 -12.27
CA GLN A 43 1.73 -3.98 -11.92
C GLN A 43 1.71 -3.12 -13.17
N ASP A 44 2.87 -3.02 -13.79
CA ASP A 44 3.05 -2.16 -14.96
C ASP A 44 2.58 -2.83 -16.26
N PRO A 45 3.05 -4.05 -16.59
CA PRO A 45 2.68 -4.72 -17.84
C PRO A 45 1.48 -5.66 -17.68
N GLY A 46 0.62 -5.38 -16.71
CA GLY A 46 -0.53 -6.23 -16.49
C GLY A 46 -1.63 -5.52 -15.70
N GLN A 47 -2.70 -6.23 -15.40
CA GLN A 47 -3.80 -5.67 -14.65
C GLN A 47 -4.10 -6.52 -13.41
N VAL A 48 -3.78 -5.95 -12.26
CA VAL A 48 -3.92 -6.66 -10.99
C VAL A 48 -4.93 -5.96 -10.09
N GLU A 49 -5.57 -6.70 -9.20
CA GLU A 49 -6.49 -6.14 -8.22
C GLU A 49 -6.01 -6.47 -6.82
N TRP A 50 -5.74 -5.44 -6.03
CA TRP A 50 -5.18 -5.66 -4.70
C TRP A 50 -5.08 -4.36 -3.95
N PHE A 51 -4.54 -4.42 -2.74
CA PHE A 51 -4.31 -3.22 -1.96
C PHE A 51 -3.42 -3.50 -0.75
N VAL A 52 -2.75 -2.46 -0.29
CA VAL A 52 -1.96 -2.54 0.93
C VAL A 52 -2.71 -1.86 2.06
N LEU A 53 -2.51 -2.32 3.28
CA LEU A 53 -3.26 -1.79 4.39
C LEU A 53 -2.51 -1.92 5.71
N ASN A 54 -3.03 -1.23 6.71
CA ASN A 54 -2.55 -1.37 8.08
C ASN A 54 -3.56 -2.16 8.90
N ALA A 55 -3.51 -3.48 8.80
CA ALA A 55 -4.33 -4.33 9.66
C ALA A 55 -3.72 -4.37 11.04
N GLU A 56 -2.40 -4.30 11.06
CA GLU A 56 -1.64 -4.16 12.27
C GLU A 56 -1.33 -2.67 12.46
N SER A 57 -0.85 -2.28 13.63
CA SER A 57 -0.51 -0.88 13.89
C SER A 57 0.49 -0.37 12.84
N ASN A 58 1.60 -1.07 12.70
CA ASN A 58 2.68 -0.68 11.79
C ASN A 58 3.18 0.70 12.14
N VAL A 59 3.89 0.82 13.26
CA VAL A 59 4.30 2.13 13.76
C VAL A 59 5.78 2.41 13.51
N GLU A 60 6.66 1.54 14.02
CA GLU A 60 8.10 1.77 13.92
C GLU A 60 8.62 1.45 12.52
N VAL A 61 7.76 0.88 11.70
CA VAL A 61 8.14 0.38 10.39
C VAL A 61 8.68 1.49 9.49
N ASP A 62 8.04 2.65 9.55
CA ASP A 62 8.22 3.67 8.54
C ASP A 62 9.23 4.71 8.97
N LEU A 63 10.32 4.79 8.25
CA LEU A 63 11.31 5.82 8.50
C LEU A 63 11.58 6.55 7.20
N THR A 64 10.67 7.47 6.84
CA THR A 64 10.72 8.17 5.57
C THR A 64 10.25 7.23 4.44
N ALA A 65 9.57 6.16 4.86
CA ALA A 65 9.05 5.20 3.92
C ALA A 65 7.88 5.80 3.17
N LEU A 66 7.17 6.73 3.80
CA LEU A 66 6.14 7.45 3.07
C LEU A 66 6.76 8.22 1.91
N ASP A 67 7.98 8.67 2.06
CA ASP A 67 8.61 9.38 0.98
C ASP A 67 8.80 8.43 -0.19
N ALA A 68 9.67 7.45 -0.02
CA ALA A 68 9.97 6.52 -1.10
C ALA A 68 8.77 5.65 -1.46
N LEU A 69 8.23 4.97 -0.46
CA LEU A 69 7.22 3.95 -0.67
C LEU A 69 5.85 4.54 -0.97
N ASP A 70 5.49 5.69 -0.40
CA ASP A 70 4.17 6.27 -0.68
C ASP A 70 4.16 6.91 -2.04
N GLN A 71 5.20 7.67 -2.38
CA GLN A 71 5.25 8.29 -3.70
C GLN A 71 5.11 7.20 -4.75
N LEU A 72 5.72 6.05 -4.49
CA LEU A 72 5.65 4.94 -5.42
C LEU A 72 4.31 4.21 -5.29
N ARG A 73 3.76 4.10 -4.07
CA ARG A 73 2.51 3.37 -3.90
C ARG A 73 1.34 4.17 -4.48
N THR A 74 1.28 5.47 -4.23
CA THR A 74 0.18 6.29 -4.73
C THR A 74 0.29 6.50 -6.24
N GLU A 75 1.50 6.79 -6.70
CA GLU A 75 1.73 7.06 -8.11
C GLU A 75 1.47 5.81 -8.95
N LEU A 76 1.65 4.64 -8.35
CA LEU A 76 1.41 3.38 -9.05
C LEU A 76 0.03 2.81 -8.69
N LEU A 77 -0.63 3.40 -7.71
CA LEU A 77 -1.96 2.97 -7.30
C LEU A 77 -3.01 3.57 -8.22
N ARG A 78 -2.81 4.84 -8.53
CA ARG A 78 -3.74 5.61 -9.34
C ARG A 78 -3.84 5.12 -10.79
N ARG A 79 -3.33 3.92 -11.07
CA ARG A 79 -3.30 3.41 -12.43
C ARG A 79 -4.40 2.35 -12.62
N GLY A 80 -4.20 1.20 -11.98
CA GLY A 80 -5.15 0.10 -12.12
C GLY A 80 -6.05 -0.03 -10.93
N ILE A 81 -6.59 -1.23 -10.71
CA ILE A 81 -7.51 -1.47 -9.61
C ILE A 81 -6.74 -1.93 -8.36
N VAL A 82 -6.17 -0.95 -7.68
CA VAL A 82 -5.42 -1.17 -6.47
C VAL A 82 -5.70 -0.03 -5.51
N PHE A 83 -5.63 -0.28 -4.21
CA PHE A 83 -5.88 0.77 -3.22
C PHE A 83 -4.90 0.65 -2.05
N ALA A 84 -5.07 1.53 -1.08
CA ALA A 84 -4.26 1.51 0.12
C ALA A 84 -4.98 2.21 1.26
N MET A 85 -4.93 1.62 2.44
CA MET A 85 -5.53 2.23 3.62
C MET A 85 -4.62 2.13 4.81
N ALA A 86 -4.60 3.20 5.58
CA ALA A 86 -3.83 3.25 6.78
C ALA A 86 -4.73 3.45 7.99
N ARG A 87 -4.24 3.08 9.14
CA ARG A 87 -4.88 3.46 10.38
C ARG A 87 -4.22 4.76 10.84
N VAL A 88 -5.00 5.63 11.44
CA VAL A 88 -4.56 7.00 11.73
C VAL A 88 -3.33 7.03 12.64
N LYS A 89 -2.18 7.30 12.01
CA LYS A 89 -0.89 7.38 12.69
C LYS A 89 -0.09 8.50 12.04
N GLN A 90 1.24 8.44 12.15
CA GLN A 90 2.10 9.32 11.38
C GLN A 90 2.02 8.97 9.88
N ASP A 91 1.61 7.73 9.60
CA ASP A 91 1.58 7.16 8.24
C ASP A 91 0.97 8.14 7.24
N LEU A 92 -0.33 8.38 7.37
CA LEU A 92 -1.05 9.22 6.41
C LEU A 92 -0.59 10.68 6.46
N ARG A 93 -0.11 11.13 7.62
CA ARG A 93 0.29 12.52 7.78
C ARG A 93 1.35 12.88 6.76
N GLU A 94 2.50 12.22 6.89
CA GLU A 94 3.63 12.54 6.03
C GLU A 94 3.42 11.99 4.60
N SER A 95 2.69 10.88 4.47
CA SER A 95 2.35 10.36 3.14
C SER A 95 1.59 11.42 2.34
N LEU A 96 0.65 12.06 2.99
CA LEU A 96 -0.16 13.09 2.37
C LEU A 96 0.67 14.34 2.08
N ARG A 97 1.62 14.64 2.96
CA ARG A 97 2.49 15.79 2.78
C ARG A 97 3.43 15.57 1.60
N ALA A 98 3.71 14.32 1.29
CA ALA A 98 4.55 13.98 0.15
C ALA A 98 3.73 13.97 -1.14
N ALA A 99 2.62 13.23 -1.12
CA ALA A 99 1.75 13.13 -2.29
C ALA A 99 1.07 14.47 -2.57
N SER A 100 0.05 14.79 -1.76
CA SER A 100 -0.68 16.07 -1.85
C SER A 100 -1.53 16.19 -3.13
N LEU A 101 -1.19 15.42 -4.16
CA LEU A 101 -1.90 15.45 -5.43
C LEU A 101 -3.24 14.71 -5.34
N LEU A 102 -4.00 15.02 -4.31
CA LEU A 102 -5.26 14.33 -4.01
C LEU A 102 -6.29 14.50 -5.12
N ASP A 103 -6.18 15.58 -5.86
CA ASP A 103 -7.12 15.85 -6.95
C ASP A 103 -6.98 14.82 -8.07
N LYS A 104 -5.75 14.38 -8.32
CA LYS A 104 -5.49 13.46 -9.43
C LYS A 104 -5.28 12.02 -8.96
N ILE A 105 -4.86 11.82 -7.71
CA ILE A 105 -4.74 10.47 -7.18
C ILE A 105 -6.08 10.01 -6.62
N GLY A 106 -6.95 10.98 -6.38
CA GLY A 106 -8.29 10.71 -5.87
C GLY A 106 -8.27 9.99 -4.54
N GLU A 107 -9.16 9.00 -4.41
CA GLU A 107 -9.23 8.18 -3.22
C GLU A 107 -8.19 7.08 -3.30
N ASP A 108 -6.95 7.48 -3.12
CA ASP A 108 -5.80 6.60 -3.23
C ASP A 108 -5.50 5.91 -1.91
N HIS A 109 -4.94 6.69 -0.99
CA HIS A 109 -4.54 6.18 0.32
C HIS A 109 -5.40 6.81 1.41
N ILE A 110 -6.40 6.08 1.86
CA ILE A 110 -7.33 6.56 2.87
C ILE A 110 -7.19 5.75 4.17
N PHE A 111 -8.23 5.71 4.98
CA PHE A 111 -8.16 5.04 6.27
C PHE A 111 -8.81 3.66 6.24
N MET A 112 -8.70 2.96 7.37
CA MET A 112 -9.37 1.68 7.62
C MET A 112 -10.74 1.60 6.95
N THR A 113 -10.84 0.79 5.89
CA THR A 113 -12.11 0.58 5.19
C THR A 113 -11.96 -0.42 4.04
N LEU A 114 -10.76 -0.48 3.43
CA LEU A 114 -10.53 -1.29 2.23
C LEU A 114 -11.09 -2.73 2.33
N PRO A 115 -10.85 -3.47 3.45
CA PRO A 115 -11.40 -4.83 3.63
C PRO A 115 -12.89 -4.95 3.30
N THR A 116 -13.65 -3.89 3.51
CA THR A 116 -15.07 -3.90 3.19
C THR A 116 -15.36 -3.03 1.97
N ALA A 117 -14.43 -2.13 1.67
CA ALA A 117 -14.53 -1.29 0.48
C ALA A 117 -14.61 -2.18 -0.77
N VAL A 118 -13.79 -3.21 -0.81
CA VAL A 118 -13.85 -4.17 -1.92
C VAL A 118 -15.19 -4.88 -1.94
N GLN A 119 -15.71 -5.19 -0.76
CA GLN A 119 -17.00 -5.87 -0.63
C GLN A 119 -18.13 -4.96 -1.11
N ALA A 120 -17.84 -3.66 -1.20
CA ALA A 120 -18.82 -2.72 -1.71
C ALA A 120 -18.60 -2.44 -3.20
N PHE A 121 -17.36 -2.16 -3.57
CA PHE A 121 -17.04 -1.71 -4.92
C PHE A 121 -17.27 -2.78 -6.00
N ARG A 122 -16.63 -3.95 -5.85
CA ARG A 122 -16.62 -4.93 -6.94
C ARG A 122 -17.90 -5.78 -6.99
N ARG A 123 -18.96 -5.29 -6.38
CA ARG A 123 -20.27 -5.93 -6.52
C ARG A 123 -21.37 -4.88 -6.73
N ARG A 124 -20.95 -3.62 -6.77
CA ARG A 124 -21.86 -2.47 -6.92
C ARG A 124 -22.99 -2.53 -5.89
N MET A 1 9.87 -15.50 8.81
CA MET A 1 10.36 -16.17 10.04
C MET A 1 10.01 -15.31 11.25
N HIS A 2 10.81 -14.29 11.51
CA HIS A 2 10.52 -13.33 12.57
C HIS A 2 10.47 -11.94 11.97
N ASP A 3 9.76 -11.03 12.64
CA ASP A 3 9.56 -9.66 12.17
C ASP A 3 8.53 -9.63 11.05
N ILE A 4 7.92 -8.47 10.85
CA ILE A 4 6.77 -8.29 9.94
C ILE A 4 5.64 -9.27 10.27
N ASP A 5 4.58 -9.24 9.49
CA ASP A 5 3.49 -10.18 9.66
C ASP A 5 3.79 -11.44 8.85
N ASP A 6 3.60 -11.33 7.53
CA ASP A 6 3.96 -12.40 6.60
C ASP A 6 3.53 -12.00 5.19
N TYR A 7 3.45 -12.97 4.28
CA TYR A 7 3.03 -12.72 2.91
C TYR A 7 2.39 -13.98 2.31
N PRO A 8 1.32 -14.50 2.96
CA PRO A 8 0.75 -15.81 2.61
C PRO A 8 -0.28 -15.75 1.48
N GLN A 9 -0.30 -14.64 0.76
CA GLN A 9 -1.28 -14.46 -0.30
C GLN A 9 -0.70 -13.61 -1.42
N ALA A 10 -1.04 -13.95 -2.66
CA ALA A 10 -0.59 -13.22 -3.82
C ALA A 10 -1.64 -13.36 -4.91
N LYS A 11 -2.60 -12.46 -4.90
CA LYS A 11 -3.69 -12.49 -5.87
C LYS A 11 -3.51 -11.36 -6.87
N ARG A 12 -4.37 -11.34 -7.86
CA ARG A 12 -4.34 -10.28 -8.87
C ARG A 12 -5.69 -10.11 -9.57
N VAL A 13 -6.35 -11.22 -9.85
CA VAL A 13 -7.63 -11.16 -10.55
C VAL A 13 -8.79 -10.95 -9.57
N PRO A 14 -8.98 -11.82 -8.56
CA PRO A 14 -10.08 -11.68 -7.60
C PRO A 14 -9.76 -10.66 -6.50
N GLY A 15 -8.98 -9.64 -6.84
CA GLY A 15 -8.56 -8.67 -5.87
C GLY A 15 -7.37 -9.15 -5.07
N LEU A 16 -6.40 -8.29 -4.89
CA LEU A 16 -5.21 -8.61 -4.13
C LEU A 16 -5.11 -7.67 -2.93
N VAL A 17 -4.66 -8.18 -1.81
CA VAL A 17 -4.53 -7.36 -0.63
C VAL A 17 -3.28 -7.73 0.15
N VAL A 18 -2.31 -6.83 0.15
CA VAL A 18 -1.10 -7.00 0.92
C VAL A 18 -0.90 -5.80 1.82
N TYR A 19 -0.21 -6.00 2.91
CA TYR A 19 -0.05 -4.95 3.91
C TYR A 19 1.40 -4.50 4.02
N ARG A 20 1.62 -3.43 4.76
CA ARG A 20 2.97 -2.91 4.95
C ARG A 20 3.78 -3.85 5.86
N TYR A 21 5.08 -3.91 5.64
CA TYR A 21 5.94 -4.81 6.40
C TYR A 21 6.20 -4.25 7.80
N ASP A 22 5.64 -4.95 8.79
CA ASP A 22 5.67 -4.48 10.17
C ASP A 22 6.99 -4.86 10.86
N ALA A 23 8.07 -4.23 10.44
CA ALA A 23 9.40 -4.44 11.00
C ALA A 23 10.37 -3.41 10.44
N PRO A 24 11.07 -2.69 11.33
CA PRO A 24 11.93 -1.55 10.96
C PRO A 24 12.91 -1.85 9.83
N LEU A 25 12.63 -1.29 8.66
CA LEU A 25 13.58 -1.34 7.55
C LEU A 25 13.84 0.06 7.02
N CYS A 26 13.13 1.05 7.60
CA CYS A 26 13.34 2.45 7.26
C CYS A 26 12.99 2.70 5.79
N PHE A 27 13.96 3.22 5.03
CA PHE A 27 13.77 3.40 3.60
C PHE A 27 15.09 3.19 2.86
N ALA A 28 16.08 2.68 3.58
CA ALA A 28 17.45 2.54 3.06
C ALA A 28 17.48 1.84 1.70
N ASN A 29 16.71 0.77 1.60
CA ASN A 29 16.61 0.02 0.35
C ASN A 29 15.16 -0.01 -0.12
N ALA A 30 14.30 0.69 0.61
CA ALA A 30 12.86 0.54 0.46
C ALA A 30 12.37 0.88 -0.94
N GLU A 31 13.11 1.69 -1.68
CA GLU A 31 12.73 2.02 -3.04
C GLU A 31 12.80 0.78 -3.94
N ASP A 32 14.02 0.35 -4.23
CA ASP A 32 14.25 -0.78 -5.12
C ASP A 32 13.70 -2.06 -4.53
N PHE A 33 13.81 -2.18 -3.21
CA PHE A 33 13.31 -3.35 -2.50
C PHE A 33 11.80 -3.49 -2.65
N ARG A 34 11.07 -2.39 -2.47
CA ARG A 34 9.61 -2.43 -2.52
C ARG A 34 9.15 -2.81 -3.91
N ARG A 35 9.78 -2.22 -4.92
CA ARG A 35 9.39 -2.50 -6.28
C ARG A 35 9.86 -3.89 -6.72
N ARG A 36 10.99 -4.33 -6.20
CA ARG A 36 11.46 -5.67 -6.53
C ARG A 36 10.41 -6.69 -6.13
N ALA A 37 10.06 -6.67 -4.86
CA ALA A 37 9.19 -7.69 -4.30
C ALA A 37 7.76 -7.50 -4.75
N LEU A 38 7.18 -6.36 -4.40
CA LEU A 38 5.76 -6.12 -4.65
C LEU A 38 5.47 -5.95 -6.14
N THR A 39 6.38 -5.30 -6.86
CA THR A 39 6.13 -5.01 -8.25
C THR A 39 6.28 -6.25 -9.13
N VAL A 40 7.17 -7.15 -8.74
CA VAL A 40 7.34 -8.39 -9.48
C VAL A 40 6.19 -9.37 -9.24
N VAL A 41 5.73 -9.49 -8.00
CA VAL A 41 4.65 -10.42 -7.69
C VAL A 41 3.36 -10.02 -8.39
N ASP A 42 2.99 -8.75 -8.26
CA ASP A 42 1.84 -8.17 -8.96
C ASP A 42 1.63 -6.76 -8.44
N GLN A 43 1.84 -5.80 -9.33
CA GLN A 43 1.87 -4.40 -8.94
C GLN A 43 1.62 -3.54 -10.16
N ASP A 44 2.51 -3.69 -11.13
CA ASP A 44 2.42 -2.94 -12.36
C ASP A 44 2.70 -3.85 -13.58
N PRO A 45 1.84 -4.86 -13.80
CA PRO A 45 1.90 -5.68 -15.01
C PRO A 45 1.05 -5.10 -16.13
N GLY A 46 0.49 -3.93 -15.88
CA GLY A 46 -0.38 -3.29 -16.86
C GLY A 46 -1.78 -3.07 -16.31
N GLN A 47 -2.33 -4.11 -15.70
CA GLN A 47 -3.68 -4.05 -15.15
C GLN A 47 -3.81 -5.05 -14.01
N VAL A 48 -4.37 -4.60 -12.89
CA VAL A 48 -4.53 -5.46 -11.71
C VAL A 48 -5.46 -4.80 -10.69
N GLU A 49 -6.29 -5.61 -10.04
CA GLU A 49 -7.19 -5.14 -8.99
C GLU A 49 -6.66 -5.58 -7.63
N TRP A 50 -6.39 -4.62 -6.75
CA TRP A 50 -5.73 -4.92 -5.49
C TRP A 50 -5.62 -3.69 -4.61
N PHE A 51 -4.90 -3.82 -3.50
CA PHE A 51 -4.68 -2.71 -2.61
C PHE A 51 -3.71 -3.07 -1.50
N VAL A 52 -3.20 -2.04 -0.83
CA VAL A 52 -2.35 -2.24 0.34
C VAL A 52 -2.98 -1.57 1.55
N LEU A 53 -2.75 -2.12 2.72
CA LEU A 53 -3.39 -1.60 3.91
C LEU A 53 -2.50 -1.73 5.15
N ASN A 54 -2.96 -1.10 6.22
CA ASN A 54 -2.30 -1.17 7.51
C ASN A 54 -3.20 -1.82 8.54
N ALA A 55 -2.92 -3.07 8.87
CA ALA A 55 -3.63 -3.76 9.94
C ALA A 55 -2.64 -4.15 11.02
N GLU A 56 -1.40 -3.75 10.80
CA GLU A 56 -0.28 -4.09 11.66
C GLU A 56 0.06 -2.88 12.51
N SER A 57 1.32 -2.77 12.88
CA SER A 57 1.80 -1.57 13.57
C SER A 57 2.24 -0.56 12.52
N ASN A 58 3.30 -0.92 11.78
CA ASN A 58 3.77 -0.11 10.64
C ASN A 58 4.14 1.30 11.07
N VAL A 59 4.64 1.42 12.29
CA VAL A 59 4.95 2.71 12.89
C VAL A 59 6.44 3.03 12.82
N GLU A 60 7.22 2.22 13.52
CA GLU A 60 8.65 2.46 13.68
C GLU A 60 9.40 1.67 12.63
N VAL A 61 8.62 0.96 11.85
CA VAL A 61 9.13 -0.04 10.96
C VAL A 61 9.40 0.53 9.58
N ASP A 62 8.57 1.46 9.19
CA ASP A 62 8.53 1.90 7.81
C ASP A 62 8.70 3.42 7.77
N LEU A 63 9.90 3.86 7.44
CA LEU A 63 10.27 5.27 7.62
C LEU A 63 10.43 5.94 6.27
N THR A 64 9.92 7.17 6.15
CA THR A 64 9.97 7.90 4.89
C THR A 64 9.18 7.12 3.84
N ALA A 65 8.13 6.47 4.32
CA ALA A 65 7.28 5.62 3.49
C ALA A 65 6.64 6.44 2.38
N LEU A 66 6.21 7.64 2.74
CA LEU A 66 5.58 8.53 1.79
C LEU A 66 6.48 8.77 0.58
N ASP A 67 7.76 8.98 0.81
CA ASP A 67 8.67 9.19 -0.28
C ASP A 67 8.72 7.94 -1.14
N ALA A 68 9.32 6.89 -0.62
CA ALA A 68 9.53 5.68 -1.39
C ALA A 68 8.22 5.06 -1.87
N LEU A 69 7.38 4.64 -0.94
CA LEU A 69 6.27 3.81 -1.31
C LEU A 69 4.98 4.59 -1.60
N ASP A 70 4.91 5.89 -1.26
CA ASP A 70 3.72 6.63 -1.65
C ASP A 70 3.88 7.10 -3.07
N GLN A 71 5.13 7.34 -3.51
CA GLN A 71 5.36 7.52 -4.92
C GLN A 71 4.97 6.24 -5.63
N LEU A 72 5.40 5.11 -5.09
CA LEU A 72 5.00 3.82 -5.65
C LEU A 72 3.48 3.64 -5.61
N ARG A 73 2.86 4.06 -4.51
CA ARG A 73 1.41 4.07 -4.42
C ARG A 73 0.83 4.96 -5.50
N THR A 74 0.95 6.25 -5.28
CA THR A 74 0.45 7.28 -6.17
C THR A 74 0.72 6.95 -7.65
N GLU A 75 1.98 6.71 -7.97
CA GLU A 75 2.43 6.65 -9.35
C GLU A 75 2.04 5.34 -10.04
N LEU A 76 1.88 4.26 -9.29
CA LEU A 76 1.53 2.97 -9.91
C LEU A 76 0.06 2.62 -9.68
N LEU A 77 -0.49 3.09 -8.57
CA LEU A 77 -1.89 2.86 -8.22
C LEU A 77 -2.80 3.58 -9.20
N ARG A 78 -2.35 4.74 -9.68
CA ARG A 78 -3.08 5.50 -10.69
C ARG A 78 -3.26 4.70 -11.99
N ARG A 79 -2.53 3.59 -12.11
CA ARG A 79 -2.48 2.83 -13.36
C ARG A 79 -3.36 1.59 -13.31
N GLY A 80 -4.17 1.47 -12.27
CA GLY A 80 -5.04 0.31 -12.15
C GLY A 80 -6.16 0.52 -11.15
N ILE A 81 -6.97 -0.50 -10.96
CA ILE A 81 -8.00 -0.45 -9.94
C ILE A 81 -7.44 -0.97 -8.61
N VAL A 82 -6.82 -0.05 -7.90
CA VAL A 82 -6.12 -0.37 -6.66
C VAL A 82 -6.23 0.82 -5.71
N PHE A 83 -6.21 0.54 -4.41
CA PHE A 83 -6.26 1.60 -3.40
C PHE A 83 -5.27 1.32 -2.27
N ALA A 84 -5.25 2.20 -1.26
CA ALA A 84 -4.42 2.00 -0.09
C ALA A 84 -5.04 2.69 1.13
N MET A 85 -4.89 2.05 2.28
CA MET A 85 -5.45 2.58 3.52
C MET A 85 -4.49 2.40 4.70
N ALA A 86 -4.44 3.43 5.54
CA ALA A 86 -3.64 3.43 6.74
C ALA A 86 -4.51 3.20 7.96
N ARG A 87 -3.89 3.15 9.13
CA ARG A 87 -4.64 3.02 10.38
C ARG A 87 -4.26 4.15 11.32
N VAL A 88 -3.67 5.19 10.74
CA VAL A 88 -3.26 6.39 11.47
C VAL A 88 -2.13 6.08 12.45
N LYS A 89 -0.93 6.01 11.93
CA LYS A 89 0.26 5.78 12.72
C LYS A 89 1.33 6.77 12.32
N GLN A 90 0.91 8.04 12.16
CA GLN A 90 1.72 9.15 11.60
C GLN A 90 2.06 8.92 10.13
N ASP A 91 1.89 7.68 9.68
CA ASP A 91 2.10 7.30 8.30
C ASP A 91 1.19 8.10 7.38
N LEU A 92 -0.06 8.26 7.79
CA LEU A 92 -1.03 9.02 7.02
C LEU A 92 -0.61 10.49 6.89
N ARG A 93 0.12 10.99 7.88
CA ARG A 93 0.55 12.38 7.85
C ARG A 93 1.55 12.57 6.73
N GLU A 94 2.62 11.79 6.80
CA GLU A 94 3.68 11.89 5.81
C GLU A 94 3.19 11.49 4.42
N SER A 95 2.42 10.40 4.33
CA SER A 95 1.91 9.91 3.05
C SER A 95 1.08 10.97 2.35
N LEU A 96 0.31 11.72 3.12
CA LEU A 96 -0.50 12.80 2.56
C LEU A 96 0.37 13.97 2.11
N ARG A 97 1.50 14.16 2.79
CA ARG A 97 2.45 15.21 2.41
C ARG A 97 3.24 14.82 1.16
N ALA A 98 3.23 13.54 0.83
CA ALA A 98 3.94 13.04 -0.35
C ALA A 98 3.20 13.44 -1.63
N ALA A 99 2.04 12.84 -1.85
CA ALA A 99 1.26 13.13 -3.05
C ALA A 99 0.43 14.39 -2.87
N SER A 100 -0.39 14.39 -1.82
CA SER A 100 -1.28 15.52 -1.49
C SER A 100 -2.43 15.67 -2.50
N LEU A 101 -2.16 15.40 -3.78
CA LEU A 101 -3.13 15.67 -4.84
C LEU A 101 -4.23 14.59 -4.91
N LEU A 102 -5.02 14.52 -3.86
CA LEU A 102 -6.20 13.66 -3.86
C LEU A 102 -7.29 14.29 -4.69
N ASP A 103 -6.96 15.43 -5.27
CA ASP A 103 -7.81 16.02 -6.29
C ASP A 103 -7.82 15.14 -7.53
N LYS A 104 -6.64 14.63 -7.89
CA LYS A 104 -6.51 13.76 -9.05
C LYS A 104 -6.91 12.34 -8.69
N ILE A 105 -6.58 11.94 -7.47
CA ILE A 105 -6.89 10.58 -7.01
C ILE A 105 -8.28 10.53 -6.43
N GLY A 106 -8.42 10.99 -5.19
CA GLY A 106 -9.73 11.12 -4.59
C GLY A 106 -9.93 10.29 -3.34
N GLU A 107 -10.43 9.08 -3.53
CA GLU A 107 -10.85 8.24 -2.41
C GLU A 107 -9.75 7.25 -2.03
N ASP A 108 -8.52 7.60 -2.33
CA ASP A 108 -7.39 6.74 -2.00
C ASP A 108 -6.57 7.38 -0.88
N HIS A 109 -5.69 6.58 -0.25
CA HIS A 109 -4.86 7.03 0.87
C HIS A 109 -5.75 7.29 2.09
N ILE A 110 -6.75 6.44 2.28
CA ILE A 110 -7.71 6.62 3.37
C ILE A 110 -7.33 5.73 4.57
N PHE A 111 -8.29 5.42 5.43
CA PHE A 111 -8.02 4.66 6.63
C PHE A 111 -8.72 3.30 6.62
N MET A 112 -8.56 2.56 7.72
CA MET A 112 -9.19 1.25 7.94
C MET A 112 -10.62 1.19 7.43
N THR A 113 -10.82 0.52 6.29
CA THR A 113 -12.14 0.33 5.70
C THR A 113 -12.04 -0.28 4.29
N LEU A 114 -10.90 -0.05 3.62
CA LEU A 114 -10.70 -0.45 2.23
C LEU A 114 -11.03 -1.93 1.94
N PRO A 115 -10.63 -2.89 2.80
CA PRO A 115 -10.95 -4.32 2.61
C PRO A 115 -12.41 -4.56 2.22
N THR A 116 -13.33 -3.90 2.90
CA THR A 116 -14.75 -4.06 2.60
C THR A 116 -15.17 -3.12 1.48
N ALA A 117 -14.47 -1.99 1.38
CA ALA A 117 -14.77 -0.99 0.36
C ALA A 117 -14.59 -1.56 -1.04
N VAL A 118 -13.40 -2.09 -1.32
CA VAL A 118 -13.11 -2.68 -2.62
C VAL A 118 -14.12 -3.78 -2.94
N GLN A 119 -14.36 -4.65 -1.96
CA GLN A 119 -15.29 -5.74 -2.11
C GLN A 119 -16.67 -5.21 -2.50
N ALA A 120 -17.10 -4.15 -1.84
CA ALA A 120 -18.40 -3.56 -2.09
C ALA A 120 -18.46 -2.89 -3.47
N PHE A 121 -17.46 -2.05 -3.76
CA PHE A 121 -17.46 -1.28 -5.01
C PHE A 121 -17.49 -2.17 -6.24
N ARG A 122 -16.89 -3.36 -6.16
CA ARG A 122 -16.80 -4.22 -7.33
C ARG A 122 -18.02 -5.14 -7.48
N ARG A 123 -19.00 -5.00 -6.60
CA ARG A 123 -20.25 -5.74 -6.76
C ARG A 123 -21.48 -4.85 -6.57
N ARG A 124 -21.23 -3.61 -6.12
CA ARG A 124 -22.29 -2.63 -5.90
C ARG A 124 -23.35 -3.16 -4.93
N MET A 1 4.82 -17.51 7.11
CA MET A 1 4.32 -17.56 8.49
C MET A 1 3.36 -16.39 8.74
N HIS A 2 3.88 -15.36 9.41
CA HIS A 2 3.18 -14.09 9.61
C HIS A 2 4.02 -13.22 10.54
N ASP A 3 3.56 -12.00 10.81
CA ASP A 3 4.30 -11.02 11.62
C ASP A 3 5.45 -10.41 10.83
N ILE A 4 6.00 -9.33 11.37
CA ILE A 4 7.17 -8.64 10.83
C ILE A 4 7.16 -8.50 9.29
N ASP A 5 8.26 -8.86 8.67
CA ASP A 5 8.46 -8.68 7.24
C ASP A 5 8.19 -9.97 6.47
N ASP A 6 7.52 -10.92 7.11
CA ASP A 6 7.26 -12.22 6.51
C ASP A 6 5.90 -12.22 5.80
N TYR A 7 5.74 -13.08 4.81
CA TYR A 7 4.51 -13.09 4.01
C TYR A 7 3.60 -14.25 4.42
N PRO A 8 2.37 -13.95 4.85
CA PRO A 8 1.38 -14.95 5.21
C PRO A 8 0.32 -15.18 4.13
N GLN A 9 0.43 -14.50 3.00
CA GLN A 9 -0.60 -14.55 1.98
C GLN A 9 -0.01 -14.37 0.58
N ALA A 10 -0.80 -14.70 -0.44
CA ALA A 10 -0.35 -14.62 -1.82
C ALA A 10 -1.55 -14.76 -2.75
N LYS A 11 -2.20 -13.65 -3.06
CA LYS A 11 -3.38 -13.64 -3.89
C LYS A 11 -3.25 -12.52 -4.90
N ARG A 12 -4.02 -12.57 -5.97
CA ARG A 12 -3.94 -11.51 -6.98
C ARG A 12 -5.32 -11.07 -7.48
N VAL A 13 -5.93 -11.85 -8.36
CA VAL A 13 -7.13 -11.40 -9.08
C VAL A 13 -8.30 -11.03 -8.14
N PRO A 14 -8.68 -11.90 -7.19
CA PRO A 14 -9.79 -11.62 -6.27
C PRO A 14 -9.39 -10.68 -5.13
N GLY A 15 -8.63 -9.64 -5.44
CA GLY A 15 -8.24 -8.68 -4.43
C GLY A 15 -6.93 -9.04 -3.77
N LEU A 16 -5.82 -8.77 -4.44
CA LEU A 16 -4.50 -8.99 -3.86
C LEU A 16 -4.32 -8.10 -2.64
N VAL A 17 -3.86 -8.69 -1.55
CA VAL A 17 -3.76 -7.99 -0.28
C VAL A 17 -2.33 -8.00 0.24
N VAL A 18 -1.67 -6.84 0.18
CA VAL A 18 -0.34 -6.68 0.77
C VAL A 18 -0.43 -5.69 1.92
N TYR A 19 0.26 -5.98 3.02
CA TYR A 19 0.14 -5.15 4.20
C TYR A 19 1.46 -4.48 4.57
N ARG A 20 1.35 -3.38 5.33
CA ARG A 20 2.51 -2.68 5.87
C ARG A 20 3.22 -3.59 6.88
N TYR A 21 4.50 -3.85 6.65
CA TYR A 21 5.25 -4.81 7.45
C TYR A 21 5.35 -4.40 8.93
N ASP A 22 5.63 -5.38 9.77
CA ASP A 22 5.77 -5.14 11.21
C ASP A 22 7.24 -5.31 11.63
N ALA A 23 8.12 -4.55 11.02
CA ALA A 23 9.53 -4.59 11.34
C ALA A 23 10.25 -3.35 10.84
N PRO A 24 11.00 -2.67 11.72
CA PRO A 24 11.73 -1.45 11.36
C PRO A 24 12.71 -1.67 10.21
N LEU A 25 12.36 -1.12 9.05
CA LEU A 25 13.24 -1.12 7.90
C LEU A 25 13.42 0.30 7.37
N CYS A 26 12.62 1.22 7.92
CA CYS A 26 12.61 2.62 7.50
C CYS A 26 12.15 2.72 6.06
N PHE A 27 13.09 2.60 5.13
CA PHE A 27 12.78 2.53 3.72
C PHE A 27 14.00 1.98 2.96
N ALA A 28 15.04 2.80 2.83
CA ALA A 28 16.28 2.42 2.15
C ALA A 28 16.02 1.83 0.76
N ASN A 29 15.90 0.51 0.70
CA ASN A 29 15.73 -0.19 -0.57
C ASN A 29 14.26 -0.29 -0.95
N ALA A 30 13.39 0.24 -0.08
CA ALA A 30 11.93 0.13 -0.25
C ALA A 30 11.48 0.42 -1.68
N GLU A 31 12.07 1.44 -2.29
CA GLU A 31 11.77 1.79 -3.68
C GLU A 31 12.03 0.60 -4.59
N ASP A 32 13.31 0.27 -4.73
CA ASP A 32 13.77 -0.81 -5.59
C ASP A 32 13.07 -2.10 -5.23
N PHE A 33 13.16 -2.45 -3.97
CA PHE A 33 12.60 -3.69 -3.45
C PHE A 33 11.11 -3.85 -3.80
N ARG A 34 10.31 -2.84 -3.50
CA ARG A 34 8.87 -2.94 -3.71
C ARG A 34 8.54 -3.21 -5.16
N ARG A 35 9.02 -2.36 -6.06
CA ARG A 35 8.67 -2.54 -7.46
C ARG A 35 9.45 -3.68 -8.09
N ARG A 36 10.59 -4.05 -7.53
CA ARG A 36 11.34 -5.19 -8.05
C ARG A 36 10.49 -6.46 -7.94
N ALA A 37 10.24 -6.90 -6.72
CA ALA A 37 9.61 -8.20 -6.51
C ALA A 37 8.14 -8.16 -6.89
N LEU A 38 7.44 -7.15 -6.41
CA LEU A 38 6.00 -7.11 -6.53
C LEU A 38 5.56 -6.71 -7.94
N THR A 39 6.37 -5.92 -8.65
CA THR A 39 6.03 -5.57 -10.02
C THR A 39 6.38 -6.72 -10.96
N VAL A 40 7.40 -7.50 -10.60
CA VAL A 40 7.74 -8.69 -11.36
C VAL A 40 6.59 -9.70 -11.33
N VAL A 41 5.92 -9.82 -10.17
CA VAL A 41 4.78 -10.72 -10.10
C VAL A 41 3.59 -10.17 -10.90
N ASP A 42 3.01 -9.02 -10.50
CA ASP A 42 1.87 -8.46 -11.25
C ASP A 42 1.32 -7.14 -10.66
N GLN A 43 2.20 -6.22 -10.24
CA GLN A 43 1.73 -4.90 -9.82
C GLN A 43 1.30 -4.05 -11.01
N ASP A 44 2.30 -3.55 -11.72
CA ASP A 44 2.11 -2.52 -12.73
C ASP A 44 1.86 -3.08 -14.13
N PRO A 45 2.71 -4.01 -14.65
CA PRO A 45 2.55 -4.54 -16.01
C PRO A 45 1.19 -5.23 -16.22
N GLY A 46 0.69 -5.86 -15.17
CA GLY A 46 -0.60 -6.51 -15.25
C GLY A 46 -1.61 -5.80 -14.39
N GLN A 47 -2.58 -5.15 -15.03
CA GLN A 47 -3.60 -4.39 -14.32
C GLN A 47 -4.50 -5.33 -13.53
N VAL A 48 -4.11 -5.60 -12.29
CA VAL A 48 -4.84 -6.50 -11.41
C VAL A 48 -5.61 -5.70 -10.35
N GLU A 49 -6.64 -6.31 -9.80
CA GLU A 49 -7.42 -5.69 -8.74
C GLU A 49 -6.85 -6.07 -7.39
N TRP A 50 -6.38 -5.08 -6.65
CA TRP A 50 -5.71 -5.33 -5.38
C TRP A 50 -5.60 -4.08 -4.55
N PHE A 51 -4.81 -4.17 -3.48
CA PHE A 51 -4.56 -3.03 -2.64
C PHE A 51 -3.50 -3.31 -1.59
N VAL A 52 -2.98 -2.25 -1.00
CA VAL A 52 -2.06 -2.36 0.13
C VAL A 52 -2.71 -1.74 1.36
N LEU A 53 -2.72 -2.46 2.46
CA LEU A 53 -3.39 -1.99 3.65
C LEU A 53 -2.48 -2.02 4.88
N ASN A 54 -2.96 -1.40 5.94
CA ASN A 54 -2.22 -1.28 7.18
C ASN A 54 -2.32 -2.54 8.05
N ALA A 55 -1.17 -3.02 8.50
CA ALA A 55 -1.14 -3.95 9.61
C ALA A 55 -1.08 -3.15 10.90
N GLU A 56 -1.78 -3.59 11.93
CA GLU A 56 -1.98 -2.78 13.13
C GLU A 56 -0.72 -2.65 13.99
N SER A 57 0.46 -2.78 13.41
CA SER A 57 1.69 -2.76 14.20
C SER A 57 2.83 -1.98 13.53
N ASN A 58 2.59 -1.39 12.36
CA ASN A 58 3.66 -0.65 11.68
C ASN A 58 3.80 0.75 12.26
N VAL A 59 4.47 0.86 13.39
CA VAL A 59 4.65 2.15 14.05
C VAL A 59 6.10 2.59 14.01
N GLU A 60 7.00 1.72 14.45
CA GLU A 60 8.41 2.06 14.53
C GLU A 60 9.14 1.42 13.37
N VAL A 61 8.37 0.73 12.56
CA VAL A 61 8.92 -0.09 11.49
C VAL A 61 9.15 0.75 10.25
N ASP A 62 8.46 1.87 10.18
CA ASP A 62 8.28 2.59 8.94
C ASP A 62 8.71 4.04 9.08
N LEU A 63 9.71 4.43 8.28
CA LEU A 63 10.28 5.77 8.38
C LEU A 63 10.45 6.39 7.00
N THR A 64 9.95 7.60 6.82
CA THR A 64 10.06 8.31 5.54
C THR A 64 9.26 7.56 4.47
N ALA A 65 8.16 6.95 4.91
CA ALA A 65 7.29 6.18 4.05
C ALA A 65 6.71 7.05 2.97
N LEU A 66 6.29 8.24 3.33
CA LEU A 66 5.72 9.16 2.36
C LEU A 66 6.62 9.35 1.16
N ASP A 67 7.89 9.62 1.40
CA ASP A 67 8.80 9.89 0.31
C ASP A 67 8.95 8.65 -0.54
N ALA A 68 9.66 7.67 -0.01
CA ALA A 68 9.99 6.48 -0.79
C ALA A 68 8.73 5.69 -1.15
N LEU A 69 7.94 5.38 -0.14
CA LEU A 69 6.85 4.43 -0.28
C LEU A 69 5.59 5.08 -0.87
N ASP A 70 5.22 6.29 -0.46
CA ASP A 70 3.99 6.88 -0.98
C ASP A 70 4.17 7.26 -2.42
N GLN A 71 5.35 7.79 -2.72
CA GLN A 71 5.69 8.11 -4.09
C GLN A 71 5.58 6.87 -4.96
N LEU A 72 6.20 5.76 -4.54
CA LEU A 72 6.17 4.55 -5.34
C LEU A 72 4.76 3.96 -5.37
N ARG A 73 4.05 3.97 -4.24
CA ARG A 73 2.74 3.36 -4.21
C ARG A 73 1.77 4.15 -5.06
N THR A 74 1.77 5.48 -4.95
CA THR A 74 0.85 6.28 -5.73
C THR A 74 1.24 6.21 -7.21
N GLU A 75 2.53 6.20 -7.48
CA GLU A 75 3.07 6.15 -8.83
C GLU A 75 2.50 4.98 -9.62
N LEU A 76 2.57 3.78 -9.04
CA LEU A 76 2.14 2.58 -9.75
C LEU A 76 0.65 2.29 -9.57
N LEU A 77 0.12 2.64 -8.40
CA LEU A 77 -1.24 2.27 -8.02
C LEU A 77 -2.30 3.12 -8.72
N ARG A 78 -2.01 4.41 -8.91
CA ARG A 78 -3.02 5.37 -9.38
C ARG A 78 -3.35 5.21 -10.87
N ARG A 79 -2.98 4.08 -11.46
CA ARG A 79 -3.25 3.84 -12.87
C ARG A 79 -3.76 2.42 -13.09
N GLY A 80 -4.28 1.82 -12.03
CA GLY A 80 -4.85 0.49 -12.12
C GLY A 80 -6.00 0.34 -11.15
N ILE A 81 -6.66 -0.82 -11.18
CA ILE A 81 -7.75 -1.06 -10.25
C ILE A 81 -7.19 -1.56 -8.91
N VAL A 82 -6.70 -0.60 -8.15
CA VAL A 82 -6.06 -0.88 -6.88
C VAL A 82 -6.15 0.36 -5.99
N PHE A 83 -6.18 0.15 -4.68
CA PHE A 83 -6.24 1.26 -3.73
C PHE A 83 -5.26 1.05 -2.58
N ALA A 84 -5.08 2.07 -1.75
CA ALA A 84 -4.20 1.95 -0.61
C ALA A 84 -4.81 2.56 0.64
N MET A 85 -4.76 1.81 1.74
CA MET A 85 -5.32 2.28 3.00
C MET A 85 -4.40 1.94 4.17
N ALA A 86 -4.01 2.96 4.90
CA ALA A 86 -3.18 2.78 6.07
C ALA A 86 -3.99 3.00 7.34
N ARG A 87 -3.31 3.34 8.44
CA ARG A 87 -3.99 3.73 9.66
C ARG A 87 -3.48 5.11 10.06
N VAL A 88 -4.36 5.93 10.65
CA VAL A 88 -3.99 7.29 10.97
C VAL A 88 -3.20 7.37 12.27
N LYS A 89 -1.89 7.50 12.10
CA LYS A 89 -0.97 7.66 13.21
C LYS A 89 -0.02 8.83 12.91
N GLN A 90 1.15 8.52 12.40
CA GLN A 90 2.04 9.54 11.86
C GLN A 90 1.85 9.54 10.35
N ASP A 91 1.13 8.53 9.89
CA ASP A 91 0.98 8.21 8.47
C ASP A 91 0.35 9.35 7.69
N LEU A 92 -0.83 9.78 8.13
CA LEU A 92 -1.57 10.83 7.42
C LEU A 92 -0.74 12.11 7.34
N ARG A 93 0.07 12.36 8.36
CA ARG A 93 0.92 13.55 8.38
C ARG A 93 1.89 13.52 7.22
N GLU A 94 2.78 12.54 7.25
CA GLU A 94 3.83 12.46 6.26
C GLU A 94 3.28 12.08 4.89
N SER A 95 2.53 10.98 4.83
CA SER A 95 2.03 10.44 3.56
C SER A 95 1.26 11.48 2.76
N LEU A 96 0.47 12.30 3.45
CA LEU A 96 -0.30 13.31 2.77
C LEU A 96 0.56 14.51 2.39
N ARG A 97 1.59 14.79 3.18
CA ARG A 97 2.50 15.89 2.88
C ARG A 97 3.41 15.58 1.70
N ALA A 98 3.51 14.30 1.35
CA ALA A 98 4.33 13.87 0.23
C ALA A 98 3.69 14.24 -1.10
N ALA A 99 2.68 13.47 -1.49
CA ALA A 99 2.05 13.64 -2.78
C ALA A 99 1.03 14.78 -2.76
N SER A 100 0.11 14.75 -1.79
CA SER A 100 -0.93 15.78 -1.65
C SER A 100 -1.84 15.83 -2.88
N LEU A 101 -1.82 14.76 -3.68
CA LEU A 101 -2.52 14.75 -4.97
C LEU A 101 -3.98 14.32 -4.83
N LEU A 102 -4.55 14.52 -3.64
CA LEU A 102 -5.93 14.12 -3.37
C LEU A 102 -6.90 14.87 -4.28
N ASP A 103 -6.44 15.99 -4.81
CA ASP A 103 -7.22 16.79 -5.73
C ASP A 103 -7.64 15.98 -6.94
N LYS A 104 -6.73 15.16 -7.45
CA LYS A 104 -6.94 14.46 -8.70
C LYS A 104 -7.33 12.99 -8.49
N ILE A 105 -6.66 12.31 -7.57
CA ILE A 105 -6.97 10.89 -7.33
C ILE A 105 -8.16 10.75 -6.40
N GLY A 106 -8.36 11.75 -5.54
CA GLY A 106 -9.53 11.84 -4.70
C GLY A 106 -9.63 10.77 -3.63
N GLU A 107 -10.23 9.64 -3.99
CA GLU A 107 -10.67 8.66 -3.02
C GLU A 107 -9.63 7.56 -2.77
N ASP A 108 -8.36 7.90 -2.97
CA ASP A 108 -7.28 6.97 -2.68
C ASP A 108 -6.40 7.56 -1.59
N HIS A 109 -5.47 6.76 -1.06
CA HIS A 109 -4.62 7.16 0.07
C HIS A 109 -5.47 7.39 1.30
N ILE A 110 -6.37 6.44 1.58
CA ILE A 110 -7.27 6.56 2.71
C ILE A 110 -6.80 5.67 3.85
N PHE A 111 -7.59 5.60 4.91
CA PHE A 111 -7.21 4.83 6.09
C PHE A 111 -8.38 3.97 6.57
N MET A 112 -8.13 2.66 6.65
CA MET A 112 -9.14 1.67 7.06
C MET A 112 -10.40 1.75 6.20
N THR A 113 -10.40 1.07 5.05
CA THR A 113 -11.52 1.16 4.11
C THR A 113 -11.60 -0.05 3.17
N LEU A 114 -10.49 -0.38 2.53
CA LEU A 114 -10.45 -1.35 1.41
C LEU A 114 -11.23 -2.65 1.67
N PRO A 115 -11.01 -3.37 2.81
CA PRO A 115 -11.73 -4.61 3.12
C PRO A 115 -13.23 -4.50 2.92
N THR A 116 -13.80 -3.38 3.35
CA THR A 116 -15.22 -3.13 3.19
C THR A 116 -15.53 -2.71 1.76
N ALA A 117 -14.70 -1.83 1.23
CA ALA A 117 -14.90 -1.22 -0.08
C ALA A 117 -14.99 -2.28 -1.19
N VAL A 118 -13.90 -2.99 -1.44
CA VAL A 118 -13.85 -3.93 -2.57
C VAL A 118 -14.90 -5.03 -2.43
N GLN A 119 -15.10 -5.49 -1.19
CA GLN A 119 -16.08 -6.54 -0.92
C GLN A 119 -17.47 -6.11 -1.38
N ALA A 120 -17.84 -4.89 -1.07
CA ALA A 120 -19.17 -4.39 -1.39
C ALA A 120 -19.27 -3.93 -2.83
N PHE A 121 -18.29 -3.15 -3.27
CA PHE A 121 -18.34 -2.55 -4.61
C PHE A 121 -18.39 -3.62 -5.70
N ARG A 122 -17.70 -4.73 -5.49
CA ARG A 122 -17.55 -5.72 -6.56
C ARG A 122 -18.68 -6.74 -6.62
N ARG A 123 -19.73 -6.54 -5.82
CA ARG A 123 -20.95 -7.31 -6.02
C ARG A 123 -22.13 -6.36 -6.13
N ARG A 124 -21.83 -5.06 -6.06
CA ARG A 124 -22.82 -4.00 -6.22
C ARG A 124 -23.91 -4.07 -5.15
N MET A 1 5.92 -18.46 13.40
CA MET A 1 6.38 -17.11 13.00
C MET A 1 5.17 -16.19 12.81
N HIS A 2 5.29 -14.95 13.28
CA HIS A 2 4.23 -13.96 13.11
C HIS A 2 4.82 -12.56 13.11
N ASP A 3 3.94 -11.55 13.11
CA ASP A 3 4.33 -10.15 13.10
C ASP A 3 4.96 -9.78 11.77
N ILE A 4 5.55 -8.57 11.73
CA ILE A 4 6.35 -8.08 10.61
C ILE A 4 5.73 -8.41 9.24
N ASP A 5 6.58 -8.77 8.29
CA ASP A 5 6.18 -8.99 6.90
C ASP A 5 5.89 -10.46 6.61
N ASP A 6 5.55 -11.24 7.64
CA ASP A 6 5.27 -12.66 7.44
C ASP A 6 3.90 -12.85 6.81
N TYR A 7 3.88 -12.80 5.47
CA TYR A 7 2.73 -13.07 4.59
C TYR A 7 1.41 -13.31 5.35
N PRO A 8 0.68 -12.23 5.66
CA PRO A 8 -0.54 -12.31 6.48
C PRO A 8 -1.80 -12.63 5.68
N GLN A 9 -1.67 -12.83 4.37
CA GLN A 9 -2.83 -13.17 3.53
C GLN A 9 -2.37 -13.87 2.26
N ALA A 10 -1.78 -13.11 1.33
CA ALA A 10 -1.13 -13.66 0.15
C ALA A 10 -2.13 -14.14 -0.90
N LYS A 11 -2.30 -13.34 -1.94
CA LYS A 11 -3.15 -13.71 -3.05
C LYS A 11 -2.50 -13.23 -4.35
N ARG A 12 -3.27 -12.52 -5.17
CA ARG A 12 -2.80 -12.12 -6.50
C ARG A 12 -3.89 -11.32 -7.22
N VAL A 13 -3.86 -11.34 -8.56
CA VAL A 13 -4.76 -10.54 -9.42
C VAL A 13 -6.20 -10.44 -8.87
N PRO A 14 -6.87 -11.56 -8.52
CA PRO A 14 -8.21 -11.51 -7.95
C PRO A 14 -8.21 -11.30 -6.44
N GLY A 15 -7.98 -10.05 -6.02
CA GLY A 15 -8.13 -9.70 -4.61
C GLY A 15 -6.88 -9.95 -3.79
N LEU A 16 -5.76 -9.36 -4.20
CA LEU A 16 -4.53 -9.48 -3.44
C LEU A 16 -4.55 -8.56 -2.24
N VAL A 17 -4.93 -9.13 -1.11
CA VAL A 17 -4.89 -8.42 0.15
C VAL A 17 -3.50 -8.56 0.77
N VAL A 18 -2.71 -7.52 0.71
CA VAL A 18 -1.41 -7.53 1.36
C VAL A 18 -1.37 -6.45 2.42
N TYR A 19 -0.65 -6.69 3.49
CA TYR A 19 -0.70 -5.82 4.65
C TYR A 19 0.43 -4.82 4.67
N ARG A 20 0.15 -3.68 5.29
CA ARG A 20 1.16 -2.70 5.65
C ARG A 20 1.99 -3.32 6.78
N TYR A 21 2.89 -4.22 6.39
CA TYR A 21 3.58 -5.10 7.32
C TYR A 21 4.27 -4.37 8.46
N ASP A 22 4.36 -5.04 9.59
CA ASP A 22 4.82 -4.41 10.82
C ASP A 22 6.30 -4.63 11.05
N ALA A 23 7.12 -4.01 10.21
CA ALA A 23 8.56 -4.13 10.36
C ALA A 23 9.28 -2.85 9.96
N PRO A 24 10.13 -2.33 10.86
CA PRO A 24 10.95 -1.14 10.59
C PRO A 24 11.97 -1.38 9.49
N LEU A 25 11.59 -1.10 8.26
CA LEU A 25 12.53 -1.20 7.16
C LEU A 25 13.05 0.19 6.82
N CYS A 26 12.44 1.19 7.46
CA CYS A 26 12.87 2.59 7.33
C CYS A 26 12.64 3.10 5.92
N PHE A 27 13.57 2.76 5.01
CA PHE A 27 13.48 3.05 3.58
C PHE A 27 14.83 2.80 2.90
N ALA A 28 15.73 2.11 3.62
CA ALA A 28 17.11 1.95 3.18
C ALA A 28 17.19 1.44 1.75
N ASN A 29 16.53 0.33 1.49
CA ASN A 29 16.54 -0.29 0.16
C ASN A 29 15.19 -0.11 -0.51
N ALA A 30 14.38 0.81 0.02
CA ALA A 30 12.99 0.97 -0.40
C ALA A 30 12.87 1.30 -1.88
N GLU A 31 13.88 1.94 -2.45
CA GLU A 31 13.88 2.26 -3.86
C GLU A 31 13.82 0.99 -4.72
N ASP A 32 14.96 0.33 -4.83
CA ASP A 32 15.11 -0.85 -5.66
C ASP A 32 14.17 -1.95 -5.21
N PHE A 33 14.16 -2.20 -3.90
CA PHE A 33 13.34 -3.26 -3.33
C PHE A 33 11.87 -3.10 -3.67
N ARG A 34 11.30 -1.93 -3.36
CA ARG A 34 9.87 -1.74 -3.48
C ARG A 34 9.41 -1.95 -4.92
N ARG A 35 10.05 -1.27 -5.86
CA ARG A 35 9.58 -1.36 -7.24
C ARG A 35 9.98 -2.69 -7.87
N ARG A 36 11.17 -3.18 -7.58
CA ARG A 36 11.60 -4.48 -8.13
C ARG A 36 10.70 -5.59 -7.64
N ALA A 37 10.57 -5.72 -6.33
CA ALA A 37 9.88 -6.86 -5.76
C ALA A 37 8.39 -6.75 -6.00
N LEU A 38 7.79 -5.71 -5.46
CA LEU A 38 6.35 -5.56 -5.51
C LEU A 38 5.88 -5.31 -6.93
N THR A 39 6.51 -4.36 -7.59
CA THR A 39 6.01 -3.86 -8.85
C THR A 39 6.24 -4.85 -9.99
N VAL A 40 7.31 -5.60 -9.92
CA VAL A 40 7.65 -6.53 -10.98
C VAL A 40 6.91 -7.87 -10.85
N VAL A 41 6.68 -8.33 -9.62
CA VAL A 41 5.96 -9.59 -9.44
C VAL A 41 4.52 -9.44 -9.92
N ASP A 42 3.88 -8.33 -9.52
CA ASP A 42 2.55 -7.99 -10.02
C ASP A 42 2.11 -6.68 -9.42
N GLN A 43 1.86 -5.70 -10.28
CA GLN A 43 1.66 -4.33 -9.81
C GLN A 43 1.32 -3.42 -10.98
N ASP A 44 2.35 -3.14 -11.78
CA ASP A 44 2.26 -2.17 -12.86
C ASP A 44 1.96 -2.83 -14.21
N PRO A 45 2.74 -3.85 -14.63
CA PRO A 45 2.56 -4.48 -15.95
C PRO A 45 1.40 -5.48 -15.99
N GLY A 46 0.30 -5.15 -15.35
CA GLY A 46 -0.85 -6.04 -15.36
C GLY A 46 -2.11 -5.36 -14.89
N GLN A 47 -3.25 -6.00 -15.12
CA GLN A 47 -4.53 -5.48 -14.67
C GLN A 47 -4.94 -6.20 -13.39
N VAL A 48 -4.22 -5.89 -12.31
CA VAL A 48 -4.39 -6.59 -11.05
C VAL A 48 -5.33 -5.83 -10.11
N GLU A 49 -6.15 -6.58 -9.37
CA GLU A 49 -7.02 -6.01 -8.36
C GLU A 49 -6.49 -6.36 -6.98
N TRP A 50 -5.94 -5.36 -6.29
CA TRP A 50 -5.31 -5.62 -5.00
C TRP A 50 -5.18 -4.34 -4.19
N PHE A 51 -4.52 -4.44 -3.05
CA PHE A 51 -4.36 -3.28 -2.18
C PHE A 51 -3.44 -3.59 -1.01
N VAL A 52 -3.06 -2.54 -0.30
CA VAL A 52 -2.28 -2.68 0.92
C VAL A 52 -3.06 -2.08 2.10
N LEU A 53 -3.25 -2.88 3.15
CA LEU A 53 -3.98 -2.41 4.32
C LEU A 53 -3.19 -2.69 5.59
N ASN A 54 -3.27 -1.76 6.54
CA ASN A 54 -2.52 -1.83 7.81
C ASN A 54 -2.49 -3.24 8.42
N ALA A 55 -1.34 -3.61 8.99
CA ALA A 55 -1.21 -4.89 9.66
C ALA A 55 -1.80 -4.81 11.07
N GLU A 56 -1.03 -4.26 12.01
CA GLU A 56 -1.52 -4.02 13.35
C GLU A 56 -1.04 -2.66 13.85
N SER A 57 0.25 -2.42 13.77
CA SER A 57 0.82 -1.17 14.23
C SER A 57 1.30 -0.33 13.06
N ASN A 58 2.34 -0.84 12.37
CA ASN A 58 2.99 -0.14 11.24
C ASN A 58 3.20 1.34 11.54
N VAL A 59 3.89 1.59 12.66
CA VAL A 59 4.18 2.94 13.09
C VAL A 59 5.69 3.16 13.10
N GLU A 60 6.41 2.16 13.60
CA GLU A 60 7.84 2.25 13.81
C GLU A 60 8.53 1.64 12.62
N VAL A 61 7.71 1.14 11.72
CA VAL A 61 8.16 0.37 10.59
C VAL A 61 8.67 1.25 9.47
N ASP A 62 8.22 2.48 9.46
CA ASP A 62 8.40 3.35 8.33
C ASP A 62 8.98 4.68 8.76
N LEU A 63 10.03 5.14 8.07
CA LEU A 63 10.66 6.41 8.42
C LEU A 63 10.53 7.41 7.26
N THR A 64 10.94 6.98 6.08
CA THR A 64 10.81 7.79 4.87
C THR A 64 10.34 6.91 3.72
N ALA A 65 9.90 5.71 4.09
CA ALA A 65 9.41 4.76 3.12
C ALA A 65 8.15 5.30 2.49
N LEU A 66 7.31 5.97 3.28
CA LEU A 66 6.10 6.59 2.73
C LEU A 66 6.44 7.56 1.61
N ASP A 67 7.62 8.16 1.67
CA ASP A 67 8.03 9.07 0.62
C ASP A 67 8.22 8.29 -0.65
N ALA A 68 9.20 7.39 -0.63
CA ALA A 68 9.53 6.60 -1.81
C ALA A 68 8.35 5.76 -2.28
N LEU A 69 7.77 5.00 -1.37
CA LEU A 69 6.76 4.03 -1.73
C LEU A 69 5.45 4.69 -2.13
N ASP A 70 5.08 5.82 -1.51
CA ASP A 70 3.80 6.44 -1.85
C ASP A 70 3.85 7.00 -3.24
N GLN A 71 4.99 7.61 -3.60
CA GLN A 71 5.18 8.09 -4.96
C GLN A 71 4.88 6.99 -5.95
N LEU A 72 5.56 5.86 -5.82
CA LEU A 72 5.33 4.74 -6.73
C LEU A 72 3.96 4.11 -6.48
N ARG A 73 3.46 4.22 -5.26
CA ARG A 73 2.15 3.71 -4.93
C ARG A 73 1.07 4.46 -5.68
N THR A 74 0.82 5.71 -5.27
CA THR A 74 -0.28 6.48 -5.85
C THR A 74 -0.14 6.61 -7.36
N GLU A 75 1.08 6.82 -7.84
CA GLU A 75 1.35 7.00 -9.26
C GLU A 75 0.93 5.76 -10.06
N LEU A 76 1.27 4.59 -9.53
CA LEU A 76 1.00 3.34 -10.24
C LEU A 76 -0.37 2.76 -9.84
N LEU A 77 -0.84 3.15 -8.67
CA LEU A 77 -2.10 2.67 -8.11
C LEU A 77 -3.27 3.14 -8.95
N ARG A 78 -3.28 4.43 -9.23
CA ARG A 78 -4.38 5.06 -9.91
C ARG A 78 -4.41 4.69 -11.40
N ARG A 79 -3.56 3.74 -11.78
CA ARG A 79 -3.52 3.26 -13.16
C ARG A 79 -4.40 2.01 -13.32
N GLY A 80 -4.80 1.43 -12.19
CA GLY A 80 -5.62 0.22 -12.23
C GLY A 80 -6.56 0.12 -11.04
N ILE A 81 -6.99 -1.10 -10.74
CA ILE A 81 -7.89 -1.34 -9.62
C ILE A 81 -7.10 -1.81 -8.40
N VAL A 82 -6.56 -0.85 -7.68
CA VAL A 82 -5.78 -1.10 -6.49
C VAL A 82 -5.90 0.09 -5.55
N PHE A 83 -5.90 -0.17 -4.26
CA PHE A 83 -6.02 0.91 -3.27
C PHE A 83 -5.06 0.70 -2.11
N ALA A 84 -5.12 1.59 -1.12
CA ALA A 84 -4.29 1.47 0.07
C ALA A 84 -4.96 2.14 1.26
N MET A 85 -4.60 1.70 2.46
CA MET A 85 -5.16 2.27 3.68
C MET A 85 -4.34 1.92 4.92
N ALA A 86 -4.34 2.83 5.89
CA ALA A 86 -3.62 2.64 7.13
C ALA A 86 -4.51 2.98 8.33
N ARG A 87 -3.89 3.15 9.49
CA ARG A 87 -4.63 3.47 10.72
C ARG A 87 -3.90 4.51 11.56
N VAL A 88 -2.57 4.44 11.55
CA VAL A 88 -1.74 5.22 12.44
C VAL A 88 -1.79 6.72 12.11
N LYS A 89 -1.72 7.53 13.17
CA LYS A 89 -1.76 8.99 13.03
C LYS A 89 -0.46 9.54 12.45
N GLN A 90 0.48 8.65 12.11
CA GLN A 90 1.69 9.05 11.42
C GLN A 90 1.49 9.02 9.90
N ASP A 91 1.24 7.81 9.40
CA ASP A 91 1.20 7.52 7.97
C ASP A 91 0.51 8.61 7.15
N LEU A 92 -0.76 8.85 7.46
CA LEU A 92 -1.59 9.72 6.62
C LEU A 92 -0.98 11.11 6.43
N ARG A 93 -0.32 11.67 7.45
CA ARG A 93 0.17 13.03 7.34
C ARG A 93 1.53 13.09 6.68
N GLU A 94 2.41 12.15 7.00
CA GLU A 94 3.74 12.15 6.40
C GLU A 94 3.69 11.62 4.96
N SER A 95 2.89 10.58 4.75
CA SER A 95 2.67 10.06 3.40
C SER A 95 2.11 11.16 2.51
N LEU A 96 1.12 11.87 3.05
CA LEU A 96 0.52 12.99 2.34
C LEU A 96 1.52 14.13 2.11
N ARG A 97 2.50 14.25 3.01
CA ARG A 97 3.56 15.25 2.83
C ARG A 97 4.35 14.98 1.56
N ALA A 98 4.59 13.70 1.29
CA ALA A 98 5.31 13.30 0.09
C ALA A 98 4.44 13.42 -1.16
N ALA A 99 3.12 13.32 -0.97
CA ALA A 99 2.21 13.32 -2.11
C ALA A 99 1.54 14.69 -2.30
N SER A 100 0.58 15.03 -1.43
CA SER A 100 -0.22 16.23 -1.57
C SER A 100 -0.95 16.25 -2.93
N LEU A 101 -1.35 15.07 -3.38
CA LEU A 101 -1.92 14.94 -4.70
C LEU A 101 -3.36 14.41 -4.64
N LEU A 102 -3.98 14.52 -3.46
CA LEU A 102 -5.31 13.96 -3.23
C LEU A 102 -6.35 14.55 -4.18
N ASP A 103 -6.13 15.76 -4.62
CA ASP A 103 -7.08 16.46 -5.49
C ASP A 103 -7.35 15.67 -6.77
N LYS A 104 -6.33 15.02 -7.32
CA LYS A 104 -6.47 14.34 -8.60
C LYS A 104 -6.42 12.83 -8.47
N ILE A 105 -5.94 12.33 -7.34
CA ILE A 105 -5.96 10.89 -7.09
C ILE A 105 -7.28 10.50 -6.45
N GLY A 106 -7.88 11.46 -5.74
CA GLY A 106 -9.17 11.25 -5.09
C GLY A 106 -9.15 10.05 -4.15
N GLU A 107 -9.75 8.96 -4.60
CA GLU A 107 -9.80 7.73 -3.83
C GLU A 107 -8.58 6.89 -4.15
N ASP A 108 -7.53 7.05 -3.34
CA ASP A 108 -6.26 6.38 -3.57
C ASP A 108 -5.83 5.62 -2.32
N HIS A 109 -5.28 6.34 -1.35
CA HIS A 109 -4.84 5.74 -0.10
C HIS A 109 -5.37 6.52 1.10
N ILE A 110 -6.12 5.82 1.95
CA ILE A 110 -6.82 6.46 3.07
C ILE A 110 -6.72 5.59 4.34
N PHE A 111 -7.82 5.46 5.09
CA PHE A 111 -7.82 4.75 6.36
C PHE A 111 -8.55 3.42 6.30
N MET A 112 -8.55 2.73 7.45
CA MET A 112 -9.26 1.46 7.65
C MET A 112 -10.69 1.48 7.08
N THR A 113 -10.90 0.71 6.00
CA THR A 113 -12.22 0.59 5.37
C THR A 113 -12.16 -0.27 4.11
N LEU A 114 -10.98 -0.32 3.47
CA LEU A 114 -10.79 -0.97 2.18
C LEU A 114 -11.38 -2.39 2.10
N PRO A 115 -11.13 -3.30 3.09
CA PRO A 115 -11.65 -4.68 3.07
C PRO A 115 -13.13 -4.78 2.73
N THR A 116 -13.93 -3.84 3.22
CA THR A 116 -15.36 -3.84 2.94
C THR A 116 -15.67 -2.90 1.79
N ALA A 117 -14.76 -1.96 1.53
CA ALA A 117 -14.92 -1.02 0.43
C ALA A 117 -14.91 -1.74 -0.91
N VAL A 118 -13.93 -2.61 -1.12
CA VAL A 118 -13.84 -3.38 -2.37
C VAL A 118 -15.09 -4.25 -2.54
N GLN A 119 -15.57 -4.81 -1.44
CA GLN A 119 -16.79 -5.60 -1.46
C GLN A 119 -17.94 -4.77 -1.99
N ALA A 120 -18.15 -3.61 -1.38
CA ALA A 120 -19.26 -2.74 -1.72
C ALA A 120 -19.12 -2.18 -3.14
N PHE A 121 -17.95 -1.63 -3.46
CA PHE A 121 -17.76 -0.93 -4.73
C PHE A 121 -17.86 -1.86 -5.94
N ARG A 122 -17.40 -3.10 -5.79
CA ARG A 122 -17.32 -4.00 -6.94
C ARG A 122 -18.66 -4.67 -7.25
N ARG A 123 -19.57 -4.72 -6.29
CA ARG A 123 -20.89 -5.31 -6.55
C ARG A 123 -21.98 -4.25 -6.44
N ARG A 124 -21.56 -3.02 -6.13
CA ARG A 124 -22.45 -1.87 -6.03
C ARG A 124 -23.59 -2.13 -5.03
N MET A 1 15.11 -11.39 13.33
CA MET A 1 14.38 -12.33 14.21
C MET A 1 13.15 -12.81 13.46
N HIS A 2 12.18 -13.37 14.17
CA HIS A 2 10.86 -13.56 13.58
C HIS A 2 10.17 -12.19 13.50
N ASP A 3 10.53 -11.45 12.47
CA ASP A 3 10.05 -10.09 12.29
C ASP A 3 8.80 -10.08 11.42
N ILE A 4 8.29 -8.86 11.17
CA ILE A 4 7.10 -8.64 10.33
C ILE A 4 5.96 -9.60 10.66
N ASP A 5 4.99 -9.69 9.76
CA ASP A 5 3.91 -10.67 9.90
C ASP A 5 4.16 -11.84 8.96
N ASP A 6 5.10 -11.63 8.03
CA ASP A 6 5.48 -12.62 7.03
C ASP A 6 4.31 -12.85 6.06
N TYR A 7 4.36 -13.95 5.30
CA TYR A 7 3.31 -14.30 4.33
C TYR A 7 3.33 -13.40 3.09
N PRO A 8 3.70 -13.96 1.93
CA PRO A 8 3.43 -13.31 0.64
C PRO A 8 1.92 -13.30 0.40
N GLN A 9 1.35 -14.51 0.31
CA GLN A 9 -0.09 -14.71 0.42
C GLN A 9 -0.89 -14.21 -0.80
N ALA A 10 -1.85 -15.03 -1.21
CA ALA A 10 -2.82 -14.70 -2.26
C ALA A 10 -2.17 -14.53 -3.63
N LYS A 11 -1.76 -13.30 -3.93
CA LYS A 11 -1.27 -12.95 -5.27
C LYS A 11 -2.22 -13.47 -6.34
N ARG A 12 -3.51 -13.26 -6.14
CA ARG A 12 -4.52 -13.67 -7.10
C ARG A 12 -4.67 -12.61 -8.18
N VAL A 13 -5.59 -12.84 -9.11
CA VAL A 13 -5.92 -11.84 -10.11
C VAL A 13 -7.05 -10.94 -9.59
N PRO A 14 -8.17 -11.52 -9.08
CA PRO A 14 -9.23 -10.74 -8.47
C PRO A 14 -9.06 -10.63 -6.95
N GLY A 15 -8.16 -9.75 -6.53
CA GLY A 15 -7.99 -9.50 -5.12
C GLY A 15 -6.68 -10.03 -4.59
N LEU A 16 -5.80 -9.12 -4.16
CA LEU A 16 -4.56 -9.52 -3.49
C LEU A 16 -4.12 -8.39 -2.57
N VAL A 17 -3.56 -8.76 -1.43
CA VAL A 17 -3.16 -7.74 -0.47
C VAL A 17 -1.68 -7.86 -0.18
N VAL A 18 -0.99 -6.74 -0.27
CA VAL A 18 0.40 -6.66 0.11
C VAL A 18 0.58 -5.55 1.14
N TYR A 19 0.45 -5.92 2.40
CA TYR A 19 0.41 -4.96 3.49
C TYR A 19 1.79 -4.40 3.83
N ARG A 20 1.79 -3.51 4.82
CA ARG A 20 3.03 -2.96 5.36
C ARG A 20 3.80 -4.04 6.10
N TYR A 21 5.09 -4.14 5.81
CA TYR A 21 5.96 -5.01 6.58
C TYR A 21 6.15 -4.42 7.97
N ASP A 22 5.57 -5.06 8.97
CA ASP A 22 5.63 -4.56 10.33
C ASP A 22 7.02 -4.78 10.92
N ALA A 23 7.95 -3.93 10.52
CA ALA A 23 9.32 -3.98 11.00
C ALA A 23 10.04 -2.67 10.71
N PRO A 24 10.70 -2.10 11.72
CA PRO A 24 11.49 -0.87 11.57
C PRO A 24 12.60 -1.01 10.54
N LEU A 25 12.32 -0.61 9.31
CA LEU A 25 13.31 -0.64 8.24
C LEU A 25 13.57 0.77 7.75
N CYS A 26 12.82 1.73 8.31
CA CYS A 26 12.93 3.14 7.97
C CYS A 26 12.45 3.37 6.54
N PHE A 27 13.33 3.09 5.57
CA PHE A 27 12.99 3.10 4.14
C PHE A 27 14.21 2.79 3.28
N ALA A 28 15.23 2.18 3.90
CA ALA A 28 16.54 1.97 3.28
C ALA A 28 16.45 1.46 1.83
N ASN A 29 15.84 0.31 1.65
CA ASN A 29 15.70 -0.27 0.32
C ASN A 29 14.25 -0.18 -0.13
N ALA A 30 13.43 0.51 0.66
CA ALA A 30 11.98 0.54 0.46
C ALA A 30 11.58 0.91 -0.96
N GLU A 31 12.27 1.87 -1.55
CA GLU A 31 11.94 2.32 -2.90
C GLU A 31 12.07 1.17 -3.91
N ASP A 32 13.28 0.72 -4.14
CA ASP A 32 13.56 -0.26 -5.17
C ASP A 32 12.98 -1.63 -4.80
N PHE A 33 13.07 -1.98 -3.53
CA PHE A 33 12.54 -3.23 -3.03
C PHE A 33 11.03 -3.32 -3.27
N ARG A 34 10.30 -2.27 -2.92
CA ARG A 34 8.86 -2.29 -3.00
C ARG A 34 8.40 -2.38 -4.44
N ARG A 35 8.98 -1.57 -5.30
CA ARG A 35 8.56 -1.54 -6.69
C ARG A 35 8.82 -2.89 -7.35
N ARG A 36 9.96 -3.52 -7.06
CA ARG A 36 10.26 -4.84 -7.61
C ARG A 36 9.17 -5.84 -7.21
N ALA A 37 9.00 -6.01 -5.91
CA ALA A 37 8.07 -6.99 -5.37
C ALA A 37 6.65 -6.76 -5.89
N LEU A 38 6.21 -5.51 -5.84
CA LEU A 38 4.83 -5.19 -6.22
C LEU A 38 4.63 -5.23 -7.72
N THR A 39 5.56 -4.69 -8.49
CA THR A 39 5.39 -4.62 -9.93
C THR A 39 5.46 -6.03 -10.53
N VAL A 40 6.10 -6.95 -9.83
CA VAL A 40 6.21 -8.31 -10.30
C VAL A 40 5.02 -9.13 -9.82
N VAL A 41 4.38 -8.70 -8.73
CA VAL A 41 3.10 -9.28 -8.33
C VAL A 41 1.97 -8.47 -8.94
N ASP A 42 2.36 -7.58 -9.87
CA ASP A 42 1.46 -6.82 -10.73
C ASP A 42 1.02 -5.54 -10.07
N GLN A 43 1.70 -4.44 -10.39
CA GLN A 43 1.29 -3.12 -9.93
C GLN A 43 1.39 -2.12 -11.07
N ASP A 44 1.90 -2.57 -12.20
CA ASP A 44 2.21 -1.67 -13.31
C ASP A 44 2.06 -2.37 -14.68
N PRO A 45 2.71 -3.54 -14.90
CA PRO A 45 2.66 -4.22 -16.21
C PRO A 45 1.32 -4.92 -16.47
N GLY A 46 0.33 -4.60 -15.65
CA GLY A 46 -0.98 -5.19 -15.81
C GLY A 46 -2.00 -4.53 -14.92
N GLN A 47 -3.27 -4.74 -15.20
CA GLN A 47 -4.33 -4.16 -14.40
C GLN A 47 -4.96 -5.23 -13.53
N VAL A 48 -4.53 -5.28 -12.29
CA VAL A 48 -4.93 -6.33 -11.35
C VAL A 48 -5.69 -5.72 -10.18
N GLU A 49 -6.44 -6.55 -9.46
CA GLU A 49 -7.14 -6.08 -8.27
C GLU A 49 -6.29 -6.32 -7.02
N TRP A 50 -5.68 -5.26 -6.53
CA TRP A 50 -4.82 -5.37 -5.36
C TRP A 50 -5.01 -4.18 -4.45
N PHE A 51 -4.34 -4.21 -3.31
CA PHE A 51 -4.32 -3.06 -2.43
C PHE A 51 -3.32 -3.23 -1.29
N VAL A 52 -3.00 -2.12 -0.64
CA VAL A 52 -2.08 -2.15 0.48
C VAL A 52 -2.74 -1.58 1.73
N LEU A 53 -2.31 -2.05 2.88
CA LEU A 53 -2.83 -1.58 4.15
C LEU A 53 -1.77 -1.68 5.24
N ASN A 54 -1.90 -0.83 6.25
CA ASN A 54 -1.03 -0.90 7.41
C ASN A 54 -1.45 -2.04 8.31
N ALA A 55 -0.50 -2.89 8.69
CA ALA A 55 -0.81 -4.17 9.33
C ALA A 55 -1.26 -4.01 10.80
N GLU A 56 -0.32 -4.14 11.73
CA GLU A 56 -0.70 -4.17 13.15
C GLU A 56 -0.09 -2.99 13.90
N SER A 57 1.22 -2.94 13.96
CA SER A 57 1.89 -1.86 14.65
C SER A 57 2.21 -0.76 13.65
N ASN A 58 3.12 -1.09 12.72
CA ASN A 58 3.51 -0.21 11.60
C ASN A 58 3.78 1.24 12.01
N VAL A 59 3.96 1.49 13.29
CA VAL A 59 4.27 2.83 13.77
C VAL A 59 5.77 3.01 13.96
N GLU A 60 6.44 1.92 14.36
CA GLU A 60 7.87 1.97 14.65
C GLU A 60 8.65 1.56 13.43
N VAL A 61 7.93 1.06 12.45
CA VAL A 61 8.52 0.37 11.32
C VAL A 61 8.96 1.35 10.23
N ASP A 62 8.24 2.45 10.14
CA ASP A 62 8.37 3.35 9.00
C ASP A 62 8.79 4.73 9.46
N LEU A 63 9.80 5.28 8.78
CA LEU A 63 10.29 6.61 9.08
C LEU A 63 10.11 7.53 7.87
N THR A 64 10.34 7.00 6.67
CA THR A 64 10.18 7.76 5.43
C THR A 64 9.73 6.84 4.29
N ALA A 65 9.28 5.66 4.68
CA ALA A 65 8.84 4.66 3.73
C ALA A 65 7.54 5.11 3.09
N LEU A 66 6.71 5.84 3.83
CA LEU A 66 5.50 6.41 3.23
C LEU A 66 5.85 7.35 2.08
N ASP A 67 7.01 7.98 2.16
CA ASP A 67 7.43 8.89 1.10
C ASP A 67 7.68 8.09 -0.16
N ALA A 68 8.62 7.16 -0.06
CA ALA A 68 8.98 6.32 -1.20
C ALA A 68 7.79 5.48 -1.67
N LEU A 69 7.13 4.85 -0.71
CA LEU A 69 6.03 3.93 -1.00
C LEU A 69 4.83 4.67 -1.59
N ASP A 70 4.52 5.87 -1.10
CA ASP A 70 3.37 6.60 -1.60
C ASP A 70 3.58 6.96 -3.05
N GLN A 71 4.68 7.64 -3.35
CA GLN A 71 4.94 8.08 -4.72
C GLN A 71 4.84 6.88 -5.67
N LEU A 72 5.30 5.73 -5.19
CA LEU A 72 5.22 4.50 -5.94
C LEU A 72 3.77 4.06 -6.06
N ARG A 73 3.21 3.48 -5.02
CA ARG A 73 1.89 2.87 -5.14
C ARG A 73 0.77 3.89 -5.23
N THR A 74 1.10 5.16 -5.31
CA THR A 74 0.15 6.19 -5.72
C THR A 74 0.14 6.25 -7.25
N GLU A 75 1.32 6.45 -7.81
CA GLU A 75 1.48 6.55 -9.24
C GLU A 75 1.22 5.20 -9.89
N LEU A 76 1.38 4.14 -9.11
CA LEU A 76 1.16 2.79 -9.58
C LEU A 76 -0.25 2.28 -9.22
N LEU A 77 -0.87 2.83 -8.18
CA LEU A 77 -2.25 2.45 -7.86
C LEU A 77 -3.19 2.94 -8.95
N ARG A 78 -2.98 4.18 -9.37
CA ARG A 78 -3.86 4.80 -10.35
C ARG A 78 -3.62 4.23 -11.76
N ARG A 79 -3.16 2.99 -11.81
CA ARG A 79 -2.98 2.27 -13.06
C ARG A 79 -4.15 1.32 -13.29
N GLY A 80 -4.81 0.91 -12.21
CA GLY A 80 -5.91 -0.04 -12.33
C GLY A 80 -6.77 -0.11 -11.08
N ILE A 81 -7.39 -1.27 -10.87
CA ILE A 81 -8.30 -1.47 -9.74
C ILE A 81 -7.52 -1.87 -8.48
N VAL A 82 -7.18 -0.86 -7.70
CA VAL A 82 -6.41 -1.05 -6.48
C VAL A 82 -6.69 0.09 -5.52
N PHE A 83 -6.56 -0.18 -4.23
CA PHE A 83 -6.74 0.85 -3.22
C PHE A 83 -5.63 0.78 -2.17
N ALA A 84 -5.70 1.65 -1.18
CA ALA A 84 -4.72 1.66 -0.11
C ALA A 84 -5.31 2.28 1.14
N MET A 85 -5.03 1.70 2.29
CA MET A 85 -5.59 2.17 3.54
C MET A 85 -4.59 2.13 4.69
N ALA A 86 -4.70 3.11 5.57
CA ALA A 86 -3.85 3.19 6.74
C ALA A 86 -4.65 3.01 8.02
N ARG A 87 -3.95 2.76 9.11
CA ARG A 87 -4.58 2.66 10.42
C ARG A 87 -3.76 3.45 11.44
N VAL A 88 -2.69 4.05 10.95
CA VAL A 88 -1.73 4.73 11.80
C VAL A 88 -1.82 6.24 11.63
N LYS A 89 -1.71 6.96 12.74
CA LYS A 89 -1.78 8.42 12.74
C LYS A 89 -0.50 9.05 12.18
N GLN A 90 0.38 8.23 11.62
CA GLN A 90 1.60 8.72 10.98
C GLN A 90 1.43 8.77 9.47
N ASP A 91 1.14 7.61 8.89
CA ASP A 91 1.06 7.43 7.43
C ASP A 91 0.33 8.58 6.76
N LEU A 92 -0.98 8.66 7.00
CA LEU A 92 -1.85 9.61 6.29
C LEU A 92 -1.27 11.02 6.26
N ARG A 93 -0.71 11.46 7.38
CA ARG A 93 -0.24 12.84 7.51
C ARG A 93 0.98 13.07 6.63
N GLU A 94 1.99 12.23 6.77
CA GLU A 94 3.25 12.48 6.09
C GLU A 94 3.29 11.86 4.69
N SER A 95 2.40 10.91 4.39
CA SER A 95 2.31 10.37 3.04
C SER A 95 1.53 11.35 2.17
N LEU A 96 0.56 12.02 2.79
CA LEU A 96 -0.14 13.12 2.16
C LEU A 96 0.86 14.22 1.79
N ARG A 97 1.71 14.56 2.76
CA ARG A 97 2.78 15.55 2.56
C ARG A 97 3.76 15.06 1.49
N ALA A 98 3.94 13.76 1.41
CA ALA A 98 4.81 13.18 0.40
C ALA A 98 4.19 13.29 -0.99
N ALA A 99 2.96 12.82 -1.11
CA ALA A 99 2.25 12.80 -2.38
C ALA A 99 2.18 14.20 -3.00
N SER A 100 1.50 15.12 -2.29
CA SER A 100 1.31 16.50 -2.76
C SER A 100 0.62 16.54 -4.12
N LEU A 101 -0.07 15.47 -4.47
CA LEU A 101 -0.66 15.32 -5.79
C LEU A 101 -2.14 14.95 -5.68
N LEU A 102 -2.71 15.19 -4.51
CA LEU A 102 -4.08 14.76 -4.22
C LEU A 102 -5.11 15.57 -5.00
N ASP A 103 -4.66 16.60 -5.70
CA ASP A 103 -5.55 17.42 -6.51
C ASP A 103 -6.08 16.63 -7.71
N LYS A 104 -5.36 15.60 -8.12
CA LYS A 104 -5.79 14.78 -9.25
C LYS A 104 -5.97 13.32 -8.84
N ILE A 105 -5.10 12.82 -7.96
CA ILE A 105 -5.22 11.45 -7.49
C ILE A 105 -6.40 11.32 -6.54
N GLY A 106 -6.50 12.26 -5.61
CA GLY A 106 -7.58 12.26 -4.64
C GLY A 106 -7.52 11.06 -3.69
N GLU A 107 -8.28 10.03 -4.01
CA GLU A 107 -8.47 8.89 -3.11
C GLU A 107 -7.58 7.72 -3.47
N ASP A 108 -6.33 8.00 -3.84
CA ASP A 108 -5.38 6.94 -4.19
C ASP A 108 -4.81 6.29 -2.93
N HIS A 109 -5.24 6.78 -1.76
CA HIS A 109 -4.88 6.16 -0.49
C HIS A 109 -5.64 6.84 0.67
N ILE A 110 -6.35 6.02 1.45
CA ILE A 110 -7.18 6.53 2.54
C ILE A 110 -6.98 5.67 3.80
N PHE A 111 -8.05 5.48 4.58
CA PHE A 111 -7.96 4.74 5.84
C PHE A 111 -8.75 3.43 5.83
N MET A 112 -8.71 2.76 6.98
CA MET A 112 -9.43 1.50 7.25
C MET A 112 -10.79 1.42 6.55
N THR A 113 -10.93 0.47 5.61
CA THR A 113 -12.20 0.23 4.94
C THR A 113 -12.08 -0.88 3.89
N LEU A 114 -10.92 -0.94 3.22
CA LEU A 114 -10.72 -1.81 2.05
C LEU A 114 -11.19 -3.26 2.23
N PRO A 115 -10.78 -3.98 3.31
CA PRO A 115 -11.11 -5.40 3.51
C PRO A 115 -12.58 -5.75 3.21
N THR A 116 -13.49 -4.83 3.52
CA THR A 116 -14.90 -5.05 3.23
C THR A 116 -15.36 -4.17 2.06
N ALA A 117 -14.71 -3.02 1.89
CA ALA A 117 -15.08 -2.07 0.86
C ALA A 117 -14.98 -2.66 -0.54
N VAL A 118 -13.80 -3.16 -0.89
CA VAL A 118 -13.56 -3.70 -2.23
C VAL A 118 -14.52 -4.84 -2.54
N GLN A 119 -14.85 -5.61 -1.51
CA GLN A 119 -15.77 -6.73 -1.62
C GLN A 119 -17.17 -6.22 -1.97
N ALA A 120 -17.63 -5.22 -1.22
CA ALA A 120 -18.97 -4.69 -1.40
C ALA A 120 -19.06 -3.85 -2.68
N PHE A 121 -17.92 -3.39 -3.18
CA PHE A 121 -17.91 -2.58 -4.38
C PHE A 121 -18.07 -3.43 -5.64
N ARG A 122 -17.06 -4.22 -5.98
CA ARG A 122 -17.07 -4.91 -7.27
C ARG A 122 -17.90 -6.18 -7.25
N ARG A 123 -18.72 -6.33 -6.22
CA ARG A 123 -19.75 -7.37 -6.21
C ARG A 123 -20.91 -6.91 -7.09
N ARG A 124 -21.16 -5.60 -7.05
CA ARG A 124 -22.28 -4.96 -7.74
C ARG A 124 -23.58 -5.77 -7.61
N MET A 1 12.98 -8.99 19.04
CA MET A 1 12.07 -10.17 19.16
C MET A 1 10.70 -9.79 18.60
N HIS A 2 9.99 -10.80 18.08
CA HIS A 2 8.69 -10.59 17.42
C HIS A 2 8.89 -9.76 16.16
N ASP A 3 9.49 -10.38 15.16
CA ASP A 3 9.84 -9.70 13.93
C ASP A 3 8.83 -10.01 12.84
N ILE A 4 8.32 -8.94 12.23
CA ILE A 4 7.30 -8.99 11.16
C ILE A 4 6.06 -9.83 11.52
N ASP A 5 5.16 -9.96 10.56
CA ASP A 5 3.88 -10.61 10.80
C ASP A 5 3.74 -11.89 9.98
N ASP A 6 4.78 -12.23 9.24
CA ASP A 6 4.75 -13.36 8.30
C ASP A 6 3.76 -13.07 7.16
N TYR A 7 3.59 -14.02 6.25
CA TYR A 7 2.71 -13.82 5.11
C TYR A 7 2.03 -15.12 4.68
N PRO A 8 0.82 -15.36 5.20
CA PRO A 8 0.02 -16.53 4.86
C PRO A 8 -1.00 -16.27 3.75
N GLN A 9 -0.84 -15.17 3.02
CA GLN A 9 -1.77 -14.83 1.96
C GLN A 9 -1.02 -14.39 0.71
N ALA A 10 -1.54 -14.81 -0.45
CA ALA A 10 -0.97 -14.45 -1.73
C ALA A 10 -2.02 -14.66 -2.82
N LYS A 11 -2.83 -13.66 -3.02
CA LYS A 11 -3.93 -13.72 -3.98
C LYS A 11 -3.61 -12.82 -5.16
N ARG A 12 -4.49 -12.77 -6.14
CA ARG A 12 -4.39 -11.81 -7.22
C ARG A 12 -5.73 -11.57 -7.92
N VAL A 13 -6.21 -12.58 -8.65
CA VAL A 13 -7.32 -12.40 -9.59
C VAL A 13 -8.58 -11.82 -8.94
N PRO A 14 -9.13 -12.46 -7.87
CA PRO A 14 -10.34 -11.97 -7.21
C PRO A 14 -10.05 -10.99 -6.08
N GLY A 15 -8.97 -10.24 -6.21
CA GLY A 15 -8.62 -9.26 -5.21
C GLY A 15 -7.61 -9.78 -4.21
N LEU A 16 -6.44 -9.15 -4.17
CA LEU A 16 -5.42 -9.49 -3.19
C LEU A 16 -5.10 -8.27 -2.35
N VAL A 17 -4.30 -8.46 -1.33
CA VAL A 17 -3.85 -7.35 -0.52
C VAL A 17 -2.47 -7.63 0.04
N VAL A 18 -1.59 -6.65 -0.07
CA VAL A 18 -0.30 -6.72 0.57
C VAL A 18 -0.24 -5.76 1.74
N TYR A 19 0.14 -6.26 2.88
CA TYR A 19 0.17 -5.45 4.08
C TYR A 19 1.59 -5.30 4.59
N ARG A 20 1.77 -4.33 5.46
CA ARG A 20 3.06 -4.03 6.07
C ARG A 20 3.62 -5.22 6.85
N TYR A 21 4.94 -5.28 6.90
CA TYR A 21 5.64 -6.20 7.80
C TYR A 21 6.25 -5.37 8.91
N ASP A 22 6.08 -5.79 10.15
CA ASP A 22 6.58 -5.00 11.26
C ASP A 22 8.08 -5.15 11.42
N ALA A 23 8.81 -4.37 10.64
CA ALA A 23 10.26 -4.31 10.72
C ALA A 23 10.77 -2.95 10.28
N PRO A 24 11.41 -2.22 11.19
CA PRO A 24 12.01 -0.91 10.90
C PRO A 24 13.10 -0.97 9.84
N LEU A 25 12.73 -0.72 8.60
CA LEU A 25 13.71 -0.57 7.55
C LEU A 25 13.96 0.90 7.28
N CYS A 26 13.05 1.73 7.81
CA CYS A 26 13.10 3.19 7.67
C CYS A 26 12.91 3.60 6.21
N PHE A 27 13.93 3.34 5.39
CA PHE A 27 13.82 3.48 3.94
C PHE A 27 15.04 2.84 3.26
N ALA A 28 15.85 2.13 4.03
CA ALA A 28 17.05 1.51 3.52
C ALA A 28 16.71 0.47 2.45
N ASN A 29 17.19 0.70 1.23
CA ASN A 29 16.98 -0.17 0.06
C ASN A 29 15.49 -0.27 -0.31
N ALA A 30 14.67 0.55 0.36
CA ALA A 30 13.21 0.46 0.24
C ALA A 30 12.71 0.86 -1.15
N GLU A 31 13.55 1.52 -1.92
CA GLU A 31 13.19 1.91 -3.27
C GLU A 31 12.97 0.68 -4.14
N ASP A 32 14.05 -0.03 -4.43
CA ASP A 32 13.96 -1.23 -5.24
C ASP A 32 13.24 -2.31 -4.47
N PHE A 33 13.40 -2.33 -3.16
CA PHE A 33 12.69 -3.28 -2.31
C PHE A 33 11.18 -3.22 -2.54
N ARG A 34 10.62 -2.01 -2.43
CA ARG A 34 9.19 -1.84 -2.55
C ARG A 34 8.71 -2.28 -3.93
N ARG A 35 9.39 -1.80 -4.97
CA ARG A 35 8.97 -2.13 -6.33
C ARG A 35 9.28 -3.59 -6.66
N ARG A 36 10.33 -4.15 -6.08
CA ARG A 36 10.69 -5.52 -6.37
C ARG A 36 9.57 -6.46 -5.95
N ALA A 37 9.13 -6.35 -4.70
CA ALA A 37 8.04 -7.19 -4.23
C ALA A 37 6.75 -6.92 -5.01
N LEU A 38 6.26 -5.69 -4.90
CA LEU A 38 4.95 -5.33 -5.44
C LEU A 38 4.94 -5.35 -6.97
N THR A 39 5.85 -4.63 -7.57
CA THR A 39 5.90 -4.51 -9.02
C THR A 39 6.23 -5.84 -9.69
N VAL A 40 7.20 -6.58 -9.14
CA VAL A 40 7.66 -7.78 -9.80
C VAL A 40 6.68 -8.95 -9.62
N VAL A 41 5.76 -8.86 -8.65
CA VAL A 41 4.69 -9.84 -8.61
C VAL A 41 3.65 -9.51 -9.70
N ASP A 42 3.05 -8.30 -9.67
CA ASP A 42 2.06 -7.93 -10.69
C ASP A 42 1.44 -6.54 -10.48
N GLN A 43 2.06 -5.68 -9.69
CA GLN A 43 1.42 -4.40 -9.36
C GLN A 43 1.35 -3.45 -10.57
N ASP A 44 2.41 -3.38 -11.36
CA ASP A 44 2.47 -2.43 -12.48
C ASP A 44 2.58 -3.11 -13.85
N PRO A 45 3.36 -4.22 -14.02
CA PRO A 45 3.43 -4.92 -15.31
C PRO A 45 2.19 -5.77 -15.57
N GLY A 46 1.20 -5.63 -14.71
CA GLY A 46 -0.03 -6.36 -14.87
C GLY A 46 -1.22 -5.54 -14.44
N GLN A 47 -2.41 -5.99 -14.83
CA GLN A 47 -3.64 -5.31 -14.43
C GLN A 47 -4.46 -6.23 -13.55
N VAL A 48 -4.42 -5.98 -12.25
CA VAL A 48 -5.02 -6.87 -11.28
C VAL A 48 -5.77 -6.06 -10.21
N GLU A 49 -6.76 -6.68 -9.59
CA GLU A 49 -7.52 -6.04 -8.53
C GLU A 49 -6.89 -6.33 -7.18
N TRP A 50 -6.49 -5.30 -6.45
CA TRP A 50 -5.86 -5.48 -5.16
C TRP A 50 -5.71 -4.18 -4.42
N PHE A 51 -5.06 -4.22 -3.27
CA PHE A 51 -4.83 -3.03 -2.48
C PHE A 51 -3.72 -3.23 -1.46
N VAL A 52 -3.18 -2.11 -0.99
CA VAL A 52 -2.14 -2.12 0.04
C VAL A 52 -2.76 -1.79 1.41
N LEU A 53 -2.32 -2.47 2.45
CA LEU A 53 -2.94 -2.35 3.76
C LEU A 53 -1.91 -2.10 4.85
N ASN A 54 -2.09 -1.02 5.60
CA ASN A 54 -1.23 -0.71 6.73
C ASN A 54 -2.07 -0.21 7.90
N ALA A 55 -2.63 -1.13 8.68
CA ALA A 55 -3.57 -0.74 9.74
C ALA A 55 -3.16 -1.27 11.10
N GLU A 56 -2.37 -2.33 11.10
CA GLU A 56 -2.00 -3.03 12.34
C GLU A 56 -1.04 -2.17 13.19
N SER A 57 0.26 -2.38 13.05
CA SER A 57 1.23 -1.62 13.81
C SER A 57 1.98 -0.67 12.87
N ASN A 58 3.00 -1.20 12.21
CA ASN A 58 3.77 -0.49 11.16
C ASN A 58 4.17 0.92 11.57
N VAL A 59 4.57 1.11 12.82
CA VAL A 59 4.97 2.44 13.27
C VAL A 59 6.49 2.58 13.29
N GLU A 60 7.18 1.50 13.62
CA GLU A 60 8.63 1.54 13.73
C GLU A 60 9.23 1.21 12.40
N VAL A 61 8.41 0.58 11.58
CA VAL A 61 8.87 -0.05 10.36
C VAL A 61 9.21 0.96 9.28
N ASP A 62 8.44 2.03 9.20
CA ASP A 62 8.49 2.88 8.04
C ASP A 62 8.69 4.34 8.43
N LEU A 63 9.74 4.95 7.86
CA LEU A 63 10.10 6.32 8.19
C LEU A 63 10.12 7.20 6.94
N THR A 64 10.79 6.73 5.90
CA THR A 64 10.84 7.45 4.62
C THR A 64 10.46 6.50 3.48
N ALA A 65 10.11 5.28 3.88
CA ALA A 65 9.72 4.28 2.93
C ALA A 65 8.37 4.64 2.32
N LEU A 66 7.60 5.47 3.03
CA LEU A 66 6.37 6.01 2.45
C LEU A 66 6.66 7.05 1.39
N ASP A 67 7.88 7.59 1.38
CA ASP A 67 8.25 8.52 0.34
C ASP A 67 8.38 7.72 -0.94
N ALA A 68 9.19 6.67 -0.87
CA ALA A 68 9.33 5.74 -1.99
C ALA A 68 7.98 5.10 -2.32
N LEU A 69 7.27 4.68 -1.28
CA LEU A 69 5.97 4.06 -1.42
C LEU A 69 5.00 5.04 -2.07
N ASP A 70 5.10 6.32 -1.73
CA ASP A 70 4.22 7.34 -2.28
C ASP A 70 4.30 7.36 -3.78
N GLN A 71 5.50 7.64 -4.29
CA GLN A 71 5.68 7.78 -5.72
C GLN A 71 5.17 6.54 -6.46
N LEU A 72 5.32 5.38 -5.83
CA LEU A 72 4.85 4.15 -6.41
C LEU A 72 3.32 4.02 -6.34
N ARG A 73 2.75 3.98 -5.14
CA ARG A 73 1.31 3.76 -5.01
C ARG A 73 0.53 4.94 -5.59
N THR A 74 1.09 6.12 -5.54
CA THR A 74 0.49 7.27 -6.19
C THR A 74 0.40 7.02 -7.68
N GLU A 75 1.54 7.05 -8.34
CA GLU A 75 1.60 7.10 -9.79
C GLU A 75 1.23 5.76 -10.41
N LEU A 76 1.63 4.67 -9.78
CA LEU A 76 1.44 3.35 -10.35
C LEU A 76 0.11 2.72 -9.92
N LEU A 77 -0.33 2.99 -8.70
CA LEU A 77 -1.53 2.33 -8.18
C LEU A 77 -2.80 3.04 -8.67
N ARG A 78 -2.68 4.31 -9.07
CA ARG A 78 -3.83 5.02 -9.62
C ARG A 78 -4.05 4.66 -11.11
N ARG A 79 -3.44 3.55 -11.55
CA ARG A 79 -3.44 3.19 -12.97
C ARG A 79 -4.35 2.00 -13.27
N GLY A 80 -4.99 1.44 -12.25
CA GLY A 80 -5.83 0.28 -12.48
C GLY A 80 -6.82 0.04 -11.36
N ILE A 81 -7.40 -1.15 -11.33
CA ILE A 81 -8.35 -1.52 -10.28
C ILE A 81 -7.61 -1.94 -9.00
N VAL A 82 -6.92 -0.98 -8.44
CA VAL A 82 -6.14 -1.20 -7.25
C VAL A 82 -6.19 0.05 -6.38
N PHE A 83 -6.26 -0.15 -5.07
CA PHE A 83 -6.29 0.94 -4.13
C PHE A 83 -5.32 0.69 -3.00
N ALA A 84 -5.38 1.50 -1.98
CA ALA A 84 -4.51 1.34 -0.82
C ALA A 84 -5.11 2.02 0.38
N MET A 85 -4.64 1.66 1.54
CA MET A 85 -5.16 2.22 2.78
C MET A 85 -4.16 2.08 3.90
N ALA A 86 -4.11 3.08 4.75
CA ALA A 86 -3.36 3.02 5.97
C ALA A 86 -4.26 3.35 7.15
N ARG A 87 -3.72 3.30 8.34
CA ARG A 87 -4.43 3.79 9.50
C ARG A 87 -4.04 5.23 9.72
N VAL A 88 -4.31 5.78 10.89
CA VAL A 88 -3.84 7.11 11.20
C VAL A 88 -3.04 7.10 12.49
N LYS A 89 -1.81 6.66 12.37
CA LYS A 89 -0.85 6.71 13.45
C LYS A 89 -0.08 8.02 13.35
N GLN A 90 0.07 8.46 12.09
CA GLN A 90 0.98 9.54 11.72
C GLN A 90 1.13 9.52 10.20
N ASP A 91 0.58 8.46 9.60
CA ASP A 91 0.67 8.18 8.17
C ASP A 91 0.31 9.39 7.34
N LEU A 92 -0.75 10.09 7.74
CA LEU A 92 -1.20 11.26 7.00
C LEU A 92 -0.10 12.32 6.97
N ARG A 93 0.67 12.41 8.05
CA ARG A 93 1.75 13.38 8.12
C ARG A 93 2.82 13.03 7.11
N GLU A 94 3.54 11.94 7.34
CA GLU A 94 4.62 11.58 6.44
C GLU A 94 4.10 11.21 5.05
N SER A 95 3.23 10.22 4.98
CA SER A 95 2.85 9.61 3.73
C SER A 95 1.92 10.48 2.90
N LEU A 96 1.10 11.30 3.55
CA LEU A 96 0.12 12.07 2.81
C LEU A 96 0.60 13.48 2.53
N ARG A 97 1.48 14.01 3.37
CA ARG A 97 2.06 15.33 3.12
C ARG A 97 3.13 15.22 2.03
N ALA A 98 3.71 14.02 1.92
CA ALA A 98 4.66 13.75 0.84
C ALA A 98 3.98 13.87 -0.52
N ALA A 99 2.69 13.57 -0.56
CA ALA A 99 1.92 13.62 -1.80
C ALA A 99 1.16 14.94 -1.95
N SER A 100 0.24 15.19 -1.01
CA SER A 100 -0.68 16.32 -1.10
C SER A 100 -1.45 16.27 -2.41
N LEU A 101 -1.84 15.07 -2.81
CA LEU A 101 -2.50 14.86 -4.09
C LEU A 101 -3.96 14.44 -3.91
N LEU A 102 -4.41 14.37 -2.67
CA LEU A 102 -5.79 13.95 -2.39
C LEU A 102 -6.79 14.94 -2.97
N ASP A 103 -6.30 16.14 -3.24
CA ASP A 103 -7.10 17.20 -3.84
C ASP A 103 -7.58 16.82 -5.23
N LYS A 104 -6.78 16.03 -5.94
CA LYS A 104 -7.10 15.70 -7.32
C LYS A 104 -7.55 14.25 -7.48
N ILE A 105 -7.20 13.40 -6.53
CA ILE A 105 -7.66 12.02 -6.56
C ILE A 105 -8.95 11.86 -5.74
N GLY A 106 -8.88 12.20 -4.46
CA GLY A 106 -10.04 12.11 -3.61
C GLY A 106 -10.06 10.86 -2.75
N GLU A 107 -10.85 9.88 -3.18
CA GLU A 107 -11.06 8.67 -2.38
C GLU A 107 -10.05 7.59 -2.78
N ASP A 108 -9.23 7.90 -3.76
CA ASP A 108 -8.25 6.96 -4.27
C ASP A 108 -7.13 6.73 -3.26
N HIS A 109 -7.06 5.50 -2.75
CA HIS A 109 -6.04 5.06 -1.79
C HIS A 109 -5.90 6.00 -0.58
N ILE A 110 -6.62 5.68 0.50
CA ILE A 110 -6.63 6.56 1.67
C ILE A 110 -6.33 5.81 2.99
N PHE A 111 -7.32 5.15 3.57
CA PHE A 111 -7.24 4.70 4.95
C PHE A 111 -8.16 3.49 5.17
N MET A 112 -8.21 3.05 6.43
CA MET A 112 -9.02 1.91 6.85
C MET A 112 -10.43 1.93 6.24
N THR A 113 -10.64 1.08 5.23
CA THR A 113 -11.94 0.94 4.59
C THR A 113 -11.85 0.06 3.33
N LEU A 114 -10.65 -0.02 2.75
CA LEU A 114 -10.41 -0.74 1.49
C LEU A 114 -10.95 -2.19 1.51
N PRO A 115 -10.60 -3.02 2.53
CA PRO A 115 -10.98 -4.43 2.57
C PRO A 115 -12.47 -4.68 2.27
N THR A 116 -13.34 -3.89 2.88
CA THR A 116 -14.77 -4.06 2.66
C THR A 116 -15.24 -3.27 1.45
N ALA A 117 -14.52 -2.19 1.14
CA ALA A 117 -14.91 -1.28 0.07
C ALA A 117 -14.97 -1.98 -1.29
N VAL A 118 -13.80 -2.31 -1.84
CA VAL A 118 -13.74 -2.89 -3.18
C VAL A 118 -14.49 -4.21 -3.25
N GLN A 119 -14.37 -5.01 -2.20
CA GLN A 119 -14.99 -6.32 -2.15
C GLN A 119 -16.51 -6.20 -2.23
N ALA A 120 -17.05 -5.13 -1.67
CA ALA A 120 -18.49 -4.89 -1.70
C ALA A 120 -18.90 -4.15 -2.97
N PHE A 121 -18.10 -3.17 -3.39
CA PHE A 121 -18.45 -2.35 -4.55
C PHE A 121 -18.69 -3.20 -5.80
N ARG A 122 -17.76 -4.07 -6.14
CA ARG A 122 -17.88 -4.88 -7.36
C ARG A 122 -18.55 -6.22 -7.07
N ARG A 123 -19.40 -6.25 -6.06
CA ARG A 123 -20.10 -7.47 -5.67
C ARG A 123 -21.55 -7.16 -5.30
N ARG A 124 -21.74 -5.98 -4.69
CA ARG A 124 -23.07 -5.47 -4.37
C ARG A 124 -23.83 -6.39 -3.41
N MET A 1 9.89 -15.24 18.42
CA MET A 1 8.94 -14.15 18.11
C MET A 1 8.80 -14.01 16.59
N HIS A 2 7.57 -13.93 16.12
CA HIS A 2 7.29 -13.92 14.69
C HIS A 2 7.57 -12.54 14.08
N ASP A 3 7.10 -11.49 14.76
CA ASP A 3 7.21 -10.12 14.28
C ASP A 3 6.35 -9.90 13.03
N ILE A 4 6.28 -8.65 12.58
CA ILE A 4 5.53 -8.26 11.38
C ILE A 4 4.18 -9.00 11.27
N ASP A 5 3.74 -9.26 10.06
CA ASP A 5 2.62 -10.16 9.83
C ASP A 5 3.14 -11.38 9.07
N ASP A 6 3.22 -11.23 7.75
CA ASP A 6 3.82 -12.23 6.86
C ASP A 6 3.52 -11.80 5.43
N TYR A 7 3.73 -12.69 4.47
CA TYR A 7 3.31 -12.44 3.10
C TYR A 7 3.22 -13.75 2.32
N PRO A 8 2.26 -14.62 2.70
CA PRO A 8 2.02 -15.88 2.02
C PRO A 8 0.95 -15.75 0.94
N GLN A 9 0.32 -14.59 0.88
CA GLN A 9 -0.72 -14.32 -0.08
C GLN A 9 -0.17 -13.51 -1.24
N ALA A 10 -0.36 -13.99 -2.45
CA ALA A 10 0.08 -13.30 -3.64
C ALA A 10 -0.89 -13.57 -4.78
N LYS A 11 -2.07 -12.96 -4.68
CA LYS A 11 -3.10 -13.13 -5.69
C LYS A 11 -2.80 -12.26 -6.89
N ARG A 12 -3.60 -12.40 -7.94
CA ARG A 12 -3.54 -11.50 -9.08
C ARG A 12 -4.95 -11.07 -9.48
N VAL A 13 -5.76 -12.04 -9.88
CA VAL A 13 -7.10 -11.76 -10.39
C VAL A 13 -8.10 -11.42 -9.27
N PRO A 14 -8.26 -12.28 -8.23
CA PRO A 14 -9.30 -12.09 -7.20
C PRO A 14 -9.01 -10.94 -6.24
N GLY A 15 -8.00 -10.15 -6.55
CA GLY A 15 -7.65 -9.03 -5.69
C GLY A 15 -6.64 -9.43 -4.64
N LEU A 16 -5.51 -8.74 -4.64
CA LEU A 16 -4.44 -9.04 -3.71
C LEU A 16 -4.12 -7.83 -2.86
N VAL A 17 -3.23 -8.00 -1.92
CA VAL A 17 -2.83 -6.92 -1.05
C VAL A 17 -1.40 -7.12 -0.57
N VAL A 18 -0.63 -6.04 -0.60
CA VAL A 18 0.73 -6.06 -0.08
C VAL A 18 0.78 -5.30 1.23
N TYR A 19 1.13 -6.00 2.29
CA TYR A 19 1.12 -5.42 3.61
C TYR A 19 2.41 -4.66 3.88
N ARG A 20 2.31 -3.61 4.68
CA ARG A 20 3.48 -2.92 5.17
C ARG A 20 3.92 -3.58 6.47
N TYR A 21 5.06 -4.26 6.40
CA TYR A 21 5.52 -5.12 7.49
C TYR A 21 5.62 -4.37 8.81
N ASP A 22 5.07 -5.00 9.86
CA ASP A 22 5.05 -4.40 11.18
C ASP A 22 6.40 -4.57 11.87
N ALA A 23 7.37 -3.80 11.39
CA ALA A 23 8.72 -3.77 11.93
C ALA A 23 9.52 -2.69 11.24
N PRO A 24 10.36 -1.95 11.98
CA PRO A 24 11.13 -0.83 11.43
C PRO A 24 12.11 -1.24 10.34
N LEU A 25 11.72 -1.04 9.09
CA LEU A 25 12.65 -1.16 7.99
C LEU A 25 13.07 0.23 7.52
N CYS A 26 12.42 1.24 8.10
CA CYS A 26 12.72 2.63 7.80
C CYS A 26 12.45 2.93 6.33
N PHE A 27 13.49 3.02 5.52
CA PHE A 27 13.33 3.15 4.08
C PHE A 27 14.63 2.88 3.34
N ALA A 28 15.59 2.28 4.05
CA ALA A 28 16.93 2.03 3.52
C ALA A 28 16.88 1.35 2.15
N ASN A 29 16.14 0.27 2.07
CA ASN A 29 16.01 -0.50 0.84
C ASN A 29 14.61 -0.34 0.26
N ALA A 30 13.79 0.48 0.93
CA ALA A 30 12.36 0.54 0.66
C ALA A 30 12.05 0.86 -0.80
N GLU A 31 12.74 1.83 -1.37
CA GLU A 31 12.48 2.24 -2.75
C GLU A 31 12.62 1.06 -3.71
N ASP A 32 13.84 0.55 -3.82
CA ASP A 32 14.16 -0.52 -4.75
C ASP A 32 13.37 -1.78 -4.42
N PHE A 33 13.47 -2.21 -3.17
CA PHE A 33 12.80 -3.41 -2.71
C PHE A 33 11.30 -3.37 -2.97
N ARG A 34 10.68 -2.22 -2.73
CA ARG A 34 9.23 -2.10 -2.83
C ARG A 34 8.78 -2.30 -4.25
N ARG A 35 9.19 -1.41 -5.16
CA ARG A 35 8.68 -1.48 -6.53
C ARG A 35 9.13 -2.76 -7.20
N ARG A 36 10.20 -3.35 -6.68
CA ARG A 36 10.67 -4.63 -7.17
C ARG A 36 9.67 -5.73 -6.85
N ALA A 37 9.50 -6.02 -5.56
CA ALA A 37 8.65 -7.13 -5.13
C ALA A 37 7.21 -6.94 -5.61
N LEU A 38 6.71 -5.71 -5.49
CA LEU A 38 5.34 -5.40 -5.88
C LEU A 38 5.12 -5.67 -7.36
N THR A 39 6.02 -5.18 -8.20
CA THR A 39 5.84 -5.31 -9.64
C THR A 39 6.16 -6.73 -10.09
N VAL A 40 6.90 -7.45 -9.26
CA VAL A 40 7.28 -8.82 -9.52
C VAL A 40 6.08 -9.75 -9.44
N VAL A 41 5.25 -9.58 -8.42
CA VAL A 41 4.06 -10.39 -8.27
C VAL A 41 3.03 -9.98 -9.31
N ASP A 42 2.71 -8.69 -9.31
CA ASP A 42 1.85 -8.09 -10.33
C ASP A 42 1.53 -6.68 -9.90
N GLN A 43 1.76 -5.77 -10.80
CA GLN A 43 1.74 -4.36 -10.46
C GLN A 43 1.73 -3.54 -11.74
N ASP A 44 2.79 -3.69 -12.50
CA ASP A 44 2.97 -3.00 -13.75
C ASP A 44 2.48 -3.79 -14.98
N PRO A 45 2.83 -5.10 -15.13
CA PRO A 45 2.53 -5.86 -16.35
C PRO A 45 1.03 -5.99 -16.66
N GLY A 46 0.28 -6.70 -15.81
CA GLY A 46 -1.10 -7.02 -16.13
C GLY A 46 -2.10 -6.06 -15.53
N GLN A 47 -3.37 -6.33 -15.76
CA GLN A 47 -4.45 -5.53 -15.19
C GLN A 47 -4.72 -6.05 -13.79
N VAL A 48 -3.94 -5.57 -12.85
CA VAL A 48 -3.91 -6.11 -11.50
C VAL A 48 -4.91 -5.40 -10.58
N GLU A 49 -5.61 -6.18 -9.78
CA GLU A 49 -6.49 -5.64 -8.75
C GLU A 49 -5.86 -5.89 -7.39
N TRP A 50 -5.42 -4.83 -6.73
CA TRP A 50 -4.67 -4.99 -5.50
C TRP A 50 -4.72 -3.74 -4.64
N PHE A 51 -4.10 -3.82 -3.48
CA PHE A 51 -3.98 -2.67 -2.61
C PHE A 51 -2.88 -2.90 -1.59
N VAL A 52 -2.41 -1.84 -0.94
CA VAL A 52 -1.45 -2.00 0.12
C VAL A 52 -2.10 -1.69 1.45
N LEU A 53 -1.64 -2.36 2.49
CA LEU A 53 -2.34 -2.40 3.76
C LEU A 53 -1.38 -2.21 4.92
N ASN A 54 -1.65 -1.23 5.76
CA ASN A 54 -0.93 -1.09 7.03
C ASN A 54 -1.27 -2.28 7.92
N ALA A 55 -0.25 -3.06 8.28
CA ALA A 55 -0.45 -4.34 8.97
C ALA A 55 -1.36 -4.22 10.20
N GLU A 56 -0.80 -3.77 11.32
CA GLU A 56 -1.57 -3.62 12.54
C GLU A 56 -1.17 -2.35 13.27
N SER A 57 0.01 -2.38 13.86
CA SER A 57 0.52 -1.22 14.55
C SER A 57 1.19 -0.29 13.57
N ASN A 58 2.20 -0.80 12.88
CA ASN A 58 2.99 -0.01 11.94
C ASN A 58 3.66 1.15 12.68
N VAL A 59 3.37 2.38 12.27
CA VAL A 59 3.81 3.58 12.99
C VAL A 59 5.32 3.80 12.88
N GLU A 60 6.07 2.99 13.61
CA GLU A 60 7.50 3.20 13.77
C GLU A 60 8.26 2.20 12.91
N VAL A 61 7.53 1.56 12.04
CA VAL A 61 8.07 0.50 11.22
C VAL A 61 8.48 1.03 9.86
N ASP A 62 7.76 2.04 9.42
CA ASP A 62 7.86 2.50 8.05
C ASP A 62 8.12 4.02 8.05
N LEU A 63 9.38 4.38 7.81
CA LEU A 63 9.83 5.76 7.95
C LEU A 63 10.25 6.33 6.60
N THR A 64 9.39 7.19 6.02
CA THR A 64 9.66 7.81 4.72
C THR A 64 9.58 6.76 3.59
N ALA A 65 9.42 5.51 3.98
CA ALA A 65 9.22 4.43 3.03
C ALA A 65 7.95 4.68 2.24
N LEU A 66 6.93 5.23 2.92
CA LEU A 66 5.70 5.63 2.25
C LEU A 66 5.94 6.70 1.20
N ASP A 67 7.00 7.48 1.37
CA ASP A 67 7.31 8.52 0.40
C ASP A 67 7.68 7.85 -0.89
N ALA A 68 8.70 7.00 -0.83
CA ALA A 68 9.08 6.21 -2.00
C ALA A 68 7.88 5.41 -2.49
N LEU A 69 7.34 4.63 -1.56
CA LEU A 69 6.22 3.73 -1.79
C LEU A 69 5.10 4.42 -2.56
N ASP A 70 4.40 5.32 -1.90
CA ASP A 70 3.15 5.83 -2.43
C ASP A 70 3.32 7.09 -3.23
N GLN A 71 4.54 7.52 -3.51
CA GLN A 71 4.72 8.51 -4.55
C GLN A 71 4.62 7.78 -5.89
N LEU A 72 5.33 6.65 -5.99
CA LEU A 72 5.25 5.85 -7.19
C LEU A 72 3.96 5.05 -7.20
N ARG A 73 3.53 4.62 -6.02
CA ARG A 73 2.32 3.83 -5.92
C ARG A 73 1.07 4.65 -6.12
N THR A 74 1.06 5.92 -5.71
CA THR A 74 -0.10 6.76 -6.00
C THR A 74 -0.11 7.07 -7.49
N GLU A 75 1.08 7.18 -8.05
CA GLU A 75 1.25 7.37 -9.48
C GLU A 75 0.74 6.14 -10.25
N LEU A 76 0.87 4.98 -9.62
CA LEU A 76 0.49 3.72 -10.25
C LEU A 76 -0.95 3.34 -9.89
N LEU A 77 -1.43 3.84 -8.76
CA LEU A 77 -2.76 3.53 -8.26
C LEU A 77 -3.81 4.23 -9.11
N ARG A 78 -3.51 5.48 -9.45
CA ARG A 78 -4.41 6.32 -10.24
C ARG A 78 -4.62 5.80 -11.67
N ARG A 79 -4.21 4.56 -11.92
CA ARG A 79 -4.27 3.99 -13.26
C ARG A 79 -5.31 2.87 -13.32
N GLY A 80 -5.15 1.86 -12.47
CA GLY A 80 -6.00 0.69 -12.53
C GLY A 80 -6.80 0.48 -11.27
N ILE A 81 -7.27 -0.75 -11.05
CA ILE A 81 -8.07 -1.07 -9.88
C ILE A 81 -7.17 -1.45 -8.70
N VAL A 82 -6.83 -0.42 -7.93
CA VAL A 82 -5.94 -0.58 -6.80
C VAL A 82 -6.22 0.51 -5.78
N PHE A 83 -5.98 0.23 -4.51
CA PHE A 83 -6.15 1.23 -3.46
C PHE A 83 -5.09 1.07 -2.37
N ALA A 84 -5.26 1.79 -1.28
CA ALA A 84 -4.35 1.68 -0.15
C ALA A 84 -5.00 2.23 1.12
N MET A 85 -4.55 1.72 2.25
CA MET A 85 -5.14 2.11 3.54
C MET A 85 -4.07 2.34 4.60
N ALA A 86 -4.10 3.55 5.16
CA ALA A 86 -3.19 3.94 6.23
C ALA A 86 -3.66 3.46 7.60
N ARG A 87 -2.82 3.69 8.61
CA ARG A 87 -3.10 3.28 9.98
C ARG A 87 -2.70 4.39 10.96
N VAL A 88 -3.33 4.37 12.15
CA VAL A 88 -2.99 5.23 13.30
C VAL A 88 -2.87 6.72 12.96
N LYS A 89 -2.37 7.48 13.93
CA LYS A 89 -2.28 8.93 13.83
C LYS A 89 -0.92 9.40 13.30
N GLN A 90 -0.12 8.49 12.77
CA GLN A 90 1.19 8.87 12.24
C GLN A 90 1.29 8.63 10.74
N ASP A 91 0.83 7.48 10.29
CA ASP A 91 1.03 7.08 8.90
C ASP A 91 0.32 8.00 7.93
N LEU A 92 -0.89 8.44 8.28
CA LEU A 92 -1.63 9.36 7.41
C LEU A 92 -0.84 10.66 7.23
N ARG A 93 -0.13 11.07 8.27
CA ARG A 93 0.72 12.26 8.19
C ARG A 93 1.78 12.04 7.13
N GLU A 94 2.52 10.96 7.28
CA GLU A 94 3.64 10.65 6.41
C GLU A 94 3.17 10.39 4.97
N SER A 95 2.34 9.36 4.80
CA SER A 95 1.93 8.90 3.49
C SER A 95 1.25 10.00 2.67
N LEU A 96 0.43 10.80 3.34
CA LEU A 96 -0.33 11.83 2.64
C LEU A 96 0.55 13.03 2.28
N ARG A 97 1.53 13.33 3.14
CA ARG A 97 2.49 14.40 2.83
C ARG A 97 3.39 14.00 1.68
N ALA A 98 3.60 12.71 1.51
CA ALA A 98 4.41 12.19 0.42
C ALA A 98 3.65 12.24 -0.91
N ALA A 99 2.34 12.40 -0.82
CA ALA A 99 1.50 12.45 -2.00
C ALA A 99 1.26 13.90 -2.44
N SER A 100 0.48 14.62 -1.63
CA SER A 100 0.13 16.03 -1.89
C SER A 100 -0.83 16.21 -3.08
N LEU A 101 -0.68 15.39 -4.12
CA LEU A 101 -1.51 15.52 -5.33
C LEU A 101 -2.94 14.98 -5.09
N LEU A 102 -3.41 15.09 -3.85
CA LEU A 102 -4.73 14.60 -3.46
C LEU A 102 -5.82 15.33 -4.23
N ASP A 103 -5.47 16.49 -4.76
CA ASP A 103 -6.35 17.29 -5.60
C ASP A 103 -6.92 16.47 -6.77
N LYS A 104 -6.07 15.65 -7.37
CA LYS A 104 -6.44 14.96 -8.60
C LYS A 104 -6.71 13.48 -8.38
N ILE A 105 -5.93 12.85 -7.50
CA ILE A 105 -6.09 11.42 -7.25
C ILE A 105 -7.19 11.15 -6.23
N GLY A 106 -7.54 12.19 -5.46
CA GLY A 106 -8.66 12.11 -4.54
C GLY A 106 -8.60 10.95 -3.57
N GLU A 107 -9.55 10.02 -3.71
CA GLU A 107 -9.69 8.88 -2.78
C GLU A 107 -8.76 7.74 -3.17
N ASP A 108 -7.61 8.11 -3.71
CA ASP A 108 -6.58 7.19 -4.16
C ASP A 108 -6.16 6.24 -3.04
N HIS A 109 -5.73 6.81 -1.93
CA HIS A 109 -5.22 6.05 -0.80
C HIS A 109 -5.52 6.78 0.50
N ILE A 110 -6.26 6.14 1.39
CA ILE A 110 -6.72 6.83 2.59
C ILE A 110 -6.37 6.10 3.90
N PHE A 111 -7.15 5.09 4.28
CA PHE A 111 -7.10 4.60 5.65
C PHE A 111 -7.81 3.26 5.77
N MET A 112 -7.64 2.62 6.94
CA MET A 112 -8.32 1.36 7.28
C MET A 112 -9.77 1.34 6.79
N THR A 113 -10.03 0.52 5.76
CA THR A 113 -11.37 0.35 5.20
C THR A 113 -11.34 -0.55 3.95
N LEU A 114 -10.18 -0.63 3.31
CA LEU A 114 -10.02 -1.38 2.04
C LEU A 114 -10.73 -2.74 2.01
N PRO A 115 -10.49 -3.64 2.99
CA PRO A 115 -11.14 -4.96 3.02
C PRO A 115 -12.66 -4.87 2.90
N THR A 116 -13.25 -3.88 3.57
CA THR A 116 -14.69 -3.68 3.51
C THR A 116 -15.07 -2.95 2.22
N ALA A 117 -14.22 -2.01 1.80
CA ALA A 117 -14.46 -1.22 0.61
C ALA A 117 -14.60 -2.10 -0.62
N VAL A 118 -13.60 -2.93 -0.89
CA VAL A 118 -13.64 -3.81 -2.07
C VAL A 118 -14.86 -4.72 -2.03
N GLN A 119 -15.18 -5.23 -0.85
CA GLN A 119 -16.35 -6.05 -0.63
C GLN A 119 -17.62 -5.29 -1.00
N ALA A 120 -17.71 -4.06 -0.52
CA ALA A 120 -18.88 -3.23 -0.76
C ALA A 120 -18.96 -2.79 -2.22
N PHE A 121 -17.81 -2.66 -2.86
CA PHE A 121 -17.76 -2.21 -4.25
C PHE A 121 -18.13 -3.34 -5.21
N ARG A 122 -17.94 -4.58 -4.77
CA ARG A 122 -18.28 -5.74 -5.61
C ARG A 122 -19.78 -5.81 -5.88
N ARG A 123 -20.55 -6.07 -4.83
CA ARG A 123 -21.99 -6.27 -5.00
C ARG A 123 -22.77 -4.96 -4.85
N ARG A 124 -22.15 -3.99 -4.18
CA ARG A 124 -22.80 -2.73 -3.83
C ARG A 124 -24.06 -2.97 -2.99
N MET A 1 7.55 -18.04 7.96
CA MET A 1 7.73 -17.90 9.43
C MET A 1 6.45 -17.34 10.04
N HIS A 2 6.40 -16.02 10.26
CA HIS A 2 5.25 -15.37 10.86
C HIS A 2 5.48 -13.87 11.02
N ASP A 3 4.81 -13.08 10.18
CA ASP A 3 4.78 -11.62 10.30
C ASP A 3 6.17 -11.02 10.09
N ILE A 4 6.32 -9.74 10.45
CA ILE A 4 7.57 -8.95 10.39
C ILE A 4 8.09 -8.73 8.97
N ASP A 5 7.51 -9.47 8.06
CA ASP A 5 7.89 -9.48 6.64
C ASP A 5 7.16 -10.62 5.97
N ASP A 6 7.85 -11.76 5.83
CA ASP A 6 7.23 -13.02 5.42
C ASP A 6 6.50 -12.90 4.08
N TYR A 7 5.62 -13.86 3.80
CA TYR A 7 4.84 -13.85 2.58
C TYR A 7 3.57 -14.70 2.74
N PRO A 8 2.69 -14.34 3.68
CA PRO A 8 1.43 -15.05 3.90
C PRO A 8 0.34 -14.53 2.98
N GLN A 9 0.72 -13.65 2.06
CA GLN A 9 -0.21 -13.04 1.14
C GLN A 9 0.33 -13.07 -0.28
N ALA A 10 -0.46 -13.66 -1.16
CA ALA A 10 -0.11 -13.73 -2.57
C ALA A 10 -1.38 -13.93 -3.37
N LYS A 11 -2.02 -12.83 -3.72
CA LYS A 11 -3.30 -12.87 -4.40
C LYS A 11 -3.25 -12.01 -5.66
N ARG A 12 -4.36 -12.01 -6.39
CA ARG A 12 -4.53 -11.13 -7.54
C ARG A 12 -5.99 -11.13 -7.99
N VAL A 13 -6.55 -12.31 -8.19
CA VAL A 13 -7.95 -12.44 -8.58
C VAL A 13 -8.90 -12.23 -7.39
N PRO A 14 -8.65 -12.87 -6.23
CA PRO A 14 -9.47 -12.64 -5.03
C PRO A 14 -9.11 -11.34 -4.31
N GLY A 15 -8.58 -10.38 -5.07
CA GLY A 15 -8.17 -9.12 -4.49
C GLY A 15 -6.79 -9.22 -3.86
N LEU A 16 -5.84 -8.48 -4.40
CA LEU A 16 -4.49 -8.53 -3.89
C LEU A 16 -4.26 -7.42 -2.88
N VAL A 17 -3.50 -7.71 -1.85
CA VAL A 17 -3.15 -6.72 -0.86
C VAL A 17 -1.85 -7.06 -0.17
N VAL A 18 -0.92 -6.12 -0.20
CA VAL A 18 0.37 -6.28 0.45
C VAL A 18 0.36 -5.53 1.77
N TYR A 19 0.60 -6.26 2.85
CA TYR A 19 0.48 -5.70 4.18
C TYR A 19 1.82 -5.17 4.69
N ARG A 20 1.74 -4.32 5.70
CA ARG A 20 2.92 -3.76 6.37
C ARG A 20 3.83 -4.83 6.96
N TYR A 21 4.96 -4.40 7.48
CA TYR A 21 5.90 -5.29 8.12
C TYR A 21 5.91 -5.02 9.62
N ASP A 22 6.58 -5.87 10.38
CA ASP A 22 6.63 -5.70 11.84
C ASP A 22 8.08 -5.48 12.26
N ALA A 23 8.82 -4.81 11.39
CA ALA A 23 10.24 -4.59 11.59
C ALA A 23 10.68 -3.36 10.83
N PRO A 24 11.45 -2.48 11.49
CA PRO A 24 11.98 -1.26 10.87
C PRO A 24 12.92 -1.52 9.70
N LEU A 25 12.47 -1.17 8.51
CA LEU A 25 13.35 -1.13 7.36
C LEU A 25 13.48 0.30 6.86
N CYS A 26 12.70 1.20 7.49
CA CYS A 26 12.79 2.63 7.20
C CYS A 26 12.42 2.89 5.73
N PHE A 27 13.34 3.44 4.96
CA PHE A 27 13.14 3.57 3.52
C PHE A 27 14.47 3.43 2.79
N ALA A 28 15.47 2.91 3.51
CA ALA A 28 16.84 2.82 3.01
C ALA A 28 16.91 2.24 1.61
N ASN A 29 16.42 1.03 1.45
CA ASN A 29 16.40 0.38 0.16
C ASN A 29 14.97 0.23 -0.33
N ALA A 30 14.05 0.91 0.35
CA ALA A 30 12.62 0.71 0.14
C ALA A 30 12.19 1.04 -1.29
N GLU A 31 12.94 1.90 -1.95
CA GLU A 31 12.65 2.23 -3.34
C GLU A 31 12.72 0.99 -4.22
N ASP A 32 13.93 0.44 -4.36
CA ASP A 32 14.13 -0.73 -5.19
C ASP A 32 13.48 -1.96 -4.57
N PHE A 33 13.52 -2.02 -3.24
CA PHE A 33 12.90 -3.13 -2.52
C PHE A 33 11.40 -3.23 -2.82
N ARG A 34 10.70 -2.10 -2.71
CA ARG A 34 9.27 -2.08 -2.93
C ARG A 34 8.94 -2.49 -4.35
N ARG A 35 9.64 -1.89 -5.31
CA ARG A 35 9.40 -2.18 -6.71
C ARG A 35 9.81 -3.61 -7.04
N ARG A 36 10.93 -4.07 -6.50
CA ARG A 36 11.41 -5.40 -6.82
C ARG A 36 10.34 -6.45 -6.49
N ALA A 37 9.96 -6.49 -5.22
CA ALA A 37 9.08 -7.54 -4.73
C ALA A 37 7.66 -7.35 -5.21
N LEU A 38 7.06 -6.21 -4.89
CA LEU A 38 5.66 -5.97 -5.18
C LEU A 38 5.40 -5.89 -6.68
N THR A 39 6.29 -5.23 -7.41
CA THR A 39 6.10 -5.08 -8.85
C THR A 39 6.20 -6.42 -9.56
N VAL A 40 7.18 -7.24 -9.18
CA VAL A 40 7.42 -8.48 -9.91
C VAL A 40 6.34 -9.52 -9.61
N VAL A 41 5.73 -9.47 -8.43
CA VAL A 41 4.65 -10.38 -8.15
C VAL A 41 3.40 -9.96 -8.94
N ASP A 42 2.94 -8.73 -8.75
CA ASP A 42 1.80 -8.21 -9.50
C ASP A 42 1.33 -6.86 -8.97
N GLN A 43 2.17 -5.82 -9.11
CA GLN A 43 1.74 -4.49 -8.71
C GLN A 43 1.77 -3.53 -9.90
N ASP A 44 2.61 -3.83 -10.89
CA ASP A 44 2.69 -2.98 -12.08
C ASP A 44 2.77 -3.80 -13.37
N PRO A 45 1.72 -4.57 -13.70
CA PRO A 45 1.56 -5.14 -15.03
C PRO A 45 0.73 -4.21 -15.93
N GLY A 46 0.60 -2.97 -15.49
CA GLY A 46 -0.28 -2.03 -16.18
C GLY A 46 -1.61 -1.92 -15.46
N GLN A 47 -2.46 -2.92 -15.68
CA GLN A 47 -3.73 -3.00 -14.97
C GLN A 47 -3.70 -4.16 -13.99
N VAL A 48 -4.19 -3.92 -12.78
CA VAL A 48 -4.13 -4.91 -11.72
C VAL A 48 -5.08 -4.52 -10.58
N GLU A 49 -5.52 -5.50 -9.81
CA GLU A 49 -6.40 -5.27 -8.68
C GLU A 49 -5.69 -5.58 -7.37
N TRP A 50 -5.28 -4.55 -6.64
CA TRP A 50 -4.53 -4.74 -5.41
C TRP A 50 -4.53 -3.49 -4.55
N PHE A 51 -3.96 -3.59 -3.36
CA PHE A 51 -3.82 -2.43 -2.50
C PHE A 51 -2.84 -2.72 -1.37
N VAL A 52 -2.40 -1.68 -0.66
CA VAL A 52 -1.51 -1.88 0.47
C VAL A 52 -2.27 -1.76 1.79
N LEU A 53 -1.84 -2.55 2.76
CA LEU A 53 -2.59 -2.71 3.99
C LEU A 53 -1.79 -2.33 5.23
N ASN A 54 -2.31 -1.40 6.02
CA ASN A 54 -1.79 -1.19 7.36
C ASN A 54 -2.33 -2.29 8.28
N ALA A 55 -1.68 -2.50 9.41
CA ALA A 55 -2.12 -3.51 10.35
C ALA A 55 -1.45 -3.35 11.70
N GLU A 56 -2.04 -2.48 12.51
CA GLU A 56 -1.68 -2.32 13.91
C GLU A 56 -0.30 -1.68 14.12
N SER A 57 0.75 -2.44 13.90
CA SER A 57 2.09 -2.07 14.34
C SER A 57 2.95 -1.50 13.22
N ASN A 58 2.31 -0.88 12.23
CA ASN A 58 3.06 -0.21 11.17
C ASN A 58 3.48 1.18 11.67
N VAL A 59 4.52 1.18 12.49
CA VAL A 59 4.98 2.40 13.14
C VAL A 59 6.44 2.71 12.78
N GLU A 60 7.36 1.95 13.36
CA GLU A 60 8.78 2.20 13.17
C GLU A 60 9.32 1.29 12.10
N VAL A 61 8.44 0.43 11.62
CA VAL A 61 8.80 -0.55 10.63
C VAL A 61 9.04 0.13 9.29
N ASP A 62 8.24 1.15 9.04
CA ASP A 62 8.16 1.75 7.73
C ASP A 62 8.26 3.25 7.87
N LEU A 63 9.45 3.79 7.57
CA LEU A 63 9.73 5.20 7.85
C LEU A 63 9.88 5.95 6.54
N THR A 64 8.88 6.76 6.20
CA THR A 64 8.89 7.52 4.95
C THR A 64 8.84 6.57 3.74
N ALA A 65 8.67 5.28 4.03
CA ALA A 65 8.54 4.30 2.98
C ALA A 65 7.14 4.40 2.38
N LEU A 66 6.25 5.13 3.06
CA LEU A 66 4.99 5.51 2.45
C LEU A 66 5.25 6.49 1.33
N ASP A 67 6.26 7.33 1.46
CA ASP A 67 6.64 8.23 0.39
C ASP A 67 7.06 7.40 -0.79
N ALA A 68 7.89 6.41 -0.53
CA ALA A 68 8.32 5.46 -1.55
C ALA A 68 7.11 4.74 -2.17
N LEU A 69 6.31 4.08 -1.34
CA LEU A 69 5.22 3.27 -1.84
C LEU A 69 4.14 4.12 -2.50
N ASP A 70 3.78 5.25 -1.88
CA ASP A 70 2.73 6.12 -2.42
C ASP A 70 3.09 6.56 -3.82
N GLN A 71 4.23 7.22 -3.96
CA GLN A 71 4.65 7.75 -5.25
C GLN A 71 4.56 6.66 -6.32
N LEU A 72 5.04 5.46 -5.98
CA LEU A 72 4.95 4.33 -6.90
C LEU A 72 3.51 3.93 -7.14
N ARG A 73 2.85 3.42 -6.11
CA ARG A 73 1.55 2.80 -6.28
C ARG A 73 0.41 3.83 -6.40
N THR A 74 0.74 5.13 -6.46
CA THR A 74 -0.26 6.14 -6.81
C THR A 74 -0.13 6.45 -8.30
N GLU A 75 1.11 6.48 -8.78
CA GLU A 75 1.39 6.53 -10.20
C GLU A 75 0.71 5.34 -10.86
N LEU A 76 0.71 4.23 -10.12
CA LEU A 76 0.07 2.99 -10.54
C LEU A 76 -1.43 3.00 -10.22
N LEU A 77 -1.80 3.57 -9.06
CA LEU A 77 -3.18 3.52 -8.56
C LEU A 77 -4.16 4.16 -9.52
N ARG A 78 -3.87 5.38 -9.93
CA ARG A 78 -4.81 6.20 -10.68
C ARG A 78 -4.96 5.71 -12.12
N ARG A 79 -4.64 4.44 -12.35
CA ARG A 79 -4.72 3.85 -13.68
C ARG A 79 -5.66 2.64 -13.69
N GLY A 80 -6.10 2.21 -12.51
CA GLY A 80 -6.93 1.02 -12.44
C GLY A 80 -7.50 0.78 -11.05
N ILE A 81 -7.80 -0.48 -10.76
CA ILE A 81 -8.41 -0.86 -9.49
C ILE A 81 -7.35 -1.24 -8.44
N VAL A 82 -6.82 -0.21 -7.81
CA VAL A 82 -5.82 -0.37 -6.79
C VAL A 82 -5.93 0.79 -5.81
N PHE A 83 -5.66 0.53 -4.53
CA PHE A 83 -5.76 1.57 -3.51
C PHE A 83 -4.73 1.38 -2.40
N ALA A 84 -4.88 2.15 -1.35
CA ALA A 84 -4.01 2.05 -0.18
C ALA A 84 -4.75 2.51 1.05
N MET A 85 -4.47 1.90 2.19
CA MET A 85 -5.14 2.25 3.42
C MET A 85 -4.20 2.25 4.62
N ALA A 86 -4.17 3.38 5.31
CA ALA A 86 -3.35 3.55 6.49
C ALA A 86 -4.23 3.73 7.73
N ARG A 87 -3.63 4.15 8.83
CA ARG A 87 -4.36 4.34 10.09
C ARG A 87 -3.79 5.50 10.89
N VAL A 88 -4.40 5.72 12.07
CA VAL A 88 -3.91 6.66 13.11
C VAL A 88 -3.51 8.04 12.57
N LYS A 89 -2.85 8.81 13.42
CA LYS A 89 -2.45 10.18 13.11
C LYS A 89 -1.14 10.23 12.30
N GLN A 90 -0.25 9.30 12.61
CA GLN A 90 1.08 9.27 12.04
C GLN A 90 1.07 8.99 10.55
N ASP A 91 0.44 7.88 10.18
CA ASP A 91 0.40 7.42 8.80
C ASP A 91 -0.09 8.53 7.88
N LEU A 92 -1.27 9.05 8.21
CA LEU A 92 -1.90 10.08 7.39
C LEU A 92 -0.98 11.29 7.23
N ARG A 93 -0.21 11.60 8.25
CA ARG A 93 0.63 12.78 8.22
C ARG A 93 1.72 12.66 7.17
N GLU A 94 2.59 11.68 7.30
CA GLU A 94 3.73 11.60 6.39
C GLU A 94 3.36 10.99 5.04
N SER A 95 2.35 10.12 5.01
CA SER A 95 1.90 9.52 3.75
C SER A 95 1.24 10.58 2.86
N LEU A 96 0.40 11.41 3.47
CA LEU A 96 -0.28 12.45 2.73
C LEU A 96 0.69 13.56 2.34
N ARG A 97 1.63 13.85 3.23
CA ARG A 97 2.65 14.87 2.95
C ARG A 97 3.67 14.37 1.94
N ALA A 98 3.68 13.06 1.73
CA ALA A 98 4.54 12.47 0.71
C ALA A 98 3.94 12.69 -0.68
N ALA A 99 2.81 12.04 -0.93
CA ALA A 99 2.15 12.13 -2.23
C ALA A 99 1.60 13.53 -2.47
N SER A 100 0.58 13.91 -1.69
CA SER A 100 0.00 15.26 -1.72
C SER A 100 -0.77 15.59 -3.02
N LEU A 101 -0.61 14.78 -4.07
CA LEU A 101 -1.25 15.08 -5.36
C LEU A 101 -2.74 14.71 -5.36
N LEU A 102 -3.42 15.06 -4.26
CA LEU A 102 -4.84 14.74 -4.09
C LEU A 102 -5.69 15.48 -5.12
N ASP A 103 -5.10 16.48 -5.76
CA ASP A 103 -5.79 17.29 -6.74
C ASP A 103 -5.89 16.57 -8.08
N LYS A 104 -5.90 15.23 -8.03
CA LYS A 104 -6.02 14.41 -9.23
C LYS A 104 -6.24 12.93 -8.89
N ILE A 105 -5.59 12.44 -7.84
CA ILE A 105 -5.83 11.07 -7.41
C ILE A 105 -6.98 11.00 -6.41
N GLY A 106 -7.20 12.10 -5.71
CA GLY A 106 -8.31 12.22 -4.76
C GLY A 106 -8.40 11.06 -3.79
N GLU A 107 -9.39 10.19 -4.01
CA GLU A 107 -9.57 9.00 -3.18
C GLU A 107 -8.53 7.94 -3.55
N ASP A 108 -7.29 8.26 -3.26
CA ASP A 108 -6.15 7.41 -3.59
C ASP A 108 -5.79 6.51 -2.42
N HIS A 109 -5.34 7.12 -1.33
CA HIS A 109 -4.98 6.37 -0.15
C HIS A 109 -5.77 6.86 1.06
N ILE A 110 -6.52 5.95 1.65
CA ILE A 110 -7.45 6.26 2.73
C ILE A 110 -7.08 5.49 3.99
N PHE A 111 -8.06 5.26 4.85
CA PHE A 111 -7.85 4.50 6.07
C PHE A 111 -8.37 3.08 5.92
N MET A 112 -8.12 2.28 6.95
CA MET A 112 -8.58 0.90 7.01
C MET A 112 -10.07 0.79 6.68
N THR A 113 -10.37 0.16 5.54
CA THR A 113 -11.76 -0.02 5.11
C THR A 113 -11.86 -0.91 3.86
N LEU A 114 -10.81 -0.96 3.04
CA LEU A 114 -10.85 -1.70 1.77
C LEU A 114 -11.30 -3.17 1.90
N PRO A 115 -10.81 -3.94 2.91
CA PRO A 115 -11.26 -5.33 3.12
C PRO A 115 -12.77 -5.52 2.99
N THR A 116 -13.53 -4.49 3.38
CA THR A 116 -14.97 -4.51 3.22
C THR A 116 -15.39 -3.65 2.03
N ALA A 117 -14.74 -2.49 1.88
CA ALA A 117 -15.10 -1.53 0.85
C ALA A 117 -14.96 -2.08 -0.56
N VAL A 118 -13.72 -2.26 -1.03
CA VAL A 118 -13.49 -2.68 -2.41
C VAL A 118 -14.06 -4.06 -2.66
N GLN A 119 -14.16 -4.84 -1.59
CA GLN A 119 -14.81 -6.15 -1.66
C GLN A 119 -16.22 -6.00 -2.21
N ALA A 120 -16.98 -5.08 -1.63
CA ALA A 120 -18.35 -4.84 -2.04
C ALA A 120 -18.41 -3.98 -3.29
N PHE A 121 -17.38 -3.16 -3.49
CA PHE A 121 -17.35 -2.23 -4.63
C PHE A 121 -17.41 -2.96 -5.96
N ARG A 122 -16.46 -3.85 -6.22
CA ARG A 122 -16.39 -4.53 -7.51
C ARG A 122 -17.17 -5.85 -7.50
N ARG A 123 -18.03 -5.98 -6.51
CA ARG A 123 -18.85 -7.18 -6.35
C ARG A 123 -20.33 -6.81 -6.40
N ARG A 124 -20.67 -5.73 -5.71
CA ARG A 124 -22.03 -5.25 -5.58
C ARG A 124 -22.91 -6.30 -4.91
N MET A 1 6.71 -11.78 18.30
CA MET A 1 6.24 -13.03 17.66
C MET A 1 5.58 -12.71 16.34
N HIS A 2 5.96 -13.44 15.29
CA HIS A 2 5.46 -13.18 13.94
C HIS A 2 5.85 -11.76 13.52
N ASP A 3 7.07 -11.38 13.89
CA ASP A 3 7.58 -10.04 13.65
C ASP A 3 7.91 -9.85 12.18
N ILE A 4 8.05 -8.58 11.79
CA ILE A 4 8.42 -8.14 10.42
C ILE A 4 7.53 -8.74 9.33
N ASP A 5 6.37 -9.26 9.71
CA ASP A 5 5.48 -9.97 8.78
C ASP A 5 6.15 -11.23 8.26
N ASP A 6 5.58 -11.88 7.26
CA ASP A 6 6.11 -13.15 6.78
C ASP A 6 5.68 -13.42 5.33
N TYR A 7 5.06 -12.42 4.69
CA TYR A 7 4.49 -12.58 3.35
C TYR A 7 3.45 -13.70 3.34
N PRO A 8 2.35 -13.53 4.08
CA PRO A 8 1.36 -14.58 4.30
C PRO A 8 0.24 -14.62 3.25
N GLN A 9 0.29 -13.72 2.29
CA GLN A 9 -0.77 -13.62 1.30
C GLN A 9 -0.20 -13.30 -0.08
N ALA A 10 -0.73 -13.97 -1.10
CA ALA A 10 -0.32 -13.73 -2.47
C ALA A 10 -1.49 -14.07 -3.39
N LYS A 11 -2.32 -13.08 -3.68
CA LYS A 11 -3.49 -13.30 -4.50
C LYS A 11 -3.32 -12.69 -5.88
N ARG A 12 -4.09 -13.19 -6.83
CA ARG A 12 -3.95 -12.81 -8.23
C ARG A 12 -5.05 -11.83 -8.65
N VAL A 13 -6.27 -12.32 -8.67
CA VAL A 13 -7.40 -11.57 -9.21
C VAL A 13 -8.39 -11.10 -8.13
N PRO A 14 -8.78 -11.96 -7.14
CA PRO A 14 -9.78 -11.62 -6.11
C PRO A 14 -9.35 -10.49 -5.14
N GLY A 15 -8.52 -9.57 -5.61
CA GLY A 15 -8.19 -8.40 -4.83
C GLY A 15 -7.10 -8.66 -3.81
N LEU A 16 -5.87 -8.50 -4.25
CA LEU A 16 -4.72 -8.77 -3.40
C LEU A 16 -4.31 -7.51 -2.67
N VAL A 17 -3.50 -7.66 -1.64
CA VAL A 17 -3.06 -6.52 -0.90
C VAL A 17 -1.59 -6.66 -0.49
N VAL A 18 -0.90 -5.54 -0.47
CA VAL A 18 0.46 -5.48 0.03
C VAL A 18 0.45 -4.78 1.38
N TYR A 19 0.96 -5.46 2.40
CA TYR A 19 0.92 -4.94 3.74
C TYR A 19 1.99 -3.87 3.95
N ARG A 20 1.68 -2.88 4.77
CA ARG A 20 2.69 -1.97 5.28
C ARG A 20 3.54 -2.73 6.27
N TYR A 21 4.63 -3.33 5.76
CA TYR A 21 5.48 -4.24 6.51
C TYR A 21 5.75 -3.77 7.92
N ASP A 22 5.40 -4.61 8.89
CA ASP A 22 5.50 -4.26 10.31
C ASP A 22 6.95 -4.42 10.80
N ALA A 23 7.88 -3.85 10.05
CA ALA A 23 9.29 -3.91 10.39
C ALA A 23 9.98 -2.60 10.07
N PRO A 24 10.69 -2.03 11.06
CA PRO A 24 11.43 -0.76 10.88
C PRO A 24 12.56 -0.87 9.88
N LEU A 25 12.23 -0.72 8.60
CA LEU A 25 13.22 -0.69 7.55
C LEU A 25 13.54 0.75 7.17
N CYS A 26 12.73 1.67 7.72
CA CYS A 26 12.89 3.10 7.52
C CYS A 26 12.57 3.48 6.07
N PHE A 27 13.51 3.17 5.17
CA PHE A 27 13.35 3.40 3.74
C PHE A 27 14.63 3.06 2.98
N ALA A 28 15.56 2.38 3.67
CA ALA A 28 16.91 2.17 3.15
C ALA A 28 16.92 1.68 1.71
N ASN A 29 16.33 0.52 1.47
CA ASN A 29 16.24 -0.04 0.13
C ASN A 29 14.81 -0.01 -0.36
N ALA A 30 13.97 0.73 0.37
CA ALA A 30 12.51 0.71 0.16
C ALA A 30 12.12 1.07 -1.26
N GLU A 31 12.93 1.90 -1.92
CA GLU A 31 12.68 2.29 -3.31
C GLU A 31 12.66 1.06 -4.21
N ASP A 32 13.83 0.51 -4.43
CA ASP A 32 14.00 -0.65 -5.30
C ASP A 32 13.21 -1.82 -4.75
N PHE A 33 13.32 -2.04 -3.45
CA PHE A 33 12.61 -3.13 -2.77
C PHE A 33 11.12 -3.09 -3.09
N ARG A 34 10.53 -1.90 -3.01
CA ARG A 34 9.10 -1.74 -3.26
C ARG A 34 8.74 -2.22 -4.65
N ARG A 35 9.27 -1.54 -5.66
CA ARG A 35 8.90 -1.86 -7.03
C ARG A 35 9.35 -3.27 -7.40
N ARG A 36 10.48 -3.70 -6.85
CA ARG A 36 11.02 -5.03 -7.13
C ARG A 36 10.03 -6.11 -6.70
N ALA A 37 9.82 -6.23 -5.39
CA ALA A 37 9.00 -7.31 -4.83
C ALA A 37 7.59 -7.32 -5.43
N LEU A 38 7.00 -6.14 -5.54
CA LEU A 38 5.63 -6.01 -6.04
C LEU A 38 5.54 -6.42 -7.51
N THR A 39 6.40 -5.85 -8.35
CA THR A 39 6.35 -6.13 -9.78
C THR A 39 6.67 -7.60 -10.05
N VAL A 40 7.28 -8.24 -9.06
CA VAL A 40 7.56 -9.67 -9.10
C VAL A 40 6.30 -10.50 -8.90
N VAL A 41 5.50 -10.14 -7.89
CA VAL A 41 4.26 -10.87 -7.62
C VAL A 41 3.18 -10.49 -8.63
N ASP A 42 3.57 -9.61 -9.56
CA ASP A 42 2.76 -9.21 -10.71
C ASP A 42 1.93 -8.01 -10.33
N GLN A 43 2.32 -6.89 -10.89
CA GLN A 43 1.92 -5.60 -10.35
C GLN A 43 1.78 -4.59 -11.48
N ASP A 44 2.89 -4.26 -12.09
CA ASP A 44 2.93 -3.24 -13.14
C ASP A 44 2.49 -3.79 -14.51
N PRO A 45 3.10 -4.89 -15.02
CA PRO A 45 2.81 -5.39 -16.37
C PRO A 45 1.68 -6.43 -16.41
N GLY A 46 0.71 -6.30 -15.53
CA GLY A 46 -0.39 -7.26 -15.50
C GLY A 46 -1.70 -6.62 -15.11
N GLN A 47 -2.79 -7.34 -15.35
CA GLN A 47 -4.11 -6.87 -14.95
C GLN A 47 -4.29 -7.18 -13.47
N VAL A 48 -4.03 -6.19 -12.64
CA VAL A 48 -4.00 -6.38 -11.21
C VAL A 48 -5.11 -5.59 -10.51
N GLU A 49 -5.77 -6.26 -9.56
CA GLU A 49 -6.68 -5.59 -8.64
C GLU A 49 -6.11 -5.73 -7.24
N TRP A 50 -5.51 -4.67 -6.72
CA TRP A 50 -4.81 -4.78 -5.47
C TRP A 50 -4.93 -3.50 -4.65
N PHE A 51 -4.29 -3.50 -3.51
CA PHE A 51 -4.22 -2.31 -2.67
C PHE A 51 -3.18 -2.52 -1.59
N VAL A 52 -2.92 -1.49 -0.80
CA VAL A 52 -2.03 -1.64 0.34
C VAL A 52 -2.76 -1.28 1.62
N LEU A 53 -2.44 -1.98 2.69
CA LEU A 53 -3.09 -1.73 3.96
C LEU A 53 -2.06 -1.76 5.09
N ASN A 54 -2.36 -1.06 6.16
CA ASN A 54 -1.53 -1.12 7.35
C ASN A 54 -1.61 -2.50 7.97
N ALA A 55 -0.44 -3.05 8.33
CA ALA A 55 -0.38 -4.38 8.91
C ALA A 55 -1.05 -4.40 10.28
N GLU A 56 -0.43 -3.72 11.25
CA GLU A 56 -1.02 -3.59 12.58
C GLU A 56 -0.31 -2.50 13.37
N SER A 57 0.97 -2.68 13.59
CA SER A 57 1.75 -1.77 14.40
C SER A 57 2.90 -1.16 13.59
N ASN A 58 2.59 -0.86 12.33
CA ASN A 58 3.56 -0.27 11.40
C ASN A 58 3.82 1.21 11.75
N VAL A 59 3.98 1.49 13.04
CA VAL A 59 4.17 2.85 13.50
C VAL A 59 5.63 3.18 13.75
N GLU A 60 6.47 2.15 13.85
CA GLU A 60 7.89 2.34 14.12
C GLU A 60 8.69 1.89 12.93
N VAL A 61 7.99 1.35 11.97
CA VAL A 61 8.59 0.59 10.90
C VAL A 61 8.92 1.48 9.71
N ASP A 62 8.24 2.59 9.64
CA ASP A 62 8.20 3.38 8.44
C ASP A 62 8.61 4.82 8.70
N LEU A 63 9.62 5.27 7.98
CA LEU A 63 10.14 6.63 8.15
C LEU A 63 9.91 7.44 6.87
N THR A 64 10.47 6.96 5.76
CA THR A 64 10.28 7.62 4.47
C THR A 64 9.84 6.57 3.44
N ALA A 65 9.54 5.38 3.94
CA ALA A 65 9.12 4.29 3.10
C ALA A 65 7.74 4.57 2.52
N LEU A 66 7.01 5.50 3.16
CA LEU A 66 5.74 5.96 2.61
C LEU A 66 5.96 6.91 1.45
N ASP A 67 7.07 7.62 1.45
CA ASP A 67 7.37 8.50 0.35
C ASP A 67 7.51 7.64 -0.88
N ALA A 68 8.33 6.61 -0.74
CA ALA A 68 8.47 5.61 -1.80
C ALA A 68 7.12 4.94 -2.07
N LEU A 69 6.48 4.45 -1.02
CA LEU A 69 5.21 3.72 -1.12
C LEU A 69 4.16 4.56 -1.84
N ASP A 70 3.70 5.63 -1.19
CA ASP A 70 2.59 6.44 -1.68
C ASP A 70 2.86 6.88 -3.11
N GLN A 71 4.03 7.50 -3.31
CA GLN A 71 4.38 8.06 -4.62
C GLN A 71 4.16 7.04 -5.74
N LEU A 72 4.71 5.84 -5.61
CA LEU A 72 4.62 4.88 -6.70
C LEU A 72 3.31 4.11 -6.68
N ARG A 73 2.74 3.89 -5.51
CA ARG A 73 1.51 3.11 -5.44
C ARG A 73 0.31 3.97 -5.83
N THR A 74 0.42 5.29 -5.66
CA THR A 74 -0.65 6.19 -6.08
C THR A 74 -0.46 6.60 -7.54
N GLU A 75 0.79 6.62 -7.98
CA GLU A 75 1.09 6.95 -9.35
C GLU A 75 0.81 5.74 -10.24
N LEU A 76 0.73 4.57 -9.59
CA LEU A 76 0.27 3.36 -10.25
C LEU A 76 -1.23 3.15 -10.00
N LEU A 77 -1.72 3.75 -8.92
CA LEU A 77 -3.16 3.70 -8.61
C LEU A 77 -3.91 4.53 -9.63
N ARG A 78 -3.26 5.57 -10.11
CA ARG A 78 -3.82 6.43 -11.13
C ARG A 78 -3.66 5.78 -12.51
N ARG A 79 -3.34 4.48 -12.52
CA ARG A 79 -3.17 3.73 -13.75
C ARG A 79 -4.20 2.61 -13.81
N GLY A 80 -4.13 1.68 -12.86
CA GLY A 80 -5.03 0.53 -12.84
C GLY A 80 -5.91 0.50 -11.61
N ILE A 81 -6.55 -0.64 -11.34
CA ILE A 81 -7.47 -0.74 -10.22
C ILE A 81 -6.74 -1.16 -8.94
N VAL A 82 -6.56 -0.19 -8.05
CA VAL A 82 -5.84 -0.37 -6.81
C VAL A 82 -6.24 0.72 -5.82
N PHE A 83 -6.09 0.46 -4.52
CA PHE A 83 -6.38 1.45 -3.49
C PHE A 83 -5.36 1.40 -2.35
N ALA A 84 -5.65 2.10 -1.26
CA ALA A 84 -4.73 2.15 -0.11
C ALA A 84 -5.45 2.59 1.16
N MET A 85 -5.13 1.93 2.28
CA MET A 85 -5.72 2.29 3.57
C MET A 85 -4.75 2.06 4.73
N ALA A 86 -4.82 2.94 5.72
CA ALA A 86 -3.97 2.85 6.88
C ALA A 86 -4.79 2.61 8.15
N ARG A 87 -4.09 2.49 9.28
CA ARG A 87 -4.75 2.33 10.58
C ARG A 87 -4.02 3.13 11.66
N VAL A 88 -2.85 3.66 11.33
CA VAL A 88 -1.97 4.23 12.34
C VAL A 88 -1.91 5.76 12.25
N LYS A 89 -1.42 6.37 13.31
CA LYS A 89 -1.38 7.83 13.44
C LYS A 89 -0.21 8.44 12.68
N GLN A 90 0.64 7.62 12.06
CA GLN A 90 1.78 8.15 11.33
C GLN A 90 1.52 8.19 9.83
N ASP A 91 0.79 7.21 9.33
CA ASP A 91 0.56 7.07 7.89
C ASP A 91 -0.08 8.31 7.30
N LEU A 92 -1.09 8.86 7.97
CA LEU A 92 -1.73 10.07 7.45
C LEU A 92 -0.74 11.23 7.44
N ARG A 93 -0.02 11.41 8.54
CA ARG A 93 0.95 12.50 8.64
C ARG A 93 1.94 12.44 7.48
N GLU A 94 2.70 11.36 7.44
CA GLU A 94 3.82 11.23 6.53
C GLU A 94 3.34 11.15 5.07
N SER A 95 2.50 10.16 4.77
CA SER A 95 2.09 9.88 3.39
C SER A 95 1.38 11.09 2.77
N LEU A 96 0.56 11.75 3.56
CA LEU A 96 -0.18 12.91 3.09
C LEU A 96 0.76 14.07 2.76
N ARG A 97 1.80 14.23 3.57
CA ARG A 97 2.75 15.31 3.34
C ARG A 97 3.86 14.90 2.37
N ALA A 98 3.86 13.64 1.97
CA ALA A 98 4.82 13.15 0.99
C ALA A 98 4.41 13.55 -0.42
N ALA A 99 3.24 13.09 -0.85
CA ALA A 99 2.73 13.40 -2.17
C ALA A 99 1.89 14.67 -2.13
N SER A 100 0.89 14.68 -1.24
CA SER A 100 0.00 15.83 -1.05
C SER A 100 -0.85 16.12 -2.30
N LEU A 101 -0.74 15.26 -3.30
CA LEU A 101 -1.36 15.52 -4.60
C LEU A 101 -2.75 14.87 -4.69
N LEU A 102 -3.58 15.13 -3.68
CA LEU A 102 -4.94 14.60 -3.65
C LEU A 102 -5.85 15.35 -4.59
N ASP A 103 -5.31 16.36 -5.23
CA ASP A 103 -6.04 17.08 -6.25
C ASP A 103 -5.94 16.29 -7.56
N LYS A 104 -4.98 15.37 -7.57
CA LYS A 104 -4.83 14.41 -8.64
C LYS A 104 -5.66 13.17 -8.35
N ILE A 105 -5.52 12.67 -7.13
CA ILE A 105 -6.14 11.41 -6.74
C ILE A 105 -7.57 11.60 -6.25
N GLY A 106 -7.73 12.32 -5.16
CA GLY A 106 -9.04 12.54 -4.58
C GLY A 106 -9.38 11.51 -3.52
N GLU A 107 -10.21 10.55 -3.87
CA GLU A 107 -10.54 9.46 -2.97
C GLU A 107 -9.38 8.46 -2.95
N ASP A 108 -8.49 8.64 -1.99
CA ASP A 108 -7.25 7.88 -1.96
C ASP A 108 -6.67 7.87 -0.56
N HIS A 109 -5.82 6.85 -0.31
CA HIS A 109 -5.14 6.61 0.97
C HIS A 109 -5.92 7.10 2.19
N ILE A 110 -6.85 6.27 2.64
CA ILE A 110 -7.72 6.60 3.77
C ILE A 110 -7.53 5.60 4.91
N PHE A 111 -8.45 5.56 5.85
CA PHE A 111 -8.30 4.69 7.02
C PHE A 111 -9.33 3.57 7.06
N MET A 112 -8.84 2.35 7.26
CA MET A 112 -9.64 1.16 7.55
C MET A 112 -10.96 1.09 6.76
N THR A 113 -10.93 0.46 5.60
CA THR A 113 -12.14 0.31 4.81
C THR A 113 -11.95 -0.60 3.60
N LEU A 114 -10.74 -0.63 3.03
CA LEU A 114 -10.49 -1.31 1.75
C LEU A 114 -11.01 -2.75 1.69
N PRO A 115 -10.73 -3.60 2.71
CA PRO A 115 -11.24 -4.99 2.73
C PRO A 115 -12.76 -5.06 2.56
N THR A 116 -13.46 -4.05 3.07
CA THR A 116 -14.90 -3.98 2.95
C THR A 116 -15.28 -3.22 1.68
N ALA A 117 -14.45 -2.25 1.32
CA ALA A 117 -14.68 -1.40 0.16
C ALA A 117 -14.73 -2.23 -1.13
N VAL A 118 -13.68 -2.99 -1.40
CA VAL A 118 -13.63 -3.80 -2.61
C VAL A 118 -14.81 -4.77 -2.65
N GLN A 119 -15.15 -5.31 -1.49
CA GLN A 119 -16.27 -6.23 -1.34
C GLN A 119 -17.54 -5.61 -1.91
N ALA A 120 -17.87 -4.41 -1.44
CA ALA A 120 -19.11 -3.75 -1.81
C ALA A 120 -19.03 -3.11 -3.17
N PHE A 121 -17.95 -2.38 -3.42
CA PHE A 121 -17.82 -1.56 -4.62
C PHE A 121 -17.81 -2.39 -5.90
N ARG A 122 -16.90 -3.34 -6.04
CA ARG A 122 -16.79 -4.07 -7.30
C ARG A 122 -17.66 -5.33 -7.29
N ARG A 123 -18.77 -5.26 -6.57
CA ARG A 123 -19.77 -6.31 -6.60
C ARG A 123 -21.17 -5.71 -6.72
N ARG A 124 -21.36 -4.53 -6.11
CA ARG A 124 -22.64 -3.81 -6.14
C ARG A 124 -23.77 -4.64 -5.57
N MET A 1 9.65 -16.59 15.83
CA MET A 1 9.45 -15.14 15.60
C MET A 1 8.77 -14.92 14.25
N HIS A 2 8.13 -13.77 14.10
CA HIS A 2 7.51 -13.40 12.83
C HIS A 2 7.94 -12.00 12.44
N ASP A 3 9.03 -11.91 11.69
CA ASP A 3 9.55 -10.62 11.26
C ASP A 3 8.91 -10.22 9.94
N ILE A 4 8.78 -8.91 9.73
CA ILE A 4 8.10 -8.32 8.55
C ILE A 4 6.76 -9.01 8.27
N ASP A 5 6.29 -8.90 7.02
CA ASP A 5 4.99 -9.45 6.64
C ASP A 5 5.05 -10.97 6.48
N ASP A 6 5.94 -11.43 5.57
CA ASP A 6 6.15 -12.87 5.28
C ASP A 6 5.03 -13.41 4.38
N TYR A 7 4.01 -12.58 4.16
CA TYR A 7 2.90 -12.88 3.25
C TYR A 7 2.05 -14.06 3.74
N PRO A 8 0.95 -13.75 4.43
CA PRO A 8 -0.02 -14.76 4.87
C PRO A 8 -1.18 -14.92 3.88
N GLN A 9 -1.01 -14.36 2.69
CA GLN A 9 -2.04 -14.40 1.65
C GLN A 9 -1.38 -14.28 0.29
N ALA A 10 -2.05 -14.75 -0.76
CA ALA A 10 -1.50 -14.68 -2.10
C ALA A 10 -2.62 -14.60 -3.13
N LYS A 11 -3.16 -13.41 -3.29
CA LYS A 11 -4.14 -13.15 -4.31
C LYS A 11 -3.44 -12.50 -5.48
N ARG A 12 -4.02 -12.56 -6.66
CA ARG A 12 -3.44 -11.88 -7.81
C ARG A 12 -4.50 -11.15 -8.64
N VAL A 13 -5.42 -11.91 -9.22
CA VAL A 13 -6.36 -11.34 -10.19
C VAL A 13 -7.53 -10.59 -9.53
N PRO A 14 -8.34 -11.24 -8.67
CA PRO A 14 -9.54 -10.63 -8.13
C PRO A 14 -9.31 -9.91 -6.80
N GLY A 15 -8.52 -8.85 -6.84
CA GLY A 15 -8.28 -8.07 -5.64
C GLY A 15 -7.25 -8.70 -4.75
N LEU A 16 -5.99 -8.35 -4.96
CA LEU A 16 -4.89 -8.91 -4.18
C LEU A 16 -4.52 -7.96 -3.06
N VAL A 17 -4.04 -8.52 -1.96
CA VAL A 17 -3.73 -7.72 -0.78
C VAL A 17 -2.24 -7.80 -0.45
N VAL A 18 -1.62 -6.65 -0.25
CA VAL A 18 -0.24 -6.60 0.21
C VAL A 18 -0.16 -5.86 1.54
N TYR A 19 0.56 -6.45 2.48
CA TYR A 19 0.72 -5.85 3.79
C TYR A 19 1.97 -4.97 3.85
N ARG A 20 1.87 -3.88 4.57
CA ARG A 20 3.01 -3.01 4.81
C ARG A 20 3.89 -3.65 5.88
N TYR A 21 5.03 -4.19 5.45
CA TYR A 21 5.94 -4.97 6.32
C TYR A 21 6.03 -4.39 7.73
N ASP A 22 5.59 -5.18 8.71
CA ASP A 22 5.57 -4.74 10.10
C ASP A 22 6.93 -4.98 10.75
N ALA A 23 7.92 -4.21 10.30
CA ALA A 23 9.27 -4.30 10.85
C ALA A 23 10.11 -3.13 10.36
N PRO A 24 10.81 -2.45 11.29
CA PRO A 24 11.61 -1.26 10.98
C PRO A 24 12.64 -1.48 9.88
N LEU A 25 12.34 -0.95 8.70
CA LEU A 25 13.29 -0.95 7.61
C LEU A 25 13.69 0.48 7.27
N CYS A 26 13.07 1.42 7.98
CA CYS A 26 13.39 2.85 7.84
C CYS A 26 13.01 3.33 6.44
N PHE A 27 13.99 3.35 5.54
CA PHE A 27 13.74 3.63 4.13
C PHE A 27 15.03 3.54 3.33
N ALA A 28 16.08 3.02 3.96
CA ALA A 28 17.43 2.97 3.37
C ALA A 28 17.40 2.46 1.93
N ASN A 29 16.90 1.25 1.76
CA ASN A 29 16.81 0.65 0.44
C ASN A 29 15.36 0.51 0.02
N ALA A 30 14.46 1.13 0.80
CA ALA A 30 13.03 0.91 0.68
C ALA A 30 12.49 1.28 -0.70
N GLU A 31 13.13 2.23 -1.35
CA GLU A 31 12.70 2.64 -2.69
C GLU A 31 12.81 1.47 -3.66
N ASP A 32 14.04 1.04 -3.91
CA ASP A 32 14.30 -0.07 -4.83
C ASP A 32 13.68 -1.34 -4.30
N PHE A 33 13.85 -1.57 -3.00
CA PHE A 33 13.31 -2.75 -2.32
C PHE A 33 11.79 -2.85 -2.52
N ARG A 34 11.10 -1.73 -2.36
CA ARG A 34 9.64 -1.71 -2.45
C ARG A 34 9.20 -2.16 -3.83
N ARG A 35 9.68 -1.49 -4.87
CA ARG A 35 9.24 -1.82 -6.20
C ARG A 35 9.81 -3.16 -6.66
N ARG A 36 11.00 -3.51 -6.17
CA ARG A 36 11.62 -4.77 -6.55
C ARG A 36 10.70 -5.94 -6.21
N ALA A 37 10.47 -6.13 -4.92
CA ALA A 37 9.77 -7.29 -4.42
C ALA A 37 8.27 -7.19 -4.68
N LEU A 38 7.69 -6.08 -4.26
CA LEU A 38 6.26 -5.92 -4.34
C LEU A 38 5.79 -5.82 -5.79
N THR A 39 6.48 -5.03 -6.59
CA THR A 39 6.08 -4.89 -7.98
C THR A 39 6.26 -6.21 -8.74
N VAL A 40 7.21 -7.04 -8.30
CA VAL A 40 7.42 -8.34 -8.95
C VAL A 40 6.42 -9.40 -8.46
N VAL A 41 5.77 -9.17 -7.32
CA VAL A 41 4.67 -10.06 -6.91
C VAL A 41 3.41 -9.66 -7.67
N ASP A 42 3.49 -8.46 -8.28
CA ASP A 42 2.52 -7.94 -9.27
C ASP A 42 1.88 -6.66 -8.78
N GLN A 43 2.59 -5.57 -8.95
CA GLN A 43 2.05 -4.24 -8.69
C GLN A 43 1.84 -3.50 -10.00
N ASP A 44 2.70 -3.81 -10.97
CA ASP A 44 2.66 -3.09 -12.24
C ASP A 44 2.81 -4.03 -13.43
N PRO A 45 1.81 -4.89 -13.67
CA PRO A 45 1.69 -5.65 -14.91
C PRO A 45 0.81 -4.93 -15.94
N GLY A 46 0.21 -3.83 -15.49
CA GLY A 46 -0.76 -3.12 -16.30
C GLY A 46 -2.05 -2.90 -15.53
N GLN A 47 -3.17 -3.22 -16.15
CA GLN A 47 -4.46 -3.14 -15.46
C GLN A 47 -4.67 -4.37 -14.57
N VAL A 48 -4.71 -4.14 -13.27
CA VAL A 48 -4.85 -5.21 -12.30
C VAL A 48 -5.66 -4.71 -11.10
N GLU A 49 -6.37 -5.62 -10.43
CA GLU A 49 -7.18 -5.27 -9.27
C GLU A 49 -6.49 -5.70 -7.99
N TRP A 50 -6.19 -4.74 -7.14
CA TRP A 50 -5.43 -5.01 -5.94
C TRP A 50 -5.53 -3.86 -4.96
N PHE A 51 -4.97 -4.05 -3.78
CA PHE A 51 -4.92 -3.00 -2.79
C PHE A 51 -3.98 -3.39 -1.65
N VAL A 52 -3.49 -2.39 -0.93
CA VAL A 52 -2.57 -2.64 0.16
C VAL A 52 -3.00 -1.91 1.42
N LEU A 53 -2.54 -2.40 2.54
CA LEU A 53 -2.80 -1.74 3.82
C LEU A 53 -1.60 -1.87 4.73
N ASN A 54 -1.60 -1.10 5.79
CA ASN A 54 -0.59 -1.24 6.82
C ASN A 54 -0.82 -2.53 7.60
N ALA A 55 0.22 -3.05 8.24
CA ALA A 55 0.09 -4.27 9.01
C ALA A 55 -0.57 -3.99 10.36
N GLU A 56 0.17 -3.39 11.29
CA GLU A 56 -0.40 -3.01 12.57
C GLU A 56 0.51 -2.02 13.30
N SER A 57 1.75 -2.44 13.54
CA SER A 57 2.70 -1.64 14.30
C SER A 57 3.67 -0.95 13.34
N ASN A 58 3.25 -0.78 12.09
CA ASN A 58 4.10 -0.23 11.03
C ASN A 58 4.56 1.19 11.34
N VAL A 59 4.04 1.75 12.42
CA VAL A 59 4.35 3.11 12.83
C VAL A 59 5.81 3.20 13.30
N GLU A 60 6.37 2.07 13.69
CA GLU A 60 7.73 2.05 14.21
C GLU A 60 8.67 1.49 13.16
N VAL A 61 8.09 1.13 12.02
CA VAL A 61 8.80 0.35 11.04
C VAL A 61 9.10 1.16 9.78
N ASP A 62 8.21 2.10 9.48
CA ASP A 62 8.18 2.74 8.19
C ASP A 62 8.32 4.26 8.35
N LEU A 63 9.45 4.79 7.89
CA LEU A 63 9.79 6.20 8.13
C LEU A 63 9.50 7.06 6.90
N THR A 64 10.39 6.99 5.91
CA THR A 64 10.17 7.68 4.63
C THR A 64 9.86 6.64 3.56
N ALA A 65 9.63 5.42 4.05
CA ALA A 65 9.34 4.30 3.20
C ALA A 65 7.99 4.47 2.52
N LEU A 66 7.13 5.31 3.09
CA LEU A 66 5.88 5.66 2.44
C LEU A 66 6.10 6.69 1.35
N ASP A 67 7.20 7.41 1.40
CA ASP A 67 7.51 8.31 0.31
C ASP A 67 7.73 7.45 -0.92
N ALA A 68 8.55 6.43 -0.75
CA ALA A 68 8.75 5.44 -1.80
C ALA A 68 7.43 4.71 -2.09
N LEU A 69 6.83 4.16 -1.04
CA LEU A 69 5.60 3.36 -1.15
C LEU A 69 4.48 4.12 -1.83
N ASP A 70 4.04 5.20 -1.22
CA ASP A 70 2.85 5.91 -1.66
C ASP A 70 3.06 6.62 -3.00
N GLN A 71 4.29 7.02 -3.31
CA GLN A 71 4.52 7.65 -4.60
C GLN A 71 4.25 6.64 -5.70
N LEU A 72 4.72 5.40 -5.52
CA LEU A 72 4.46 4.35 -6.49
C LEU A 72 3.05 3.80 -6.31
N ARG A 73 2.48 4.01 -5.13
CA ARG A 73 1.09 3.65 -4.89
C ARG A 73 0.19 4.45 -5.80
N THR A 74 0.11 5.75 -5.55
CA THR A 74 -0.80 6.60 -6.29
C THR A 74 -0.45 6.62 -7.79
N GLU A 75 0.85 6.51 -8.09
CA GLU A 75 1.32 6.55 -9.47
C GLU A 75 0.79 5.37 -10.26
N LEU A 76 0.78 4.21 -9.64
CA LEU A 76 0.33 2.99 -10.29
C LEU A 76 -1.18 2.80 -10.08
N LEU A 77 -1.67 3.32 -8.96
CA LEU A 77 -3.07 3.19 -8.59
C LEU A 77 -3.95 3.95 -9.57
N ARG A 78 -3.52 5.15 -9.93
CA ARG A 78 -4.27 6.00 -10.85
C ARG A 78 -4.26 5.43 -12.27
N ARG A 79 -3.67 4.26 -12.45
CA ARG A 79 -3.56 3.64 -13.77
C ARG A 79 -4.47 2.41 -13.88
N GLY A 80 -5.10 2.03 -12.78
CA GLY A 80 -5.93 0.83 -12.79
C GLY A 80 -6.95 0.80 -11.67
N ILE A 81 -7.33 -0.39 -11.25
CA ILE A 81 -8.30 -0.57 -10.18
C ILE A 81 -7.61 -1.10 -8.92
N VAL A 82 -7.23 -0.18 -8.07
CA VAL A 82 -6.46 -0.49 -6.88
C VAL A 82 -6.68 0.58 -5.82
N PHE A 83 -6.50 0.23 -4.56
CA PHE A 83 -6.61 1.19 -3.47
C PHE A 83 -5.56 0.92 -2.39
N ALA A 84 -5.53 1.75 -1.36
CA ALA A 84 -4.63 1.55 -0.23
C ALA A 84 -5.16 2.24 1.01
N MET A 85 -4.71 1.80 2.18
CA MET A 85 -5.21 2.34 3.44
C MET A 85 -4.20 2.23 4.59
N ALA A 86 -4.22 3.23 5.46
CA ALA A 86 -3.37 3.28 6.63
C ALA A 86 -4.20 3.50 7.90
N ARG A 87 -3.56 3.74 9.03
CA ARG A 87 -4.29 3.87 10.29
C ARG A 87 -3.59 4.78 11.30
N VAL A 88 -4.10 4.72 12.54
CA VAL A 88 -3.52 5.33 13.74
C VAL A 88 -2.96 6.75 13.56
N LYS A 89 -1.66 6.87 13.35
CA LYS A 89 -1.00 8.17 13.48
C LYS A 89 -0.09 8.50 12.31
N GLN A 90 1.15 8.03 12.37
CA GLN A 90 2.17 8.38 11.39
C GLN A 90 1.78 7.89 10.00
N ASP A 91 1.14 6.73 9.96
CA ASP A 91 0.70 6.08 8.72
C ASP A 91 0.13 7.08 7.73
N LEU A 92 -1.04 7.61 8.02
CA LEU A 92 -1.74 8.48 7.10
C LEU A 92 -1.02 9.80 6.91
N ARG A 93 -0.46 10.35 7.99
CA ARG A 93 0.19 11.65 7.93
C ARG A 93 1.31 11.66 6.89
N GLU A 94 2.22 10.70 7.01
CA GLU A 94 3.38 10.65 6.15
C GLU A 94 2.99 10.29 4.72
N SER A 95 2.18 9.24 4.59
CA SER A 95 1.73 8.77 3.28
C SER A 95 1.03 9.87 2.50
N LEU A 96 0.22 10.65 3.20
CA LEU A 96 -0.54 11.72 2.56
C LEU A 96 0.35 12.92 2.26
N ARG A 97 1.45 13.04 2.98
CA ARG A 97 2.44 14.08 2.70
C ARG A 97 3.36 13.65 1.56
N ALA A 98 3.46 12.35 1.36
CA ALA A 98 4.26 11.80 0.27
C ALA A 98 3.55 11.98 -1.06
N ALA A 99 2.25 11.71 -1.07
CA ALA A 99 1.44 11.90 -2.27
C ALA A 99 0.38 12.97 -2.03
N SER A 100 0.69 14.19 -2.44
CA SER A 100 -0.16 15.35 -2.16
C SER A 100 -0.98 15.77 -3.38
N LEU A 101 -0.86 15.03 -4.46
CA LEU A 101 -1.59 15.35 -5.70
C LEU A 101 -3.04 14.81 -5.62
N LEU A 102 -3.65 15.01 -4.47
CA LEU A 102 -4.99 14.49 -4.17
C LEU A 102 -6.06 15.22 -4.98
N ASP A 103 -5.64 16.20 -5.77
CA ASP A 103 -6.55 16.96 -6.61
C ASP A 103 -6.88 16.19 -7.88
N LYS A 104 -6.00 15.26 -8.25
CA LYS A 104 -6.16 14.52 -9.49
C LYS A 104 -6.42 13.04 -9.24
N ILE A 105 -5.73 12.47 -8.26
CA ILE A 105 -5.97 11.07 -7.92
C ILE A 105 -7.15 10.96 -6.97
N GLY A 106 -7.58 12.12 -6.47
CA GLY A 106 -8.74 12.20 -5.59
C GLY A 106 -8.69 11.22 -4.43
N GLU A 107 -9.58 10.24 -4.44
CA GLU A 107 -9.59 9.21 -3.42
C GLU A 107 -8.74 8.03 -3.86
N ASP A 108 -7.54 7.97 -3.32
CA ASP A 108 -6.53 7.02 -3.75
C ASP A 108 -6.09 6.15 -2.58
N HIS A 109 -5.58 6.79 -1.55
CA HIS A 109 -5.04 6.10 -0.41
C HIS A 109 -5.54 6.75 0.88
N ILE A 110 -6.37 6.02 1.62
CA ILE A 110 -7.11 6.59 2.74
C ILE A 110 -6.90 5.80 4.04
N PHE A 111 -7.85 5.94 4.94
CA PHE A 111 -7.80 5.30 6.25
C PHE A 111 -8.40 3.88 6.20
N MET A 112 -8.20 3.13 7.28
CA MET A 112 -8.77 1.79 7.49
C MET A 112 -10.21 1.69 6.98
N THR A 113 -10.40 0.87 5.92
CA THR A 113 -11.74 0.61 5.38
C THR A 113 -11.70 -0.24 4.09
N LEU A 114 -10.52 -0.34 3.46
CA LEU A 114 -10.37 -1.00 2.15
C LEU A 114 -11.07 -2.37 2.06
N PRO A 115 -10.84 -3.31 3.00
CA PRO A 115 -11.47 -4.65 2.96
C PRO A 115 -13.00 -4.58 2.82
N THR A 116 -13.61 -3.63 3.51
CA THR A 116 -15.05 -3.46 3.43
C THR A 116 -15.44 -2.70 2.17
N ALA A 117 -14.60 -1.73 1.81
CA ALA A 117 -14.84 -0.91 0.62
C ALA A 117 -14.96 -1.78 -0.63
N VAL A 118 -13.91 -2.55 -0.92
CA VAL A 118 -13.89 -3.39 -2.12
C VAL A 118 -15.06 -4.37 -2.13
N GLN A 119 -15.38 -4.94 -0.98
CA GLN A 119 -16.50 -5.87 -0.86
C GLN A 119 -17.81 -5.19 -1.25
N ALA A 120 -18.02 -3.99 -0.72
CA ALA A 120 -19.22 -3.23 -0.98
C ALA A 120 -19.33 -2.83 -2.45
N PHE A 121 -18.21 -2.39 -3.02
CA PHE A 121 -18.19 -1.91 -4.39
C PHE A 121 -18.26 -3.05 -5.39
N ARG A 122 -17.99 -4.27 -4.95
CA ARG A 122 -18.00 -5.42 -5.85
C ARG A 122 -19.38 -6.08 -5.93
N ARG A 123 -20.19 -5.96 -4.88
CA ARG A 123 -21.52 -6.54 -4.92
C ARG A 123 -22.59 -5.46 -5.13
N ARG A 124 -22.23 -4.21 -4.83
CA ARG A 124 -23.16 -3.08 -4.90
C ARG A 124 -24.28 -3.22 -3.89
N MET A 1 6.27 -14.02 18.70
CA MET A 1 5.65 -12.80 18.15
C MET A 1 5.92 -12.72 16.66
N HIS A 2 4.90 -12.93 15.86
CA HIS A 2 5.05 -12.97 14.42
C HIS A 2 4.83 -11.59 13.81
N ASP A 3 4.97 -11.52 12.48
CA ASP A 3 4.83 -10.29 11.71
C ASP A 3 6.07 -9.41 11.88
N ILE A 4 6.84 -9.32 10.81
CA ILE A 4 8.09 -8.54 10.78
C ILE A 4 8.26 -7.98 9.38
N ASP A 5 9.50 -7.65 9.00
CA ASP A 5 9.79 -7.24 7.63
C ASP A 5 9.84 -8.47 6.74
N ASP A 6 8.69 -8.79 6.15
CA ASP A 6 8.54 -9.98 5.30
C ASP A 6 7.15 -9.98 4.67
N TYR A 7 6.95 -10.80 3.65
CA TYR A 7 5.66 -10.90 2.98
C TYR A 7 5.26 -12.36 2.76
N PRO A 8 4.62 -12.97 3.77
CA PRO A 8 4.17 -14.37 3.70
C PRO A 8 2.93 -14.55 2.81
N GLN A 9 1.96 -13.65 2.97
CA GLN A 9 0.72 -13.73 2.20
C GLN A 9 0.81 -12.79 1.00
N ALA A 10 0.25 -13.21 -0.13
CA ALA A 10 0.34 -12.47 -1.36
C ALA A 10 -0.74 -12.93 -2.32
N LYS A 11 -1.85 -12.22 -2.30
CA LYS A 11 -2.92 -12.50 -3.23
C LYS A 11 -2.52 -11.97 -4.60
N ARG A 12 -3.34 -12.18 -5.61
CA ARG A 12 -3.09 -11.55 -6.91
C ARG A 12 -4.35 -11.44 -7.78
N VAL A 13 -5.35 -12.26 -7.53
CA VAL A 13 -6.57 -12.21 -8.33
C VAL A 13 -7.70 -11.42 -7.65
N PRO A 14 -8.18 -11.84 -6.44
CA PRO A 14 -9.27 -11.15 -5.75
C PRO A 14 -8.78 -9.92 -4.99
N GLY A 15 -7.88 -9.18 -5.60
CA GLY A 15 -7.24 -8.07 -4.92
C GLY A 15 -6.01 -8.54 -4.18
N LEU A 16 -4.83 -8.22 -4.70
CA LEU A 16 -3.60 -8.63 -4.05
C LEU A 16 -3.38 -7.77 -2.81
N VAL A 17 -3.33 -8.42 -1.66
CA VAL A 17 -3.32 -7.75 -0.39
C VAL A 17 -1.90 -7.66 0.16
N VAL A 18 -1.29 -6.50 0.05
CA VAL A 18 0.04 -6.28 0.62
C VAL A 18 -0.06 -5.39 1.85
N TYR A 19 0.29 -5.96 2.99
CA TYR A 19 0.20 -5.23 4.24
C TYR A 19 1.57 -4.72 4.67
N ARG A 20 1.56 -3.74 5.57
CA ARG A 20 2.78 -3.14 6.09
C ARG A 20 3.44 -4.04 7.13
N TYR A 21 4.60 -3.61 7.63
CA TYR A 21 5.43 -4.47 8.49
C TYR A 21 5.28 -4.10 9.97
N ASP A 22 5.97 -4.85 10.83
CA ASP A 22 5.99 -4.57 12.27
C ASP A 22 7.38 -4.10 12.72
N ALA A 23 8.26 -3.94 11.75
CA ALA A 23 9.65 -3.67 12.04
C ALA A 23 10.14 -2.42 11.34
N PRO A 24 10.86 -1.56 12.07
CA PRO A 24 11.44 -0.34 11.50
C PRO A 24 12.55 -0.63 10.49
N LEU A 25 12.20 -0.56 9.21
CA LEU A 25 13.20 -0.65 8.16
C LEU A 25 13.50 0.74 7.62
N CYS A 26 12.66 1.70 8.04
CA CYS A 26 12.85 3.12 7.70
C CYS A 26 12.66 3.35 6.21
N PHE A 27 13.71 3.06 5.43
CA PHE A 27 13.68 3.13 3.97
C PHE A 27 15.04 2.78 3.38
N ALA A 28 15.91 2.22 4.22
CA ALA A 28 17.34 2.01 3.89
C ALA A 28 17.54 1.46 2.49
N ASN A 29 17.28 0.17 2.32
CA ASN A 29 17.36 -0.45 1.01
C ASN A 29 15.97 -0.56 0.42
N ALA A 30 15.02 0.07 1.10
CA ALA A 30 13.62 -0.17 0.86
C ALA A 30 13.08 0.63 -0.33
N GLU A 31 13.89 1.51 -0.90
CA GLU A 31 13.45 2.27 -2.06
C GLU A 31 13.40 1.39 -3.31
N ASP A 32 14.54 0.82 -3.70
CA ASP A 32 14.57 -0.09 -4.84
C ASP A 32 13.82 -1.36 -4.48
N PHE A 33 14.01 -1.82 -3.25
CA PHE A 33 13.30 -2.99 -2.73
C PHE A 33 11.80 -2.82 -2.87
N ARG A 34 11.31 -1.60 -2.59
CA ARG A 34 9.89 -1.33 -2.69
C ARG A 34 9.40 -1.55 -4.10
N ARG A 35 9.99 -0.82 -5.05
CA ARG A 35 9.57 -0.92 -6.43
C ARG A 35 9.83 -2.32 -6.96
N ARG A 36 10.86 -2.96 -6.44
CA ARG A 36 11.26 -4.31 -6.83
C ARG A 36 10.14 -5.32 -6.53
N ALA A 37 9.95 -5.58 -5.24
CA ALA A 37 9.04 -6.62 -4.78
C ALA A 37 7.61 -6.34 -5.23
N LEU A 38 7.17 -5.10 -5.11
CA LEU A 38 5.79 -4.74 -5.42
C LEU A 38 5.53 -4.86 -6.92
N THR A 39 6.45 -4.41 -7.75
CA THR A 39 6.24 -4.46 -9.18
C THR A 39 6.22 -5.91 -9.65
N VAL A 40 6.90 -6.78 -8.93
CA VAL A 40 6.96 -8.17 -9.34
C VAL A 40 5.85 -9.02 -8.70
N VAL A 41 5.22 -8.49 -7.65
CA VAL A 41 3.97 -9.08 -7.18
C VAL A 41 2.81 -8.47 -7.97
N ASP A 42 3.20 -7.58 -8.89
CA ASP A 42 2.34 -7.08 -9.97
C ASP A 42 1.64 -5.79 -9.58
N GLN A 43 2.43 -4.76 -9.31
CA GLN A 43 1.89 -3.43 -9.08
C GLN A 43 1.81 -2.67 -10.40
N ASP A 44 2.58 -3.13 -11.39
CA ASP A 44 2.62 -2.49 -12.70
C ASP A 44 2.54 -3.53 -13.84
N PRO A 45 1.48 -4.35 -13.87
CA PRO A 45 1.18 -5.19 -15.04
C PRO A 45 0.22 -4.49 -16.01
N GLY A 46 -1.01 -4.24 -15.55
CA GLY A 46 -1.99 -3.56 -16.36
C GLY A 46 -3.29 -3.37 -15.60
N GLN A 47 -4.31 -4.12 -15.99
CA GLN A 47 -5.57 -4.08 -15.30
C GLN A 47 -5.60 -5.12 -14.19
N VAL A 48 -5.13 -4.72 -13.02
CA VAL A 48 -5.04 -5.63 -11.89
C VAL A 48 -5.82 -5.07 -10.69
N GLU A 49 -6.52 -5.96 -10.01
CA GLU A 49 -7.27 -5.59 -8.82
C GLU A 49 -6.43 -5.85 -7.58
N TRP A 50 -6.20 -4.83 -6.78
CA TRP A 50 -5.34 -4.99 -5.62
C TRP A 50 -5.43 -3.81 -4.67
N PHE A 51 -4.69 -3.91 -3.58
CA PHE A 51 -4.61 -2.83 -2.61
C PHE A 51 -3.53 -3.11 -1.58
N VAL A 52 -2.99 -2.04 -1.01
CA VAL A 52 -2.06 -2.17 0.09
C VAL A 52 -2.66 -1.55 1.32
N LEU A 53 -2.46 -2.18 2.46
CA LEU A 53 -3.10 -1.74 3.67
C LEU A 53 -2.16 -1.81 4.86
N ASN A 54 -2.35 -0.89 5.78
CA ASN A 54 -1.65 -0.92 7.04
C ASN A 54 -2.26 -1.97 7.95
N ALA A 55 -1.55 -3.07 8.11
CA ALA A 55 -2.04 -4.24 8.84
C ALA A 55 -2.44 -3.88 10.26
N GLU A 56 -1.46 -3.44 11.06
CA GLU A 56 -1.69 -3.12 12.46
C GLU A 56 -0.43 -2.56 13.11
N SER A 57 0.59 -3.39 13.15
CA SER A 57 1.80 -3.11 13.91
C SER A 57 2.74 -2.16 13.16
N ASN A 58 2.24 -1.61 12.07
CA ASN A 58 3.00 -0.72 11.22
C ASN A 58 2.88 0.73 11.67
N VAL A 59 3.82 1.16 12.48
CA VAL A 59 3.81 2.52 12.98
C VAL A 59 5.19 3.16 12.82
N GLU A 60 6.17 2.57 13.47
CA GLU A 60 7.51 3.11 13.52
C GLU A 60 8.39 2.28 12.63
N VAL A 61 7.72 1.42 11.90
CA VAL A 61 8.35 0.47 11.03
C VAL A 61 8.84 1.18 9.77
N ASP A 62 8.26 2.34 9.52
CA ASP A 62 8.36 2.96 8.23
C ASP A 62 8.51 4.47 8.37
N LEU A 63 9.52 5.02 7.73
CA LEU A 63 9.84 6.44 7.88
C LEU A 63 9.58 7.21 6.58
N THR A 64 10.47 7.05 5.61
CA THR A 64 10.33 7.71 4.32
C THR A 64 10.02 6.66 3.25
N ALA A 65 9.80 5.44 3.72
CA ALA A 65 9.49 4.35 2.84
C ALA A 65 8.12 4.53 2.22
N LEU A 66 7.29 5.40 2.80
CA LEU A 66 6.02 5.74 2.17
C LEU A 66 6.20 6.78 1.08
N ASP A 67 7.34 7.47 1.09
CA ASP A 67 7.66 8.35 -0.02
C ASP A 67 7.85 7.49 -1.23
N ALA A 68 8.71 6.50 -1.06
CA ALA A 68 8.92 5.50 -2.11
C ALA A 68 7.64 4.71 -2.37
N LEU A 69 7.01 4.24 -1.30
CA LEU A 69 5.84 3.40 -1.40
C LEU A 69 4.70 4.14 -2.07
N ASP A 70 4.35 5.32 -1.58
CA ASP A 70 3.16 6.02 -2.06
C ASP A 70 3.36 6.57 -3.46
N GLN A 71 4.59 6.85 -3.84
CA GLN A 71 4.83 7.28 -5.21
C GLN A 71 4.49 6.12 -6.13
N LEU A 72 4.85 4.90 -5.72
CA LEU A 72 4.44 3.70 -6.43
C LEU A 72 2.93 3.48 -6.24
N ARG A 73 2.43 3.77 -5.04
CA ARG A 73 1.00 3.61 -4.77
C ARG A 73 0.20 4.53 -5.66
N THR A 74 0.23 5.82 -5.37
CA THR A 74 -0.60 6.79 -6.05
C THR A 74 -0.46 6.72 -7.57
N GLU A 75 0.77 6.53 -8.07
CA GLU A 75 1.01 6.61 -9.49
C GLU A 75 0.58 5.34 -10.22
N LEU A 76 0.68 4.20 -9.55
CA LEU A 76 0.28 2.93 -10.16
C LEU A 76 -1.16 2.58 -9.79
N LEU A 77 -1.66 3.22 -8.75
CA LEU A 77 -3.02 3.03 -8.28
C LEU A 77 -3.98 3.75 -9.22
N ARG A 78 -3.58 4.95 -9.62
CA ARG A 78 -4.37 5.78 -10.52
C ARG A 78 -4.39 5.20 -11.94
N ARG A 79 -3.97 3.95 -12.08
CA ARG A 79 -3.91 3.28 -13.37
C ARG A 79 -5.10 2.33 -13.54
N GLY A 80 -5.47 1.63 -12.46
CA GLY A 80 -6.51 0.62 -12.55
C GLY A 80 -7.36 0.53 -11.30
N ILE A 81 -7.84 -0.68 -10.99
CA ILE A 81 -8.69 -0.89 -9.82
C ILE A 81 -7.86 -1.32 -8.62
N VAL A 82 -7.51 -0.35 -7.79
CA VAL A 82 -6.67 -0.57 -6.64
C VAL A 82 -6.87 0.56 -5.64
N PHE A 83 -6.60 0.29 -4.37
CA PHE A 83 -6.65 1.33 -3.35
C PHE A 83 -5.55 1.10 -2.30
N ALA A 84 -5.48 1.99 -1.33
CA ALA A 84 -4.55 1.85 -0.21
C ALA A 84 -5.16 2.48 1.03
N MET A 85 -5.05 1.78 2.15
CA MET A 85 -5.67 2.25 3.38
C MET A 85 -4.72 2.17 4.57
N ALA A 86 -5.00 2.99 5.57
CA ALA A 86 -4.20 3.04 6.77
C ALA A 86 -5.08 2.88 8.02
N ARG A 87 -4.40 2.74 9.14
CA ARG A 87 -5.03 2.67 10.46
C ARG A 87 -4.07 3.33 11.43
N VAL A 88 -3.22 4.16 10.88
CA VAL A 88 -1.98 4.54 11.52
C VAL A 88 -1.94 6.00 11.94
N LYS A 89 -0.84 6.35 12.58
CA LYS A 89 -0.61 7.69 13.10
C LYS A 89 0.59 8.34 12.41
N GLN A 90 1.26 7.60 11.53
CA GLN A 90 2.49 8.11 10.91
C GLN A 90 2.50 7.88 9.40
N ASP A 91 2.25 6.64 8.96
CA ASP A 91 2.27 6.29 7.53
C ASP A 91 1.49 7.30 6.69
N LEU A 92 0.25 7.57 7.07
CA LEU A 92 -0.59 8.48 6.31
C LEU A 92 -0.08 9.92 6.39
N ARG A 93 0.54 10.28 7.52
CA ARG A 93 1.02 11.65 7.71
C ARG A 93 2.12 11.96 6.70
N GLU A 94 3.10 11.08 6.64
CA GLU A 94 4.23 11.26 5.74
C GLU A 94 3.82 11.04 4.30
N SER A 95 2.94 10.06 4.09
CA SER A 95 2.45 9.73 2.76
C SER A 95 1.72 10.92 2.14
N LEU A 96 0.86 11.54 2.93
CA LEU A 96 0.10 12.69 2.48
C LEU A 96 1.01 13.89 2.25
N ARG A 97 2.11 13.95 3.01
CA ARG A 97 3.14 14.96 2.78
C ARG A 97 3.84 14.73 1.43
N ALA A 98 4.27 13.49 1.21
CA ALA A 98 5.05 13.13 0.03
C ALA A 98 4.22 13.26 -1.25
N ALA A 99 2.99 12.75 -1.21
CA ALA A 99 2.14 12.73 -2.40
C ALA A 99 1.75 14.13 -2.86
N SER A 100 0.79 14.73 -2.15
CA SER A 100 0.34 16.10 -2.41
C SER A 100 -0.44 16.27 -3.74
N LEU A 101 -0.47 15.24 -4.58
CA LEU A 101 -1.18 15.32 -5.86
C LEU A 101 -2.64 14.89 -5.70
N LEU A 102 -3.32 15.48 -4.73
CA LEU A 102 -4.65 15.04 -4.34
C LEU A 102 -5.74 15.67 -5.19
N ASP A 103 -5.35 16.56 -6.10
CA ASP A 103 -6.31 17.16 -7.02
C ASP A 103 -6.68 16.17 -8.11
N LYS A 104 -5.78 15.22 -8.37
CA LYS A 104 -6.00 14.25 -9.41
C LYS A 104 -6.31 12.86 -8.84
N ILE A 105 -5.51 12.39 -7.89
CA ILE A 105 -5.74 11.07 -7.31
C ILE A 105 -6.70 11.16 -6.14
N GLY A 106 -6.55 12.21 -5.34
CA GLY A 106 -7.44 12.45 -4.23
C GLY A 106 -7.49 11.33 -3.21
N GLU A 107 -8.60 10.59 -3.21
CA GLU A 107 -8.91 9.66 -2.15
C GLU A 107 -8.45 8.23 -2.48
N ASP A 108 -7.35 8.13 -3.21
CA ASP A 108 -6.80 6.82 -3.56
C ASP A 108 -6.19 6.14 -2.35
N HIS A 109 -5.80 6.93 -1.35
CA HIS A 109 -5.23 6.41 -0.12
C HIS A 109 -5.95 6.99 1.09
N ILE A 110 -6.63 6.11 1.83
CA ILE A 110 -7.50 6.51 2.93
C ILE A 110 -7.26 5.62 4.16
N PHE A 111 -8.26 5.48 5.02
CA PHE A 111 -8.15 4.64 6.21
C PHE A 111 -8.92 3.32 6.06
N MET A 112 -9.03 2.60 7.18
CA MET A 112 -9.76 1.32 7.29
C MET A 112 -11.06 1.31 6.49
N THR A 113 -11.13 0.43 5.48
CA THR A 113 -12.34 0.25 4.69
C THR A 113 -12.17 -0.82 3.61
N LEU A 114 -10.98 -0.88 3.01
CA LEU A 114 -10.73 -1.74 1.84
C LEU A 114 -11.21 -3.19 1.98
N PRO A 115 -10.85 -3.91 3.07
CA PRO A 115 -11.31 -5.30 3.28
C PRO A 115 -12.82 -5.48 3.10
N THR A 116 -13.57 -4.43 3.41
CA THR A 116 -15.02 -4.46 3.23
C THR A 116 -15.39 -3.83 1.89
N ALA A 117 -14.74 -2.72 1.56
CA ALA A 117 -15.05 -1.92 0.38
C ALA A 117 -15.06 -2.74 -0.90
N VAL A 118 -13.95 -3.42 -1.19
CA VAL A 118 -13.81 -4.15 -2.45
C VAL A 118 -14.91 -5.18 -2.65
N GLN A 119 -15.18 -5.97 -1.61
CA GLN A 119 -16.19 -7.01 -1.69
C GLN A 119 -17.58 -6.42 -1.74
N ALA A 120 -17.77 -5.28 -1.06
CA ALA A 120 -19.05 -4.59 -1.07
C ALA A 120 -19.34 -4.00 -2.44
N PHE A 121 -18.35 -3.34 -3.02
CA PHE A 121 -18.52 -2.70 -4.31
C PHE A 121 -18.79 -3.70 -5.42
N ARG A 122 -18.18 -4.89 -5.31
CA ARG A 122 -18.28 -5.89 -6.37
C ARG A 122 -19.68 -6.50 -6.50
N ARG A 123 -20.57 -6.25 -5.55
CA ARG A 123 -21.95 -6.72 -5.69
C ARG A 123 -22.94 -5.59 -5.44
N ARG A 124 -22.40 -4.38 -5.30
CA ARG A 124 -23.19 -3.18 -5.03
C ARG A 124 -24.01 -3.34 -3.75
N MET A 1 13.53 -10.42 14.58
CA MET A 1 13.27 -11.86 14.74
C MET A 1 12.41 -12.36 13.58
N HIS A 2 11.09 -12.28 13.76
CA HIS A 2 10.18 -12.53 12.66
C HIS A 2 9.56 -11.20 12.23
N ASP A 3 9.20 -10.41 13.23
CA ASP A 3 8.68 -9.05 13.03
C ASP A 3 7.43 -9.08 12.17
N ILE A 4 7.02 -7.89 11.69
CA ILE A 4 5.86 -7.72 10.80
C ILE A 4 4.62 -8.48 11.30
N ASP A 5 3.66 -8.68 10.42
CA ASP A 5 2.50 -9.51 10.76
C ASP A 5 2.77 -10.94 10.30
N ASP A 6 2.37 -11.24 9.06
CA ASP A 6 2.72 -12.49 8.36
C ASP A 6 1.76 -12.68 7.19
N TYR A 7 1.89 -13.81 6.49
CA TYR A 7 1.02 -14.18 5.38
C TYR A 7 0.81 -13.02 4.40
N PRO A 8 1.80 -12.77 3.53
CA PRO A 8 1.75 -11.67 2.57
C PRO A 8 0.74 -11.93 1.46
N GLN A 9 0.50 -13.20 1.17
CA GLN A 9 -0.51 -13.63 0.19
C GLN A 9 -0.04 -13.32 -1.24
N ALA A 10 -0.62 -14.04 -2.21
CA ALA A 10 -0.36 -13.80 -3.62
C ALA A 10 -1.59 -14.11 -4.45
N LYS A 11 -2.36 -13.07 -4.76
CA LYS A 11 -3.55 -13.22 -5.58
C LYS A 11 -3.38 -12.42 -6.87
N ARG A 12 -3.54 -13.09 -7.99
CA ARG A 12 -3.38 -12.42 -9.28
C ARG A 12 -4.73 -12.00 -9.85
N VAL A 13 -5.80 -12.61 -9.38
CA VAL A 13 -7.14 -12.32 -9.89
C VAL A 13 -8.15 -12.09 -8.75
N PRO A 14 -8.31 -13.05 -7.81
CA PRO A 14 -9.36 -12.97 -6.77
C PRO A 14 -9.04 -11.98 -5.65
N GLY A 15 -8.67 -10.76 -6.02
CA GLY A 15 -8.44 -9.72 -5.04
C GLY A 15 -7.15 -9.89 -4.26
N LEU A 16 -6.18 -9.05 -4.54
CA LEU A 16 -4.90 -9.12 -3.86
C LEU A 16 -4.77 -8.01 -2.82
N VAL A 17 -4.03 -8.27 -1.77
CA VAL A 17 -3.75 -7.27 -0.77
C VAL A 17 -2.44 -7.57 -0.06
N VAL A 18 -1.55 -6.59 -0.07
CA VAL A 18 -0.26 -6.71 0.58
C VAL A 18 -0.22 -5.81 1.81
N TYR A 19 0.49 -6.24 2.84
CA TYR A 19 0.47 -5.55 4.13
C TYR A 19 1.73 -4.70 4.31
N ARG A 20 1.60 -3.66 5.13
CA ARG A 20 2.76 -2.92 5.62
C ARG A 20 3.44 -3.75 6.70
N TYR A 21 4.63 -3.33 7.11
CA TYR A 21 5.45 -4.19 7.96
C TYR A 21 5.59 -3.63 9.36
N ASP A 22 5.40 -4.50 10.35
CA ASP A 22 5.64 -4.13 11.75
C ASP A 22 7.12 -4.27 12.08
N ALA A 23 7.98 -3.65 11.29
CA ALA A 23 9.41 -3.74 11.50
C ALA A 23 10.12 -2.49 11.04
N PRO A 24 10.87 -1.85 11.95
CA PRO A 24 11.66 -0.64 11.64
C PRO A 24 12.66 -0.88 10.52
N LEU A 25 12.40 -0.27 9.37
CA LEU A 25 13.31 -0.36 8.24
C LEU A 25 13.67 1.02 7.73
N CYS A 26 12.94 2.04 8.22
CA CYS A 26 13.13 3.43 7.79
C CYS A 26 12.75 3.58 6.32
N PHE A 27 13.66 3.14 5.46
CA PHE A 27 13.38 2.95 4.04
C PHE A 27 14.50 2.09 3.42
N ALA A 28 15.70 2.66 3.31
CA ALA A 28 16.89 1.95 2.81
C ALA A 28 16.66 1.32 1.43
N ASN A 29 16.15 0.10 1.43
CA ASN A 29 15.93 -0.65 0.20
C ASN A 29 14.48 -0.52 -0.27
N ALA A 30 13.65 0.08 0.58
CA ALA A 30 12.20 0.13 0.39
C ALA A 30 11.78 0.63 -1.01
N GLU A 31 12.60 1.47 -1.62
CA GLU A 31 12.29 2.00 -2.95
C GLU A 31 12.35 0.87 -3.99
N ASP A 32 13.55 0.39 -4.23
CA ASP A 32 13.79 -0.63 -5.24
C ASP A 32 13.15 -1.95 -4.84
N PHE A 33 13.17 -2.23 -3.54
CA PHE A 33 12.54 -3.42 -3.00
C PHE A 33 11.03 -3.40 -3.25
N ARG A 34 10.41 -2.25 -3.05
CA ARG A 34 8.96 -2.13 -3.23
C ARG A 34 8.59 -2.48 -4.65
N ARG A 35 9.26 -1.84 -5.61
CA ARG A 35 8.97 -2.11 -7.00
C ARG A 35 9.30 -3.55 -7.35
N ARG A 36 10.57 -3.95 -7.24
CA ARG A 36 10.98 -5.28 -7.69
C ARG A 36 10.05 -6.37 -7.17
N ALA A 37 9.72 -6.33 -5.88
CA ALA A 37 8.88 -7.34 -5.27
C ALA A 37 7.45 -7.29 -5.80
N LEU A 38 6.73 -6.23 -5.48
CA LEU A 38 5.30 -6.14 -5.79
C LEU A 38 5.05 -6.01 -7.29
N THR A 39 5.98 -5.34 -7.96
CA THR A 39 5.87 -5.11 -9.39
C THR A 39 6.00 -6.42 -10.17
N VAL A 40 6.96 -7.26 -9.79
CA VAL A 40 7.19 -8.50 -10.53
C VAL A 40 6.10 -9.52 -10.21
N VAL A 41 5.52 -9.41 -9.01
CA VAL A 41 4.39 -10.24 -8.64
C VAL A 41 3.25 -10.01 -9.62
N ASP A 42 2.69 -8.81 -9.57
CA ASP A 42 1.63 -8.42 -10.49
C ASP A 42 1.13 -7.02 -10.12
N GLN A 43 1.34 -6.09 -11.03
CA GLN A 43 0.89 -4.71 -10.84
C GLN A 43 1.23 -3.88 -12.07
N ASP A 44 2.38 -4.18 -12.64
CA ASP A 44 2.89 -3.45 -13.79
C ASP A 44 2.70 -4.24 -15.10
N PRO A 45 3.11 -5.53 -15.16
CA PRO A 45 2.94 -6.35 -16.38
C PRO A 45 1.51 -6.89 -16.52
N GLY A 46 0.54 -6.09 -16.14
CA GLY A 46 -0.85 -6.49 -16.22
C GLY A 46 -1.75 -5.60 -15.39
N GLN A 47 -3.05 -5.72 -15.59
CA GLN A 47 -4.01 -4.91 -14.87
C GLN A 47 -4.70 -5.75 -13.80
N VAL A 48 -4.09 -5.78 -12.62
CA VAL A 48 -4.55 -6.64 -11.54
C VAL A 48 -5.37 -5.85 -10.51
N GLU A 49 -6.32 -6.54 -9.88
CA GLU A 49 -7.17 -5.96 -8.85
C GLU A 49 -6.60 -6.26 -7.47
N TRP A 50 -6.17 -5.24 -6.75
CA TRP A 50 -5.51 -5.44 -5.48
C TRP A 50 -5.41 -4.15 -4.65
N PHE A 51 -4.66 -4.23 -3.57
CA PHE A 51 -4.41 -3.05 -2.74
C PHE A 51 -3.41 -3.38 -1.64
N VAL A 52 -2.98 -2.36 -0.93
CA VAL A 52 -2.11 -2.54 0.22
C VAL A 52 -2.71 -1.85 1.42
N LEU A 53 -2.46 -2.40 2.59
CA LEU A 53 -2.99 -1.82 3.82
C LEU A 53 -1.90 -1.68 4.86
N ASN A 54 -2.23 -1.00 5.94
CA ASN A 54 -1.30 -0.80 7.06
C ASN A 54 -1.01 -2.09 7.82
N ALA A 55 -0.18 -1.93 8.83
CA ALA A 55 0.02 -2.92 9.86
C ALA A 55 -0.20 -2.24 11.20
N GLU A 56 -0.62 -2.97 12.21
CA GLU A 56 -1.07 -2.35 13.45
C GLU A 56 0.07 -1.66 14.21
N SER A 57 1.30 -2.05 13.94
CA SER A 57 2.43 -1.50 14.66
C SER A 57 3.43 -0.84 13.70
N ASN A 58 2.97 -0.47 12.50
CA ASN A 58 3.86 0.13 11.49
C ASN A 58 4.25 1.57 11.84
N VAL A 59 4.07 1.93 13.08
CA VAL A 59 4.39 3.27 13.55
C VAL A 59 5.88 3.37 13.87
N GLU A 60 6.44 2.30 14.41
CA GLU A 60 7.81 2.32 14.92
C GLU A 60 8.76 1.91 13.82
N VAL A 61 8.21 1.72 12.63
CA VAL A 61 8.90 0.98 11.60
C VAL A 61 9.28 1.87 10.42
N ASP A 62 8.48 2.89 10.18
CA ASP A 62 8.52 3.59 8.91
C ASP A 62 8.95 5.04 9.09
N LEU A 63 9.91 5.45 8.26
CA LEU A 63 10.43 6.82 8.32
C LEU A 63 10.28 7.51 6.98
N THR A 64 10.69 6.83 5.91
CA THR A 64 10.62 7.39 4.57
C THR A 64 10.07 6.36 3.58
N ALA A 65 9.63 5.23 4.12
CA ALA A 65 9.11 4.15 3.29
C ALA A 65 7.82 4.60 2.64
N LEU A 66 7.01 5.38 3.37
CA LEU A 66 5.81 5.96 2.80
C LEU A 66 6.12 6.86 1.63
N ASP A 67 7.29 7.48 1.64
CA ASP A 67 7.66 8.40 0.59
C ASP A 67 7.84 7.63 -0.71
N ALA A 68 8.71 6.64 -0.67
CA ALA A 68 8.93 5.79 -1.83
C ALA A 68 7.66 5.03 -2.20
N LEU A 69 7.00 4.48 -1.19
CA LEU A 69 5.81 3.65 -1.41
C LEU A 69 4.69 4.47 -2.01
N ASP A 70 4.41 5.65 -1.45
CA ASP A 70 3.27 6.44 -1.88
C ASP A 70 3.46 6.92 -3.29
N GLN A 71 4.67 7.31 -3.66
CA GLN A 71 4.92 7.73 -5.03
C GLN A 71 4.61 6.59 -5.99
N LEU A 72 4.98 5.37 -5.59
CA LEU A 72 4.70 4.22 -6.41
C LEU A 72 3.21 3.93 -6.50
N ARG A 73 2.52 3.91 -5.37
CA ARG A 73 1.08 3.66 -5.38
C ARG A 73 0.33 4.83 -6.02
N THR A 74 0.78 6.03 -5.77
CA THR A 74 0.20 7.20 -6.41
C THR A 74 0.34 7.10 -7.92
N GLU A 75 1.57 7.15 -8.39
CA GLU A 75 1.85 7.32 -9.79
C GLU A 75 1.55 6.06 -10.60
N LEU A 76 1.73 4.90 -9.99
CA LEU A 76 1.56 3.64 -10.69
C LEU A 76 0.20 2.98 -10.36
N LEU A 77 -0.18 2.98 -9.09
CA LEU A 77 -1.37 2.27 -8.63
C LEU A 77 -2.65 2.98 -9.05
N ARG A 78 -2.63 4.33 -9.11
CA ARG A 78 -3.85 5.07 -9.45
C ARG A 78 -4.30 4.79 -10.89
N ARG A 79 -3.48 4.05 -11.64
CA ARG A 79 -3.77 3.78 -13.04
C ARG A 79 -4.45 2.43 -13.23
N GLY A 80 -4.92 1.84 -12.14
CA GLY A 80 -5.60 0.56 -12.23
C GLY A 80 -6.61 0.36 -11.12
N ILE A 81 -7.18 -0.83 -11.05
CA ILE A 81 -8.12 -1.16 -9.99
C ILE A 81 -7.37 -1.65 -8.75
N VAL A 82 -6.82 -0.69 -8.03
CA VAL A 82 -6.02 -0.98 -6.87
C VAL A 82 -5.93 0.26 -5.99
N PHE A 83 -5.93 0.07 -4.68
CA PHE A 83 -5.90 1.20 -3.75
C PHE A 83 -4.97 0.95 -2.56
N ALA A 84 -5.06 1.80 -1.54
CA ALA A 84 -4.23 1.68 -0.34
C ALA A 84 -4.92 2.31 0.86
N MET A 85 -4.57 1.85 2.06
CA MET A 85 -5.17 2.38 3.28
C MET A 85 -4.26 2.22 4.50
N ALA A 86 -4.34 3.21 5.39
CA ALA A 86 -3.54 3.24 6.60
C ALA A 86 -4.44 3.26 7.85
N ARG A 87 -3.85 3.50 9.02
CA ARG A 87 -4.63 3.46 10.26
C ARG A 87 -4.24 4.57 11.25
N VAL A 88 -2.95 4.75 11.48
CA VAL A 88 -2.51 5.52 12.64
C VAL A 88 -2.17 6.97 12.26
N LYS A 89 -2.07 7.81 13.29
CA LYS A 89 -1.76 9.24 13.15
C LYS A 89 -0.51 9.48 12.30
N GLN A 90 0.45 8.57 12.34
CA GLN A 90 1.67 8.73 11.57
C GLN A 90 1.42 8.48 10.09
N ASP A 91 0.87 7.30 9.80
CA ASP A 91 0.73 6.81 8.42
C ASP A 91 0.28 7.90 7.46
N LEU A 92 -0.92 8.41 7.68
CA LEU A 92 -1.54 9.32 6.74
C LEU A 92 -0.81 10.67 6.70
N ARG A 93 -0.17 11.06 7.79
CA ARG A 93 0.46 12.37 7.85
C ARG A 93 1.70 12.42 6.95
N GLU A 94 2.64 11.52 7.16
CA GLU A 94 3.85 11.52 6.35
C GLU A 94 3.55 11.08 4.91
N SER A 95 2.65 10.12 4.73
CA SER A 95 2.26 9.70 3.38
C SER A 95 1.65 10.88 2.62
N LEU A 96 0.95 11.74 3.35
CA LEU A 96 0.38 12.93 2.79
C LEU A 96 1.46 13.94 2.44
N ARG A 97 2.56 13.92 3.19
CA ARG A 97 3.72 14.75 2.89
C ARG A 97 4.38 14.29 1.59
N ALA A 98 4.22 13.01 1.28
CA ALA A 98 4.76 12.46 0.06
C ALA A 98 3.85 12.77 -1.14
N ALA A 99 2.61 12.31 -1.08
CA ALA A 99 1.68 12.50 -2.19
C ALA A 99 1.09 13.90 -2.21
N SER A 100 0.35 14.24 -1.16
CA SER A 100 -0.22 15.58 -0.97
C SER A 100 -1.45 15.85 -1.86
N LEU A 101 -1.46 15.29 -3.07
CA LEU A 101 -2.45 15.66 -4.08
C LEU A 101 -3.82 15.00 -3.88
N LEU A 102 -4.27 14.91 -2.63
CA LEU A 102 -5.60 14.34 -2.34
C LEU A 102 -6.68 15.20 -3.00
N ASP A 103 -6.35 16.45 -3.23
CA ASP A 103 -7.26 17.41 -3.83
C ASP A 103 -7.73 16.94 -5.21
N LYS A 104 -6.93 16.12 -5.88
CA LYS A 104 -7.25 15.70 -7.24
C LYS A 104 -7.46 14.19 -7.36
N ILE A 105 -6.68 13.39 -6.62
CA ILE A 105 -6.86 11.94 -6.66
C ILE A 105 -8.02 11.51 -5.77
N GLY A 106 -8.39 12.39 -4.84
CA GLY A 106 -9.59 12.21 -4.05
C GLY A 106 -9.50 11.10 -3.03
N GLU A 107 -10.37 10.11 -3.20
CA GLU A 107 -10.59 9.06 -2.21
C GLU A 107 -9.58 7.92 -2.36
N ASP A 108 -8.38 8.25 -2.80
CA ASP A 108 -7.33 7.25 -2.95
C ASP A 108 -6.35 7.34 -1.77
N HIS A 109 -5.69 6.22 -1.47
CA HIS A 109 -4.83 6.04 -0.28
C HIS A 109 -5.35 6.78 0.95
N ILE A 110 -6.24 6.12 1.67
CA ILE A 110 -6.92 6.72 2.81
C ILE A 110 -6.81 5.78 4.03
N PHE A 111 -7.86 5.70 4.85
CA PHE A 111 -7.84 4.85 6.04
C PHE A 111 -8.51 3.51 5.79
N MET A 112 -8.51 2.68 6.83
CA MET A 112 -9.24 1.40 6.86
C MET A 112 -10.59 1.48 6.15
N THR A 113 -10.72 0.77 5.04
CA THR A 113 -11.97 0.73 4.28
C THR A 113 -11.83 -0.17 3.06
N LEU A 114 -10.61 -0.29 2.54
CA LEU A 114 -10.33 -1.06 1.32
C LEU A 114 -10.98 -2.46 1.33
N PRO A 115 -10.78 -3.29 2.40
CA PRO A 115 -11.32 -4.65 2.46
C PRO A 115 -12.79 -4.76 2.04
N THR A 116 -13.62 -3.85 2.52
CA THR A 116 -15.03 -3.90 2.19
C THR A 116 -15.34 -3.02 0.98
N ALA A 117 -14.51 -2.01 0.75
CA ALA A 117 -14.72 -1.08 -0.34
C ALA A 117 -14.55 -1.76 -1.70
N VAL A 118 -13.33 -2.22 -1.97
CA VAL A 118 -13.03 -2.81 -3.27
C VAL A 118 -13.88 -4.06 -3.50
N GLN A 119 -14.10 -4.83 -2.43
CA GLN A 119 -14.87 -6.06 -2.52
C GLN A 119 -16.30 -5.78 -2.94
N ALA A 120 -16.89 -4.73 -2.38
CA ALA A 120 -18.29 -4.39 -2.66
C ALA A 120 -18.43 -3.71 -4.02
N PHE A 121 -17.43 -2.93 -4.41
CA PHE A 121 -17.49 -2.19 -5.67
C PHE A 121 -17.51 -3.13 -6.86
N ARG A 122 -16.64 -4.13 -6.85
CA ARG A 122 -16.54 -5.09 -7.95
C ARG A 122 -17.55 -6.23 -7.77
N ARG A 123 -18.62 -5.93 -7.05
CA ARG A 123 -19.58 -6.94 -6.66
C ARG A 123 -21.00 -6.41 -6.83
N ARG A 124 -21.25 -5.24 -6.23
CA ARG A 124 -22.55 -4.59 -6.27
C ARG A 124 -23.61 -5.43 -5.58
N MET A 1 14.49 -16.87 11.90
CA MET A 1 14.10 -16.42 13.25
C MET A 1 12.82 -15.61 13.18
N HIS A 2 12.18 -15.40 14.33
CA HIS A 2 10.95 -14.62 14.36
C HIS A 2 11.26 -13.14 14.39
N ASP A 3 11.59 -12.60 13.23
CA ASP A 3 11.75 -11.17 13.05
C ASP A 3 10.79 -10.75 11.96
N ILE A 4 10.68 -9.44 11.70
CA ILE A 4 9.68 -8.88 10.78
C ILE A 4 8.30 -9.51 11.02
N ASP A 5 7.45 -9.54 10.01
CA ASP A 5 6.17 -10.22 10.13
C ASP A 5 6.23 -11.55 9.37
N ASP A 6 5.84 -11.51 8.10
CA ASP A 6 5.87 -12.68 7.22
C ASP A 6 5.20 -12.29 5.90
N TYR A 7 4.73 -13.27 5.15
CA TYR A 7 3.96 -13.02 3.94
C TYR A 7 3.19 -14.29 3.53
N PRO A 8 2.20 -14.70 4.36
CA PRO A 8 1.39 -15.89 4.09
C PRO A 8 0.18 -15.58 3.23
N GLN A 9 0.07 -14.34 2.79
CA GLN A 9 -1.04 -13.91 1.95
C GLN A 9 -0.51 -13.41 0.62
N ALA A 10 -0.94 -14.03 -0.47
CA ALA A 10 -0.46 -13.67 -1.79
C ALA A 10 -1.55 -13.93 -2.82
N LYS A 11 -2.62 -13.17 -2.73
CA LYS A 11 -3.72 -13.26 -3.68
C LYS A 11 -3.30 -12.61 -5.00
N ARG A 12 -4.12 -12.77 -6.03
CA ARG A 12 -3.96 -12.01 -7.27
C ARG A 12 -5.09 -12.25 -8.27
N VAL A 13 -5.77 -13.38 -8.15
CA VAL A 13 -6.87 -13.69 -9.07
C VAL A 13 -8.15 -12.93 -8.70
N PRO A 14 -8.68 -13.10 -7.46
CA PRO A 14 -9.92 -12.46 -7.05
C PRO A 14 -9.68 -11.22 -6.20
N GLY A 15 -8.62 -10.50 -6.51
CA GLY A 15 -8.24 -9.35 -5.70
C GLY A 15 -7.07 -9.69 -4.80
N LEU A 16 -6.00 -8.94 -4.93
CA LEU A 16 -4.79 -9.18 -4.16
C LEU A 16 -4.52 -8.04 -3.20
N VAL A 17 -4.04 -8.39 -2.03
CA VAL A 17 -3.74 -7.41 -1.01
C VAL A 17 -2.44 -7.76 -0.31
N VAL A 18 -1.47 -6.89 -0.44
CA VAL A 18 -0.18 -7.07 0.21
C VAL A 18 -0.04 -6.03 1.30
N TYR A 19 0.11 -6.48 2.54
CA TYR A 19 0.22 -5.57 3.65
C TYR A 19 1.65 -5.08 3.81
N ARG A 20 1.80 -3.95 4.50
CA ARG A 20 3.10 -3.36 4.75
C ARG A 20 4.05 -4.35 5.42
N TYR A 21 5.34 -4.15 5.18
CA TYR A 21 6.35 -4.98 5.81
C TYR A 21 6.57 -4.53 7.23
N ASP A 22 7.16 -5.40 8.02
CA ASP A 22 7.41 -5.11 9.41
C ASP A 22 8.91 -4.90 9.62
N ALA A 23 9.27 -4.56 10.85
CA ALA A 23 10.65 -4.27 11.23
C ALA A 23 11.15 -2.95 10.67
N PRO A 24 11.81 -2.15 11.51
CA PRO A 24 12.35 -0.84 11.13
C PRO A 24 13.45 -0.95 10.08
N LEU A 25 13.07 -0.79 8.83
CA LEU A 25 14.05 -0.68 7.75
C LEU A 25 14.08 0.76 7.24
N CYS A 26 13.09 1.55 7.71
CA CYS A 26 13.01 2.98 7.42
C CYS A 26 12.69 3.23 5.95
N PHE A 27 13.71 3.09 5.10
CA PHE A 27 13.55 3.21 3.65
C PHE A 27 14.87 2.91 2.94
N ALA A 28 15.84 2.41 3.71
CA ALA A 28 17.22 2.23 3.23
C ALA A 28 17.28 1.53 1.88
N ASN A 29 16.67 0.36 1.81
CA ASN A 29 16.62 -0.42 0.58
C ASN A 29 15.24 -0.35 -0.02
N ALA A 30 14.34 0.33 0.68
CA ALA A 30 12.90 0.25 0.42
C ALA A 30 12.50 0.84 -0.93
N GLU A 31 13.42 1.52 -1.61
CA GLU A 31 13.09 2.06 -2.92
C GLU A 31 12.95 0.94 -3.93
N ASP A 32 14.07 0.31 -4.28
CA ASP A 32 14.04 -0.81 -5.21
C ASP A 32 13.35 -2.01 -4.58
N PHE A 33 13.59 -2.20 -3.28
CA PHE A 33 12.98 -3.31 -2.55
C PHE A 33 11.47 -3.30 -2.69
N ARG A 34 10.86 -2.14 -2.47
CA ARG A 34 9.41 -2.03 -2.53
C ARG A 34 8.92 -2.26 -3.95
N ARG A 35 9.52 -1.55 -4.90
CA ARG A 35 9.09 -1.67 -6.28
C ARG A 35 9.25 -3.10 -6.77
N ARG A 36 10.36 -3.74 -6.39
CA ARG A 36 10.69 -5.07 -6.87
C ARG A 36 9.71 -6.11 -6.33
N ALA A 37 9.66 -6.24 -5.01
CA ALA A 37 8.84 -7.27 -4.37
C ALA A 37 7.38 -7.14 -4.75
N LEU A 38 6.86 -5.92 -4.72
CA LEU A 38 5.46 -5.69 -4.99
C LEU A 38 5.14 -5.84 -6.48
N THR A 39 6.02 -5.34 -7.34
CA THR A 39 5.75 -5.37 -8.77
C THR A 39 5.76 -6.82 -9.28
N VAL A 40 6.47 -7.69 -8.59
CA VAL A 40 6.55 -9.09 -9.00
C VAL A 40 5.44 -9.92 -8.34
N VAL A 41 4.91 -9.44 -7.21
CA VAL A 41 3.69 -10.02 -6.67
C VAL A 41 2.48 -9.44 -7.40
N ASP A 42 2.81 -8.60 -8.39
CA ASP A 42 1.89 -8.17 -9.45
C ASP A 42 1.18 -6.87 -9.09
N GLN A 43 1.97 -5.87 -8.69
CA GLN A 43 1.43 -4.55 -8.43
C GLN A 43 1.30 -3.75 -9.73
N ASP A 44 2.12 -4.09 -10.71
CA ASP A 44 2.11 -3.39 -11.99
C ASP A 44 2.18 -4.36 -13.19
N PRO A 45 1.14 -5.19 -13.37
CA PRO A 45 0.97 -5.99 -14.59
C PRO A 45 0.04 -5.30 -15.59
N GLY A 46 -0.15 -3.99 -15.43
CA GLY A 46 -1.02 -3.26 -16.31
C GLY A 46 -2.44 -3.18 -15.77
N GLN A 47 -3.13 -4.31 -15.79
CA GLN A 47 -4.49 -4.41 -15.25
C GLN A 47 -4.48 -5.32 -14.04
N VAL A 48 -4.91 -4.79 -12.90
CA VAL A 48 -4.84 -5.54 -11.65
C VAL A 48 -5.76 -4.92 -10.59
N GLU A 49 -6.38 -5.78 -9.79
CA GLU A 49 -7.19 -5.34 -8.65
C GLU A 49 -6.45 -5.63 -7.36
N TRP A 50 -5.81 -4.63 -6.78
CA TRP A 50 -4.97 -4.85 -5.62
C TRP A 50 -4.93 -3.64 -4.71
N PHE A 51 -4.31 -3.82 -3.56
CA PHE A 51 -4.12 -2.71 -2.65
C PHE A 51 -3.15 -3.07 -1.55
N VAL A 52 -2.62 -2.05 -0.89
CA VAL A 52 -1.71 -2.26 0.22
C VAL A 52 -2.43 -2.07 1.53
N LEU A 53 -2.22 -3.02 2.42
CA LEU A 53 -2.94 -3.11 3.66
C LEU A 53 -2.03 -2.70 4.82
N ASN A 54 -2.57 -1.96 5.78
CA ASN A 54 -1.89 -1.77 7.05
C ASN A 54 -1.97 -3.07 7.84
N ALA A 55 -1.12 -3.22 8.84
CA ALA A 55 -1.11 -4.45 9.63
C ALA A 55 -0.57 -4.19 11.02
N GLU A 56 -1.31 -3.38 11.78
CA GLU A 56 -1.03 -3.14 13.20
C GLU A 56 0.26 -2.34 13.42
N SER A 57 1.39 -3.00 13.24
CA SER A 57 2.68 -2.44 13.64
C SER A 57 3.37 -1.64 12.54
N ASN A 58 2.59 -1.05 11.63
CA ASN A 58 3.17 -0.14 10.64
C ASN A 58 3.46 1.20 11.28
N VAL A 59 4.46 1.20 12.15
CA VAL A 59 4.77 2.35 12.99
C VAL A 59 6.24 2.71 12.91
N GLU A 60 7.08 1.91 13.56
CA GLU A 60 8.50 2.22 13.67
C GLU A 60 9.26 1.44 12.62
N VAL A 61 8.52 0.66 11.87
CA VAL A 61 9.10 -0.25 10.91
C VAL A 61 9.39 0.47 9.60
N ASP A 62 8.52 1.39 9.27
CA ASP A 62 8.52 2.02 7.97
C ASP A 62 8.42 3.53 8.16
N LEU A 63 9.53 4.24 7.89
CA LEU A 63 9.62 5.65 8.28
C LEU A 63 9.50 6.58 7.08
N THR A 64 10.56 6.68 6.29
CA THR A 64 10.53 7.50 5.08
C THR A 64 9.82 6.75 3.96
N ALA A 65 8.98 5.81 4.39
CA ALA A 65 8.11 5.09 3.50
C ALA A 65 7.32 6.05 2.64
N LEU A 66 6.65 6.99 3.29
CA LEU A 66 5.81 7.94 2.57
C LEU A 66 6.56 8.60 1.41
N ASP A 67 7.84 8.85 1.58
CA ASP A 67 8.62 9.44 0.51
C ASP A 67 8.69 8.47 -0.68
N ALA A 68 9.44 7.38 -0.52
CA ALA A 68 9.67 6.45 -1.64
C ALA A 68 8.42 5.66 -1.99
N LEU A 69 7.76 5.16 -0.97
CA LEU A 69 6.58 4.33 -1.13
C LEU A 69 5.46 5.10 -1.81
N ASP A 70 5.21 6.34 -1.40
CA ASP A 70 4.11 7.11 -2.00
C ASP A 70 4.44 7.41 -3.45
N GLN A 71 5.72 7.61 -3.75
CA GLN A 71 6.15 7.83 -5.12
C GLN A 71 5.59 6.73 -6.02
N LEU A 72 5.88 5.49 -5.69
CA LEU A 72 5.38 4.38 -6.49
C LEU A 72 3.91 4.10 -6.20
N ARG A 73 3.50 4.31 -4.96
CA ARG A 73 2.13 4.06 -4.55
C ARG A 73 1.19 4.92 -5.36
N THR A 74 1.34 6.22 -5.23
CA THR A 74 0.56 7.18 -5.99
C THR A 74 0.65 6.91 -7.48
N GLU A 75 1.88 6.79 -7.98
CA GLU A 75 2.14 6.71 -9.40
C GLU A 75 1.55 5.43 -10.02
N LEU A 76 1.45 4.37 -9.22
CA LEU A 76 0.97 3.10 -9.72
C LEU A 76 -0.48 2.85 -9.32
N LEU A 77 -0.95 3.58 -8.31
CA LEU A 77 -2.35 3.46 -7.86
C LEU A 77 -3.26 4.24 -8.80
N ARG A 78 -2.76 5.35 -9.30
CA ARG A 78 -3.51 6.19 -10.23
C ARG A 78 -3.64 5.54 -11.61
N ARG A 79 -3.65 4.21 -11.64
CA ARG A 79 -3.61 3.48 -12.91
C ARG A 79 -4.83 2.58 -13.08
N GLY A 80 -5.53 2.25 -12.00
CA GLY A 80 -6.68 1.39 -12.12
C GLY A 80 -7.32 1.05 -10.79
N ILE A 81 -7.91 -0.13 -10.69
CA ILE A 81 -8.57 -0.57 -9.47
C ILE A 81 -7.54 -1.01 -8.41
N VAL A 82 -7.00 -0.02 -7.75
CA VAL A 82 -6.02 -0.24 -6.70
C VAL A 82 -6.12 0.88 -5.68
N PHE A 83 -5.94 0.54 -4.41
CA PHE A 83 -6.00 1.55 -3.35
C PHE A 83 -4.99 1.26 -2.24
N ALA A 84 -5.04 2.08 -1.20
CA ALA A 84 -4.20 1.89 -0.04
C ALA A 84 -4.96 2.29 1.22
N MET A 85 -4.73 1.56 2.30
CA MET A 85 -5.45 1.83 3.53
C MET A 85 -4.55 1.70 4.75
N ALA A 86 -4.39 2.80 5.45
CA ALA A 86 -3.54 2.89 6.61
C ALA A 86 -4.36 2.81 7.90
N ARG A 87 -3.75 3.15 9.05
CA ARG A 87 -4.43 3.05 10.34
C ARG A 87 -3.83 3.96 11.42
N VAL A 88 -2.51 4.18 11.41
CA VAL A 88 -1.85 4.82 12.55
C VAL A 88 -1.94 6.34 12.45
N LYS A 89 -1.81 7.00 13.60
CA LYS A 89 -1.95 8.45 13.71
C LYS A 89 -0.84 9.22 13.00
N GLN A 90 0.13 8.51 12.43
CA GLN A 90 1.20 9.15 11.68
C GLN A 90 0.92 9.02 10.18
N ASP A 91 0.17 7.97 9.84
CA ASP A 91 -0.16 7.65 8.47
C ASP A 91 -0.77 8.85 7.77
N LEU A 92 -1.96 9.25 8.22
CA LEU A 92 -2.69 10.35 7.58
C LEU A 92 -1.83 11.60 7.42
N ARG A 93 -0.96 11.84 8.40
CA ARG A 93 -0.10 13.01 8.36
C ARG A 93 0.74 13.04 7.09
N GLU A 94 1.62 12.07 6.93
CA GLU A 94 2.56 12.11 5.83
C GLU A 94 2.10 11.31 4.62
N SER A 95 1.02 10.54 4.75
CA SER A 95 0.41 9.89 3.59
C SER A 95 -0.31 10.93 2.76
N LEU A 96 -0.89 11.90 3.44
CA LEU A 96 -1.54 13.02 2.77
C LEU A 96 -0.48 14.00 2.27
N ARG A 97 0.55 14.21 3.08
CA ARG A 97 1.66 15.09 2.75
C ARG A 97 2.42 14.61 1.52
N ALA A 98 2.78 13.34 1.48
CA ALA A 98 3.62 12.81 0.42
C ALA A 98 2.91 12.81 -0.93
N ALA A 99 1.66 12.35 -0.94
CA ALA A 99 0.88 12.25 -2.17
C ALA A 99 0.83 13.59 -2.92
N SER A 100 0.47 14.65 -2.18
CA SER A 100 0.44 16.01 -2.73
C SER A 100 -0.68 16.21 -3.76
N LEU A 101 -0.55 15.57 -4.92
CA LEU A 101 -1.46 15.79 -6.04
C LEU A 101 -2.77 15.00 -5.88
N LEU A 102 -3.51 15.36 -4.84
CA LEU A 102 -4.79 14.72 -4.56
C LEU A 102 -5.82 15.14 -5.61
N ASP A 103 -5.49 16.16 -6.37
CA ASP A 103 -6.35 16.69 -7.42
C ASP A 103 -6.47 15.71 -8.58
N LYS A 104 -5.62 14.69 -8.59
CA LYS A 104 -5.64 13.71 -9.67
C LYS A 104 -5.83 12.30 -9.14
N ILE A 105 -5.09 11.92 -8.09
CA ILE A 105 -5.24 10.60 -7.51
C ILE A 105 -6.55 10.52 -6.71
N GLY A 106 -7.05 11.69 -6.32
CA GLY A 106 -8.30 11.76 -5.61
C GLY A 106 -8.24 11.10 -4.25
N GLU A 107 -8.94 9.98 -4.13
CA GLU A 107 -8.99 9.25 -2.88
C GLU A 107 -7.64 8.58 -2.62
N ASP A 108 -7.37 7.48 -3.35
CA ASP A 108 -6.08 6.78 -3.31
C ASP A 108 -5.83 6.10 -1.96
N HIS A 109 -5.72 6.91 -0.91
CA HIS A 109 -5.31 6.44 0.39
C HIS A 109 -6.37 6.72 1.45
N ILE A 110 -6.81 5.68 2.14
CA ILE A 110 -7.85 5.79 3.16
C ILE A 110 -7.46 4.97 4.40
N PHE A 111 -8.41 4.75 5.31
CA PHE A 111 -8.12 4.06 6.56
C PHE A 111 -9.08 2.91 6.83
N MET A 112 -8.54 1.70 6.97
CA MET A 112 -9.32 0.50 7.31
C MET A 112 -10.56 0.35 6.41
N THR A 113 -10.47 0.79 5.16
CA THR A 113 -11.65 0.94 4.33
C THR A 113 -11.91 -0.24 3.38
N LEU A 114 -10.88 -0.63 2.62
CA LEU A 114 -11.07 -1.55 1.49
C LEU A 114 -11.70 -2.91 1.85
N PRO A 115 -11.43 -3.51 3.04
CA PRO A 115 -12.06 -4.79 3.44
C PRO A 115 -13.57 -4.84 3.16
N THR A 116 -14.25 -3.72 3.37
CA THR A 116 -15.68 -3.65 3.10
C THR A 116 -15.93 -2.86 1.80
N ALA A 117 -15.11 -1.85 1.55
CA ALA A 117 -15.30 -0.95 0.41
C ALA A 117 -15.23 -1.70 -0.92
N VAL A 118 -14.05 -2.17 -1.27
CA VAL A 118 -13.84 -2.82 -2.56
C VAL A 118 -14.68 -4.09 -2.67
N GLN A 119 -14.85 -4.79 -1.55
CA GLN A 119 -15.69 -5.97 -1.50
C GLN A 119 -17.09 -5.67 -2.03
N ALA A 120 -17.62 -4.50 -1.67
CA ALA A 120 -18.94 -4.10 -2.10
C ALA A 120 -18.91 -3.34 -3.42
N PHE A 121 -17.76 -2.75 -3.76
CA PHE A 121 -17.66 -1.94 -4.96
C PHE A 121 -17.64 -2.77 -6.22
N ARG A 122 -16.65 -3.65 -6.36
CA ARG A 122 -16.44 -4.34 -7.63
C ARG A 122 -17.38 -5.54 -7.79
N ARG A 123 -18.38 -5.64 -6.92
CA ARG A 123 -19.41 -6.66 -7.08
C ARG A 123 -20.81 -6.03 -7.09
N ARG A 124 -20.95 -4.91 -6.37
CA ARG A 124 -22.21 -4.19 -6.25
C ARG A 124 -23.32 -5.10 -5.73
N MET A 1 15.35 -17.47 10.51
CA MET A 1 14.84 -16.12 10.85
C MET A 1 13.49 -15.88 10.19
N HIS A 2 12.51 -15.51 11.00
CA HIS A 2 11.21 -15.11 10.50
C HIS A 2 10.98 -13.64 10.80
N ASP A 3 11.27 -12.78 9.83
CA ASP A 3 11.15 -11.35 10.02
C ASP A 3 9.73 -10.89 9.72
N ILE A 4 9.46 -9.61 9.97
CA ILE A 4 8.13 -8.98 9.83
C ILE A 4 7.04 -9.78 10.53
N ASP A 5 5.79 -9.40 10.30
CA ASP A 5 4.66 -10.11 10.88
C ASP A 5 4.49 -11.45 10.20
N ASP A 6 4.07 -11.41 8.93
CA ASP A 6 4.00 -12.59 8.07
C ASP A 6 3.33 -12.17 6.76
N TYR A 7 3.13 -13.11 5.86
CA TYR A 7 2.48 -12.83 4.59
C TYR A 7 1.44 -13.89 4.27
N PRO A 8 0.24 -13.78 4.88
CA PRO A 8 -0.85 -14.73 4.66
C PRO A 8 -1.39 -14.68 3.24
N GLN A 9 -1.35 -13.47 2.65
CA GLN A 9 -1.85 -13.24 1.30
C GLN A 9 -3.35 -13.51 1.21
N ALA A 10 -4.16 -12.47 1.39
CA ALA A 10 -5.62 -12.61 1.35
C ALA A 10 -6.04 -13.15 0.00
N LYS A 11 -6.04 -12.29 -1.00
CA LYS A 11 -6.11 -12.71 -2.38
C LYS A 11 -4.78 -12.37 -3.01
N ARG A 12 -4.46 -12.93 -4.17
CA ARG A 12 -3.22 -12.58 -4.84
C ARG A 12 -3.45 -12.12 -6.28
N VAL A 13 -4.69 -12.21 -6.72
CA VAL A 13 -5.06 -11.71 -8.05
C VAL A 13 -6.41 -10.97 -8.00
N PRO A 14 -7.49 -11.63 -7.54
CA PRO A 14 -8.80 -10.98 -7.42
C PRO A 14 -8.95 -10.20 -6.12
N GLY A 15 -8.13 -9.17 -5.96
CA GLY A 15 -8.24 -8.31 -4.80
C GLY A 15 -7.16 -8.60 -3.78
N LEU A 16 -5.91 -8.40 -4.18
CA LEU A 16 -4.78 -8.73 -3.33
C LEU A 16 -4.38 -7.51 -2.52
N VAL A 17 -3.39 -7.67 -1.67
CA VAL A 17 -2.98 -6.59 -0.82
C VAL A 17 -1.54 -6.75 -0.34
N VAL A 18 -0.83 -5.63 -0.30
CA VAL A 18 0.51 -5.60 0.24
C VAL A 18 0.51 -4.82 1.55
N TYR A 19 1.06 -5.44 2.58
CA TYR A 19 1.04 -4.86 3.91
C TYR A 19 2.34 -4.13 4.21
N ARG A 20 2.26 -3.13 5.09
CA ARG A 20 3.46 -2.47 5.60
C ARG A 20 4.31 -3.51 6.32
N TYR A 21 5.55 -3.67 5.88
CA TYR A 21 6.44 -4.68 6.47
C TYR A 21 6.57 -4.47 7.97
N ASP A 22 6.02 -5.41 8.73
CA ASP A 22 5.90 -5.26 10.17
C ASP A 22 7.20 -5.62 10.88
N ALA A 23 8.20 -4.79 10.65
CA ALA A 23 9.52 -4.92 11.27
C ALA A 23 10.42 -3.83 10.71
N PRO A 24 11.19 -3.15 11.57
CA PRO A 24 12.03 -2.01 11.16
C PRO A 24 12.96 -2.32 10.00
N LEU A 25 12.55 -1.95 8.80
CA LEU A 25 13.41 -2.03 7.64
C LEU A 25 13.76 -0.63 7.15
N CYS A 26 13.07 0.36 7.72
CA CYS A 26 13.37 1.76 7.47
C CYS A 26 13.15 2.10 5.99
N PHE A 27 14.24 2.40 5.29
CA PHE A 27 14.17 2.79 3.89
C PHE A 27 15.56 2.71 3.24
N ALA A 28 16.52 2.17 3.98
CA ALA A 28 17.93 2.13 3.56
C ALA A 28 18.09 1.65 2.12
N ASN A 29 17.57 0.46 1.85
CA ASN A 29 17.62 -0.12 0.51
C ASN A 29 16.21 -0.25 -0.04
N ALA A 30 15.27 0.40 0.63
CA ALA A 30 13.85 0.21 0.34
C ALA A 30 13.40 0.88 -0.94
N GLU A 31 14.29 1.59 -1.60
CA GLU A 31 13.96 2.17 -2.91
C GLU A 31 13.75 1.03 -3.92
N ASP A 32 14.87 0.41 -4.31
CA ASP A 32 14.83 -0.71 -5.23
C ASP A 32 14.00 -1.84 -4.65
N PHE A 33 14.24 -2.14 -3.38
CA PHE A 33 13.54 -3.21 -2.68
C PHE A 33 12.03 -3.09 -2.81
N ARG A 34 11.48 -1.93 -2.44
CA ARG A 34 10.04 -1.73 -2.43
C ARG A 34 9.45 -1.90 -3.81
N ARG A 35 9.98 -1.13 -4.77
CA ARG A 35 9.43 -1.14 -6.10
C ARG A 35 9.59 -2.51 -6.75
N ARG A 36 10.69 -3.18 -6.46
CA ARG A 36 11.00 -4.46 -7.09
C ARG A 36 10.12 -5.57 -6.55
N ALA A 37 10.13 -5.75 -5.24
CA ALA A 37 9.38 -6.84 -4.62
C ALA A 37 7.89 -6.73 -4.90
N LEU A 38 7.35 -5.54 -4.74
CA LEU A 38 5.92 -5.32 -4.94
C LEU A 38 5.53 -5.46 -6.41
N THR A 39 6.30 -4.86 -7.29
CA THR A 39 5.96 -4.88 -8.70
C THR A 39 6.00 -6.29 -9.26
N VAL A 40 6.80 -7.15 -8.65
CA VAL A 40 6.95 -8.52 -9.15
C VAL A 40 5.93 -9.46 -8.51
N VAL A 41 5.39 -9.07 -7.36
CA VAL A 41 4.22 -9.77 -6.81
C VAL A 41 2.98 -9.17 -7.45
N ASP A 42 3.23 -8.21 -8.35
CA ASP A 42 2.25 -7.66 -9.27
C ASP A 42 1.55 -6.44 -8.70
N GLN A 43 2.31 -5.37 -8.53
CA GLN A 43 1.74 -4.08 -8.15
C GLN A 43 1.56 -3.23 -9.40
N ASP A 44 2.32 -3.56 -10.45
CA ASP A 44 2.19 -2.88 -11.74
C ASP A 44 2.24 -3.88 -12.91
N PRO A 45 1.23 -4.76 -13.01
CA PRO A 45 1.04 -5.62 -14.17
C PRO A 45 0.10 -4.98 -15.19
N GLY A 46 0.05 -3.65 -15.18
CA GLY A 46 -0.81 -2.92 -16.09
C GLY A 46 -2.20 -2.71 -15.52
N GLN A 47 -2.82 -3.81 -15.10
CA GLN A 47 -4.16 -3.75 -14.53
C GLN A 47 -4.38 -4.93 -13.60
N VAL A 48 -4.81 -4.65 -12.38
CA VAL A 48 -5.06 -5.68 -11.39
C VAL A 48 -5.87 -5.09 -10.23
N GLU A 49 -6.64 -5.92 -9.55
CA GLU A 49 -7.40 -5.47 -8.38
C GLU A 49 -6.59 -5.73 -7.12
N TRP A 50 -6.16 -4.66 -6.45
CA TRP A 50 -5.35 -4.81 -5.25
C TRP A 50 -5.36 -3.55 -4.42
N PHE A 51 -4.63 -3.58 -3.33
CA PHE A 51 -4.48 -2.42 -2.48
C PHE A 51 -3.36 -2.64 -1.49
N VAL A 52 -3.03 -1.62 -0.72
CA VAL A 52 -2.07 -1.78 0.37
C VAL A 52 -2.72 -1.41 1.69
N LEU A 53 -2.28 -2.06 2.75
CA LEU A 53 -2.82 -1.78 4.05
C LEU A 53 -1.72 -1.83 5.11
N ASN A 54 -1.98 -1.21 6.23
CA ASN A 54 -1.07 -1.30 7.36
C ASN A 54 -1.22 -2.64 8.05
N ALA A 55 -0.08 -3.20 8.49
CA ALA A 55 -0.08 -4.47 9.18
C ALA A 55 -0.61 -4.31 10.61
N GLU A 56 -0.32 -5.28 11.46
CA GLU A 56 -0.80 -5.24 12.83
C GLU A 56 -0.14 -4.12 13.62
N SER A 57 1.18 -4.00 13.52
CA SER A 57 1.92 -2.99 14.27
C SER A 57 2.21 -1.78 13.37
N ASN A 58 2.99 -2.02 12.30
CA ASN A 58 3.36 -1.00 11.29
C ASN A 58 3.78 0.34 11.90
N VAL A 59 4.48 0.29 13.02
CA VAL A 59 4.85 1.52 13.73
C VAL A 59 6.27 1.98 13.36
N GLU A 60 7.25 1.42 14.06
CA GLU A 60 8.64 1.86 13.98
C GLU A 60 9.36 1.02 12.95
N VAL A 61 8.56 0.40 12.12
CA VAL A 61 9.03 -0.61 11.22
C VAL A 61 9.30 -0.04 9.84
N ASP A 62 8.46 0.91 9.45
CA ASP A 62 8.39 1.34 8.07
C ASP A 62 8.63 2.85 7.99
N LEU A 63 9.80 3.24 7.51
CA LEU A 63 10.19 4.65 7.59
C LEU A 63 10.29 5.25 6.20
N THR A 64 9.94 6.54 6.07
CA THR A 64 9.97 7.24 4.79
C THR A 64 9.02 6.54 3.81
N ALA A 65 7.99 5.92 4.38
CA ALA A 65 7.04 5.13 3.62
C ALA A 65 6.33 5.96 2.56
N LEU A 66 5.86 7.13 2.96
CA LEU A 66 5.14 8.01 2.06
C LEU A 66 5.89 8.22 0.76
N ASP A 67 7.18 8.54 0.85
CA ASP A 67 7.98 8.75 -0.34
C ASP A 67 8.00 7.49 -1.16
N ALA A 68 8.66 6.47 -0.62
CA ALA A 68 8.89 5.23 -1.33
C ALA A 68 7.58 4.61 -1.81
N LEU A 69 6.73 4.20 -0.89
CA LEU A 69 5.60 3.36 -1.24
C LEU A 69 4.39 4.17 -1.70
N ASP A 70 4.13 5.35 -1.13
CA ASP A 70 2.94 6.06 -1.54
C ASP A 70 3.13 6.53 -2.94
N GLN A 71 4.26 7.19 -3.19
CA GLN A 71 4.55 7.68 -4.53
C GLN A 71 4.54 6.53 -5.53
N LEU A 72 5.15 5.40 -5.15
CA LEU A 72 5.19 4.24 -6.02
C LEU A 72 3.79 3.77 -6.38
N ARG A 73 3.03 3.29 -5.39
CA ARG A 73 1.74 2.69 -5.68
C ARG A 73 0.61 3.72 -5.69
N THR A 74 0.96 5.00 -5.67
CA THR A 74 0.00 6.07 -5.99
C THR A 74 0.10 6.36 -7.47
N GLU A 75 1.34 6.47 -7.93
CA GLU A 75 1.64 6.68 -9.33
C GLU A 75 1.16 5.47 -10.13
N LEU A 76 1.12 4.33 -9.46
CA LEU A 76 0.63 3.09 -10.07
C LEU A 76 -0.87 2.91 -9.81
N LEU A 77 -1.35 3.35 -8.64
CA LEU A 77 -2.76 3.22 -8.29
C LEU A 77 -3.64 3.99 -9.25
N ARG A 78 -3.18 5.15 -9.67
CA ARG A 78 -3.94 6.03 -10.55
C ARG A 78 -4.08 5.47 -11.97
N ARG A 79 -3.91 4.15 -12.11
CA ARG A 79 -3.95 3.50 -13.42
C ARG A 79 -5.03 2.43 -13.49
N GLY A 80 -5.50 1.94 -12.34
CA GLY A 80 -6.45 0.83 -12.35
C GLY A 80 -7.24 0.70 -11.05
N ILE A 81 -7.81 -0.49 -10.83
CA ILE A 81 -8.64 -0.74 -9.66
C ILE A 81 -7.77 -1.16 -8.47
N VAL A 82 -7.35 -0.18 -7.71
CA VAL A 82 -6.50 -0.38 -6.56
C VAL A 82 -6.70 0.76 -5.58
N PHE A 83 -6.47 0.48 -4.29
CA PHE A 83 -6.58 1.52 -3.28
C PHE A 83 -5.51 1.36 -2.20
N ALA A 84 -5.63 2.14 -1.14
CA ALA A 84 -4.71 2.07 -0.02
C ALA A 84 -5.41 2.44 1.28
N MET A 85 -5.15 1.69 2.33
CA MET A 85 -5.75 1.96 3.62
C MET A 85 -4.77 1.71 4.76
N ALA A 86 -4.70 2.65 5.67
CA ALA A 86 -3.85 2.52 6.82
C ALA A 86 -4.67 2.59 8.11
N ARG A 87 -4.10 2.10 9.21
CA ARG A 87 -4.61 2.43 10.52
C ARG A 87 -3.86 3.65 11.00
N VAL A 88 -4.50 4.80 10.79
CA VAL A 88 -3.82 6.08 10.83
C VAL A 88 -3.24 6.43 12.20
N LYS A 89 -1.93 6.60 12.21
CA LYS A 89 -1.22 7.12 13.37
C LYS A 89 -0.51 8.41 12.96
N GLN A 90 0.33 8.26 11.95
CA GLN A 90 1.14 9.33 11.39
C GLN A 90 0.91 9.38 9.89
N ASP A 91 0.20 8.36 9.44
CA ASP A 91 0.06 8.02 8.03
C ASP A 91 -0.52 9.17 7.20
N LEU A 92 -1.45 9.93 7.76
CA LEU A 92 -2.02 11.06 7.01
C LEU A 92 -0.98 12.16 6.80
N ARG A 93 -0.15 12.39 7.81
CA ARG A 93 0.84 13.46 7.76
C ARG A 93 1.82 13.17 6.64
N GLU A 94 2.33 11.94 6.63
CA GLU A 94 3.33 11.54 5.68
C GLU A 94 2.75 11.36 4.27
N SER A 95 1.74 10.50 4.15
CA SER A 95 1.20 10.12 2.84
C SER A 95 0.65 11.33 2.08
N LEU A 96 0.13 12.31 2.80
CA LEU A 96 -0.40 13.50 2.16
C LEU A 96 0.71 14.45 1.74
N ARG A 97 1.66 14.70 2.66
CA ARG A 97 2.79 15.59 2.38
C ARG A 97 3.69 15.00 1.30
N ALA A 98 3.51 13.72 1.01
CA ALA A 98 4.32 13.03 0.01
C ALA A 98 4.06 13.57 -1.39
N ALA A 99 2.81 13.91 -1.68
CA ALA A 99 2.42 14.20 -3.05
C ALA A 99 1.41 15.34 -3.16
N SER A 100 0.30 15.22 -2.43
CA SER A 100 -0.78 16.21 -2.48
C SER A 100 -1.43 16.30 -3.87
N LEU A 101 -1.33 15.23 -4.66
CA LEU A 101 -1.90 15.21 -6.01
C LEU A 101 -3.34 14.70 -5.99
N LEU A 102 -4.05 14.99 -4.91
CA LEU A 102 -5.41 14.52 -4.71
C LEU A 102 -6.35 15.05 -5.79
N ASP A 103 -5.93 16.13 -6.43
CA ASP A 103 -6.73 16.75 -7.50
C ASP A 103 -6.87 15.83 -8.70
N LYS A 104 -5.92 14.92 -8.88
CA LYS A 104 -5.92 14.06 -10.05
C LYS A 104 -6.11 12.59 -9.67
N ILE A 105 -6.00 12.27 -8.39
CA ILE A 105 -6.29 10.92 -7.93
C ILE A 105 -7.63 10.86 -7.17
N GLY A 106 -7.83 11.78 -6.24
CA GLY A 106 -9.04 11.79 -5.45
C GLY A 106 -8.84 11.19 -4.06
N GLU A 107 -9.52 10.07 -3.81
CA GLU A 107 -9.53 9.44 -2.49
C GLU A 107 -8.72 8.15 -2.53
N ASP A 108 -7.67 8.15 -3.33
CA ASP A 108 -6.97 6.92 -3.70
C ASP A 108 -6.00 6.44 -2.60
N HIS A 109 -6.10 7.00 -1.41
CA HIS A 109 -5.42 6.43 -0.23
C HIS A 109 -5.95 7.06 1.05
N ILE A 110 -6.62 6.24 1.85
CA ILE A 110 -7.26 6.68 3.08
C ILE A 110 -7.03 5.66 4.20
N PHE A 111 -7.92 5.64 5.20
CA PHE A 111 -7.69 4.82 6.39
C PHE A 111 -8.85 3.90 6.69
N MET A 112 -8.53 2.62 6.93
CA MET A 112 -9.47 1.59 7.38
C MET A 112 -10.80 1.59 6.59
N THR A 113 -10.87 0.80 5.52
CA THR A 113 -12.11 0.73 4.73
C THR A 113 -12.02 -0.30 3.58
N LEU A 114 -10.82 -0.56 3.09
CA LEU A 114 -10.62 -1.39 1.89
C LEU A 114 -11.30 -2.77 1.97
N PRO A 115 -11.18 -3.53 3.09
CA PRO A 115 -11.86 -4.83 3.23
C PRO A 115 -13.34 -4.76 2.87
N THR A 116 -14.03 -3.74 3.36
CA THR A 116 -15.44 -3.55 3.06
C THR A 116 -15.60 -2.97 1.66
N ALA A 117 -14.67 -2.09 1.29
CA ALA A 117 -14.71 -1.40 0.01
C ALA A 117 -14.73 -2.37 -1.16
N VAL A 118 -13.69 -3.17 -1.32
CA VAL A 118 -13.58 -4.09 -2.45
C VAL A 118 -14.72 -5.09 -2.48
N GLN A 119 -15.11 -5.56 -1.29
CA GLN A 119 -16.19 -6.53 -1.16
C GLN A 119 -17.50 -5.97 -1.71
N ALA A 120 -17.69 -4.68 -1.52
CA ALA A 120 -18.92 -4.01 -1.96
C ALA A 120 -18.79 -3.52 -3.40
N PHE A 121 -17.63 -2.97 -3.74
CA PHE A 121 -17.46 -2.32 -5.03
C PHE A 121 -17.59 -3.28 -6.20
N ARG A 122 -16.99 -4.46 -6.13
CA ARG A 122 -17.07 -5.38 -7.26
C ARG A 122 -18.26 -6.35 -7.12
N ARG A 123 -19.27 -5.97 -6.37
CA ARG A 123 -20.48 -6.76 -6.25
C ARG A 123 -21.72 -5.88 -6.33
N ARG A 124 -21.59 -4.63 -5.84
CA ARG A 124 -22.68 -3.65 -5.87
C ARG A 124 -23.90 -4.16 -5.11
N MET A 1 13.01 -12.20 14.87
CA MET A 1 12.56 -13.51 15.44
C MET A 1 11.11 -13.78 15.05
N HIS A 2 10.17 -13.38 15.90
CA HIS A 2 8.75 -13.55 15.58
C HIS A 2 8.11 -12.19 15.36
N ASP A 3 8.95 -11.21 15.11
CA ASP A 3 8.52 -9.90 14.63
C ASP A 3 8.16 -10.01 13.16
N ILE A 4 8.05 -8.86 12.48
CA ILE A 4 7.64 -8.78 11.07
C ILE A 4 6.37 -9.58 10.82
N ASP A 5 6.14 -10.00 9.58
CA ASP A 5 4.99 -10.83 9.26
C ASP A 5 5.36 -11.82 8.16
N ASP A 6 4.43 -12.68 7.81
CA ASP A 6 4.65 -13.66 6.76
C ASP A 6 3.66 -13.41 5.63
N TYR A 7 3.89 -14.00 4.47
CA TYR A 7 2.98 -13.80 3.36
C TYR A 7 2.38 -15.12 2.88
N PRO A 8 1.33 -15.61 3.59
CA PRO A 8 0.61 -16.80 3.17
C PRO A 8 -0.48 -16.49 2.16
N GLN A 9 -0.93 -15.24 2.14
CA GLN A 9 -1.98 -14.81 1.22
C GLN A 9 -1.40 -14.55 -0.15
N ALA A 10 -2.07 -15.06 -1.16
CA ALA A 10 -1.64 -14.86 -2.54
C ALA A 10 -2.86 -14.81 -3.44
N LYS A 11 -3.76 -13.87 -3.13
CA LYS A 11 -4.92 -13.64 -3.97
C LYS A 11 -4.48 -12.99 -5.26
N ARG A 12 -5.32 -13.07 -6.28
CA ARG A 12 -4.96 -12.58 -7.60
C ARG A 12 -6.17 -12.51 -8.49
N VAL A 13 -6.13 -11.60 -9.44
CA VAL A 13 -7.21 -11.33 -10.39
C VAL A 13 -8.36 -10.54 -9.72
N PRO A 14 -9.43 -11.14 -9.11
CA PRO A 14 -10.45 -10.34 -8.44
C PRO A 14 -10.16 -10.12 -6.95
N GLY A 15 -9.18 -9.27 -6.65
CA GLY A 15 -8.95 -8.86 -5.29
C GLY A 15 -7.79 -9.57 -4.61
N LEU A 16 -6.65 -8.89 -4.57
CA LEU A 16 -5.50 -9.31 -3.77
C LEU A 16 -5.04 -8.15 -2.93
N VAL A 17 -4.22 -8.42 -1.92
CA VAL A 17 -3.69 -7.34 -1.10
C VAL A 17 -2.23 -7.56 -0.78
N VAL A 18 -1.46 -6.48 -0.85
CA VAL A 18 -0.07 -6.51 -0.44
C VAL A 18 0.07 -5.81 0.91
N TYR A 19 0.24 -6.61 1.93
CA TYR A 19 0.29 -6.12 3.29
C TYR A 19 1.71 -5.83 3.73
N ARG A 20 1.83 -4.87 4.63
CA ARG A 20 3.11 -4.51 5.23
C ARG A 20 3.82 -5.69 5.89
N TYR A 21 5.13 -5.57 5.97
CA TYR A 21 5.94 -6.40 6.84
C TYR A 21 6.46 -5.51 7.94
N ASP A 22 5.88 -5.61 9.13
CA ASP A 22 6.21 -4.69 10.22
C ASP A 22 7.63 -4.87 10.72
N ALA A 23 8.55 -4.17 10.09
CA ALA A 23 9.93 -4.13 10.49
C ALA A 23 10.55 -2.81 10.09
N PRO A 24 11.25 -2.15 11.01
CA PRO A 24 11.90 -0.86 10.74
C PRO A 24 12.97 -0.95 9.66
N LEU A 25 12.61 -0.52 8.46
CA LEU A 25 13.59 -0.37 7.39
C LEU A 25 13.86 1.09 7.14
N CYS A 26 13.00 1.94 7.73
CA CYS A 26 13.10 3.40 7.63
C CYS A 26 12.91 3.86 6.19
N PHE A 27 13.94 3.70 5.38
CA PHE A 27 13.89 4.02 3.96
C PHE A 27 15.18 3.64 3.25
N ALA A 28 16.08 2.95 3.99
CA ALA A 28 17.43 2.66 3.50
C ALA A 28 17.42 2.06 2.10
N ASN A 29 16.61 1.04 1.90
CA ASN A 29 16.46 0.42 0.60
C ASN A 29 15.00 0.46 0.16
N ALA A 30 14.20 1.20 0.92
CA ALA A 30 12.74 1.13 0.82
C ALA A 30 12.20 1.62 -0.51
N GLU A 31 13.02 2.32 -1.28
CA GLU A 31 12.60 2.81 -2.58
C GLU A 31 12.44 1.63 -3.54
N ASP A 32 13.57 1.08 -3.94
CA ASP A 32 13.58 -0.05 -4.84
C ASP A 32 12.96 -1.26 -4.18
N PHE A 33 13.22 -1.44 -2.89
CA PHE A 33 12.63 -2.54 -2.13
C PHE A 33 11.11 -2.53 -2.27
N ARG A 34 10.50 -1.36 -2.08
CA ARG A 34 9.06 -1.24 -2.12
C ARG A 34 8.53 -1.73 -3.45
N ARG A 35 8.95 -1.08 -4.53
CA ARG A 35 8.39 -1.40 -5.82
C ARG A 35 8.90 -2.75 -6.33
N ARG A 36 10.07 -3.18 -5.89
CA ARG A 36 10.60 -4.47 -6.32
C ARG A 36 9.69 -5.60 -5.87
N ALA A 37 9.53 -5.74 -4.55
CA ALA A 37 8.69 -6.80 -3.99
C ALA A 37 7.26 -6.66 -4.50
N LEU A 38 6.74 -5.45 -4.46
CA LEU A 38 5.39 -5.17 -4.92
C LEU A 38 5.20 -5.54 -6.38
N THR A 39 6.05 -5.00 -7.25
CA THR A 39 5.84 -5.14 -8.68
C THR A 39 6.05 -6.58 -9.14
N VAL A 40 6.73 -7.37 -8.34
CA VAL A 40 7.05 -8.72 -8.76
C VAL A 40 6.13 -9.75 -8.11
N VAL A 41 5.35 -9.36 -7.12
CA VAL A 41 4.28 -10.22 -6.64
C VAL A 41 3.08 -10.06 -7.56
N ASP A 42 2.91 -8.84 -8.08
CA ASP A 42 1.88 -8.54 -9.07
C ASP A 42 2.00 -7.07 -9.51
N GLN A 43 1.47 -6.16 -8.68
CA GLN A 43 1.59 -4.70 -8.84
C GLN A 43 1.19 -4.19 -10.21
N ASP A 44 2.11 -4.31 -11.18
CA ASP A 44 1.95 -3.62 -12.46
C ASP A 44 1.92 -4.61 -13.65
N PRO A 45 0.88 -5.44 -13.76
CA PRO A 45 0.54 -6.10 -15.03
C PRO A 45 -0.30 -5.18 -15.92
N GLY A 46 -0.77 -4.09 -15.33
CA GLY A 46 -1.64 -3.17 -16.02
C GLY A 46 -3.01 -3.14 -15.40
N GLN A 47 -3.91 -3.96 -15.92
CA GLN A 47 -5.24 -4.10 -15.36
C GLN A 47 -5.22 -5.13 -14.23
N VAL A 48 -5.16 -4.66 -13.01
CA VAL A 48 -5.10 -5.52 -11.85
C VAL A 48 -5.96 -4.96 -10.72
N GLU A 49 -6.51 -5.84 -9.90
CA GLU A 49 -7.42 -5.43 -8.83
C GLU A 49 -6.86 -5.82 -7.47
N TRP A 50 -6.37 -4.83 -6.73
CA TRP A 50 -5.69 -5.11 -5.48
C TRP A 50 -5.57 -3.85 -4.62
N PHE A 51 -4.83 -3.96 -3.52
CA PHE A 51 -4.55 -2.82 -2.69
C PHE A 51 -3.44 -3.12 -1.69
N VAL A 52 -2.83 -2.07 -1.13
CA VAL A 52 -1.83 -2.26 -0.09
C VAL A 52 -2.44 -1.90 1.26
N LEU A 53 -1.94 -2.53 2.32
CA LEU A 53 -2.64 -2.50 3.59
C LEU A 53 -1.68 -2.36 4.78
N ASN A 54 -1.95 -1.36 5.61
CA ASN A 54 -1.29 -1.25 6.91
C ASN A 54 -2.11 -2.01 7.94
N ALA A 55 -1.46 -2.87 8.71
CA ALA A 55 -2.19 -3.78 9.58
C ALA A 55 -2.23 -3.31 11.03
N GLU A 56 -1.08 -3.22 11.67
CA GLU A 56 -1.07 -3.00 13.11
C GLU A 56 0.12 -2.15 13.58
N SER A 57 1.32 -2.71 13.48
CA SER A 57 2.49 -2.11 14.10
C SER A 57 3.41 -1.48 13.09
N ASN A 58 2.84 -1.04 11.97
CA ASN A 58 3.59 -0.44 10.87
C ASN A 58 4.05 0.98 11.20
N VAL A 59 4.06 1.32 12.48
CA VAL A 59 4.36 2.68 12.90
C VAL A 59 5.84 2.85 13.26
N GLU A 60 6.53 1.75 13.51
CA GLU A 60 7.92 1.81 13.93
C GLU A 60 8.81 1.34 12.80
N VAL A 61 8.18 0.98 11.70
CA VAL A 61 8.84 0.26 10.64
C VAL A 61 9.15 1.16 9.46
N ASP A 62 8.35 2.20 9.31
CA ASP A 62 8.36 2.99 8.09
C ASP A 62 8.55 4.46 8.41
N LEU A 63 9.59 5.07 7.86
CA LEU A 63 9.91 6.45 8.16
C LEU A 63 9.76 7.32 6.91
N THR A 64 10.64 7.16 5.95
CA THR A 64 10.56 7.92 4.70
C THR A 64 10.10 6.98 3.57
N ALA A 65 9.70 5.79 3.98
CA ALA A 65 9.31 4.78 3.04
C ALA A 65 7.91 5.05 2.50
N LEU A 66 7.10 5.84 3.22
CA LEU A 66 5.83 6.31 2.66
C LEU A 66 6.06 7.36 1.58
N ASP A 67 7.21 8.02 1.64
CA ASP A 67 7.58 8.97 0.61
C ASP A 67 7.79 8.21 -0.68
N ALA A 68 8.66 7.20 -0.61
CA ALA A 68 8.86 6.30 -1.74
C ALA A 68 7.57 5.58 -2.10
N LEU A 69 6.81 5.21 -1.05
CA LEU A 69 5.53 4.53 -1.21
C LEU A 69 4.61 5.34 -2.10
N ASP A 70 4.32 6.58 -1.73
CA ASP A 70 3.38 7.39 -2.50
C ASP A 70 3.93 7.74 -3.86
N GLN A 71 5.24 7.75 -4.03
CA GLN A 71 5.80 8.01 -5.35
C GLN A 71 5.28 6.98 -6.34
N LEU A 72 5.53 5.71 -6.03
CA LEU A 72 5.09 4.64 -6.89
C LEU A 72 3.58 4.40 -6.74
N ARG A 73 3.08 4.49 -5.52
CA ARG A 73 1.66 4.25 -5.26
C ARG A 73 0.83 5.25 -6.04
N THR A 74 1.25 6.49 -6.02
CA THR A 74 0.58 7.51 -6.80
C THR A 74 0.60 7.16 -8.28
N GLU A 75 1.78 7.13 -8.86
CA GLU A 75 1.90 7.16 -10.31
C GLU A 75 1.77 5.77 -10.94
N LEU A 76 1.67 4.73 -10.11
CA LEU A 76 1.43 3.37 -10.61
C LEU A 76 0.01 2.92 -10.31
N LEU A 77 -0.42 3.14 -9.07
CA LEU A 77 -1.72 2.64 -8.60
C LEU A 77 -2.87 3.43 -9.24
N ARG A 78 -2.64 4.69 -9.59
CA ARG A 78 -3.71 5.52 -10.17
C ARG A 78 -4.04 5.10 -11.62
N ARG A 79 -3.54 3.94 -12.03
CA ARG A 79 -3.78 3.46 -13.38
C ARG A 79 -4.96 2.48 -13.45
N GLY A 80 -5.20 1.76 -12.37
CA GLY A 80 -6.23 0.73 -12.40
C GLY A 80 -7.05 0.66 -11.13
N ILE A 81 -7.74 -0.46 -10.95
CA ILE A 81 -8.58 -0.67 -9.78
C ILE A 81 -7.74 -1.19 -8.60
N VAL A 82 -7.12 -0.26 -7.92
CA VAL A 82 -6.26 -0.57 -6.78
C VAL A 82 -6.22 0.62 -5.84
N PHE A 83 -6.21 0.36 -4.54
CA PHE A 83 -6.20 1.43 -3.56
C PHE A 83 -5.19 1.16 -2.45
N ALA A 84 -5.20 1.99 -1.42
CA ALA A 84 -4.27 1.82 -0.30
C ALA A 84 -4.88 2.39 0.97
N MET A 85 -4.59 1.78 2.10
CA MET A 85 -5.14 2.24 3.37
C MET A 85 -4.12 2.20 4.50
N ALA A 86 -4.12 3.26 5.29
CA ALA A 86 -3.37 3.32 6.53
C ALA A 86 -4.28 2.93 7.69
N ARG A 87 -3.81 3.01 8.92
CA ARG A 87 -4.62 2.52 10.03
C ARG A 87 -4.47 3.33 11.32
N VAL A 88 -3.43 4.14 11.44
CA VAL A 88 -3.22 4.94 12.65
C VAL A 88 -2.76 6.36 12.35
N LYS A 89 -2.51 7.11 13.42
CA LYS A 89 -2.26 8.55 13.34
C LYS A 89 -0.82 8.90 12.97
N GLN A 90 -0.20 8.12 12.11
CA GLN A 90 1.14 8.44 11.63
C GLN A 90 1.25 8.19 10.14
N ASP A 91 1.00 6.94 9.75
CA ASP A 91 1.09 6.49 8.36
C ASP A 91 0.42 7.47 7.40
N LEU A 92 -0.87 7.71 7.58
CA LEU A 92 -1.61 8.55 6.64
C LEU A 92 -1.13 10.00 6.67
N ARG A 93 -0.59 10.44 7.80
CA ARG A 93 -0.23 11.84 7.97
C ARG A 93 0.95 12.20 7.08
N GLU A 94 2.01 11.40 7.16
CA GLU A 94 3.18 11.67 6.37
C GLU A 94 3.10 11.05 4.97
N SER A 95 2.17 10.09 4.81
CA SER A 95 1.82 9.61 3.47
C SER A 95 1.14 10.74 2.69
N LEU A 96 0.24 11.44 3.37
CA LEU A 96 -0.42 12.60 2.82
C LEU A 96 0.59 13.68 2.46
N ARG A 97 1.53 13.91 3.37
CA ARG A 97 2.59 14.90 3.15
C ARG A 97 3.59 14.44 2.09
N ALA A 98 3.61 13.14 1.83
CA ALA A 98 4.51 12.59 0.82
C ALA A 98 3.95 12.80 -0.59
N ALA A 99 2.67 12.47 -0.76
CA ALA A 99 2.03 12.60 -2.07
C ALA A 99 1.70 14.06 -2.37
N SER A 100 0.73 14.61 -1.63
CA SER A 100 0.29 16.01 -1.79
C SER A 100 -0.50 16.26 -3.09
N LEU A 101 -0.18 15.51 -4.15
CA LEU A 101 -0.83 15.71 -5.46
C LEU A 101 -2.22 15.07 -5.52
N LEU A 102 -3.01 15.27 -4.47
CA LEU A 102 -4.35 14.71 -4.37
C LEU A 102 -5.25 15.24 -5.49
N ASP A 103 -4.88 16.39 -6.03
CA ASP A 103 -5.64 17.01 -7.12
C ASP A 103 -5.78 16.07 -8.32
N LYS A 104 -4.77 15.25 -8.56
CA LYS A 104 -4.78 14.39 -9.73
C LYS A 104 -5.01 12.92 -9.36
N ILE A 105 -4.65 12.54 -8.15
CA ILE A 105 -4.91 11.17 -7.70
C ILE A 105 -6.31 11.06 -7.10
N GLY A 106 -6.60 11.89 -6.10
CA GLY A 106 -7.87 11.80 -5.43
C GLY A 106 -7.81 11.00 -4.15
N GLU A 107 -8.79 10.13 -3.95
CA GLU A 107 -8.87 9.31 -2.74
C GLU A 107 -8.07 8.02 -2.94
N ASP A 108 -6.79 8.19 -3.21
CA ASP A 108 -5.90 7.07 -3.52
C ASP A 108 -5.39 6.36 -2.27
N HIS A 109 -5.57 6.98 -1.13
CA HIS A 109 -5.08 6.40 0.12
C HIS A 109 -5.92 6.88 1.30
N ILE A 110 -6.57 5.91 1.96
CA ILE A 110 -7.51 6.21 3.04
C ILE A 110 -7.16 5.41 4.29
N PHE A 111 -8.13 5.21 5.17
CA PHE A 111 -7.95 4.37 6.35
C PHE A 111 -8.47 2.97 6.12
N MET A 112 -8.26 2.10 7.10
CA MET A 112 -8.79 0.74 7.07
C MET A 112 -10.29 0.74 6.75
N THR A 113 -10.63 0.10 5.65
CA THR A 113 -12.01 0.02 5.18
C THR A 113 -12.04 -0.75 3.86
N LEU A 114 -10.93 -0.69 3.12
CA LEU A 114 -10.79 -1.38 1.83
C LEU A 114 -11.26 -2.84 1.85
N PRO A 115 -10.87 -3.67 2.85
CA PRO A 115 -11.34 -5.06 2.95
C PRO A 115 -12.86 -5.18 2.80
N THR A 116 -13.59 -4.29 3.46
CA THR A 116 -15.05 -4.27 3.36
C THR A 116 -15.48 -3.57 2.08
N ALA A 117 -14.75 -2.50 1.74
CA ALA A 117 -15.05 -1.72 0.55
C ALA A 117 -15.02 -2.56 -0.71
N VAL A 118 -13.97 -3.37 -0.87
CA VAL A 118 -13.85 -4.21 -2.05
C VAL A 118 -14.91 -5.32 -2.04
N GLN A 119 -15.26 -5.79 -0.85
CA GLN A 119 -16.26 -6.83 -0.72
C GLN A 119 -17.63 -6.34 -1.17
N ALA A 120 -17.84 -5.02 -1.06
CA ALA A 120 -19.10 -4.42 -1.47
C ALA A 120 -19.01 -3.87 -2.89
N PHE A 121 -18.04 -3.01 -3.14
CA PHE A 121 -17.95 -2.28 -4.41
C PHE A 121 -17.64 -3.19 -5.59
N ARG A 122 -16.96 -4.30 -5.35
CA ARG A 122 -16.46 -5.12 -6.44
C ARG A 122 -17.47 -6.17 -6.90
N ARG A 123 -18.59 -6.29 -6.19
CA ARG A 123 -19.64 -7.21 -6.66
C ARG A 123 -20.93 -6.44 -6.93
N ARG A 124 -21.06 -5.28 -6.28
CA ARG A 124 -22.27 -4.45 -6.37
C ARG A 124 -23.49 -5.25 -5.94
N MET A 1 10.46 -10.71 18.15
CA MET A 1 10.31 -12.11 17.67
C MET A 1 9.22 -12.17 16.62
N HIS A 2 9.51 -12.76 15.46
CA HIS A 2 8.58 -12.78 14.34
C HIS A 2 8.30 -11.33 13.91
N ASP A 3 9.38 -10.54 13.89
CA ASP A 3 9.30 -9.10 13.61
C ASP A 3 8.87 -8.84 12.17
N ILE A 4 7.56 -8.90 11.95
CA ILE A 4 6.87 -8.61 10.69
C ILE A 4 5.46 -9.16 10.80
N ASP A 5 4.73 -9.15 9.71
CA ASP A 5 3.45 -9.84 9.67
C ASP A 5 3.52 -10.91 8.58
N ASP A 6 4.76 -11.18 8.16
CA ASP A 6 5.06 -12.19 7.15
C ASP A 6 4.39 -11.84 5.82
N TYR A 7 4.29 -12.82 4.93
CA TYR A 7 3.58 -12.64 3.67
C TYR A 7 3.13 -13.98 3.10
N PRO A 8 2.05 -14.55 3.67
CA PRO A 8 1.47 -15.81 3.20
C PRO A 8 0.35 -15.59 2.21
N GLN A 9 0.09 -14.33 1.88
CA GLN A 9 -0.96 -13.97 0.94
C GLN A 9 -0.36 -13.76 -0.43
N ALA A 10 -0.97 -14.34 -1.47
CA ALA A 10 -0.37 -14.30 -2.80
C ALA A 10 -1.44 -14.28 -3.89
N LYS A 11 -2.48 -13.50 -3.68
CA LYS A 11 -3.42 -13.22 -4.76
C LYS A 11 -2.81 -12.13 -5.63
N ARG A 12 -3.42 -11.84 -6.76
CA ARG A 12 -2.93 -10.76 -7.60
C ARG A 12 -4.03 -10.14 -8.47
N VAL A 13 -4.65 -10.95 -9.32
CA VAL A 13 -5.61 -10.41 -10.29
C VAL A 13 -6.92 -9.96 -9.63
N PRO A 14 -7.59 -10.80 -8.82
CA PRO A 14 -8.86 -10.45 -8.21
C PRO A 14 -8.72 -9.85 -6.80
N GLY A 15 -7.76 -8.94 -6.63
CA GLY A 15 -7.63 -8.24 -5.37
C GLY A 15 -6.57 -8.83 -4.46
N LEU A 16 -5.34 -8.32 -4.58
CA LEU A 16 -4.26 -8.80 -3.71
C LEU A 16 -4.06 -7.81 -2.57
N VAL A 17 -3.50 -8.28 -1.47
CA VAL A 17 -3.28 -7.43 -0.32
C VAL A 17 -1.83 -7.51 0.17
N VAL A 18 -1.12 -6.40 0.03
CA VAL A 18 0.24 -6.31 0.54
C VAL A 18 0.28 -5.28 1.66
N TYR A 19 0.36 -5.76 2.89
CA TYR A 19 0.39 -4.89 4.04
C TYR A 19 1.81 -4.42 4.35
N ARG A 20 1.92 -3.22 4.89
CA ARG A 20 3.19 -2.67 5.32
C ARG A 20 3.75 -3.57 6.42
N TYR A 21 4.85 -4.25 6.13
CA TYR A 21 5.43 -5.22 7.06
C TYR A 21 5.65 -4.59 8.43
N ASP A 22 5.12 -5.23 9.46
CA ASP A 22 5.15 -4.68 10.80
C ASP A 22 6.51 -4.91 11.46
N ALA A 23 7.52 -4.28 10.88
CA ALA A 23 8.88 -4.33 11.39
C ALA A 23 9.69 -3.20 10.79
N PRO A 24 10.59 -2.58 11.57
CA PRO A 24 11.40 -1.44 11.12
C PRO A 24 12.26 -1.76 9.90
N LEU A 25 11.75 -1.40 8.73
CA LEU A 25 12.55 -1.44 7.52
C LEU A 25 12.98 -0.03 7.15
N CYS A 26 12.35 0.94 7.83
CA CYS A 26 12.70 2.35 7.70
C CYS A 26 12.47 2.85 6.28
N PHE A 27 13.51 2.76 5.45
CA PHE A 27 13.43 3.15 4.04
C PHE A 27 14.77 2.93 3.34
N ALA A 28 15.76 2.46 4.10
CA ALA A 28 17.14 2.29 3.62
C ALA A 28 17.21 1.69 2.21
N ASN A 29 16.49 0.61 2.01
CA ASN A 29 16.44 -0.05 0.71
C ASN A 29 15.00 -0.26 0.29
N ALA A 30 14.10 0.46 0.94
CA ALA A 30 12.67 0.24 0.78
C ALA A 30 12.16 0.73 -0.57
N GLU A 31 12.98 1.48 -1.29
CA GLU A 31 12.59 1.98 -2.60
C GLU A 31 12.57 0.83 -3.61
N ASP A 32 13.76 0.29 -3.87
CA ASP A 32 13.89 -0.82 -4.81
C ASP A 32 13.18 -2.04 -4.27
N PHE A 33 13.36 -2.31 -2.99
CA PHE A 33 12.71 -3.43 -2.33
C PHE A 33 11.20 -3.40 -2.54
N ARG A 34 10.59 -2.22 -2.36
CA ARG A 34 9.15 -2.09 -2.49
C ARG A 34 8.70 -2.46 -3.89
N ARG A 35 9.22 -1.76 -4.88
CA ARG A 35 8.79 -2.00 -6.25
C ARG A 35 9.18 -3.40 -6.71
N ARG A 36 10.32 -3.88 -6.24
CA ARG A 36 10.83 -5.20 -6.61
C ARG A 36 9.85 -6.29 -6.18
N ALA A 37 9.68 -6.45 -4.86
CA ALA A 37 8.87 -7.52 -4.32
C ALA A 37 7.44 -7.45 -4.86
N LEU A 38 6.89 -6.25 -4.92
CA LEU A 38 5.51 -6.06 -5.37
C LEU A 38 5.36 -6.36 -6.86
N THR A 39 6.18 -5.73 -7.69
CA THR A 39 6.05 -5.88 -9.14
C THR A 39 6.31 -7.32 -9.56
N VAL A 40 6.95 -8.06 -8.67
CA VAL A 40 7.23 -9.47 -8.90
C VAL A 40 6.02 -10.34 -8.58
N VAL A 41 5.34 -10.06 -7.47
CA VAL A 41 4.13 -10.82 -7.11
C VAL A 41 2.99 -10.46 -8.03
N ASP A 42 3.26 -9.48 -8.91
CA ASP A 42 2.40 -9.06 -10.02
C ASP A 42 1.69 -7.77 -9.64
N GLN A 43 2.17 -6.69 -10.22
CA GLN A 43 1.90 -5.36 -9.70
C GLN A 43 1.77 -4.35 -10.84
N ASP A 44 2.67 -4.46 -11.82
CA ASP A 44 2.73 -3.48 -12.89
C ASP A 44 2.40 -4.05 -14.30
N PRO A 45 1.63 -5.18 -14.45
CA PRO A 45 1.20 -5.64 -15.80
C PRO A 45 0.13 -4.72 -16.42
N GLY A 46 -0.12 -3.58 -15.79
CA GLY A 46 -1.06 -2.63 -16.34
C GLY A 46 -2.42 -2.70 -15.68
N GLN A 47 -3.21 -3.72 -16.03
CA GLN A 47 -4.54 -3.88 -15.47
C GLN A 47 -4.53 -4.97 -14.41
N VAL A 48 -4.57 -4.54 -13.16
CA VAL A 48 -4.55 -5.46 -12.02
C VAL A 48 -5.33 -4.86 -10.86
N GLU A 49 -6.01 -5.72 -10.09
CA GLU A 49 -6.77 -5.27 -8.93
C GLU A 49 -6.02 -5.61 -7.65
N TRP A 50 -5.60 -4.59 -6.92
CA TRP A 50 -4.79 -4.81 -5.74
C TRP A 50 -4.83 -3.61 -4.82
N PHE A 51 -4.26 -3.77 -3.64
CA PHE A 51 -4.13 -2.66 -2.73
C PHE A 51 -3.17 -2.99 -1.60
N VAL A 52 -2.62 -1.96 -1.00
CA VAL A 52 -1.73 -2.11 0.13
C VAL A 52 -2.38 -1.58 1.39
N LEU A 53 -2.15 -2.26 2.50
CA LEU A 53 -2.81 -1.90 3.75
C LEU A 53 -1.84 -1.96 4.91
N ASN A 54 -2.30 -1.58 6.10
CA ASN A 54 -1.48 -1.72 7.30
C ASN A 54 -1.48 -3.16 7.78
N ALA A 55 -0.43 -3.54 8.48
CA ALA A 55 -0.35 -4.87 9.07
C ALA A 55 -0.99 -4.87 10.46
N GLU A 56 -0.33 -4.23 11.42
CA GLU A 56 -0.86 -4.12 12.77
C GLU A 56 -0.49 -2.78 13.42
N SER A 57 0.80 -2.54 13.58
CA SER A 57 1.26 -1.31 14.19
C SER A 57 1.57 -0.28 13.11
N ASN A 58 2.59 -0.58 12.30
CA ASN A 58 2.96 0.22 11.14
C ASN A 58 3.34 1.66 11.50
N VAL A 59 3.82 1.88 12.72
CA VAL A 59 4.16 3.24 13.13
C VAL A 59 5.64 3.37 13.53
N GLU A 60 6.26 2.27 13.91
CA GLU A 60 7.66 2.30 14.33
C GLU A 60 8.48 1.45 13.38
N VAL A 61 7.84 1.09 12.29
CA VAL A 61 8.40 0.12 11.37
C VAL A 61 8.66 0.76 10.01
N ASP A 62 7.83 1.74 9.67
CA ASP A 62 7.84 2.33 8.36
C ASP A 62 8.09 3.84 8.51
N LEU A 63 9.25 4.32 8.05
CA LEU A 63 9.64 5.70 8.35
C LEU A 63 9.41 6.61 7.14
N THR A 64 10.41 6.72 6.26
CA THR A 64 10.27 7.52 5.04
C THR A 64 9.90 6.59 3.89
N ALA A 65 9.44 5.41 4.29
CA ALA A 65 9.06 4.40 3.35
C ALA A 65 7.80 4.81 2.61
N LEU A 66 7.06 5.80 3.12
CA LEU A 66 5.95 6.35 2.35
C LEU A 66 6.46 7.29 1.28
N ASP A 67 7.66 7.83 1.47
CA ASP A 67 8.26 8.61 0.40
C ASP A 67 8.38 7.70 -0.80
N ALA A 68 9.06 6.58 -0.57
CA ALA A 68 9.19 5.55 -1.60
C ALA A 68 7.81 5.00 -2.03
N LEU A 69 7.05 4.55 -1.04
CA LEU A 69 5.77 3.87 -1.27
C LEU A 69 4.78 4.79 -1.96
N ASP A 70 4.55 5.98 -1.40
CA ASP A 70 3.51 6.87 -1.92
C ASP A 70 3.84 7.35 -3.31
N GLN A 71 5.13 7.57 -3.58
CA GLN A 71 5.56 7.92 -4.91
C GLN A 71 5.08 6.90 -5.92
N LEU A 72 5.40 5.63 -5.70
CA LEU A 72 4.92 4.58 -6.60
C LEU A 72 3.43 4.31 -6.38
N ARG A 73 2.92 4.75 -5.23
CA ARG A 73 1.50 4.62 -4.92
C ARG A 73 0.70 5.50 -5.86
N THR A 74 0.82 6.82 -5.71
CA THR A 74 0.06 7.75 -6.54
C THR A 74 0.36 7.51 -8.02
N GLU A 75 1.63 7.30 -8.32
CA GLU A 75 2.10 7.21 -9.68
C GLU A 75 1.53 5.98 -10.41
N LEU A 76 1.41 4.86 -9.71
CA LEU A 76 0.94 3.63 -10.33
C LEU A 76 -0.54 3.36 -10.02
N LEU A 77 -1.02 3.82 -8.87
CA LEU A 77 -2.40 3.59 -8.45
C LEU A 77 -3.36 4.40 -9.32
N ARG A 78 -2.92 5.56 -9.77
CA ARG A 78 -3.73 6.41 -10.63
C ARG A 78 -3.94 5.80 -12.01
N ARG A 79 -3.37 4.62 -12.24
CA ARG A 79 -3.46 3.98 -13.55
C ARG A 79 -4.59 2.97 -13.59
N GLY A 80 -4.53 1.95 -12.73
CA GLY A 80 -5.52 0.89 -12.75
C GLY A 80 -6.40 0.85 -11.52
N ILE A 81 -6.91 -0.32 -11.19
CA ILE A 81 -7.80 -0.48 -10.05
C ILE A 81 -7.04 -0.96 -8.81
N VAL A 82 -6.65 -0.01 -7.99
CA VAL A 82 -5.85 -0.28 -6.82
C VAL A 82 -6.09 0.81 -5.77
N PHE A 83 -5.92 0.47 -4.50
CA PHE A 83 -6.08 1.45 -3.42
C PHE A 83 -5.02 1.23 -2.32
N ALA A 84 -5.14 1.97 -1.23
CA ALA A 84 -4.26 1.80 -0.09
C ALA A 84 -4.95 2.25 1.19
N MET A 85 -4.59 1.64 2.32
CA MET A 85 -5.18 2.00 3.60
C MET A 85 -4.30 1.60 4.77
N ALA A 86 -4.46 2.30 5.88
CA ALA A 86 -3.73 1.98 7.08
C ALA A 86 -4.50 2.41 8.32
N ARG A 87 -3.87 2.28 9.47
CA ARG A 87 -4.42 2.77 10.74
C ARG A 87 -3.42 3.73 11.34
N VAL A 88 -2.55 4.20 10.48
CA VAL A 88 -1.41 5.02 10.85
C VAL A 88 -1.82 6.41 11.29
N LYS A 89 -1.03 6.99 12.17
CA LYS A 89 -1.20 8.37 12.58
C LYS A 89 0.07 9.15 12.26
N GLN A 90 0.93 8.54 11.45
CA GLN A 90 2.18 9.16 11.03
C GLN A 90 2.30 9.09 9.51
N ASP A 91 2.19 7.87 8.97
CA ASP A 91 2.30 7.63 7.53
C ASP A 91 1.39 8.54 6.72
N LEU A 92 0.10 8.59 7.08
CA LEU A 92 -0.87 9.38 6.34
C LEU A 92 -0.52 10.87 6.36
N ARG A 93 0.24 11.30 7.37
CA ARG A 93 0.67 12.69 7.44
C ARG A 93 1.69 12.94 6.34
N GLU A 94 2.75 12.14 6.34
CA GLU A 94 3.83 12.29 5.39
C GLU A 94 3.33 12.02 3.96
N SER A 95 2.62 10.91 3.80
CA SER A 95 2.10 10.48 2.50
C SER A 95 1.24 11.56 1.86
N LEU A 96 0.27 12.04 2.61
CA LEU A 96 -0.66 13.04 2.13
C LEU A 96 0.06 14.33 1.75
N ARG A 97 1.09 14.68 2.51
CA ARG A 97 1.85 15.90 2.25
C ARG A 97 2.76 15.74 1.03
N ALA A 98 3.28 14.54 0.84
CA ALA A 98 4.17 14.26 -0.29
C ALA A 98 3.44 14.34 -1.61
N ALA A 99 2.37 13.55 -1.74
CA ALA A 99 1.61 13.47 -2.97
C ALA A 99 1.13 14.84 -3.45
N SER A 100 0.36 15.51 -2.59
CA SER A 100 -0.17 16.85 -2.88
C SER A 100 -1.32 16.82 -3.91
N LEU A 101 -1.19 16.02 -4.98
CA LEU A 101 -2.22 15.96 -6.04
C LEU A 101 -3.42 15.11 -5.61
N LEU A 102 -3.77 15.22 -4.33
CA LEU A 102 -4.87 14.45 -3.75
C LEU A 102 -6.21 14.95 -4.26
N ASP A 103 -6.17 15.98 -5.09
CA ASP A 103 -7.37 16.56 -5.67
C ASP A 103 -7.91 15.67 -6.79
N LYS A 104 -7.06 14.80 -7.32
CA LYS A 104 -7.47 13.89 -8.38
C LYS A 104 -7.33 12.44 -7.93
N ILE A 105 -6.35 12.18 -7.05
CA ILE A 105 -6.16 10.84 -6.51
C ILE A 105 -6.90 10.70 -5.17
N GLY A 106 -7.97 11.46 -5.03
CA GLY A 106 -8.73 11.46 -3.78
C GLY A 106 -9.37 10.12 -3.48
N GLU A 107 -9.43 9.79 -2.19
CA GLU A 107 -10.08 8.57 -1.69
C GLU A 107 -9.37 7.30 -2.14
N ASP A 108 -8.11 7.40 -2.54
CA ASP A 108 -7.36 6.22 -2.97
C ASP A 108 -6.62 5.60 -1.78
N HIS A 109 -6.01 6.44 -0.95
CA HIS A 109 -5.36 5.98 0.27
C HIS A 109 -6.10 6.49 1.50
N ILE A 110 -6.69 5.57 2.23
CA ILE A 110 -7.54 5.90 3.37
C ILE A 110 -7.16 5.05 4.59
N PHE A 111 -8.10 4.82 5.49
CA PHE A 111 -7.83 4.04 6.69
C PHE A 111 -8.52 2.68 6.63
N MET A 112 -8.40 1.94 7.73
CA MET A 112 -9.01 0.61 7.90
C MET A 112 -10.46 0.56 7.39
N THR A 113 -10.64 -0.06 6.22
CA THR A 113 -11.97 -0.25 5.64
C THR A 113 -11.88 -0.84 4.22
N LEU A 114 -10.76 -0.60 3.55
CA LEU A 114 -10.57 -1.01 2.15
C LEU A 114 -10.86 -2.51 1.89
N PRO A 115 -10.38 -3.45 2.76
CA PRO A 115 -10.64 -4.90 2.59
C PRO A 115 -12.11 -5.23 2.33
N THR A 116 -13.03 -4.55 3.01
CA THR A 116 -14.44 -4.78 2.80
C THR A 116 -15.01 -3.78 1.79
N ALA A 117 -14.34 -2.63 1.67
CA ALA A 117 -14.75 -1.60 0.74
C ALA A 117 -14.77 -2.13 -0.69
N VAL A 118 -13.70 -2.81 -1.09
CA VAL A 118 -13.60 -3.38 -2.44
C VAL A 118 -14.76 -4.34 -2.70
N GLN A 119 -15.15 -5.09 -1.68
CA GLN A 119 -16.29 -6.00 -1.78
C GLN A 119 -17.55 -5.21 -2.07
N ALA A 120 -17.79 -4.19 -1.26
CA ALA A 120 -18.98 -3.36 -1.38
C ALA A 120 -18.98 -2.60 -2.70
N PHE A 121 -17.80 -2.26 -3.19
CA PHE A 121 -17.68 -1.51 -4.44
C PHE A 121 -17.81 -2.43 -5.65
N ARG A 122 -17.62 -3.73 -5.45
CA ARG A 122 -17.71 -4.68 -6.57
C ARG A 122 -19.15 -5.11 -6.86
N ARG A 123 -19.86 -5.58 -5.85
CA ARG A 123 -21.22 -6.07 -6.09
C ARG A 123 -22.27 -5.02 -5.71
N ARG A 124 -21.80 -3.97 -5.04
CA ARG A 124 -22.67 -2.88 -4.58
C ARG A 124 -23.86 -3.42 -3.82
N MET A 1 13.76 -15.93 15.70
CA MET A 1 12.91 -15.13 14.77
C MET A 1 11.49 -15.67 14.75
N HIS A 2 10.55 -14.84 15.16
CA HIS A 2 9.12 -15.21 15.14
C HIS A 2 8.29 -13.95 14.94
N ASP A 3 8.94 -12.96 14.37
CA ASP A 3 8.40 -11.62 14.32
C ASP A 3 7.84 -11.31 12.94
N ILE A 4 7.65 -10.02 12.65
CA ILE A 4 7.03 -9.54 11.42
C ILE A 4 5.71 -10.25 11.13
N ASP A 5 5.20 -10.09 9.91
CA ASP A 5 3.94 -10.69 9.53
C ASP A 5 4.13 -11.64 8.36
N ASP A 6 3.39 -12.74 8.38
CA ASP A 6 3.45 -13.73 7.30
C ASP A 6 2.51 -13.30 6.17
N TYR A 7 2.62 -13.95 5.02
CA TYR A 7 1.82 -13.60 3.87
C TYR A 7 0.97 -14.79 3.39
N PRO A 8 -0.20 -15.00 4.03
CA PRO A 8 -1.13 -16.05 3.61
C PRO A 8 -1.93 -15.64 2.38
N GLN A 9 -1.84 -14.35 2.04
CA GLN A 9 -2.47 -13.79 0.85
C GLN A 9 -4.00 -13.85 0.95
N ALA A 10 -4.66 -13.51 -0.14
CA ALA A 10 -6.10 -13.64 -0.25
C ALA A 10 -6.43 -14.04 -1.68
N LYS A 11 -6.22 -13.09 -2.58
CA LYS A 11 -6.21 -13.36 -4.00
C LYS A 11 -4.93 -12.74 -4.55
N ARG A 12 -4.56 -13.07 -5.77
CA ARG A 12 -3.39 -12.44 -6.38
C ARG A 12 -3.76 -11.73 -7.67
N VAL A 13 -5.04 -11.81 -8.05
CA VAL A 13 -5.53 -11.10 -9.22
C VAL A 13 -6.87 -10.41 -8.92
N PRO A 14 -7.91 -11.16 -8.46
CA PRO A 14 -9.21 -10.58 -8.16
C PRO A 14 -9.40 -10.33 -6.65
N GLY A 15 -8.55 -9.50 -6.08
CA GLY A 15 -8.64 -9.19 -4.67
C GLY A 15 -7.33 -9.42 -3.95
N LEU A 16 -6.30 -8.77 -4.42
CA LEU A 16 -4.96 -8.93 -3.86
C LEU A 16 -4.74 -7.90 -2.77
N VAL A 17 -3.94 -8.26 -1.79
CA VAL A 17 -3.66 -7.37 -0.69
C VAL A 17 -2.32 -7.68 -0.04
N VAL A 18 -1.52 -6.64 0.11
CA VAL A 18 -0.27 -6.73 0.85
C VAL A 18 -0.27 -5.64 1.92
N TYR A 19 0.49 -5.83 2.98
CA TYR A 19 0.40 -4.97 4.14
C TYR A 19 1.75 -4.51 4.63
N ARG A 20 1.72 -3.51 5.50
CA ARG A 20 2.92 -3.01 6.15
C ARG A 20 3.36 -3.97 7.25
N TYR A 21 4.53 -4.56 7.10
CA TYR A 21 5.02 -5.55 8.06
C TYR A 21 5.40 -4.92 9.39
N ASP A 22 5.63 -5.75 10.40
CA ASP A 22 6.02 -5.31 11.73
C ASP A 22 7.53 -5.06 11.81
N ALA A 23 8.11 -4.60 10.72
CA ALA A 23 9.56 -4.43 10.67
C ALA A 23 9.96 -3.06 10.20
N PRO A 24 10.82 -2.38 10.98
CA PRO A 24 11.43 -1.12 10.58
C PRO A 24 12.36 -1.27 9.39
N LEU A 25 11.88 -0.86 8.22
CA LEU A 25 12.72 -0.85 7.03
C LEU A 25 13.20 0.57 6.76
N CYS A 26 12.57 1.54 7.44
CA CYS A 26 12.91 2.96 7.30
C CYS A 26 12.58 3.44 5.88
N PHE A 27 13.43 3.09 4.93
CA PHE A 27 13.22 3.35 3.50
C PHE A 27 14.47 2.96 2.70
N ALA A 28 15.57 2.74 3.43
CA ALA A 28 16.90 2.49 2.85
C ALA A 28 16.86 1.60 1.60
N ASN A 29 16.65 0.32 1.81
CA ASN A 29 16.52 -0.61 0.70
C ASN A 29 15.06 -0.76 0.34
N ALA A 30 14.20 -0.09 1.10
CA ALA A 30 12.77 -0.31 1.03
C ALA A 30 12.16 0.39 -0.18
N GLU A 31 12.88 1.32 -0.79
CA GLU A 31 12.42 1.91 -2.05
C GLU A 31 12.50 0.87 -3.14
N ASP A 32 13.71 0.37 -3.35
CA ASP A 32 13.95 -0.66 -4.34
C ASP A 32 13.11 -1.88 -4.03
N PHE A 33 13.25 -2.37 -2.80
CA PHE A 33 12.50 -3.52 -2.33
C PHE A 33 11.01 -3.37 -2.59
N ARG A 34 10.47 -2.17 -2.30
CA ARG A 34 9.05 -1.92 -2.45
C ARG A 34 8.59 -2.18 -3.87
N ARG A 35 9.06 -1.35 -4.79
CA ARG A 35 8.61 -1.45 -6.16
C ARG A 35 9.16 -2.68 -6.84
N ARG A 36 10.16 -3.30 -6.22
CA ARG A 36 10.69 -4.56 -6.73
C ARG A 36 9.66 -5.67 -6.54
N ALA A 37 9.38 -6.00 -5.29
CA ALA A 37 8.47 -7.11 -4.98
C ALA A 37 7.09 -6.88 -5.58
N LEU A 38 6.62 -5.64 -5.50
CA LEU A 38 5.29 -5.30 -5.99
C LEU A 38 5.20 -5.42 -7.51
N THR A 39 6.16 -4.83 -8.22
CA THR A 39 6.12 -4.84 -9.67
C THR A 39 6.30 -6.27 -10.20
N VAL A 40 6.88 -7.12 -9.36
CA VAL A 40 7.05 -8.54 -9.67
C VAL A 40 5.72 -9.28 -9.56
N VAL A 41 4.96 -8.99 -8.51
CA VAL A 41 3.64 -9.62 -8.33
C VAL A 41 2.63 -8.98 -9.28
N ASP A 42 3.12 -7.99 -10.02
CA ASP A 42 2.39 -7.28 -11.07
C ASP A 42 1.83 -6.00 -10.52
N GLN A 43 2.35 -4.91 -11.02
CA GLN A 43 2.11 -3.59 -10.49
C GLN A 43 2.10 -2.58 -11.62
N ASP A 44 3.27 -2.43 -12.21
CA ASP A 44 3.48 -1.53 -13.33
C ASP A 44 3.24 -2.25 -14.67
N PRO A 45 3.79 -3.48 -14.87
CA PRO A 45 3.56 -4.23 -16.12
C PRO A 45 2.08 -4.49 -16.40
N GLY A 46 1.43 -5.24 -15.52
CA GLY A 46 0.05 -5.60 -15.74
C GLY A 46 -0.91 -5.00 -14.73
N GLN A 47 -2.18 -4.93 -15.10
CA GLN A 47 -3.21 -4.37 -14.25
C GLN A 47 -3.75 -5.45 -13.31
N VAL A 48 -3.95 -5.09 -12.05
CA VAL A 48 -4.37 -6.05 -11.04
C VAL A 48 -5.28 -5.37 -10.00
N GLU A 49 -6.21 -6.14 -9.44
CA GLU A 49 -7.08 -5.66 -8.38
C GLU A 49 -6.44 -5.96 -7.02
N TRP A 50 -6.01 -4.92 -6.31
CA TRP A 50 -5.28 -5.13 -5.07
C TRP A 50 -5.30 -3.89 -4.20
N PHE A 51 -4.61 -3.98 -3.05
CA PHE A 51 -4.45 -2.84 -2.19
C PHE A 51 -3.44 -3.10 -1.09
N VAL A 52 -2.92 -2.01 -0.53
CA VAL A 52 -2.04 -2.09 0.63
C VAL A 52 -2.77 -1.56 1.84
N LEU A 53 -2.57 -2.19 2.98
CA LEU A 53 -3.27 -1.78 4.17
C LEU A 53 -2.43 -1.93 5.43
N ASN A 54 -2.98 -1.45 6.52
CA ASN A 54 -2.43 -1.62 7.85
C ASN A 54 -2.52 -3.08 8.30
N ALA A 55 -1.38 -3.63 8.72
CA ALA A 55 -1.35 -4.99 9.25
C ALA A 55 -1.39 -4.95 10.77
N GLU A 56 -1.63 -3.75 11.29
CA GLU A 56 -1.77 -3.49 12.72
C GLU A 56 -0.41 -3.49 13.41
N SER A 57 0.61 -3.88 12.67
CA SER A 57 1.97 -3.93 13.19
C SER A 57 2.71 -2.64 12.86
N ASN A 58 2.37 -2.05 11.73
CA ASN A 58 3.12 -0.93 11.17
C ASN A 58 3.01 0.34 11.99
N VAL A 59 4.17 0.88 12.35
CA VAL A 59 4.26 2.19 13.00
C VAL A 59 5.71 2.52 13.34
N GLU A 60 6.49 1.49 13.70
CA GLU A 60 7.90 1.67 13.96
C GLU A 60 8.67 1.17 12.77
N VAL A 61 7.91 0.85 11.74
CA VAL A 61 8.40 0.08 10.63
C VAL A 61 8.79 0.97 9.45
N ASP A 62 8.12 2.09 9.33
CA ASP A 62 8.22 2.89 8.14
C ASP A 62 8.47 4.35 8.51
N LEU A 63 9.43 4.98 7.84
CA LEU A 63 9.87 6.31 8.21
C LEU A 63 9.63 7.31 7.10
N THR A 64 10.36 7.17 5.99
CA THR A 64 10.19 8.04 4.84
C THR A 64 9.85 7.19 3.61
N ALA A 65 9.60 5.92 3.89
CA ALA A 65 9.27 4.98 2.84
C ALA A 65 7.92 5.32 2.24
N LEU A 66 7.08 6.05 2.99
CA LEU A 66 5.83 6.53 2.42
C LEU A 66 6.08 7.54 1.32
N ASP A 67 7.17 8.28 1.41
CA ASP A 67 7.52 9.22 0.36
C ASP A 67 7.82 8.42 -0.89
N ALA A 68 8.66 7.41 -0.70
CA ALA A 68 9.00 6.50 -1.80
C ALA A 68 7.75 5.80 -2.35
N LEU A 69 6.97 5.21 -1.46
CA LEU A 69 5.83 4.39 -1.88
C LEU A 69 4.67 5.24 -2.37
N ASP A 70 4.59 6.51 -1.98
CA ASP A 70 3.52 7.36 -2.47
C ASP A 70 3.77 7.82 -3.89
N GLN A 71 5.03 8.06 -4.23
CA GLN A 71 5.40 8.30 -5.62
C GLN A 71 4.91 7.13 -6.45
N LEU A 72 5.31 5.94 -6.01
CA LEU A 72 4.90 4.70 -6.65
C LEU A 72 3.38 4.59 -6.68
N ARG A 73 2.75 4.57 -5.52
CA ARG A 73 1.32 4.34 -5.43
C ARG A 73 0.52 5.41 -6.16
N THR A 74 0.88 6.68 -6.00
CA THR A 74 0.11 7.74 -6.63
C THR A 74 0.06 7.49 -8.14
N GLU A 75 1.22 7.21 -8.72
CA GLU A 75 1.35 7.17 -10.16
C GLU A 75 1.01 5.78 -10.71
N LEU A 76 1.11 4.77 -9.86
CA LEU A 76 0.85 3.39 -10.28
C LEU A 76 -0.57 2.95 -9.91
N LEU A 77 -1.05 3.39 -8.77
CA LEU A 77 -2.39 3.02 -8.28
C LEU A 77 -3.46 3.80 -9.02
N ARG A 78 -3.17 5.06 -9.38
CA ARG A 78 -4.14 5.91 -10.09
C ARG A 78 -4.67 5.24 -11.37
N ARG A 79 -3.90 4.31 -11.91
CA ARG A 79 -4.21 3.73 -13.22
C ARG A 79 -4.63 2.27 -13.10
N GLY A 80 -5.11 1.88 -11.93
CA GLY A 80 -5.59 0.53 -11.74
C GLY A 80 -6.63 0.45 -10.64
N ILE A 81 -7.26 -0.70 -10.52
CA ILE A 81 -8.21 -0.94 -9.44
C ILE A 81 -7.46 -1.38 -8.18
N VAL A 82 -7.04 -0.39 -7.41
CA VAL A 82 -6.24 -0.61 -6.22
C VAL A 82 -6.39 0.56 -5.27
N PHE A 83 -6.28 0.30 -3.97
CA PHE A 83 -6.39 1.37 -2.97
C PHE A 83 -5.39 1.17 -1.82
N ALA A 84 -5.53 1.99 -0.77
CA ALA A 84 -4.62 1.92 0.38
C ALA A 84 -5.28 2.52 1.63
N MET A 85 -5.03 1.92 2.79
CA MET A 85 -5.62 2.39 4.05
C MET A 85 -4.82 1.90 5.25
N ALA A 86 -5.05 2.51 6.41
CA ALA A 86 -4.38 2.11 7.64
C ALA A 86 -5.12 2.58 8.89
N ARG A 87 -4.43 2.46 10.03
CA ARG A 87 -4.89 3.00 11.32
C ARG A 87 -3.90 4.04 11.79
N VAL A 88 -3.02 4.41 10.88
CA VAL A 88 -1.84 5.17 11.23
C VAL A 88 -2.16 6.64 11.49
N LYS A 89 -1.33 7.29 12.30
CA LYS A 89 -1.48 8.71 12.59
C LYS A 89 -0.27 9.50 12.08
N GLN A 90 0.74 8.78 11.61
CA GLN A 90 1.98 9.39 11.15
C GLN A 90 2.11 9.27 9.63
N ASP A 91 2.29 8.03 9.19
CA ASP A 91 2.53 7.70 7.78
C ASP A 91 1.61 8.45 6.85
N LEU A 92 0.30 8.36 7.09
CA LEU A 92 -0.68 8.93 6.17
C LEU A 92 -0.48 10.44 6.04
N ARG A 93 -0.09 11.10 7.12
CA ARG A 93 0.08 12.55 7.10
C ARG A 93 1.23 12.94 6.18
N GLU A 94 2.35 12.24 6.31
CA GLU A 94 3.48 12.55 5.45
C GLU A 94 3.33 11.90 4.07
N SER A 95 2.46 10.88 3.96
CA SER A 95 2.05 10.38 2.64
C SER A 95 1.24 11.45 1.92
N LEU A 96 0.33 12.06 2.67
CA LEU A 96 -0.45 13.19 2.20
C LEU A 96 0.46 14.24 1.56
N ARG A 97 1.53 14.55 2.27
CA ARG A 97 2.48 15.56 1.81
C ARG A 97 3.57 14.97 0.90
N ALA A 98 3.59 13.65 0.78
CA ALA A 98 4.57 12.98 -0.08
C ALA A 98 4.10 12.96 -1.53
N ALA A 99 2.91 12.43 -1.76
CA ALA A 99 2.35 12.37 -3.10
C ALA A 99 1.94 13.77 -3.56
N SER A 100 1.37 14.53 -2.62
CA SER A 100 0.94 15.92 -2.86
C SER A 100 -0.27 16.01 -3.78
N LEU A 101 -0.21 15.31 -4.91
CA LEU A 101 -1.26 15.41 -5.92
C LEU A 101 -2.47 14.52 -5.57
N LEU A 102 -3.10 14.87 -4.46
CA LEU A 102 -4.30 14.18 -4.00
C LEU A 102 -5.45 14.45 -4.94
N ASP A 103 -5.31 15.51 -5.71
CA ASP A 103 -6.31 15.88 -6.71
C ASP A 103 -6.25 14.90 -7.90
N LYS A 104 -5.21 14.09 -7.94
CA LYS A 104 -5.09 13.06 -8.97
C LYS A 104 -5.52 11.71 -8.43
N ILE A 105 -4.96 11.30 -7.29
CA ILE A 105 -5.30 10.00 -6.70
C ILE A 105 -6.70 10.01 -6.11
N GLY A 106 -7.16 11.19 -5.72
CA GLY A 106 -8.48 11.34 -5.15
C GLY A 106 -8.61 10.62 -3.83
N GLU A 107 -9.36 9.52 -3.82
CA GLU A 107 -9.59 8.76 -2.60
C GLU A 107 -8.47 7.73 -2.42
N ASP A 108 -7.37 8.18 -1.83
CA ASP A 108 -6.23 7.30 -1.60
C ASP A 108 -5.67 7.51 -0.20
N HIS A 109 -4.97 6.48 0.29
CA HIS A 109 -4.36 6.44 1.62
C HIS A 109 -5.26 7.06 2.70
N ILE A 110 -6.20 6.25 3.18
CA ILE A 110 -7.13 6.67 4.21
C ILE A 110 -7.12 5.68 5.37
N PHE A 111 -8.19 5.64 6.16
CA PHE A 111 -8.27 4.70 7.26
C PHE A 111 -8.99 3.42 6.84
N MET A 112 -9.05 2.47 7.76
CA MET A 112 -9.71 1.18 7.54
C MET A 112 -11.03 1.31 6.78
N THR A 113 -11.07 0.72 5.60
CA THR A 113 -12.29 0.71 4.77
C THR A 113 -12.16 -0.31 3.62
N LEU A 114 -10.94 -0.49 3.11
CA LEU A 114 -10.69 -1.38 1.96
C LEU A 114 -11.33 -2.76 2.11
N PRO A 115 -11.14 -3.47 3.24
CA PRO A 115 -11.70 -4.83 3.45
C PRO A 115 -13.19 -4.93 3.07
N THR A 116 -13.99 -3.96 3.50
CA THR A 116 -15.42 -3.98 3.21
C THR A 116 -15.71 -3.30 1.87
N ALA A 117 -14.88 -2.32 1.53
CA ALA A 117 -15.04 -1.58 0.29
C ALA A 117 -14.92 -2.48 -0.93
N VAL A 118 -13.85 -3.28 -0.98
CA VAL A 118 -13.62 -4.15 -2.13
C VAL A 118 -14.80 -5.10 -2.35
N GLN A 119 -15.26 -5.75 -1.28
CA GLN A 119 -16.38 -6.68 -1.40
C GLN A 119 -17.62 -5.96 -1.88
N ALA A 120 -17.88 -4.79 -1.31
CA ALA A 120 -19.03 -3.98 -1.67
C ALA A 120 -18.96 -3.57 -3.15
N PHE A 121 -17.77 -3.23 -3.62
CA PHE A 121 -17.62 -2.78 -5.00
C PHE A 121 -17.52 -3.95 -5.97
N ARG A 122 -17.36 -5.16 -5.47
CA ARG A 122 -17.28 -6.33 -6.34
C ARG A 122 -18.65 -6.96 -6.56
N ARG A 123 -19.52 -6.88 -5.57
CA ARG A 123 -20.86 -7.41 -5.72
C ARG A 123 -21.86 -6.28 -5.98
N ARG A 124 -21.48 -5.06 -5.61
CA ARG A 124 -22.33 -3.88 -5.73
C ARG A 124 -23.65 -4.07 -4.99
N MET A 1 16.12 -16.46 12.64
CA MET A 1 15.50 -15.46 11.73
C MET A 1 14.03 -15.27 12.06
N HIS A 2 13.75 -14.26 12.88
CA HIS A 2 12.38 -13.88 13.18
C HIS A 2 12.25 -12.37 13.13
N ASP A 3 12.06 -11.86 11.92
CA ASP A 3 12.09 -10.43 11.66
C ASP A 3 10.96 -10.08 10.69
N ILE A 4 10.74 -8.78 10.48
CA ILE A 4 9.67 -8.26 9.61
C ILE A 4 8.34 -9.01 9.83
N ASP A 5 7.57 -9.20 8.77
CA ASP A 5 6.30 -9.89 8.87
C ASP A 5 6.29 -11.07 7.89
N ASP A 6 5.10 -11.50 7.47
CA ASP A 6 4.98 -12.64 6.58
C ASP A 6 4.18 -12.24 5.33
N TYR A 7 3.94 -13.20 4.46
CA TYR A 7 3.17 -12.99 3.25
C TYR A 7 2.47 -14.29 2.83
N PRO A 8 1.46 -14.71 3.60
CA PRO A 8 0.77 -15.98 3.38
C PRO A 8 -0.17 -15.93 2.18
N GLN A 9 -0.67 -14.74 1.88
CA GLN A 9 -1.63 -14.58 0.79
C GLN A 9 -1.11 -13.58 -0.24
N ALA A 10 -1.16 -13.99 -1.49
CA ALA A 10 -0.81 -13.14 -2.61
C ALA A 10 -1.65 -13.52 -3.81
N LYS A 11 -2.82 -12.91 -3.93
CA LYS A 11 -3.77 -13.28 -4.97
C LYS A 11 -3.39 -12.69 -6.31
N ARG A 12 -4.22 -12.97 -7.28
CA ARG A 12 -4.03 -12.50 -8.64
C ARG A 12 -5.26 -11.76 -9.14
N VAL A 13 -6.27 -12.53 -9.50
CA VAL A 13 -7.48 -11.98 -10.10
C VAL A 13 -8.44 -11.39 -9.05
N PRO A 14 -8.81 -12.16 -8.00
CA PRO A 14 -9.81 -11.70 -7.02
C PRO A 14 -9.27 -10.67 -6.02
N GLY A 15 -8.18 -9.98 -6.40
CA GLY A 15 -7.68 -8.92 -5.56
C GLY A 15 -6.59 -9.39 -4.62
N LEU A 16 -5.42 -8.79 -4.70
CA LEU A 16 -4.31 -9.20 -3.86
C LEU A 16 -4.13 -8.20 -2.74
N VAL A 17 -3.78 -8.72 -1.58
CA VAL A 17 -3.66 -7.90 -0.38
C VAL A 17 -2.23 -7.94 0.13
N VAL A 18 -1.49 -6.87 -0.10
CA VAL A 18 -0.12 -6.78 0.39
C VAL A 18 0.01 -5.62 1.36
N TYR A 19 0.69 -5.86 2.47
CA TYR A 19 0.79 -4.86 3.52
C TYR A 19 2.23 -4.51 3.84
N ARG A 20 2.40 -3.64 4.82
CA ARG A 20 3.72 -3.31 5.33
C ARG A 20 4.38 -4.51 5.99
N TYR A 21 5.63 -4.37 6.37
CA TYR A 21 6.32 -5.41 7.10
C TYR A 21 6.54 -4.96 8.53
N ASP A 22 6.41 -5.89 9.46
CA ASP A 22 6.47 -5.57 10.89
C ASP A 22 7.93 -5.45 11.34
N ALA A 23 8.59 -4.38 10.91
CA ALA A 23 9.97 -4.13 11.31
C ALA A 23 10.43 -2.75 10.87
N PRO A 24 11.19 -2.06 11.73
CA PRO A 24 11.77 -0.76 11.42
C PRO A 24 12.82 -0.85 10.32
N LEU A 25 12.39 -0.69 9.07
CA LEU A 25 13.33 -0.65 7.96
C LEU A 25 13.53 0.79 7.51
N CYS A 26 12.75 1.69 8.11
CA CYS A 26 12.88 3.13 7.88
C CYS A 26 12.48 3.49 6.45
N PHE A 27 13.41 3.29 5.52
CA PHE A 27 13.15 3.41 4.09
C PHE A 27 14.43 3.15 3.31
N ALA A 28 15.39 2.49 3.97
CA ALA A 28 16.75 2.29 3.46
C ALA A 28 16.76 1.84 2.01
N ASN A 29 16.13 0.71 1.75
CA ASN A 29 16.02 0.18 0.39
C ASN A 29 14.58 0.19 -0.06
N ALA A 30 13.72 0.79 0.77
CA ALA A 30 12.27 0.68 0.62
C ALA A 30 11.79 1.15 -0.74
N GLU A 31 12.48 2.13 -1.32
CA GLU A 31 12.08 2.67 -2.61
C GLU A 31 12.03 1.57 -3.67
N ASP A 32 13.19 1.02 -3.99
CA ASP A 32 13.27 0.01 -5.03
C ASP A 32 12.74 -1.33 -4.53
N PHE A 33 12.89 -1.58 -3.24
CA PHE A 33 12.36 -2.78 -2.62
C PHE A 33 10.85 -2.88 -2.86
N ARG A 34 10.13 -1.80 -2.56
CA ARG A 34 8.69 -1.79 -2.71
C ARG A 34 8.32 -1.85 -4.17
N ARG A 35 9.03 -1.08 -4.99
CA ARG A 35 8.83 -1.09 -6.43
C ARG A 35 8.97 -2.50 -6.98
N ARG A 36 10.08 -3.15 -6.62
CA ARG A 36 10.39 -4.49 -7.13
C ARG A 36 9.30 -5.48 -6.76
N ALA A 37 9.06 -5.65 -5.46
CA ALA A 37 8.12 -6.64 -4.96
C ALA A 37 6.72 -6.44 -5.54
N LEU A 38 6.24 -5.21 -5.50
CA LEU A 38 4.88 -4.93 -5.94
C LEU A 38 4.74 -4.99 -7.45
N THR A 39 5.74 -4.51 -8.18
CA THR A 39 5.65 -4.48 -9.62
C THR A 39 5.74 -5.88 -10.20
N VAL A 40 6.34 -6.79 -9.43
CA VAL A 40 6.51 -8.15 -9.89
C VAL A 40 5.36 -9.05 -9.44
N VAL A 41 4.66 -8.66 -8.38
CA VAL A 41 3.40 -9.30 -8.04
C VAL A 41 2.29 -8.66 -8.86
N ASP A 42 2.71 -7.63 -9.62
CA ASP A 42 1.92 -6.95 -10.64
C ASP A 42 1.21 -5.74 -10.06
N GLN A 43 1.70 -4.58 -10.44
CA GLN A 43 1.14 -3.32 -9.98
C GLN A 43 1.09 -2.33 -11.15
N ASP A 44 1.45 -2.83 -12.32
CA ASP A 44 1.70 -1.98 -13.48
C ASP A 44 1.59 -2.76 -14.80
N PRO A 45 2.33 -3.88 -14.96
CA PRO A 45 2.36 -4.61 -16.24
C PRO A 45 1.01 -5.18 -16.65
N GLY A 46 0.24 -5.67 -15.70
CA GLY A 46 -1.04 -6.26 -16.01
C GLY A 46 -2.20 -5.49 -15.43
N GLN A 47 -3.39 -5.76 -15.95
CA GLN A 47 -4.61 -5.15 -15.44
C GLN A 47 -5.05 -5.90 -14.19
N VAL A 48 -4.42 -5.56 -13.07
CA VAL A 48 -4.58 -6.30 -11.84
C VAL A 48 -5.43 -5.54 -10.82
N GLU A 49 -6.19 -6.28 -10.03
CA GLU A 49 -6.92 -5.72 -8.92
C GLU A 49 -6.17 -6.01 -7.62
N TRP A 50 -5.81 -4.95 -6.90
CA TRP A 50 -4.96 -5.12 -5.73
C TRP A 50 -5.07 -3.92 -4.80
N PHE A 51 -4.37 -4.01 -3.68
CA PHE A 51 -4.27 -2.86 -2.78
C PHE A 51 -3.20 -3.09 -1.72
N VAL A 52 -2.73 -1.99 -1.15
CA VAL A 52 -1.74 -2.03 -0.09
C VAL A 52 -2.32 -1.39 1.17
N LEU A 53 -1.82 -1.81 2.32
CA LEU A 53 -2.30 -1.25 3.57
C LEU A 53 -1.26 -1.29 4.67
N ASN A 54 -1.30 -0.26 5.51
CA ASN A 54 -0.53 -0.23 6.74
C ASN A 54 -1.50 -0.21 7.90
N ALA A 55 -1.98 -1.39 8.30
CA ALA A 55 -2.99 -1.45 9.34
C ALA A 55 -2.81 -2.67 10.25
N GLU A 56 -2.04 -2.46 11.31
CA GLU A 56 -1.94 -3.42 12.41
C GLU A 56 -0.97 -2.89 13.46
N SER A 57 0.23 -2.56 13.00
CA SER A 57 1.25 -1.97 13.85
C SER A 57 1.83 -0.75 13.15
N ASN A 58 2.79 -1.00 12.25
CA ASN A 58 3.36 -0.01 11.34
C ASN A 58 3.57 1.36 11.97
N VAL A 59 4.17 1.40 13.14
CA VAL A 59 4.47 2.67 13.78
C VAL A 59 5.97 2.93 13.85
N GLU A 60 6.75 1.90 14.17
CA GLU A 60 8.19 2.06 14.29
C GLU A 60 8.87 1.48 13.07
N VAL A 61 8.10 0.74 12.30
CA VAL A 61 8.62 0.03 11.14
C VAL A 61 9.05 1.02 10.05
N ASP A 62 8.45 2.18 10.07
CA ASP A 62 8.51 3.08 8.94
C ASP A 62 8.84 4.50 9.39
N LEU A 63 9.77 5.13 8.69
CA LEU A 63 10.15 6.51 8.98
C LEU A 63 9.82 7.42 7.80
N THR A 64 10.11 6.93 6.60
CA THR A 64 9.83 7.68 5.36
C THR A 64 9.57 6.68 4.21
N ALA A 65 9.26 5.46 4.61
CA ALA A 65 9.02 4.40 3.65
C ALA A 65 7.72 4.66 2.93
N LEU A 66 6.83 5.43 3.58
CA LEU A 66 5.61 5.86 2.91
C LEU A 66 5.91 6.86 1.81
N ASP A 67 7.02 7.57 1.89
CA ASP A 67 7.39 8.47 0.82
C ASP A 67 7.63 7.63 -0.40
N ALA A 68 8.54 6.68 -0.25
CA ALA A 68 8.83 5.72 -1.31
C ALA A 68 7.55 5.01 -1.74
N LEU A 69 6.93 4.34 -0.77
CA LEU A 69 5.76 3.50 -0.99
C LEU A 69 4.62 4.27 -1.63
N ASP A 70 4.20 5.37 -1.01
CA ASP A 70 3.03 6.11 -1.49
C ASP A 70 3.24 6.57 -2.90
N GLN A 71 4.27 7.37 -3.13
CA GLN A 71 4.47 8.00 -4.43
C GLN A 71 4.49 6.96 -5.54
N LEU A 72 5.08 5.77 -5.28
CA LEU A 72 5.17 4.76 -6.31
C LEU A 72 3.83 4.05 -6.49
N ARG A 73 3.25 3.48 -5.43
CA ARG A 73 2.02 2.70 -5.61
C ARG A 73 0.83 3.62 -5.81
N THR A 74 1.02 4.91 -5.53
CA THR A 74 0.05 5.94 -5.90
C THR A 74 0.12 6.17 -7.40
N GLU A 75 1.35 6.25 -7.90
CA GLU A 75 1.61 6.51 -9.30
C GLU A 75 1.25 5.29 -10.15
N LEU A 76 1.15 4.14 -9.51
CA LEU A 76 0.73 2.91 -10.18
C LEU A 76 -0.72 2.55 -9.85
N LEU A 77 -1.24 3.10 -8.76
CA LEU A 77 -2.63 2.85 -8.37
C LEU A 77 -3.56 3.52 -9.35
N ARG A 78 -3.19 4.73 -9.73
CA ARG A 78 -3.95 5.52 -10.68
C ARG A 78 -3.88 4.93 -12.10
N ARG A 79 -3.49 3.68 -12.22
CA ARG A 79 -3.36 3.02 -13.51
C ARG A 79 -4.46 1.97 -13.69
N GLY A 80 -4.93 1.41 -12.59
CA GLY A 80 -5.93 0.34 -12.68
C GLY A 80 -6.79 0.25 -11.44
N ILE A 81 -7.45 -0.88 -11.26
CA ILE A 81 -8.33 -1.10 -10.12
C ILE A 81 -7.51 -1.52 -8.89
N VAL A 82 -7.24 -0.54 -8.05
CA VAL A 82 -6.43 -0.75 -6.86
C VAL A 82 -6.68 0.37 -5.86
N PHE A 83 -6.46 0.09 -4.58
CA PHE A 83 -6.59 1.11 -3.54
C PHE A 83 -5.46 0.99 -2.51
N ALA A 84 -5.51 1.84 -1.49
CA ALA A 84 -4.53 1.82 -0.43
C ALA A 84 -5.11 2.41 0.84
N MET A 85 -4.72 1.86 1.97
CA MET A 85 -5.24 2.31 3.25
C MET A 85 -4.21 2.24 4.36
N ALA A 86 -4.50 2.93 5.46
CA ALA A 86 -3.63 2.98 6.61
C ALA A 86 -4.47 2.98 7.90
N ARG A 87 -3.85 3.21 9.06
CA ARG A 87 -4.62 3.19 10.31
C ARG A 87 -4.08 4.13 11.39
N VAL A 88 -2.79 4.41 11.39
CA VAL A 88 -2.19 5.12 12.52
C VAL A 88 -2.08 6.62 12.22
N LYS A 89 -1.99 7.41 13.30
CA LYS A 89 -1.89 8.86 13.22
C LYS A 89 -0.61 9.30 12.49
N GLN A 90 0.26 8.36 12.20
CA GLN A 90 1.49 8.65 11.51
C GLN A 90 1.30 8.55 10.00
N ASP A 91 0.64 7.46 9.59
CA ASP A 91 0.49 7.12 8.17
C ASP A 91 0.06 8.32 7.34
N LEU A 92 -1.08 8.89 7.69
CA LEU A 92 -1.66 10.00 6.94
C LEU A 92 -0.72 11.20 6.89
N ARG A 93 -0.16 11.57 8.04
CA ARG A 93 0.70 12.75 8.10
C ARG A 93 1.85 12.64 7.11
N GLU A 94 2.60 11.55 7.23
CA GLU A 94 3.80 11.35 6.44
C GLU A 94 3.45 11.17 4.96
N SER A 95 2.56 10.22 4.66
CA SER A 95 2.22 9.88 3.28
C SER A 95 1.65 11.07 2.52
N LEU A 96 0.87 11.87 3.23
CA LEU A 96 0.22 13.02 2.63
C LEU A 96 1.22 14.13 2.35
N ARG A 97 2.23 14.26 3.21
CA ARG A 97 3.28 15.24 2.98
C ARG A 97 4.21 14.80 1.87
N ALA A 98 4.28 13.49 1.64
CA ALA A 98 5.10 12.94 0.58
C ALA A 98 4.43 13.13 -0.78
N ALA A 99 3.25 12.55 -0.96
CA ALA A 99 2.55 12.60 -2.23
C ALA A 99 1.90 13.97 -2.44
N SER A 100 0.91 14.29 -1.60
CA SER A 100 0.21 15.58 -1.63
C SER A 100 -0.69 15.77 -2.87
N LEU A 101 -0.41 15.04 -3.95
CA LEU A 101 -1.09 15.26 -5.23
C LEU A 101 -2.49 14.63 -5.26
N LEU A 102 -3.20 14.70 -4.14
CA LEU A 102 -4.56 14.15 -4.06
C LEU A 102 -5.48 14.80 -5.08
N ASP A 103 -5.13 16.01 -5.49
CA ASP A 103 -5.89 16.74 -6.50
C ASP A 103 -6.07 15.91 -7.78
N LYS A 104 -5.03 15.19 -8.17
CA LYS A 104 -5.05 14.48 -9.43
C LYS A 104 -5.14 12.97 -9.26
N ILE A 105 -4.95 12.48 -8.03
CA ILE A 105 -5.12 11.05 -7.77
C ILE A 105 -6.51 10.77 -7.17
N GLY A 106 -6.83 11.44 -6.06
CA GLY A 106 -8.12 11.24 -5.44
C GLY A 106 -8.07 10.28 -4.26
N GLU A 107 -8.84 9.20 -4.35
CA GLU A 107 -9.01 8.25 -3.26
C GLU A 107 -7.94 7.17 -3.32
N ASP A 108 -6.76 7.55 -3.80
CA ASP A 108 -5.69 6.60 -4.08
C ASP A 108 -4.97 6.13 -2.81
N HIS A 109 -5.40 6.66 -1.66
CA HIS A 109 -4.89 6.19 -0.37
C HIS A 109 -5.61 6.87 0.79
N ILE A 110 -6.31 6.06 1.58
CA ILE A 110 -7.09 6.53 2.71
C ILE A 110 -6.82 5.64 3.94
N PHE A 111 -7.82 5.48 4.81
CA PHE A 111 -7.65 4.69 6.03
C PHE A 111 -8.40 3.35 5.95
N MET A 112 -8.39 2.65 7.07
CA MET A 112 -9.07 1.35 7.25
C MET A 112 -10.42 1.30 6.54
N THR A 113 -10.49 0.51 5.46
CA THR A 113 -11.74 0.32 4.75
C THR A 113 -11.63 -0.78 3.68
N LEU A 114 -10.46 -0.89 3.05
CA LEU A 114 -10.28 -1.75 1.86
C LEU A 114 -10.92 -3.15 2.00
N PRO A 115 -10.59 -3.94 3.04
CA PRO A 115 -11.13 -5.31 3.19
C PRO A 115 -12.66 -5.38 3.11
N THR A 116 -13.34 -4.41 3.71
CA THR A 116 -14.80 -4.38 3.66
C THR A 116 -15.29 -3.58 2.44
N ALA A 117 -14.44 -2.68 1.96
CA ALA A 117 -14.77 -1.85 0.81
C ALA A 117 -14.83 -2.67 -0.46
N VAL A 118 -13.78 -3.46 -0.72
CA VAL A 118 -13.76 -4.31 -1.91
C VAL A 118 -14.92 -5.29 -1.88
N GLN A 119 -15.31 -5.68 -0.67
CA GLN A 119 -16.46 -6.54 -0.47
C GLN A 119 -17.73 -5.83 -0.95
N ALA A 120 -17.92 -4.61 -0.46
CA ALA A 120 -19.11 -3.83 -0.80
C ALA A 120 -19.10 -3.41 -2.26
N PHE A 121 -17.92 -3.14 -2.80
CA PHE A 121 -17.81 -2.69 -4.19
C PHE A 121 -18.04 -3.83 -5.16
N ARG A 122 -17.77 -5.06 -4.73
CA ARG A 122 -18.01 -6.23 -5.57
C ARG A 122 -19.36 -6.86 -5.21
N ARG A 123 -20.22 -6.05 -4.60
CA ARG A 123 -21.50 -6.53 -4.10
C ARG A 123 -22.61 -5.50 -4.35
N ARG A 124 -22.29 -4.24 -4.10
CA ARG A 124 -23.23 -3.14 -4.23
C ARG A 124 -24.35 -3.22 -3.20
N MET A 1 14.43 -13.48 13.69
CA MET A 1 14.82 -14.49 12.66
C MET A 1 13.63 -14.80 11.77
N HIS A 2 12.44 -14.88 12.37
CA HIS A 2 11.21 -14.93 11.59
C HIS A 2 10.84 -13.51 11.18
N ASP A 3 10.75 -12.64 12.18
CA ASP A 3 10.57 -11.20 12.00
C ASP A 3 9.29 -10.85 11.26
N ILE A 4 9.08 -9.54 11.05
CA ILE A 4 7.89 -8.98 10.40
C ILE A 4 6.62 -9.68 10.88
N ASP A 5 5.63 -9.80 10.00
CA ASP A 5 4.41 -10.51 10.35
C ASP A 5 4.42 -11.90 9.71
N ASP A 6 3.91 -11.99 8.48
CA ASP A 6 3.91 -13.23 7.71
C ASP A 6 3.17 -12.99 6.41
N TYR A 7 2.80 -14.05 5.72
CA TYR A 7 1.99 -13.93 4.50
C TYR A 7 1.11 -15.17 4.32
N PRO A 8 0.02 -15.25 5.10
CA PRO A 8 -0.91 -16.38 5.04
C PRO A 8 -1.90 -16.23 3.89
N GLN A 9 -2.09 -14.99 3.45
CA GLN A 9 -3.03 -14.71 2.39
C GLN A 9 -2.32 -13.99 1.25
N ALA A 10 -2.51 -14.50 0.03
CA ALA A 10 -1.88 -13.93 -1.14
C ALA A 10 -2.75 -14.18 -2.35
N LYS A 11 -3.59 -13.21 -2.68
CA LYS A 11 -4.45 -13.32 -3.85
C LYS A 11 -3.69 -12.91 -5.09
N ARG A 12 -4.24 -13.24 -6.23
CA ARG A 12 -3.59 -12.96 -7.51
C ARG A 12 -4.36 -11.88 -8.27
N VAL A 13 -5.55 -12.26 -8.73
CA VAL A 13 -6.36 -11.38 -9.58
C VAL A 13 -7.52 -10.74 -8.83
N PRO A 14 -8.34 -11.51 -8.07
CA PRO A 14 -9.52 -10.97 -7.38
C PRO A 14 -9.19 -10.07 -6.18
N GLY A 15 -8.07 -9.37 -6.24
CA GLY A 15 -7.73 -8.41 -5.22
C GLY A 15 -6.82 -9.01 -4.16
N LEU A 16 -5.59 -8.54 -4.12
CA LEU A 16 -4.61 -9.09 -3.19
C LEU A 16 -4.28 -8.08 -2.12
N VAL A 17 -4.00 -8.58 -0.93
CA VAL A 17 -3.87 -7.72 0.23
C VAL A 17 -2.47 -7.79 0.81
N VAL A 18 -1.71 -6.73 0.62
CA VAL A 18 -0.40 -6.61 1.22
C VAL A 18 -0.46 -5.61 2.37
N TYR A 19 -0.27 -6.10 3.59
CA TYR A 19 -0.39 -5.25 4.76
C TYR A 19 0.98 -4.90 5.32
N ARG A 20 1.00 -3.88 6.16
CA ARG A 20 2.22 -3.47 6.85
C ARG A 20 2.85 -4.62 7.63
N TYR A 21 4.09 -4.94 7.28
CA TYR A 21 4.87 -5.92 8.02
C TYR A 21 5.63 -5.22 9.13
N ASP A 22 5.57 -5.76 10.34
CA ASP A 22 6.26 -5.17 11.48
C ASP A 22 7.77 -5.26 11.32
N ALA A 23 8.36 -4.22 10.76
CA ALA A 23 9.81 -4.11 10.68
C ALA A 23 10.27 -2.74 10.24
N PRO A 24 11.12 -2.10 11.05
CA PRO A 24 11.74 -0.81 10.72
C PRO A 24 12.71 -0.92 9.55
N LEU A 25 12.19 -0.96 8.34
CA LEU A 25 13.04 -0.94 7.15
C LEU A 25 13.39 0.50 6.81
N CYS A 26 12.70 1.43 7.48
CA CYS A 26 12.95 2.86 7.34
C CYS A 26 12.58 3.34 5.93
N PHE A 27 13.48 3.08 4.98
CA PHE A 27 13.23 3.28 3.55
C PHE A 27 14.51 3.05 2.74
N ALA A 28 15.52 2.47 3.37
CA ALA A 28 16.85 2.34 2.78
C ALA A 28 16.80 1.73 1.38
N ASN A 29 16.25 0.54 1.29
CA ASN A 29 16.14 -0.15 0.01
C ASN A 29 14.69 -0.15 -0.47
N ALA A 30 13.85 0.63 0.21
CA ALA A 30 12.40 0.57 0.02
C ALA A 30 11.97 0.82 -1.41
N GLU A 31 12.72 1.65 -2.13
CA GLU A 31 12.41 1.96 -3.52
C GLU A 31 12.48 0.71 -4.39
N ASP A 32 13.70 0.21 -4.60
CA ASP A 32 13.91 -0.95 -5.44
C ASP A 32 13.24 -2.18 -4.85
N PHE A 33 13.34 -2.34 -3.53
CA PHE A 33 12.71 -3.45 -2.86
C PHE A 33 11.21 -3.52 -3.16
N ARG A 34 10.57 -2.36 -3.23
CA ARG A 34 9.13 -2.30 -3.48
C ARG A 34 8.82 -2.72 -4.92
N ARG A 35 9.60 -2.19 -5.86
CA ARG A 35 9.36 -2.51 -7.27
C ARG A 35 9.71 -3.96 -7.58
N ARG A 36 10.81 -4.46 -7.01
CA ARG A 36 11.19 -5.85 -7.22
C ARG A 36 10.04 -6.76 -6.81
N ALA A 37 9.62 -6.67 -5.57
CA ALA A 37 8.62 -7.58 -5.03
C ALA A 37 7.28 -7.38 -5.70
N LEU A 38 6.65 -6.24 -5.42
CA LEU A 38 5.29 -5.97 -5.86
C LEU A 38 5.23 -5.82 -7.37
N THR A 39 6.13 -5.03 -7.92
CA THR A 39 6.07 -4.65 -9.31
C THR A 39 6.41 -5.81 -10.25
N VAL A 40 7.26 -6.72 -9.81
CA VAL A 40 7.64 -7.85 -10.64
C VAL A 40 6.59 -8.97 -10.59
N VAL A 41 6.00 -9.21 -9.41
CA VAL A 41 5.00 -10.26 -9.31
C VAL A 41 3.78 -9.94 -10.15
N ASP A 42 3.29 -8.70 -10.05
CA ASP A 42 2.18 -8.23 -10.87
C ASP A 42 1.87 -6.80 -10.48
N GLN A 43 2.05 -5.88 -11.43
CA GLN A 43 2.00 -4.46 -11.12
C GLN A 43 2.10 -3.61 -12.38
N ASP A 44 3.31 -3.57 -12.90
CA ASP A 44 3.64 -2.75 -14.06
C ASP A 44 3.33 -3.45 -15.39
N PRO A 45 3.71 -4.74 -15.58
CA PRO A 45 3.53 -5.43 -16.86
C PRO A 45 2.10 -5.91 -17.13
N GLY A 46 1.11 -5.27 -16.51
CA GLY A 46 -0.26 -5.64 -16.75
C GLY A 46 -1.21 -5.01 -15.76
N GLN A 47 -2.49 -5.33 -15.88
CA GLN A 47 -3.50 -4.82 -14.97
C GLN A 47 -3.70 -5.78 -13.82
N VAL A 48 -3.44 -5.32 -12.61
CA VAL A 48 -3.55 -6.14 -11.42
C VAL A 48 -4.43 -5.45 -10.38
N GLU A 49 -5.26 -6.23 -9.69
CA GLU A 49 -6.08 -5.70 -8.63
C GLU A 49 -5.47 -6.05 -7.28
N TRP A 50 -5.00 -5.03 -6.58
CA TRP A 50 -4.30 -5.22 -5.33
C TRP A 50 -4.42 -3.99 -4.48
N PHE A 51 -3.94 -4.06 -3.24
CA PHE A 51 -3.91 -2.89 -2.40
C PHE A 51 -3.03 -3.11 -1.18
N VAL A 52 -2.55 -2.00 -0.63
CA VAL A 52 -1.77 -2.05 0.60
C VAL A 52 -2.47 -1.26 1.69
N LEU A 53 -2.57 -1.86 2.85
CA LEU A 53 -3.21 -1.22 3.97
C LEU A 53 -2.29 -1.23 5.17
N ASN A 54 -2.30 -0.14 5.92
CA ASN A 54 -1.52 -0.05 7.13
C ASN A 54 -2.12 -0.92 8.20
N ALA A 55 -1.46 -2.02 8.49
CA ALA A 55 -1.87 -2.88 9.58
C ALA A 55 -1.39 -2.27 10.89
N GLU A 56 -1.76 -2.87 12.00
CA GLU A 56 -1.51 -2.28 13.32
C GLU A 56 -0.02 -1.98 13.53
N SER A 57 0.84 -2.80 12.96
CA SER A 57 2.27 -2.61 13.10
C SER A 57 2.84 -1.88 11.88
N ASN A 58 2.72 -0.56 11.90
CA ASN A 58 3.23 0.28 10.82
C ASN A 58 4.03 1.43 11.38
N VAL A 59 4.07 1.53 12.70
CA VAL A 59 4.57 2.72 13.36
C VAL A 59 6.09 2.70 13.47
N GLU A 60 6.66 1.53 13.79
CA GLU A 60 8.09 1.44 14.02
C GLU A 60 8.78 1.07 12.73
N VAL A 61 7.97 0.60 11.79
CA VAL A 61 8.46 0.00 10.57
C VAL A 61 8.91 1.05 9.57
N ASP A 62 8.28 2.21 9.62
CA ASP A 62 8.37 3.15 8.53
C ASP A 62 8.89 4.50 8.99
N LEU A 63 9.84 5.04 8.24
CA LEU A 63 10.37 6.37 8.50
C LEU A 63 10.09 7.27 7.31
N THR A 64 10.57 6.87 6.15
CA THR A 64 10.31 7.59 4.90
C THR A 64 9.85 6.59 3.84
N ALA A 65 9.46 5.41 4.30
CA ALA A 65 9.11 4.33 3.42
C ALA A 65 7.81 4.65 2.71
N LEU A 66 6.93 5.41 3.36
CA LEU A 66 5.70 5.85 2.72
C LEU A 66 6.02 6.72 1.52
N ASP A 67 7.06 7.53 1.63
CA ASP A 67 7.45 8.38 0.51
C ASP A 67 7.74 7.48 -0.66
N ALA A 68 8.58 6.48 -0.41
CA ALA A 68 8.93 5.49 -1.42
C ALA A 68 7.69 4.75 -1.94
N LEU A 69 7.08 3.97 -1.06
CA LEU A 69 6.03 3.04 -1.47
C LEU A 69 4.76 3.76 -1.93
N ASP A 70 4.38 4.85 -1.26
CA ASP A 70 3.13 5.52 -1.61
C ASP A 70 3.26 6.21 -2.94
N GLN A 71 4.38 6.89 -3.16
CA GLN A 71 4.60 7.61 -4.41
C GLN A 71 4.49 6.62 -5.57
N LEU A 72 5.03 5.42 -5.41
CA LEU A 72 4.97 4.44 -6.49
C LEU A 72 3.62 3.72 -6.50
N ARG A 73 3.04 3.44 -5.35
CA ARG A 73 1.78 2.72 -5.33
C ARG A 73 0.63 3.60 -5.81
N THR A 74 0.74 4.92 -5.64
CA THR A 74 -0.24 5.84 -6.21
C THR A 74 0.09 6.09 -7.68
N GLU A 75 1.39 6.12 -7.97
CA GLU A 75 1.87 6.32 -9.33
C GLU A 75 1.35 5.22 -10.23
N LEU A 76 1.30 4.00 -9.71
CA LEU A 76 0.76 2.87 -10.44
C LEU A 76 -0.74 2.70 -10.18
N LEU A 77 -1.23 3.26 -9.08
CA LEU A 77 -2.65 3.19 -8.76
C LEU A 77 -3.46 3.97 -9.80
N ARG A 78 -2.89 5.09 -10.21
CA ARG A 78 -3.52 5.94 -11.21
C ARG A 78 -3.32 5.35 -12.61
N ARG A 79 -2.85 4.10 -12.66
CA ARG A 79 -2.66 3.38 -13.92
C ARG A 79 -3.55 2.14 -13.95
N GLY A 80 -3.37 1.26 -12.97
CA GLY A 80 -4.12 0.02 -12.92
C GLY A 80 -5.26 0.08 -11.91
N ILE A 81 -5.54 -1.04 -11.26
CA ILE A 81 -6.62 -1.10 -10.29
C ILE A 81 -6.10 -1.54 -8.91
N VAL A 82 -5.73 -0.56 -8.12
CA VAL A 82 -5.14 -0.81 -6.81
C VAL A 82 -5.68 0.21 -5.82
N PHE A 83 -5.59 -0.09 -4.53
CA PHE A 83 -6.03 0.84 -3.49
C PHE A 83 -5.00 0.91 -2.37
N ALA A 84 -5.26 1.75 -1.37
CA ALA A 84 -4.39 1.85 -0.20
C ALA A 84 -5.09 2.61 0.92
N MET A 85 -4.63 2.40 2.16
CA MET A 85 -5.23 3.08 3.31
C MET A 85 -4.31 3.10 4.53
N ALA A 86 -4.48 4.14 5.35
CA ALA A 86 -3.74 4.31 6.60
C ALA A 86 -4.65 4.01 7.79
N ARG A 87 -4.15 4.13 9.01
CA ARG A 87 -4.96 3.77 10.17
C ARG A 87 -4.71 4.64 11.40
N VAL A 88 -3.45 4.87 11.75
CA VAL A 88 -3.14 5.35 13.09
C VAL A 88 -2.86 6.87 13.14
N LYS A 89 -1.65 7.29 13.48
CA LYS A 89 -1.35 8.70 13.67
C LYS A 89 0.10 9.04 13.34
N GLN A 90 0.64 8.35 12.34
CA GLN A 90 1.96 8.68 11.80
C GLN A 90 1.94 8.45 10.31
N ASP A 91 1.46 7.28 9.93
CA ASP A 91 1.27 6.88 8.55
C ASP A 91 0.58 7.98 7.73
N LEU A 92 -0.55 8.48 8.23
CA LEU A 92 -1.30 9.53 7.53
C LEU A 92 -0.45 10.79 7.37
N ARG A 93 0.17 11.23 8.46
CA ARG A 93 0.89 12.51 8.47
C ARG A 93 1.89 12.58 7.33
N GLU A 94 2.77 11.58 7.27
CA GLU A 94 3.86 11.57 6.32
C GLU A 94 3.35 11.39 4.90
N SER A 95 2.46 10.41 4.71
CA SER A 95 1.94 10.08 3.39
C SER A 95 1.13 11.24 2.80
N LEU A 96 0.40 11.92 3.67
CA LEU A 96 -0.44 13.03 3.26
C LEU A 96 0.40 14.21 2.81
N ARG A 97 1.51 14.46 3.51
CA ARG A 97 2.45 15.50 3.10
C ARG A 97 3.13 15.12 1.79
N ALA A 98 3.45 13.84 1.66
CA ALA A 98 4.14 13.34 0.47
C ALA A 98 3.31 13.57 -0.79
N ALA A 99 2.10 13.02 -0.80
CA ALA A 99 1.23 13.15 -1.97
C ALA A 99 0.53 14.50 -2.00
N SER A 100 -0.44 14.67 -1.09
CA SER A 100 -1.23 15.92 -0.98
C SER A 100 -2.20 16.11 -2.15
N LEU A 101 -1.86 15.62 -3.34
CA LEU A 101 -2.69 15.85 -4.53
C LEU A 101 -3.97 15.00 -4.52
N LEU A 102 -4.47 14.69 -3.33
CA LEU A 102 -5.72 13.94 -3.19
C LEU A 102 -6.90 14.74 -3.72
N ASP A 103 -6.65 15.99 -4.03
CA ASP A 103 -7.63 16.85 -4.66
C ASP A 103 -8.07 16.26 -6.01
N LYS A 104 -7.12 15.74 -6.76
CA LYS A 104 -7.41 15.25 -8.12
C LYS A 104 -7.45 13.72 -8.18
N ILE A 105 -6.64 13.04 -7.39
CA ILE A 105 -6.71 11.58 -7.35
C ILE A 105 -7.92 11.13 -6.53
N GLY A 106 -8.19 11.87 -5.45
CA GLY A 106 -9.38 11.62 -4.63
C GLY A 106 -9.47 10.21 -4.09
N GLU A 107 -10.17 9.36 -4.82
CA GLU A 107 -10.32 7.96 -4.46
C GLU A 107 -9.03 7.20 -4.75
N ASP A 108 -8.02 7.50 -3.94
CA ASP A 108 -6.69 6.93 -4.11
C ASP A 108 -6.29 6.15 -2.87
N HIS A 109 -6.11 6.87 -1.75
CA HIS A 109 -5.76 6.22 -0.51
C HIS A 109 -6.41 6.94 0.68
N ILE A 110 -7.04 6.16 1.55
CA ILE A 110 -7.85 6.71 2.64
C ILE A 110 -7.43 6.07 3.96
N PHE A 111 -8.37 5.93 4.90
CA PHE A 111 -8.07 5.29 6.18
C PHE A 111 -8.66 3.89 6.28
N MET A 112 -8.53 3.29 7.48
CA MET A 112 -9.06 1.97 7.80
C MET A 112 -10.52 1.81 7.37
N THR A 113 -10.72 1.07 6.27
CA THR A 113 -12.06 0.85 5.73
C THR A 113 -12.00 0.14 4.37
N LEU A 114 -10.82 0.18 3.72
CA LEU A 114 -10.65 -0.39 2.38
C LEU A 114 -11.16 -1.84 2.27
N PRO A 115 -10.77 -2.76 3.19
CA PRO A 115 -11.21 -4.17 3.12
C PRO A 115 -12.72 -4.33 2.92
N THR A 116 -13.51 -3.57 3.64
CA THR A 116 -14.96 -3.67 3.52
C THR A 116 -15.46 -2.82 2.35
N ALA A 117 -14.72 -1.76 2.03
CA ALA A 117 -15.08 -0.88 0.93
C ALA A 117 -15.00 -1.62 -0.40
N VAL A 118 -13.87 -2.27 -0.65
CA VAL A 118 -13.67 -3.00 -1.89
C VAL A 118 -14.73 -4.09 -2.06
N GLN A 119 -15.15 -4.69 -0.95
CA GLN A 119 -16.21 -5.68 -0.97
C GLN A 119 -17.51 -5.05 -1.46
N ALA A 120 -17.86 -3.92 -0.86
CA ALA A 120 -19.09 -3.22 -1.20
C ALA A 120 -19.03 -2.59 -2.59
N PHE A 121 -17.85 -2.58 -3.18
CA PHE A 121 -17.70 -2.07 -4.55
C PHE A 121 -17.57 -3.21 -5.57
N ARG A 122 -17.22 -4.40 -5.09
CA ARG A 122 -17.05 -5.54 -5.99
C ARG A 122 -18.38 -6.20 -6.32
N ARG A 123 -19.30 -6.25 -5.36
CA ARG A 123 -20.62 -6.82 -5.64
C ARG A 123 -21.73 -5.85 -5.22
N ARG A 124 -21.33 -4.62 -4.93
CA ARG A 124 -22.23 -3.58 -4.44
C ARG A 124 -22.86 -4.01 -3.11
N MET A 1 14.01 -10.12 16.18
CA MET A 1 13.47 -11.29 16.91
C MET A 1 12.79 -12.23 15.91
N HIS A 2 11.73 -11.74 15.29
CA HIS A 2 11.07 -12.46 14.20
C HIS A 2 10.88 -11.50 13.04
N ASP A 3 10.35 -10.33 13.38
CA ASP A 3 10.18 -9.21 12.45
C ASP A 3 9.08 -9.50 11.44
N ILE A 4 8.36 -8.43 11.07
CA ILE A 4 7.21 -8.49 10.16
C ILE A 4 6.19 -9.56 10.57
N ASP A 5 5.24 -9.83 9.69
CA ASP A 5 4.29 -10.89 9.93
C ASP A 5 4.74 -12.14 9.17
N ASP A 6 4.47 -12.18 7.87
CA ASP A 6 4.96 -13.21 6.97
C ASP A 6 4.29 -12.98 5.61
N TYR A 7 4.41 -13.95 4.70
CA TYR A 7 3.77 -13.83 3.40
C TYR A 7 3.12 -15.13 2.96
N PRO A 8 2.09 -15.59 3.70
CA PRO A 8 1.41 -16.86 3.40
C PRO A 8 0.22 -16.65 2.47
N GLN A 9 0.14 -15.47 1.88
CA GLN A 9 -0.97 -15.11 1.01
C GLN A 9 -0.53 -14.09 -0.04
N ALA A 10 -1.01 -14.27 -1.25
CA ALA A 10 -0.64 -13.40 -2.36
C ALA A 10 -1.65 -13.56 -3.48
N LYS A 11 -2.74 -12.84 -3.36
CA LYS A 11 -3.82 -12.89 -4.35
C LYS A 11 -3.41 -12.12 -5.59
N ARG A 12 -4.21 -12.21 -6.64
CA ARG A 12 -3.93 -11.47 -7.88
C ARG A 12 -5.18 -11.32 -8.74
N VAL A 13 -6.06 -12.32 -8.74
CA VAL A 13 -7.22 -12.28 -9.62
C VAL A 13 -8.44 -11.62 -8.95
N PRO A 14 -8.94 -12.13 -7.80
CA PRO A 14 -10.12 -11.56 -7.14
C PRO A 14 -9.75 -10.45 -6.16
N GLY A 15 -8.86 -9.57 -6.58
CA GLY A 15 -8.33 -8.56 -5.71
C GLY A 15 -7.21 -9.10 -4.86
N LEU A 16 -6.09 -8.40 -4.83
CA LEU A 16 -4.94 -8.85 -4.06
C LEU A 16 -4.65 -7.84 -2.97
N VAL A 17 -4.09 -8.32 -1.87
CA VAL A 17 -3.83 -7.46 -0.75
C VAL A 17 -2.35 -7.52 -0.37
N VAL A 18 -1.61 -6.49 -0.72
CA VAL A 18 -0.21 -6.43 -0.38
C VAL A 18 0.01 -5.52 0.81
N TYR A 19 -0.09 -6.11 1.99
CA TYR A 19 0.05 -5.39 3.24
C TYR A 19 1.49 -4.93 3.44
N ARG A 20 1.64 -3.85 4.19
CA ARG A 20 2.96 -3.34 4.52
C ARG A 20 3.56 -4.14 5.66
N TYR A 21 4.80 -4.57 5.49
CA TYR A 21 5.48 -5.39 6.48
C TYR A 21 5.72 -4.60 7.76
N ASP A 22 5.07 -5.04 8.83
CA ASP A 22 5.15 -4.36 10.12
C ASP A 22 6.49 -4.63 10.80
N ALA A 23 7.52 -3.91 10.37
CA ALA A 23 8.83 -3.98 11.00
C ALA A 23 9.74 -2.88 10.46
N PRO A 24 10.55 -2.27 11.35
CA PRO A 24 11.44 -1.16 10.99
C PRO A 24 12.39 -1.49 9.84
N LEU A 25 11.96 -1.18 8.63
CA LEU A 25 12.81 -1.29 7.46
C LEU A 25 13.41 0.06 7.12
N CYS A 26 12.85 1.11 7.73
CA CYS A 26 13.35 2.47 7.60
C CYS A 26 13.12 3.01 6.19
N PHE A 27 14.07 2.73 5.27
CA PHE A 27 14.02 3.25 3.90
C PHE A 27 15.39 3.09 3.21
N ALA A 28 16.43 2.80 3.98
CA ALA A 28 17.82 2.77 3.49
C ALA A 28 17.96 2.23 2.06
N ASN A 29 17.44 1.04 1.81
CA ASN A 29 17.46 0.49 0.46
C ASN A 29 16.04 0.17 0.00
N ALA A 30 15.07 0.82 0.62
CA ALA A 30 13.66 0.50 0.43
C ALA A 30 13.07 1.12 -0.83
N GLU A 31 13.88 1.82 -1.59
CA GLU A 31 13.42 2.39 -2.86
C GLU A 31 13.19 1.26 -3.86
N ASP A 32 14.29 0.74 -4.39
CA ASP A 32 14.25 -0.38 -5.30
C ASP A 32 13.55 -1.54 -4.63
N PHE A 33 13.97 -1.83 -3.41
CA PHE A 33 13.40 -2.92 -2.62
C PHE A 33 11.88 -2.89 -2.64
N ARG A 34 11.29 -1.73 -2.33
CA ARG A 34 9.85 -1.63 -2.23
C ARG A 34 9.19 -2.01 -3.54
N ARG A 35 9.45 -1.22 -4.57
CA ARG A 35 8.70 -1.41 -5.80
C ARG A 35 9.17 -2.64 -6.57
N ARG A 36 10.35 -3.15 -6.22
CA ARG A 36 10.84 -4.41 -6.80
C ARG A 36 10.03 -5.58 -6.26
N ALA A 37 10.12 -5.79 -4.95
CA ALA A 37 9.47 -6.92 -4.31
C ALA A 37 7.97 -6.90 -4.54
N LEU A 38 7.39 -5.71 -4.40
CA LEU A 38 5.94 -5.56 -4.52
C LEU A 38 5.47 -5.77 -5.96
N THR A 39 6.18 -5.20 -6.94
CA THR A 39 5.73 -5.30 -8.32
C THR A 39 5.77 -6.74 -8.80
N VAL A 40 6.68 -7.53 -8.24
CA VAL A 40 6.86 -8.89 -8.72
C VAL A 40 6.01 -9.89 -7.92
N VAL A 41 5.57 -9.51 -6.72
CA VAL A 41 4.52 -10.28 -6.04
C VAL A 41 3.18 -9.88 -6.64
N ASP A 42 3.27 -8.87 -7.51
CA ASP A 42 2.20 -8.42 -8.40
C ASP A 42 1.46 -7.23 -7.83
N GLN A 43 2.02 -6.06 -8.09
CA GLN A 43 1.37 -4.81 -7.76
C GLN A 43 1.13 -4.01 -9.04
N ASP A 44 2.06 -4.14 -9.99
CA ASP A 44 1.96 -3.39 -11.23
C ASP A 44 2.35 -4.23 -12.45
N PRO A 45 1.44 -5.09 -12.91
CA PRO A 45 1.55 -5.75 -14.21
C PRO A 45 0.86 -4.94 -15.31
N GLY A 46 0.63 -3.66 -15.04
CA GLY A 46 -0.08 -2.80 -15.98
C GLY A 46 -1.50 -2.53 -15.55
N GLN A 47 -2.29 -3.59 -15.45
CA GLN A 47 -3.66 -3.49 -14.96
C GLN A 47 -4.04 -4.74 -14.17
N VAL A 48 -4.34 -4.55 -12.90
CA VAL A 48 -4.70 -5.65 -12.03
C VAL A 48 -5.68 -5.15 -10.97
N GLU A 49 -6.42 -6.06 -10.36
CA GLU A 49 -7.35 -5.72 -9.30
C GLU A 49 -6.66 -5.90 -7.96
N TRP A 50 -6.30 -4.80 -7.31
CA TRP A 50 -5.46 -4.89 -6.14
C TRP A 50 -5.70 -3.74 -5.17
N PHE A 51 -5.06 -3.84 -4.01
CA PHE A 51 -5.02 -2.75 -3.08
C PHE A 51 -4.00 -3.02 -1.98
N VAL A 52 -3.56 -1.95 -1.35
CA VAL A 52 -2.56 -2.05 -0.31
C VAL A 52 -3.13 -1.60 1.02
N LEU A 53 -2.55 -2.10 2.10
CA LEU A 53 -2.98 -1.71 3.43
C LEU A 53 -1.87 -1.95 4.43
N ASN A 54 -1.81 -1.12 5.44
CA ASN A 54 -0.85 -1.32 6.52
C ASN A 54 -1.37 -2.39 7.47
N ALA A 55 -0.57 -3.43 7.68
CA ALA A 55 -1.02 -4.65 8.36
C ALA A 55 -1.52 -4.40 9.77
N GLU A 56 -0.62 -4.25 10.72
CA GLU A 56 -1.01 -4.11 12.11
C GLU A 56 -0.80 -2.68 12.58
N SER A 57 0.30 -2.08 12.18
CA SER A 57 0.61 -0.71 12.53
C SER A 57 1.44 -0.05 11.45
N ASN A 58 2.69 -0.50 11.31
CA ASN A 58 3.66 0.09 10.37
C ASN A 58 4.06 1.50 10.77
N VAL A 59 3.48 2.01 11.85
CA VAL A 59 3.64 3.40 12.22
C VAL A 59 5.03 3.69 12.79
N GLU A 60 5.75 2.65 13.20
CA GLU A 60 7.08 2.82 13.75
C GLU A 60 8.10 2.13 12.89
N VAL A 61 7.62 1.44 11.88
CA VAL A 61 8.44 0.55 11.09
C VAL A 61 8.93 1.25 9.84
N ASP A 62 8.16 2.22 9.41
CA ASP A 62 8.40 2.90 8.16
C ASP A 62 8.76 4.36 8.44
N LEU A 63 9.89 4.80 7.89
CA LEU A 63 10.43 6.11 8.25
C LEU A 63 10.34 7.09 7.08
N THR A 64 11.15 6.88 6.06
CA THR A 64 11.09 7.71 4.86
C THR A 64 10.56 6.87 3.70
N ALA A 65 10.16 5.66 4.07
CA ALA A 65 9.75 4.69 3.10
C ALA A 65 8.36 5.00 2.57
N LEU A 66 7.61 5.87 3.27
CA LEU A 66 6.36 6.35 2.71
C LEU A 66 6.63 7.31 1.57
N ASP A 67 7.77 7.99 1.60
CA ASP A 67 8.14 8.83 0.48
C ASP A 67 8.33 7.93 -0.71
N ALA A 68 9.12 6.88 -0.51
CA ALA A 68 9.31 5.86 -1.53
C ALA A 68 7.98 5.26 -1.98
N LEU A 69 7.21 4.74 -1.02
CA LEU A 69 5.97 4.05 -1.33
C LEU A 69 4.95 4.99 -1.92
N ASP A 70 4.99 6.27 -1.55
CA ASP A 70 4.03 7.24 -2.05
C ASP A 70 4.17 7.36 -3.55
N GLN A 71 5.38 7.67 -3.98
CA GLN A 71 5.68 7.81 -5.40
C GLN A 71 5.15 6.61 -6.16
N LEU A 72 5.55 5.41 -5.74
CA LEU A 72 5.17 4.22 -6.47
C LEU A 72 3.68 3.89 -6.30
N ARG A 73 3.15 3.97 -5.08
CA ARG A 73 1.77 3.56 -4.86
C ARG A 73 0.82 4.55 -5.50
N THR A 74 1.14 5.83 -5.49
CA THR A 74 0.26 6.83 -6.08
C THR A 74 0.32 6.75 -7.60
N GLU A 75 1.51 6.48 -8.11
CA GLU A 75 1.74 6.42 -9.55
C GLU A 75 1.18 5.11 -10.11
N LEU A 76 1.18 4.09 -9.28
CA LEU A 76 0.73 2.76 -9.70
C LEU A 76 -0.74 2.52 -9.35
N LEU A 77 -1.30 3.33 -8.45
CA LEU A 77 -2.70 3.20 -8.07
C LEU A 77 -3.57 4.04 -8.99
N ARG A 78 -3.03 5.15 -9.47
CA ARG A 78 -3.75 6.05 -10.38
C ARG A 78 -3.90 5.43 -11.78
N ARG A 79 -3.79 4.10 -11.85
CA ARG A 79 -3.78 3.39 -13.12
C ARG A 79 -5.15 2.75 -13.41
N GLY A 80 -5.67 1.98 -12.46
CA GLY A 80 -6.90 1.26 -12.70
C GLY A 80 -7.65 0.90 -11.43
N ILE A 81 -8.14 -0.33 -11.36
CA ILE A 81 -8.94 -0.79 -10.22
C ILE A 81 -8.06 -1.18 -9.04
N VAL A 82 -7.86 -0.23 -8.15
CA VAL A 82 -7.03 -0.43 -6.98
C VAL A 82 -7.36 0.60 -5.89
N PHE A 83 -7.22 0.19 -4.64
CA PHE A 83 -7.44 1.09 -3.52
C PHE A 83 -6.28 0.97 -2.53
N ALA A 84 -6.38 1.67 -1.39
CA ALA A 84 -5.34 1.61 -0.37
C ALA A 84 -5.84 2.15 0.95
N MET A 85 -5.49 1.46 2.04
CA MET A 85 -5.93 1.87 3.37
C MET A 85 -4.86 1.59 4.42
N ALA A 86 -5.07 2.14 5.61
CA ALA A 86 -4.13 1.98 6.70
C ALA A 86 -4.83 2.06 8.06
N ARG A 87 -4.04 2.25 9.10
CA ARG A 87 -4.52 2.30 10.47
C ARG A 87 -3.46 3.03 11.29
N VAL A 88 -2.91 4.06 10.67
CA VAL A 88 -1.63 4.61 11.07
C VAL A 88 -1.74 5.97 11.76
N LYS A 89 -0.59 6.48 12.22
CA LYS A 89 -0.56 7.70 13.01
C LYS A 89 0.72 8.53 12.79
N GLN A 90 1.47 8.24 11.74
CA GLN A 90 2.69 9.01 11.44
C GLN A 90 2.97 9.03 9.94
N ASP A 91 3.12 7.85 9.39
CA ASP A 91 3.41 7.67 7.97
C ASP A 91 2.34 8.34 7.11
N LEU A 92 1.07 8.22 7.49
CA LEU A 92 0.00 8.85 6.72
C LEU A 92 0.15 10.36 6.73
N ARG A 93 0.74 10.91 7.78
CA ARG A 93 0.94 12.35 7.86
C ARG A 93 1.90 12.80 6.79
N GLU A 94 3.08 12.23 6.79
CA GLU A 94 4.10 12.68 5.84
C GLU A 94 3.87 12.11 4.44
N SER A 95 3.09 11.04 4.33
CA SER A 95 2.69 10.52 3.02
C SER A 95 1.65 11.45 2.41
N LEU A 96 0.75 11.93 3.26
CA LEU A 96 -0.29 12.87 2.84
C LEU A 96 0.33 14.21 2.44
N ARG A 97 1.48 14.53 3.03
CA ARG A 97 2.20 15.73 2.67
C ARG A 97 3.13 15.48 1.48
N ALA A 98 3.48 14.22 1.28
CA ALA A 98 4.31 13.83 0.15
C ALA A 98 3.49 13.84 -1.13
N ALA A 99 2.37 13.13 -1.11
CA ALA A 99 1.46 13.08 -2.25
C ALA A 99 0.81 14.44 -2.46
N SER A 100 1.43 15.27 -3.27
CA SER A 100 0.93 16.61 -3.52
C SER A 100 0.02 16.62 -4.76
N LEU A 101 -0.32 15.44 -5.23
CA LEU A 101 -1.21 15.30 -6.39
C LEU A 101 -2.62 14.93 -5.91
N LEU A 102 -2.98 15.45 -4.73
CA LEU A 102 -4.27 15.18 -4.12
C LEU A 102 -5.39 15.95 -4.81
N ASP A 103 -5.13 16.35 -6.04
CA ASP A 103 -6.15 16.98 -6.86
C ASP A 103 -6.90 15.90 -7.62
N LYS A 104 -6.15 15.01 -8.26
CA LYS A 104 -6.75 13.88 -8.95
C LYS A 104 -7.07 12.77 -7.95
N ILE A 105 -6.21 12.59 -6.97
CA ILE A 105 -6.41 11.51 -5.99
C ILE A 105 -7.12 12.04 -4.75
N GLY A 106 -8.37 11.61 -4.58
CA GLY A 106 -9.15 12.02 -3.45
C GLY A 106 -9.12 10.99 -2.35
N GLU A 107 -9.06 9.72 -2.76
CA GLU A 107 -8.93 8.63 -1.82
C GLU A 107 -7.51 8.10 -1.88
N ASP A 108 -7.34 6.92 -2.49
CA ASP A 108 -6.01 6.35 -2.78
C ASP A 108 -5.20 6.04 -1.52
N HIS A 109 -5.72 6.41 -0.36
CA HIS A 109 -5.02 6.25 0.92
C HIS A 109 -5.89 6.73 2.08
N ILE A 110 -6.62 5.81 2.68
CA ILE A 110 -7.46 6.12 3.83
C ILE A 110 -7.23 5.07 4.91
N PHE A 111 -8.24 4.79 5.73
CA PHE A 111 -8.08 3.83 6.81
C PHE A 111 -8.96 2.60 6.59
N MET A 112 -8.96 1.70 7.57
CA MET A 112 -9.78 0.48 7.56
C MET A 112 -11.16 0.70 6.92
N THR A 113 -11.37 0.11 5.74
CA THR A 113 -12.64 0.23 5.05
C THR A 113 -12.67 -0.60 3.75
N LEU A 114 -11.49 -0.82 3.16
CA LEU A 114 -11.39 -1.52 1.89
C LEU A 114 -12.04 -2.90 1.88
N PRO A 115 -11.72 -3.78 2.86
CA PRO A 115 -12.29 -5.15 2.92
C PRO A 115 -13.82 -5.15 2.78
N THR A 116 -14.45 -4.13 3.34
CA THR A 116 -15.90 -4.01 3.25
C THR A 116 -16.31 -3.45 1.89
N ALA A 117 -15.62 -2.40 1.46
CA ALA A 117 -15.94 -1.72 0.23
C ALA A 117 -15.74 -2.61 -1.00
N VAL A 118 -14.53 -3.11 -1.18
CA VAL A 118 -14.20 -3.90 -2.37
C VAL A 118 -15.06 -5.15 -2.46
N GLN A 119 -15.33 -5.77 -1.31
CA GLN A 119 -16.13 -6.98 -1.27
C GLN A 119 -17.55 -6.70 -1.75
N ALA A 120 -18.13 -5.60 -1.27
CA ALA A 120 -19.48 -5.22 -1.65
C ALA A 120 -19.52 -4.75 -3.11
N PHE A 121 -18.58 -3.89 -3.49
CA PHE A 121 -18.58 -3.30 -4.82
C PHE A 121 -18.26 -4.32 -5.92
N ARG A 122 -17.67 -5.44 -5.55
CA ARG A 122 -17.27 -6.45 -6.53
C ARG A 122 -18.32 -7.54 -6.72
N ARG A 123 -19.44 -7.45 -6.01
CA ARG A 123 -20.51 -8.41 -6.21
C ARG A 123 -21.88 -7.72 -6.23
N ARG A 124 -21.96 -6.53 -5.64
CA ARG A 124 -23.19 -5.75 -5.59
C ARG A 124 -24.35 -6.59 -5.06
N MET A 1 13.04 -12.64 16.21
CA MET A 1 11.90 -13.03 17.08
C MET A 1 10.64 -13.12 16.22
N HIS A 2 9.51 -12.68 16.76
CA HIS A 2 8.28 -12.62 15.98
C HIS A 2 8.22 -11.28 15.26
N ASP A 3 8.84 -11.22 14.11
CA ASP A 3 8.94 -9.98 13.34
C ASP A 3 7.85 -9.97 12.28
N ILE A 4 7.41 -8.74 11.92
CA ILE A 4 6.32 -8.51 10.96
C ILE A 4 5.08 -9.38 11.25
N ASP A 5 4.16 -9.44 10.30
CA ASP A 5 2.93 -10.22 10.46
C ASP A 5 2.83 -11.26 9.35
N ASP A 6 3.97 -11.52 8.72
CA ASP A 6 4.07 -12.46 7.59
C ASP A 6 3.31 -11.91 6.38
N TYR A 7 2.94 -12.79 5.46
CA TYR A 7 2.15 -12.42 4.30
C TYR A 7 1.65 -13.68 3.58
N PRO A 8 0.70 -14.39 4.19
CA PRO A 8 0.22 -15.68 3.70
C PRO A 8 -0.90 -15.56 2.67
N GLN A 9 -0.96 -14.42 2.00
CA GLN A 9 -2.01 -14.17 1.02
C GLN A 9 -1.42 -13.74 -0.30
N ALA A 10 -1.53 -14.60 -1.30
CA ALA A 10 -0.99 -14.32 -2.63
C ALA A 10 -2.10 -14.38 -3.67
N LYS A 11 -3.29 -13.96 -3.27
CA LYS A 11 -4.43 -13.90 -4.18
C LYS A 11 -4.28 -12.70 -5.08
N ARG A 12 -4.37 -12.89 -6.38
CA ARG A 12 -4.09 -11.80 -7.32
C ARG A 12 -5.36 -11.29 -8.01
N VAL A 13 -6.14 -12.20 -8.59
CA VAL A 13 -7.26 -11.79 -9.43
C VAL A 13 -8.44 -11.24 -8.61
N PRO A 14 -8.98 -12.00 -7.63
CA PRO A 14 -10.13 -11.57 -6.86
C PRO A 14 -9.76 -10.87 -5.55
N GLY A 15 -8.68 -10.09 -5.59
CA GLY A 15 -8.33 -9.28 -4.43
C GLY A 15 -6.94 -9.55 -3.90
N LEU A 16 -5.96 -8.91 -4.51
CA LEU A 16 -4.60 -8.92 -3.99
C LEU A 16 -4.45 -7.84 -2.94
N VAL A 17 -3.92 -8.20 -1.79
CA VAL A 17 -3.75 -7.25 -0.72
C VAL A 17 -2.57 -7.62 0.17
N VAL A 18 -1.63 -6.69 0.26
CA VAL A 18 -0.46 -6.87 1.11
C VAL A 18 -0.43 -5.78 2.17
N TYR A 19 -0.31 -6.18 3.43
CA TYR A 19 -0.37 -5.24 4.52
C TYR A 19 1.01 -4.75 4.94
N ARG A 20 1.02 -3.64 5.67
CA ARG A 20 2.23 -3.03 6.18
C ARG A 20 2.96 -4.00 7.11
N TYR A 21 4.27 -4.06 6.99
CA TYR A 21 5.07 -4.99 7.76
C TYR A 21 5.42 -4.39 9.11
N ASP A 22 5.21 -5.14 10.19
CA ASP A 22 5.59 -4.71 11.52
C ASP A 22 7.11 -4.81 11.69
N ALA A 23 7.81 -3.84 11.12
CA ALA A 23 9.25 -3.77 11.21
C ALA A 23 9.76 -2.43 10.71
N PRO A 24 10.55 -1.72 11.52
CA PRO A 24 11.22 -0.48 11.12
C PRO A 24 12.27 -0.71 10.04
N LEU A 25 11.82 -0.92 8.81
CA LEU A 25 12.72 -1.03 7.68
C LEU A 25 13.20 0.36 7.27
N CYS A 26 12.51 1.38 7.81
CA CYS A 26 12.85 2.78 7.58
C CYS A 26 12.66 3.16 6.12
N PHE A 27 13.65 2.81 5.30
CA PHE A 27 13.55 2.89 3.84
C PHE A 27 14.88 2.48 3.19
N ALA A 28 15.71 1.77 3.96
CA ALA A 28 17.07 1.44 3.54
C ALA A 28 17.11 0.79 2.16
N ASN A 29 16.50 -0.37 2.05
CA ASN A 29 16.41 -1.07 0.77
C ASN A 29 14.99 -0.99 0.24
N ALA A 30 14.21 -0.07 0.82
CA ALA A 30 12.78 -0.02 0.58
C ALA A 30 12.45 0.29 -0.86
N GLU A 31 13.14 1.26 -1.46
CA GLU A 31 12.79 1.70 -2.81
C GLU A 31 13.07 0.60 -3.83
N ASP A 32 14.32 0.13 -3.86
CA ASP A 32 14.75 -0.89 -4.80
C ASP A 32 13.93 -2.16 -4.63
N PHE A 33 13.73 -2.57 -3.39
CA PHE A 33 12.98 -3.77 -3.07
C PHE A 33 11.49 -3.60 -3.40
N ARG A 34 10.95 -2.41 -3.12
CA ARG A 34 9.52 -2.17 -3.30
C ARG A 34 9.13 -2.31 -4.76
N ARG A 35 9.90 -1.67 -5.64
CA ARG A 35 9.58 -1.73 -7.05
C ARG A 35 9.80 -3.14 -7.58
N ARG A 36 10.88 -3.79 -7.20
CA ARG A 36 11.12 -5.15 -7.65
C ARG A 36 9.96 -6.06 -7.28
N ALA A 37 9.55 -6.01 -6.01
CA ALA A 37 8.57 -6.94 -5.49
C ALA A 37 7.18 -6.66 -6.05
N LEU A 38 6.63 -5.49 -5.74
CA LEU A 38 5.24 -5.19 -6.08
C LEU A 38 5.07 -4.95 -7.58
N THR A 39 6.06 -4.36 -8.21
CA THR A 39 5.98 -4.07 -9.63
C THR A 39 6.02 -5.36 -10.45
N VAL A 40 6.85 -6.32 -10.03
CA VAL A 40 6.99 -7.55 -10.80
C VAL A 40 5.82 -8.50 -10.55
N VAL A 41 5.25 -8.49 -9.35
CA VAL A 41 4.12 -9.36 -9.07
C VAL A 41 2.93 -8.94 -9.92
N ASP A 42 2.65 -7.62 -9.92
CA ASP A 42 1.64 -7.00 -10.81
C ASP A 42 1.28 -5.61 -10.31
N GLN A 43 1.89 -4.58 -10.89
CA GLN A 43 1.48 -3.21 -10.59
C GLN A 43 1.83 -2.25 -11.73
N ASP A 44 2.81 -2.63 -12.56
CA ASP A 44 3.18 -1.81 -13.71
C ASP A 44 3.05 -2.57 -15.04
N PRO A 45 3.76 -3.70 -15.24
CA PRO A 45 3.63 -4.48 -16.48
C PRO A 45 2.28 -5.19 -16.60
N GLY A 46 1.57 -5.25 -15.48
CA GLY A 46 0.26 -5.89 -15.47
C GLY A 46 -0.74 -5.11 -14.66
N GLN A 47 -1.99 -5.14 -15.09
CA GLN A 47 -3.08 -4.45 -14.40
C GLN A 47 -3.90 -5.46 -13.60
N VAL A 48 -4.00 -5.25 -12.31
CA VAL A 48 -4.59 -6.24 -11.43
C VAL A 48 -5.48 -5.59 -10.36
N GLU A 49 -6.44 -6.36 -9.86
CA GLU A 49 -7.33 -5.92 -8.79
C GLU A 49 -6.65 -6.14 -7.43
N TRP A 50 -6.10 -5.09 -6.85
CA TRP A 50 -5.32 -5.26 -5.62
C TRP A 50 -5.28 -3.98 -4.79
N PHE A 51 -4.59 -4.06 -3.65
CA PHE A 51 -4.41 -2.92 -2.77
C PHE A 51 -3.43 -3.22 -1.65
N VAL A 52 -2.95 -2.18 -1.00
CA VAL A 52 -2.09 -2.36 0.15
C VAL A 52 -2.83 -1.99 1.43
N LEU A 53 -2.59 -2.79 2.45
CA LEU A 53 -3.35 -2.73 3.68
C LEU A 53 -2.46 -2.27 4.82
N ASN A 54 -3.04 -1.63 5.82
CA ASN A 54 -2.35 -1.43 7.09
C ASN A 54 -2.42 -2.70 7.91
N ALA A 55 -1.53 -2.82 8.89
CA ALA A 55 -1.53 -3.99 9.77
C ALA A 55 -1.61 -3.55 11.22
N GLU A 56 -2.02 -2.29 11.42
CA GLU A 56 -2.16 -1.68 12.75
C GLU A 56 -0.80 -1.39 13.38
N SER A 57 0.09 -2.36 13.33
CA SER A 57 1.40 -2.25 13.96
C SER A 57 2.39 -1.46 13.09
N ASN A 58 1.87 -0.77 12.07
CA ASN A 58 2.72 -0.02 11.15
C ASN A 58 2.99 1.40 11.67
N VAL A 59 3.82 1.52 12.69
CA VAL A 59 4.13 2.81 13.28
C VAL A 59 5.62 3.10 13.21
N GLU A 60 6.41 2.26 13.87
CA GLU A 60 7.86 2.48 13.97
C GLU A 60 8.50 1.99 12.70
N VAL A 61 7.69 1.28 11.93
CA VAL A 61 8.14 0.52 10.79
C VAL A 61 8.65 1.41 9.66
N ASP A 62 8.10 2.61 9.59
CA ASP A 62 8.21 3.42 8.39
C ASP A 62 8.76 4.80 8.70
N LEU A 63 9.82 5.18 7.98
CA LEU A 63 10.47 6.47 8.19
C LEU A 63 10.37 7.33 6.93
N THR A 64 10.86 6.80 5.82
CA THR A 64 10.77 7.51 4.54
C THR A 64 10.20 6.56 3.49
N ALA A 65 9.68 5.44 3.98
CA ALA A 65 9.11 4.44 3.11
C ALA A 65 7.83 4.97 2.49
N LEU A 66 7.10 5.82 3.22
CA LEU A 66 5.92 6.47 2.66
C LEU A 66 6.29 7.38 1.51
N ASP A 67 7.50 7.92 1.52
CA ASP A 67 7.95 8.75 0.42
C ASP A 67 7.99 7.90 -0.83
N ALA A 68 8.88 6.91 -0.80
CA ALA A 68 9.02 5.98 -1.92
C ALA A 68 7.67 5.36 -2.29
N LEU A 69 6.97 4.90 -1.26
CA LEU A 69 5.66 4.26 -1.44
C LEU A 69 4.67 5.18 -2.11
N ASP A 70 4.51 6.38 -1.58
CA ASP A 70 3.52 7.34 -2.09
C ASP A 70 3.65 7.52 -3.58
N GLN A 71 4.87 7.80 -4.03
CA GLN A 71 5.12 8.03 -5.44
C GLN A 71 4.73 6.83 -6.29
N LEU A 72 5.27 5.67 -5.97
CA LEU A 72 5.01 4.48 -6.78
C LEU A 72 3.58 3.98 -6.57
N ARG A 73 3.00 4.28 -5.43
CA ARG A 73 1.62 3.93 -5.18
C ARG A 73 0.74 4.81 -6.05
N THR A 74 0.80 6.09 -5.78
CA THR A 74 0.09 7.09 -6.56
C THR A 74 0.24 6.86 -8.07
N GLU A 75 1.48 6.78 -8.51
CA GLU A 75 1.80 6.69 -9.93
C GLU A 75 1.33 5.38 -10.55
N LEU A 76 1.41 4.30 -9.79
CA LEU A 76 1.16 2.98 -10.34
C LEU A 76 -0.17 2.40 -9.85
N LEU A 77 -0.91 3.18 -9.09
CA LEU A 77 -2.26 2.78 -8.65
C LEU A 77 -3.29 3.45 -9.53
N ARG A 78 -2.97 4.66 -9.98
CA ARG A 78 -3.85 5.40 -10.88
C ARG A 78 -3.83 4.78 -12.29
N ARG A 79 -3.67 3.46 -12.33
CA ARG A 79 -3.51 2.72 -13.58
C ARG A 79 -4.67 1.75 -13.77
N GLY A 80 -5.32 1.37 -12.67
CA GLY A 80 -6.39 0.41 -12.73
C GLY A 80 -7.10 0.22 -11.39
N ILE A 81 -7.77 -0.91 -11.21
CA ILE A 81 -8.51 -1.17 -9.99
C ILE A 81 -7.58 -1.58 -8.84
N VAL A 82 -7.16 -0.59 -8.08
CA VAL A 82 -6.27 -0.79 -6.95
C VAL A 82 -6.42 0.37 -5.98
N PHE A 83 -6.21 0.10 -4.69
CA PHE A 83 -6.30 1.15 -3.67
C PHE A 83 -5.22 0.97 -2.60
N ALA A 84 -5.25 1.82 -1.59
CA ALA A 84 -4.31 1.73 -0.48
C ALA A 84 -4.91 2.39 0.76
N MET A 85 -4.66 1.82 1.92
CA MET A 85 -5.26 2.35 3.14
C MET A 85 -4.43 2.06 4.40
N ALA A 86 -4.04 3.14 5.06
CA ALA A 86 -3.33 3.08 6.32
C ALA A 86 -4.31 3.28 7.48
N ARG A 87 -3.81 3.70 8.65
CA ARG A 87 -4.67 3.88 9.83
C ARG A 87 -4.00 4.69 10.94
N VAL A 88 -2.67 4.64 11.03
CA VAL A 88 -1.98 5.15 12.21
C VAL A 88 -1.75 6.65 12.14
N LYS A 89 -1.58 7.24 13.32
CA LYS A 89 -1.42 8.68 13.47
C LYS A 89 -0.04 9.16 13.00
N GLN A 90 0.74 8.27 12.40
CA GLN A 90 2.05 8.63 11.90
C GLN A 90 2.02 8.85 10.39
N ASP A 91 1.74 7.77 9.66
CA ASP A 91 1.80 7.83 8.21
C ASP A 91 0.78 8.80 7.63
N LEU A 92 -0.30 9.11 8.35
CA LEU A 92 -1.21 10.15 7.89
C LEU A 92 -0.46 11.46 7.72
N ARG A 93 0.42 11.77 8.67
CA ARG A 93 1.20 13.00 8.61
C ARG A 93 2.17 12.95 7.45
N GLU A 94 3.08 12.00 7.51
CA GLU A 94 4.18 11.95 6.56
C GLU A 94 3.75 11.54 5.14
N SER A 95 2.83 10.59 5.03
CA SER A 95 2.33 10.17 3.71
C SER A 95 1.57 11.31 3.04
N LEU A 96 0.78 12.04 3.81
CA LEU A 96 0.08 13.19 3.27
C LEU A 96 1.07 14.27 2.85
N ARG A 97 2.15 14.43 3.63
CA ARG A 97 3.21 15.38 3.30
C ARG A 97 3.87 15.01 1.97
N ALA A 98 3.91 13.71 1.69
CA ALA A 98 4.59 13.20 0.51
C ALA A 98 3.95 13.68 -0.79
N ALA A 99 2.80 13.11 -1.15
CA ALA A 99 2.15 13.46 -2.40
C ALA A 99 1.29 14.71 -2.25
N SER A 100 0.36 14.68 -1.28
CA SER A 100 -0.63 15.75 -1.11
C SER A 100 -1.52 15.85 -2.35
N LEU A 101 -1.50 14.81 -3.15
CA LEU A 101 -2.14 14.83 -4.47
C LEU A 101 -3.51 14.15 -4.43
N LEU A 102 -4.03 13.97 -3.22
CA LEU A 102 -5.23 13.15 -3.00
C LEU A 102 -6.51 13.79 -3.52
N ASP A 103 -6.40 14.86 -4.26
CA ASP A 103 -7.58 15.47 -4.87
C ASP A 103 -7.73 15.01 -6.31
N LYS A 104 -6.63 14.56 -6.92
CA LYS A 104 -6.68 14.08 -8.30
C LYS A 104 -6.34 12.59 -8.40
N ILE A 105 -5.72 12.05 -7.36
CA ILE A 105 -5.57 10.61 -7.23
C ILE A 105 -6.69 10.06 -6.35
N GLY A 106 -7.24 10.96 -5.53
CA GLY A 106 -8.38 10.64 -4.69
C GLY A 106 -8.15 9.52 -3.71
N GLU A 107 -8.72 8.37 -4.00
CA GLU A 107 -8.73 7.26 -3.08
C GLU A 107 -7.49 6.37 -3.27
N ASP A 108 -6.44 6.97 -3.84
CA ASP A 108 -5.16 6.28 -4.03
C ASP A 108 -4.67 5.71 -2.70
N HIS A 109 -4.48 6.57 -1.72
CA HIS A 109 -4.11 6.10 -0.39
C HIS A 109 -4.89 6.85 0.69
N ILE A 110 -5.81 6.15 1.31
CA ILE A 110 -6.66 6.71 2.36
C ILE A 110 -6.51 5.90 3.64
N PHE A 111 -7.45 6.04 4.57
CA PHE A 111 -7.34 5.38 5.87
C PHE A 111 -8.57 4.53 6.20
N MET A 112 -8.33 3.22 6.33
CA MET A 112 -9.34 2.24 6.79
C MET A 112 -10.66 2.31 6.00
N THR A 113 -10.85 1.43 5.02
CA THR A 113 -12.11 1.40 4.27
C THR A 113 -12.26 0.13 3.42
N LEU A 114 -11.21 -0.27 2.70
CA LEU A 114 -11.34 -1.32 1.68
C LEU A 114 -11.92 -2.65 2.19
N PRO A 115 -11.49 -3.20 3.35
CA PRO A 115 -12.00 -4.49 3.86
C PRO A 115 -13.52 -4.62 3.75
N THR A 116 -14.24 -3.56 4.11
CA THR A 116 -15.69 -3.56 3.97
C THR A 116 -16.11 -3.04 2.59
N ALA A 117 -15.38 -2.03 2.11
CA ALA A 117 -15.71 -1.37 0.86
C ALA A 117 -15.65 -2.32 -0.33
N VAL A 118 -14.47 -2.86 -0.62
CA VAL A 118 -14.30 -3.68 -1.81
C VAL A 118 -15.07 -4.99 -1.71
N GLN A 119 -15.24 -5.49 -0.49
CA GLN A 119 -16.00 -6.71 -0.28
C GLN A 119 -17.44 -6.49 -0.72
N ALA A 120 -17.93 -5.28 -0.47
CA ALA A 120 -19.25 -4.89 -0.91
C ALA A 120 -19.23 -4.58 -2.42
N PHE A 121 -18.19 -3.88 -2.85
CA PHE A 121 -18.07 -3.47 -4.25
C PHE A 121 -17.96 -4.65 -5.21
N ARG A 122 -17.40 -5.76 -4.73
CA ARG A 122 -17.16 -6.90 -5.62
C ARG A 122 -18.41 -7.74 -5.84
N ARG A 123 -19.48 -7.50 -5.10
CA ARG A 123 -20.73 -8.20 -5.35
C ARG A 123 -21.89 -7.23 -5.53
N ARG A 124 -21.66 -5.97 -5.17
CA ARG A 124 -22.65 -4.89 -5.30
C ARG A 124 -23.86 -5.12 -4.40
#